data_6ODJ
#
_entry.id   6ODJ
#
_entity_poly.entity_id   1
_entity_poly.type   'polypeptide(L)'
_entity_poly.pdbx_seq_one_letter_code
;(UNK)(UNK)(UNK)(UNK)(UNK)(UNK)(UNK)(UNK)(UNK)(UNK)(UNK)(UNK)(UNK)(UNK)(UNK)(UNK)
(UNK)(UNK)(UNK)(UNK)(UNK)(UNK)(UNK)(UNK)(UNK)(UNK)(UNK)(UNK)(UNK)(UNK)(UNK)(UNK)
(UNK)(UNK)(UNK)(UNK)(UNK)(UNK)(UNK)(UNK)(UNK)(UNK)(UNK)(UNK)(UNK)(UNK)(UNK)(UNK)
(UNK)(UNK)(UNK)(UNK)(UNK)(UNK)(UNK)(UNK)(UNK)(UNK)(UNK)(UNK)(UNK)(UNK)(UNK)(UNK)
(UNK)(UNK)(UNK)(UNK)(UNK)(UNK)(UNK)(UNK)(UNK)(UNK)(UNK)(UNK)(UNK)(UNK)(UNK)(UNK)
(UNK)(UNK)(UNK)(UNK)(UNK)(UNK)(UNK)(UNK)(UNK)(UNK)(UNK)(UNK)(UNK)(UNK)(UNK)(UNK)
(UNK)(UNK)(UNK)(UNK)(UNK)(UNK)(UNK)(UNK)(UNK)(UNK)(UNK)(UNK)(UNK)(UNK)(UNK)(UNK)
(UNK)(UNK)(UNK)(UNK)(UNK)(UNK)(UNK)(UNK)(UNK)(UNK)(UNK)(UNK)(UNK)(UNK)(UNK)(UNK)
(UNK)(UNK)(UNK)(UNK)(UNK)(UNK)(UNK)(UNK)(UNK)(UNK)(UNK)(UNK)(UNK)(UNK)(UNK)(UNK)
(UNK)(UNK)(UNK)(UNK)(UNK)(UNK)(UNK)(UNK)(UNK)(UNK)(UNK)(UNK)(UNK)(UNK)(UNK)(UNK)
(UNK)(UNK)(UNK)(UNK)(UNK)(UNK)(UNK)(UNK)(UNK)(UNK)(UNK)(UNK)(UNK)(UNK)(UNK)(UNK)
(UNK)(UNK)(UNK)(UNK)(UNK)(UNK)(UNK)(UNK)(UNK)(UNK)(UNK)(UNK)(UNK)(UNK)(UNK)(UNK)
(UNK)(UNK)(UNK)(UNK)(UNK)(UNK)(UNK)(UNK)(UNK)(UNK)(UNK)(UNK)(UNK)(UNK)(UNK)(UNK)
(UNK)(UNK)(UNK)(UNK)(UNK)(UNK)(UNK)(UNK)(UNK)(UNK)(UNK)(UNK)(UNK)(UNK)(UNK)(UNK)
(UNK)(UNK)(UNK)(UNK)(UNK)(UNK)(UNK)(UNK)(UNK)(UNK)(UNK)(UNK)(UNK)(UNK)(UNK)(UNK)
(UNK)(UNK)(UNK)(UNK)(UNK)(UNK)(UNK)(UNK)(UNK)(UNK)(UNK)(UNK)(UNK)(UNK)(UNK)(UNK)
(UNK)(UNK)(UNK)(UNK)(UNK)(UNK)(UNK)(UNK)(UNK)(UNK)(UNK)(UNK)(UNK)(UNK)(UNK)(UNK)
(UNK)(UNK)(UNK)(UNK)(UNK)(UNK)(UNK)(UNK)(UNK)(UNK)(UNK)(UNK)(UNK)(UNK)(UNK)(UNK)
(UNK)(UNK)(UNK)(UNK)(UNK)(UNK)(UNK)(UNK)(UNK)(UNK)(UNK)(UNK)
;
_entity_poly.pdbx_strand_id   A,B,C,D,E,F,G,H,I,J,K,L,M,N,O,P,Q
#
# COMPACT_ATOMS: atom_id res chain seq x y z
N UNK A 1 55.74 6.02 15.56
CA UNK A 1 56.39 6.49 16.77
C UNK A 1 57.40 5.47 17.25
N UNK A 2 58.67 5.64 16.92
CA UNK A 2 59.15 6.65 16.00
C UNK A 2 59.74 5.92 14.83
N UNK A 3 59.34 4.66 14.73
CA UNK A 3 59.67 3.80 13.61
C UNK A 3 58.53 3.66 12.64
N UNK A 4 57.32 4.03 13.04
CA UNK A 4 56.15 3.89 12.18
C UNK A 4 55.85 5.20 11.45
N UNK A 5 56.84 5.74 10.76
CA UNK A 5 56.55 6.71 9.73
C UNK A 5 56.52 5.95 8.40
N UNK A 6 56.43 6.65 7.27
CA UNK A 6 56.38 5.92 6.01
C UNK A 6 57.06 6.74 4.91
N UNK A 7 58.34 6.48 4.72
CA UNK A 7 59.00 7.00 3.54
C UNK A 7 58.47 6.27 2.32
N UNK A 8 58.38 6.98 1.21
CA UNK A 8 58.01 6.38 -0.06
C UNK A 8 59.29 6.12 -0.83
N UNK A 9 59.80 4.90 -0.73
CA UNK A 9 61.07 4.56 -1.36
C UNK A 9 60.89 4.53 -2.86
N UNK A 10 61.57 5.40 -3.58
CA UNK A 10 61.57 5.36 -5.04
C UNK A 10 62.59 4.34 -5.48
N UNK A 11 62.13 3.28 -6.14
CA UNK A 11 62.87 2.03 -6.14
C UNK A 11 64.15 2.16 -6.93
N UNK A 12 65.21 1.55 -6.42
CA UNK A 12 66.55 1.55 -6.98
C UNK A 12 66.92 0.12 -7.34
N UNK A 13 68.18 -0.10 -7.67
CA UNK A 13 68.58 -1.42 -8.17
C UNK A 13 68.70 -2.48 -7.08
N UNK A 14 68.20 -2.22 -5.89
CA UNK A 14 67.88 -3.28 -4.94
C UNK A 14 66.41 -3.63 -5.01
N UNK A 15 65.83 -3.55 -6.21
CA UNK A 15 64.49 -4.02 -6.49
C UNK A 15 64.48 -5.02 -7.63
N UNK A 16 65.56 -5.77 -7.80
CA UNK A 16 65.66 -6.69 -8.92
C UNK A 16 64.76 -7.88 -8.70
N UNK A 17 64.02 -8.28 -9.72
CA UNK A 17 63.14 -9.42 -9.48
C UNK A 17 62.91 -10.15 -10.79
N UNK A 18 62.67 -11.44 -10.67
CA UNK A 18 62.28 -12.20 -11.84
C UNK A 18 60.89 -11.78 -12.25
N UNK A 19 60.63 -11.77 -13.55
CA UNK A 19 59.28 -11.69 -14.08
C UNK A 19 59.06 -12.99 -14.79
N UNK A 20 58.03 -13.71 -14.42
CA UNK A 20 57.73 -14.98 -15.05
C UNK A 20 56.49 -14.77 -15.89
N UNK A 21 56.64 -14.85 -17.20
CA UNK A 21 55.57 -14.59 -18.14
C UNK A 21 55.32 -15.87 -18.88
N UNK A 22 54.19 -16.51 -18.61
CA UNK A 22 53.88 -17.73 -19.35
C UNK A 22 53.24 -17.32 -20.67
N UNK A 23 53.60 -18.01 -21.72
CA UNK A 23 53.53 -17.36 -23.02
C UNK A 23 52.54 -17.93 -24.00
N UNK A 24 52.11 -19.17 -23.84
CA UNK A 24 51.51 -20.05 -24.86
C UNK A 24 52.47 -20.40 -25.98
N UNK A 25 53.74 -20.07 -25.85
CA UNK A 25 54.76 -20.68 -26.67
C UNK A 25 56.06 -20.89 -25.91
N UNK A 26 56.11 -20.53 -24.63
CA UNK A 26 57.28 -20.65 -23.78
C UNK A 26 56.84 -20.35 -22.37
N UNK A 27 57.80 -20.34 -21.44
CA UNK A 27 57.60 -19.77 -20.12
C UNK A 27 58.79 -18.86 -19.94
N UNK A 28 58.70 -17.64 -20.42
CA UNK A 28 59.85 -16.77 -20.40
C UNK A 28 60.05 -16.26 -18.99
N UNK A 29 61.29 -16.25 -18.54
CA UNK A 29 61.63 -15.75 -17.21
C UNK A 29 62.71 -14.70 -17.38
N UNK A 30 62.33 -13.44 -17.19
CA UNK A 30 63.16 -12.30 -17.51
C UNK A 30 63.47 -11.55 -16.22
N UNK A 31 64.75 -11.37 -15.90
CA UNK A 31 65.11 -10.67 -14.68
C UNK A 31 65.08 -9.19 -14.93
N UNK A 32 64.17 -8.49 -14.28
CA UNK A 32 64.09 -7.05 -14.42
C UNK A 32 65.03 -6.40 -13.42
N UNK A 33 65.90 -5.52 -13.92
CA UNK A 33 66.84 -4.78 -13.07
C UNK A 33 66.81 -3.33 -13.50
N UNK A 34 66.56 -2.42 -12.57
CA UNK A 34 66.53 -0.98 -12.88
C UNK A 34 67.93 -0.49 -13.16
N UNK A 35 68.03 0.68 -13.75
CA UNK A 35 69.32 1.08 -14.34
C UNK A 35 69.80 2.40 -13.80
N UNK A 36 69.82 2.53 -12.48
CA UNK A 36 70.04 3.84 -11.86
C UNK A 36 71.52 4.07 -11.66
N UNK A 37 72.19 4.55 -12.71
CA UNK A 37 73.61 4.93 -12.70
C UNK A 37 74.51 3.81 -12.18
N UNK A 38 74.21 2.59 -12.63
CA UNK A 38 75.01 1.44 -12.23
C UNK A 38 76.34 1.59 -12.91
N UNK A 39 76.34 1.40 -14.16
CA UNK A 39 77.20 2.26 -14.94
C UNK A 39 76.43 2.84 -16.09
N UNK A 40 75.59 2.04 -16.75
CA UNK A 40 74.73 2.46 -17.86
C UNK A 40 73.84 1.32 -18.29
N UNK A 41 72.62 1.65 -18.74
CA UNK A 41 71.97 1.24 -20.00
C UNK A 41 70.53 1.66 -19.89
N UNK A 42 69.73 1.43 -20.92
CA UNK A 42 68.28 1.40 -20.75
C UNK A 42 67.70 0.43 -21.74
N UNK A 43 66.38 0.43 -21.87
CA UNK A 43 65.72 -0.42 -22.85
C UNK A 43 64.33 0.16 -23.10
N UNK A 44 64.09 0.65 -24.30
CA UNK A 44 62.76 1.15 -24.62
C UNK A 44 61.92 0.04 -25.24
N UNK A 45 62.39 -0.57 -26.31
CA UNK A 45 61.72 -1.72 -26.90
C UNK A 45 62.72 -2.84 -26.95
N UNK A 46 62.59 -3.82 -26.06
CA UNK A 46 63.42 -5.01 -26.11
C UNK A 46 62.61 -6.03 -26.87
N UNK A 47 62.88 -6.17 -28.15
CA UNK A 47 62.20 -7.17 -28.96
C UNK A 47 62.97 -8.47 -28.84
N UNK A 48 62.35 -9.49 -28.27
CA UNK A 48 63.01 -10.76 -28.09
C UNK A 48 62.87 -11.52 -29.40
N UNK A 49 63.91 -11.50 -30.22
CA UNK A 49 63.90 -12.29 -31.44
C UNK A 49 64.17 -13.75 -31.12
N UNK A 50 63.29 -14.62 -31.57
CA UNK A 50 63.34 -16.03 -31.22
C UNK A 50 64.14 -16.74 -32.30
N UNK A 51 65.43 -16.93 -32.04
CA UNK A 51 66.33 -17.45 -33.06
C UNK A 51 66.05 -18.91 -33.35
N UNK A 52 66.05 -19.75 -32.33
CA UNK A 52 65.86 -21.18 -32.55
C UNK A 52 64.45 -21.53 -32.95
N UNK A 53 63.51 -20.60 -32.88
CA UNK A 53 62.17 -20.87 -33.38
C UNK A 53 62.19 -21.00 -34.89
N UNK A 54 63.01 -20.21 -35.55
CA UNK A 54 63.00 -20.23 -37.00
C UNK A 54 63.59 -21.51 -37.55
N UNK A 55 64.48 -22.16 -36.82
CA UNK A 55 64.97 -23.46 -37.28
C UNK A 55 63.90 -24.52 -37.14
N UNK A 56 63.09 -24.47 -36.10
CA UNK A 56 61.98 -25.37 -36.00
C UNK A 56 60.88 -25.04 -37.00
N UNK A 57 60.91 -23.83 -37.54
CA UNK A 57 60.06 -23.58 -38.70
C UNK A 57 60.67 -24.15 -39.95
N UNK A 58 62.00 -24.09 -40.05
CA UNK A 58 62.67 -24.47 -41.29
C UNK A 58 62.64 -25.97 -41.50
N UNK A 59 62.75 -26.75 -40.43
CA UNK A 59 62.64 -28.19 -40.57
C UNK A 59 61.24 -28.60 -40.99
N UNK A 60 60.23 -27.95 -40.42
CA UNK A 60 58.87 -28.25 -40.81
C UNK A 60 58.52 -27.70 -42.18
N UNK A 61 59.32 -26.79 -42.70
CA UNK A 61 59.16 -26.40 -44.09
C UNK A 61 59.90 -27.34 -45.03
N UNK A 62 61.01 -27.91 -44.58
CA UNK A 62 61.77 -28.82 -45.42
C UNK A 62 61.09 -30.16 -45.56
N UNK A 63 60.55 -30.69 -44.46
CA UNK A 63 59.86 -31.98 -44.54
C UNK A 63 58.53 -31.86 -45.27
N UNK A 64 57.93 -30.68 -45.32
CA UNK A 64 56.69 -30.50 -46.04
C UNK A 64 56.91 -30.00 -47.46
N UNK A 65 58.12 -29.56 -47.80
CA UNK A 65 58.45 -29.33 -49.19
C UNK A 65 58.85 -30.62 -49.91
N UNK A 66 59.30 -31.62 -49.15
CA UNK A 66 59.54 -32.95 -49.70
C UNK A 66 58.32 -33.84 -49.53
N UNK A 67 57.89 -34.07 -48.30
CA UNK A 67 56.76 -34.95 -48.06
C UNK A 67 55.51 -34.15 -47.73
N UNK A 68 56.58 -10.20 41.33
CA UNK A 68 57.58 -10.03 40.29
C UNK A 68 56.89 -9.79 38.97
N UNK A 69 55.58 -10.02 38.95
CA UNK A 69 54.83 -9.91 37.70
C UNK A 69 54.69 -8.47 37.25
N UNK A 70 54.83 -7.52 38.14
CA UNK A 70 55.00 -6.14 37.75
C UNK A 70 56.47 -5.74 37.81
N UNK A 71 57.35 -6.71 37.98
CA UNK A 71 58.78 -6.44 37.95
C UNK A 71 59.44 -7.11 36.76
N UNK A 72 59.29 -8.43 36.64
CA UNK A 72 60.04 -9.16 35.62
C UNK A 72 59.53 -8.85 34.23
N UNK A 73 58.22 -8.65 34.11
CA UNK A 73 57.67 -8.27 32.82
C UNK A 73 58.17 -6.90 32.41
N UNK A 74 58.33 -5.99 33.37
CA UNK A 74 58.83 -4.66 33.04
C UNK A 74 60.29 -4.69 32.66
N UNK A 75 61.09 -5.50 33.35
CA UNK A 75 62.49 -5.62 33.00
C UNK A 75 62.65 -6.27 31.65
N UNK A 76 61.83 -7.28 31.34
CA UNK A 76 61.92 -7.90 30.05
C UNK A 76 61.41 -6.99 28.97
N UNK A 77 60.44 -6.13 29.29
CA UNK A 77 59.95 -5.18 28.30
C UNK A 77 61.02 -4.15 27.96
N UNK A 78 61.69 -3.62 28.97
CA UNK A 78 62.76 -2.68 28.72
C UNK A 78 63.94 -3.35 28.04
N UNK A 79 64.24 -4.61 28.37
CA UNK A 79 65.34 -5.28 27.70
C UNK A 79 64.98 -5.65 26.29
N UNK A 80 63.69 -5.88 26.03
CA UNK A 80 63.25 -6.16 24.68
C UNK A 80 63.36 -4.92 23.81
N UNK A 81 62.81 -3.81 24.28
CA UNK A 81 62.93 -2.59 23.51
C UNK A 81 64.35 -2.06 23.48
N UNK A 82 65.18 -2.48 24.42
CA UNK A 82 66.57 -2.10 24.43
C UNK A 82 67.42 -2.90 23.47
N UNK A 83 67.15 -4.19 23.33
CA UNK A 83 67.83 -4.92 22.29
C UNK A 83 67.21 -4.66 20.94
N UNK A 84 65.95 -4.23 20.91
CA UNK A 84 65.29 -3.96 19.65
C UNK A 84 65.78 -2.70 18.99
N UNK A 85 66.43 -1.81 19.74
CA UNK A 85 67.28 -0.81 19.11
C UNK A 85 68.68 -1.39 18.96
N UNK A 86 68.77 -2.37 18.05
CA UNK A 86 70.02 -3.05 17.77
C UNK A 86 70.95 -2.13 17.03
N UNK A 87 70.60 -1.76 15.80
CA UNK A 87 71.27 -0.74 15.01
C UNK A 87 70.42 -0.37 13.80
N UNK A 88 70.11 0.92 13.64
CA UNK A 88 69.36 1.45 12.51
C UNK A 88 67.99 0.78 12.40
N UNK A 89 67.14 1.10 13.36
CA UNK A 89 65.81 0.51 13.45
C UNK A 89 65.00 0.83 12.21
N UNK A 90 64.04 -0.04 11.90
CA UNK A 90 63.44 -0.07 10.57
C UNK A 90 62.22 0.84 10.48
N UNK A 91 62.11 1.58 9.38
CA UNK A 91 60.93 2.38 9.07
C UNK A 91 60.08 1.65 8.03
N UNK A 92 58.79 1.53 8.30
CA UNK A 92 57.91 0.81 7.37
C UNK A 92 57.64 1.66 6.15
N UNK A 93 57.89 1.12 4.96
CA UNK A 93 57.90 1.90 3.71
C UNK A 93 56.68 1.61 2.84
N UNK A 94 56.66 2.25 1.66
CA UNK A 94 55.60 2.07 0.65
C UNK A 94 56.17 2.46 -0.70
N UNK A 95 56.15 1.55 -1.66
CA UNK A 95 57.09 1.61 -2.78
C UNK A 95 56.66 2.60 -3.86
N UNK A 96 57.36 2.58 -4.99
CA UNK A 96 57.06 3.42 -6.16
C UNK A 96 57.68 2.77 -7.38
N UNK A 97 56.90 2.60 -8.44
CA UNK A 97 57.18 1.63 -9.49
C UNK A 97 58.26 2.08 -10.46
N UNK A 98 58.98 1.11 -11.02
CA UNK A 98 59.51 1.19 -12.35
C UNK A 98 58.51 0.50 -13.23
N UNK A 99 58.70 0.54 -14.54
CA UNK A 99 57.57 0.21 -15.39
C UNK A 99 57.95 -0.82 -16.45
N UNK A 100 56.96 -1.58 -16.94
CA UNK A 100 57.15 -2.44 -18.10
C UNK A 100 55.83 -2.82 -18.77
N UNK A 101 55.59 -2.46 -20.02
CA UNK A 101 54.45 -3.04 -20.72
C UNK A 101 54.95 -4.27 -21.45
N UNK A 102 54.71 -5.44 -20.90
CA UNK A 102 55.06 -6.65 -21.63
C UNK A 102 54.01 -6.82 -22.69
N UNK A 103 54.35 -6.53 -23.94
CA UNK A 103 53.34 -6.30 -24.96
C UNK A 103 53.50 -7.27 -26.09
N UNK A 104 53.00 -8.46 -25.88
CA UNK A 104 52.72 -9.39 -26.95
C UNK A 104 51.26 -9.35 -27.30
N UNK A 105 50.41 -9.25 -26.29
CA UNK A 105 49.05 -8.78 -26.50
C UNK A 105 48.81 -7.48 -25.75
N UNK A 106 48.79 -7.50 -24.42
CA UNK A 106 48.93 -6.36 -23.54
C UNK A 106 49.06 -6.92 -22.14
N UNK A 107 50.10 -6.61 -21.39
CA UNK A 107 50.07 -6.82 -19.95
C UNK A 107 50.93 -5.75 -19.34
N UNK A 108 50.35 -4.91 -18.53
CA UNK A 108 51.04 -3.73 -18.05
C UNK A 108 51.52 -4.02 -16.64
N UNK A 109 52.76 -4.46 -16.49
CA UNK A 109 53.31 -4.76 -15.19
C UNK A 109 54.19 -3.60 -14.76
N UNK A 110 53.71 -2.79 -13.84
CA UNK A 110 54.59 -1.85 -13.18
C UNK A 110 55.20 -2.58 -11.99
N UNK A 111 56.52 -2.72 -11.95
CA UNK A 111 57.19 -3.49 -10.90
C UNK A 111 57.13 -2.69 -9.60
N UNK A 112 55.92 -2.53 -9.08
CA UNK A 112 55.60 -1.62 -8.00
C UNK A 112 55.60 -2.35 -6.67
N UNK A 113 54.88 -3.40 -6.60
CA UNK A 113 54.81 -4.16 -5.40
C UNK A 113 56.07 -5.00 -5.15
N UNK A 114 57.20 -4.81 -5.85
CA UNK A 114 58.26 -5.79 -6.01
C UNK A 114 57.68 -7.15 -6.39
N UNK A 115 56.60 -7.12 -7.18
CA UNK A 115 55.81 -8.26 -7.54
C UNK A 115 56.52 -8.98 -8.67
N UNK A 116 55.93 -10.06 -9.16
CA UNK A 116 56.70 -10.76 -10.16
C UNK A 116 55.95 -11.37 -11.31
N UNK A 117 54.66 -11.61 -11.26
CA UNK A 117 54.11 -12.66 -12.10
C UNK A 117 53.22 -12.13 -13.22
N UNK A 118 53.21 -12.85 -14.34
CA UNK A 118 52.19 -12.64 -15.36
C UNK A 118 51.98 -13.99 -16.03
N UNK A 119 50.93 -14.68 -15.66
CA UNK A 119 50.73 -16.06 -16.05
C UNK A 119 49.76 -16.08 -17.22
N UNK A 120 50.20 -16.66 -18.33
CA UNK A 120 49.41 -16.95 -19.53
C UNK A 120 49.00 -15.69 -20.30
N UNK A 121 49.91 -14.75 -20.47
CA UNK A 121 49.81 -13.83 -21.59
C UNK A 121 49.98 -14.63 -22.86
N UNK A 122 49.21 -14.31 -23.88
CA UNK A 122 49.08 -15.19 -25.04
C UNK A 122 49.90 -14.65 -26.21
N UNK A 123 51.10 -15.17 -26.39
CA UNK A 123 51.96 -14.72 -27.47
C UNK A 123 51.51 -15.37 -28.75
N UNK A 124 50.53 -14.76 -29.41
CA UNK A 124 50.14 -15.21 -30.74
C UNK A 124 51.26 -14.92 -31.73
N UNK A 125 51.60 -13.66 -31.88
CA UNK A 125 52.86 -13.27 -32.49
C UNK A 125 53.95 -13.39 -31.42
N UNK A 126 55.15 -12.93 -31.71
CA UNK A 126 56.17 -13.10 -30.70
C UNK A 126 56.06 -11.98 -29.68
N UNK A 127 56.65 -12.21 -28.52
CA UNK A 127 56.60 -11.24 -27.45
C UNK A 127 57.72 -10.24 -27.63
N UNK A 128 57.40 -8.97 -27.45
CA UNK A 128 58.40 -7.92 -27.41
C UNK A 128 58.10 -7.12 -26.15
N UNK A 129 58.98 -7.17 -25.17
CA UNK A 129 58.68 -6.44 -23.96
C UNK A 129 59.11 -5.00 -24.16
N UNK A 130 58.25 -4.04 -23.83
CA UNK A 130 58.61 -2.65 -24.05
C UNK A 130 58.61 -1.96 -22.70
N UNK A 131 59.77 -1.63 -22.17
CA UNK A 131 59.81 -0.87 -20.94
C UNK A 131 59.52 0.58 -21.25
N UNK A 132 58.77 1.26 -20.38
CA UNK A 132 58.23 2.54 -20.79
C UNK A 132 59.19 3.72 -20.63
N UNK A 133 59.50 4.14 -19.41
CA UNK A 133 60.10 5.46 -19.34
C UNK A 133 61.31 5.68 -18.45
N UNK A 134 61.22 5.26 -17.20
CA UNK A 134 62.14 5.64 -16.12
C UNK A 134 63.13 4.53 -15.84
N UNK A 135 63.59 3.93 -16.93
CA UNK A 135 64.79 3.12 -17.06
C UNK A 135 64.78 1.78 -16.36
N UNK A 136 63.95 0.87 -16.79
CA UNK A 136 64.22 -0.52 -16.46
C UNK A 136 65.28 -1.08 -17.39
N UNK A 137 65.64 -2.34 -17.18
CA UNK A 137 66.40 -3.11 -18.16
C UNK A 137 66.03 -4.55 -17.91
N UNK A 138 65.35 -5.17 -18.85
CA UNK A 138 65.10 -6.59 -18.75
C UNK A 138 66.34 -7.31 -19.25
N UNK A 139 66.84 -8.27 -18.49
CA UNK A 139 67.97 -9.08 -18.92
C UNK A 139 67.56 -10.52 -18.69
N UNK A 140 67.18 -11.21 -19.77
CA UNK A 140 66.54 -12.52 -19.67
C UNK A 140 67.48 -13.54 -19.04
N UNK A 141 66.90 -14.51 -18.35
CA UNK A 141 67.68 -15.45 -17.56
C UNK A 141 68.27 -16.53 -18.46
N UNK A 142 68.77 -17.60 -17.85
CA UNK A 142 69.77 -18.43 -18.51
C UNK A 142 69.21 -19.34 -19.60
N UNK A 143 68.36 -20.29 -19.24
CA UNK A 143 68.00 -21.35 -20.17
C UNK A 143 66.96 -20.88 -21.19
N UNK A 144 66.68 -21.77 -22.16
CA UNK A 144 65.63 -21.62 -23.18
C UNK A 144 65.85 -20.38 -24.08
N UNK A 145 66.90 -20.48 -24.90
CA UNK A 145 67.51 -19.31 -25.55
C UNK A 145 66.64 -18.65 -26.61
N UNK A 146 65.89 -17.64 -26.19
CA UNK A 146 65.52 -16.54 -27.05
C UNK A 146 66.73 -15.60 -27.17
N UNK A 147 66.61 -14.52 -27.92
CA UNK A 147 67.75 -13.60 -28.01
C UNK A 147 67.25 -12.18 -28.19
N UNK A 148 67.67 -11.27 -27.32
CA UNK A 148 67.10 -9.94 -27.28
C UNK A 148 67.64 -9.09 -28.43
N UNK A 149 66.92 -8.01 -28.72
CA UNK A 149 67.39 -6.95 -29.60
C UNK A 149 66.81 -5.65 -29.04
N UNK A 150 67.66 -4.76 -28.57
CA UNK A 150 67.25 -3.74 -27.62
C UNK A 150 67.37 -2.35 -28.23
N UNK A 151 66.26 -1.64 -28.35
CA UNK A 151 66.31 -0.25 -28.78
C UNK A 151 66.71 0.60 -27.58
N UNK A 152 68.00 0.66 -27.33
CA UNK A 152 68.49 1.29 -26.12
C UNK A 152 68.37 2.80 -26.21
N UNK A 153 67.97 3.41 -25.12
CA UNK A 153 67.83 4.87 -25.06
C UNK A 153 68.34 5.31 -23.70
N UNK A 154 69.63 5.62 -23.62
CA UNK A 154 70.38 5.71 -22.37
C UNK A 154 69.75 6.66 -21.38
N UNK A 155 69.87 6.33 -20.11
CA UNK A 155 69.17 7.06 -19.06
C UNK A 155 69.75 8.45 -18.95
N UNK A 156 68.88 9.46 -18.97
CA UNK A 156 69.30 10.85 -19.07
C UNK A 156 69.64 11.45 -17.74
N UNK A 157 70.07 10.62 -16.79
CA UNK A 157 70.84 11.08 -15.66
C UNK A 157 72.26 11.39 -16.12
N UNK A 158 73.14 11.65 -15.17
CA UNK A 158 74.39 12.31 -15.49
C UNK A 158 75.42 11.35 -16.08
N UNK A 159 76.65 11.83 -16.14
CA UNK A 159 77.76 11.23 -16.84
C UNK A 159 78.39 10.09 -16.06
N UNK A 160 79.63 9.79 -16.42
CA UNK A 160 80.54 9.12 -15.50
C UNK A 160 80.49 9.81 -14.15
N UNK A 161 80.03 9.05 -13.15
CA UNK A 161 79.84 9.57 -11.81
C UNK A 161 81.17 9.99 -11.22
N UNK A 162 81.15 11.10 -10.49
CA UNK A 162 82.33 11.93 -10.32
C UNK A 162 83.49 11.31 -9.56
N UNK A 163 83.38 11.19 -8.24
CA UNK A 163 84.56 10.71 -7.52
C UNK A 163 84.28 9.82 -6.32
N UNK A 164 83.04 9.64 -5.91
CA UNK A 164 82.79 8.97 -4.64
C UNK A 164 81.42 8.32 -4.60
N UNK A 165 87.38 -2.07 -30.39
CA UNK A 165 85.96 -1.86 -30.14
C UNK A 165 85.78 -0.96 -28.93
N UNK A 166 86.10 0.31 -29.11
CA UNK A 166 86.03 1.28 -28.02
C UNK A 166 84.58 1.51 -27.67
N UNK A 167 84.13 0.86 -26.61
CA UNK A 167 82.73 0.95 -26.24
C UNK A 167 82.35 2.30 -25.66
N UNK A 168 83.33 3.08 -25.20
CA UNK A 168 83.17 4.46 -24.76
C UNK A 168 82.18 4.59 -23.60
N UNK A 169 82.62 4.08 -22.45
CA UNK A 169 81.88 4.10 -21.18
C UNK A 169 80.58 3.34 -21.24
N UNK A 170 80.47 2.42 -22.19
CA UNK A 170 79.79 1.17 -21.97
C UNK A 170 80.76 0.12 -21.48
N UNK A 171 82.05 0.42 -21.59
CA UNK A 171 83.07 -0.43 -20.98
C UNK A 171 82.88 -0.52 -19.48
N UNK A 172 82.45 0.57 -18.87
CA UNK A 172 82.15 0.52 -17.46
C UNK A 172 80.93 -0.36 -17.19
N UNK A 173 79.96 -0.40 -18.10
CA UNK A 173 78.81 -1.26 -17.90
C UNK A 173 79.21 -2.71 -17.97
N UNK A 174 79.98 -3.07 -19.00
CA UNK A 174 80.48 -4.43 -19.11
C UNK A 174 81.48 -4.76 -18.02
N UNK A 175 82.02 -3.76 -17.34
CA UNK A 175 82.77 -4.06 -16.14
C UNK A 175 81.84 -4.41 -15.00
N UNK A 176 81.00 -3.47 -14.62
CA UNK A 176 80.29 -3.58 -13.35
C UNK A 176 79.23 -4.65 -13.38
N UNK A 177 78.72 -5.01 -14.56
CA UNK A 177 77.89 -6.21 -14.62
C UNK A 177 78.73 -7.43 -14.31
N UNK A 178 79.87 -7.57 -14.96
CA UNK A 178 80.72 -8.72 -14.75
C UNK A 178 81.60 -8.58 -13.53
N UNK A 179 81.32 -7.64 -12.66
CA UNK A 179 81.92 -7.66 -11.35
C UNK A 179 80.89 -7.89 -10.26
N UNK A 180 79.67 -7.40 -10.45
CA UNK A 180 78.63 -7.70 -9.50
C UNK A 180 78.23 -9.15 -9.56
N UNK A 181 78.27 -9.75 -10.75
CA UNK A 181 77.92 -11.14 -10.89
C UNK A 181 79.10 -12.06 -10.67
N UNK A 182 80.18 -11.56 -10.07
CA UNK A 182 81.31 -12.41 -9.77
C UNK A 182 80.95 -13.38 -8.66
N UNK A 183 81.47 -14.59 -8.75
CA UNK A 183 81.28 -15.56 -7.69
C UNK A 183 82.31 -15.29 -6.61
N UNK A 184 81.87 -15.28 -5.35
CA UNK A 184 82.67 -14.94 -4.18
C UNK A 184 83.31 -13.56 -4.34
N UNK A 185 82.43 -12.56 -4.31
CA UNK A 185 82.86 -11.17 -4.34
C UNK A 185 83.83 -10.90 -3.21
N UNK A 186 84.78 -10.00 -3.47
CA UNK A 186 86.03 -9.87 -2.72
C UNK A 186 86.77 -11.21 -2.69
N UNK A 187 87.20 -11.60 -3.88
CA UNK A 187 88.18 -12.65 -4.06
C UNK A 187 89.55 -12.11 -4.42
N UNK A 188 89.64 -10.84 -4.83
CA UNK A 188 90.83 -10.03 -5.07
C UNK A 188 91.68 -10.49 -6.24
N UNK A 189 91.36 -11.59 -6.88
CA UNK A 189 92.04 -11.99 -8.09
C UNK A 189 91.05 -12.25 -9.21
N UNK A 190 89.77 -12.26 -8.90
CA UNK A 190 88.77 -12.19 -9.94
C UNK A 190 88.39 -10.76 -10.25
N UNK A 191 88.57 -9.88 -9.28
CA UNK A 191 88.36 -8.46 -9.53
C UNK A 191 89.34 -7.95 -10.56
N UNK A 192 90.58 -8.42 -10.50
CA UNK A 192 91.53 -8.04 -11.53
C UNK A 192 91.26 -8.72 -12.85
N UNK A 193 90.49 -9.80 -12.86
CA UNK A 193 90.02 -10.31 -14.12
C UNK A 193 88.86 -9.52 -14.66
N UNK A 194 88.10 -8.87 -13.79
CA UNK A 194 86.96 -8.07 -14.25
C UNK A 194 87.43 -6.73 -14.78
N UNK A 195 88.16 -5.98 -13.95
CA UNK A 195 88.63 -4.65 -14.33
C UNK A 195 89.88 -4.74 -15.21
N UNK A 196 89.75 -5.45 -16.32
CA UNK A 196 90.89 -5.84 -17.14
C UNK A 196 90.98 -5.06 -18.43
N UNK A 197 90.14 -4.07 -18.62
CA UNK A 197 90.33 -3.14 -19.72
C UNK A 197 90.04 -1.70 -19.34
N UNK A 198 89.69 -1.44 -18.09
CA UNK A 198 89.42 -0.08 -17.67
C UNK A 198 90.73 0.67 -17.49
N UNK A 199 90.71 1.94 -17.83
CA UNK A 199 91.86 2.79 -17.54
C UNK A 199 91.89 3.10 -16.06
N UNK A 200 93.04 3.65 -15.64
CA UNK A 200 93.32 3.82 -14.22
C UNK A 200 92.38 4.80 -13.54
N UNK A 201 91.84 5.76 -14.27
CA UNK A 201 90.79 6.59 -13.70
C UNK A 201 89.52 5.78 -13.51
N UNK A 202 89.22 4.90 -14.46
CA UNK A 202 87.96 4.18 -14.42
C UNK A 202 87.93 3.15 -13.31
N UNK A 203 89.10 2.66 -12.91
CA UNK A 203 89.18 1.68 -11.84
C UNK A 203 88.69 2.27 -10.54
N UNK A 204 88.85 3.57 -10.37
CA UNK A 204 88.39 4.24 -9.16
C UNK A 204 86.89 4.17 -9.02
N UNK A 205 86.17 4.63 -10.05
CA UNK A 205 84.72 4.65 -9.97
C UNK A 205 84.15 3.25 -9.94
N UNK A 206 84.77 2.30 -10.65
CA UNK A 206 84.25 0.94 -10.63
C UNK A 206 84.46 0.28 -9.27
N UNK A 207 85.68 0.36 -8.73
CA UNK A 207 85.95 -0.25 -7.45
C UNK A 207 85.21 0.44 -6.32
N UNK A 208 84.99 1.75 -6.43
CA UNK A 208 84.28 2.46 -5.39
C UNK A 208 82.80 2.14 -5.42
N UNK A 209 82.23 2.04 -6.62
CA UNK A 209 80.84 1.64 -6.71
C UNK A 209 80.65 0.22 -6.21
N UNK A 210 81.64 -0.65 -6.44
CA UNK A 210 81.57 -1.99 -5.87
C UNK A 210 81.65 -1.93 -4.35
N UNK A 211 82.47 -1.04 -3.81
CA UNK A 211 82.64 -0.98 -2.36
C UNK A 211 81.37 -0.47 -1.69
N UNK A 212 80.84 0.64 -2.20
CA UNK A 212 79.61 1.18 -1.63
C UNK A 212 78.43 0.25 -1.88
N UNK A 213 78.45 -0.49 -2.98
CA UNK A 213 77.34 -1.37 -3.25
C UNK A 213 77.36 -2.58 -2.33
N UNK A 214 78.54 -3.14 -2.08
CA UNK A 214 78.59 -4.26 -1.16
C UNK A 214 78.32 -3.83 0.27
N UNK A 215 78.71 -2.60 0.62
CA UNK A 215 78.36 -2.11 1.93
C UNK A 215 76.89 -1.81 2.05
N UNK A 216 76.24 -1.46 0.96
CA UNK A 216 74.79 -1.36 1.00
C UNK A 216 74.16 -2.73 1.09
N UNK A 217 74.74 -3.71 0.42
CA UNK A 217 74.14 -5.03 0.38
C UNK A 217 74.24 -5.73 1.71
N UNK A 218 75.32 -5.52 2.45
CA UNK A 218 75.42 -6.11 3.78
C UNK A 218 74.38 -5.50 4.71
N UNK A 219 74.15 -4.20 4.59
CA UNK A 219 73.12 -3.57 5.38
C UNK A 219 71.75 -4.09 5.02
N UNK A 220 71.52 -4.34 3.73
CA UNK A 220 70.21 -4.81 3.31
C UNK A 220 69.97 -6.23 3.77
N UNK A 221 70.96 -7.09 3.61
CA UNK A 221 70.77 -8.47 4.00
C UNK A 221 70.77 -8.64 5.50
N UNK A 222 71.36 -7.73 6.24
CA UNK A 222 71.19 -7.87 7.67
C UNK A 222 69.86 -7.31 8.13
N UNK A 223 69.44 -6.19 7.56
CA UNK A 223 68.18 -5.61 7.97
C UNK A 223 66.99 -6.39 7.48
N UNK A 224 67.15 -7.24 6.47
CA UNK A 224 66.08 -8.15 6.11
C UNK A 224 65.94 -9.22 7.18
N UNK A 225 67.01 -9.93 7.43
CA UNK A 225 66.97 -11.06 8.34
C UNK A 225 67.16 -10.67 9.78
N UNK A 226 66.94 -9.41 10.14
CA UNK A 226 67.07 -9.06 11.55
C UNK A 226 65.94 -9.63 12.36
N UNK A 227 64.71 -9.44 11.91
CA UNK A 227 63.55 -9.96 12.61
C UNK A 227 63.16 -11.27 11.95
N UNK A 228 63.96 -12.32 12.18
CA UNK A 228 63.83 -13.50 11.34
C UNK A 228 63.91 -14.86 12.01
N UNK A 229 63.83 -14.94 13.34
CA UNK A 229 63.73 -16.19 14.11
C UNK A 229 64.92 -17.11 13.96
N UNK A 230 65.95 -16.65 13.37
CA UNK A 230 67.25 -17.26 13.49
C UNK A 230 68.29 -16.24 13.89
N UNK A 231 68.19 -15.03 13.38
CA UNK A 231 68.96 -13.92 13.92
C UNK A 231 68.18 -13.15 14.94
N UNK A 232 67.01 -13.64 15.31
CA UNK A 232 66.39 -13.21 16.55
C UNK A 232 66.55 -14.26 17.62
N UNK A 233 67.24 -15.31 17.33
CA UNK A 233 67.41 -16.37 18.31
C UNK A 233 68.87 -16.59 18.66
N UNK A 234 69.76 -16.55 17.68
CA UNK A 234 71.16 -16.73 18.00
C UNK A 234 71.75 -15.50 18.64
N UNK A 235 71.12 -14.35 18.45
CA UNK A 235 71.51 -13.10 19.10
C UNK A 235 70.57 -12.81 20.25
N UNK A 236 70.26 -13.85 21.01
CA UNK A 236 69.01 -14.11 21.72
C UNK A 236 68.38 -12.90 22.40
N UNK A 237 67.19 -12.56 21.96
CA UNK A 237 66.48 -11.43 22.50
C UNK A 237 65.80 -11.86 23.79
N UNK A 238 64.95 -11.00 24.31
CA UNK A 238 64.15 -11.40 25.44
C UNK A 238 63.10 -12.42 25.02
N UNK A 239 62.29 -12.06 24.04
CA UNK A 239 61.31 -12.97 23.45
C UNK A 239 61.93 -13.65 22.22
N UNK A 240 61.27 -14.70 21.72
CA UNK A 240 61.89 -15.43 20.63
C UNK A 240 60.97 -15.95 19.53
N UNK A 241 59.69 -15.56 19.50
CA UNK A 241 58.80 -15.72 18.35
C UNK A 241 58.61 -17.18 17.95
N UNK A 242 57.87 -17.94 18.78
CA UNK A 242 57.89 -19.39 18.72
C UNK A 242 56.54 -20.07 18.59
N UNK A 243 55.53 -19.41 18.08
CA UNK A 243 54.28 -20.11 17.77
C UNK A 243 53.79 -19.70 16.41
N UNK A 244 54.70 -19.74 15.44
CA UNK A 244 54.43 -19.20 14.12
C UNK A 244 53.39 -20.01 13.37
N UNK A 245 53.39 -21.32 13.55
CA UNK A 245 52.76 -22.22 12.59
C UNK A 245 51.65 -23.04 13.23
N UNK A 246 50.39 -22.65 13.00
CA UNK A 246 49.26 -23.45 13.45
C UNK A 246 48.07 -23.19 12.53
N UNK A 247 47.87 -24.04 11.52
CA UNK A 247 46.91 -23.74 10.46
C UNK A 247 46.47 -25.02 9.76
N UNK A 248 45.88 -24.87 8.57
CA UNK A 248 45.10 -25.91 7.90
C UNK A 248 45.84 -26.52 6.73
N UNK A 249 45.77 -27.85 6.62
CA UNK A 249 46.30 -28.57 5.48
C UNK A 249 45.18 -28.89 4.53
N UNK A 250 44.75 -27.88 3.79
CA UNK A 250 43.69 -28.07 2.82
C UNK A 250 44.10 -27.43 1.51
N UNK A 251 43.46 -27.87 0.44
CA UNK A 251 43.95 -27.59 -0.91
C UNK A 251 43.78 -26.14 -1.27
N UNK A 252 44.85 -25.54 -1.78
CA UNK A 252 44.73 -24.29 -2.50
C UNK A 252 44.02 -24.56 -3.81
N UNK A 253 43.09 -23.70 -4.17
CA UNK A 253 42.18 -24.02 -5.27
C UNK A 253 42.87 -23.80 -6.61
N UNK A 254 43.03 -24.87 -7.37
CA UNK A 254 43.64 -24.80 -8.68
C UNK A 254 42.74 -24.07 -9.65
N UNK A 255 43.34 -23.43 -10.63
CA UNK A 255 42.62 -22.77 -11.71
C UNK A 255 43.25 -23.20 -13.01
N UNK A 256 42.80 -24.32 -13.55
CA UNK A 256 43.41 -24.87 -14.75
C UNK A 256 43.01 -24.03 -15.96
N UNK A 257 43.99 -23.64 -16.76
CA UNK A 257 43.73 -22.57 -17.72
C UNK A 257 43.06 -23.07 -18.99
N UNK A 258 43.80 -23.78 -19.82
CA UNK A 258 43.37 -24.10 -21.18
C UNK A 258 44.31 -25.08 -21.86
N UNK A 259 44.21 -25.20 -23.18
CA UNK A 259 45.32 -25.64 -24.00
C UNK A 259 46.21 -24.48 -24.44
N UNK A 260 46.16 -23.36 -23.73
CA UNK A 260 47.09 -22.27 -23.90
C UNK A 260 48.38 -22.48 -23.14
N UNK A 261 48.52 -23.58 -22.42
CA UNK A 261 49.79 -23.92 -21.81
C UNK A 261 50.58 -24.71 -22.84
N UNK A 262 51.58 -24.10 -23.45
CA UNK A 262 52.25 -24.73 -24.56
C UNK A 262 53.13 -25.86 -24.11
N UNK A 263 53.29 -26.85 -24.99
CA UNK A 263 54.06 -28.03 -24.68
C UNK A 263 55.55 -27.73 -24.83
N UNK A 264 56.38 -28.76 -24.87
CA UNK A 264 57.81 -28.56 -24.99
C UNK A 264 58.37 -29.26 -26.22
N UNK A 265 57.59 -29.33 -27.29
CA UNK A 265 58.05 -30.03 -28.49
C UNK A 265 59.00 -29.15 -29.29
N UNK A 266 58.49 -28.07 -29.84
CA UNK A 266 59.26 -27.11 -30.61
C UNK A 266 58.45 -25.83 -30.65
N UNK A 267 58.77 -24.95 -31.60
CA UNK A 267 58.16 -23.64 -31.63
C UNK A 267 57.00 -23.53 -32.60
N UNK A 268 57.26 -23.85 -33.89
CA UNK A 268 56.47 -23.61 -35.10
C UNK A 268 56.49 -22.14 -35.50
N UNK A 269 57.07 -21.27 -34.67
CA UNK A 269 57.58 -19.94 -35.04
C UNK A 269 56.56 -19.01 -35.67
N UNK A 270 55.28 -19.18 -35.33
CA UNK A 270 54.18 -18.25 -35.63
C UNK A 270 54.02 -18.00 -37.12
N UNK A 271 53.61 -19.06 -37.82
CA UNK A 271 53.45 -19.00 -39.27
C UNK A 271 52.28 -18.12 -39.63
N UNK A 272 52.55 -17.03 -40.33
CA UNK A 272 51.51 -16.16 -40.86
C UNK A 272 51.44 -16.28 -42.37
N UNK A 273 50.37 -15.70 -42.93
CA UNK A 273 50.18 -15.71 -44.37
C UNK A 273 51.24 -14.86 -45.06
N UNK A 274 51.41 -15.09 -46.36
CA UNK A 274 52.43 -14.39 -47.11
C UNK A 274 51.98 -12.97 -47.41
N UNK A 275 52.94 -12.05 -47.38
CA UNK A 275 52.63 -10.63 -47.52
C UNK A 275 52.11 -10.30 -48.91
N UNK A 276 52.56 -11.04 -49.92
CA UNK A 276 52.03 -10.84 -51.26
C UNK A 276 50.58 -11.26 -51.32
N UNK A 277 50.24 -12.36 -50.66
CA UNK A 277 48.85 -12.78 -50.56
C UNK A 277 48.04 -11.74 -49.82
N UNK A 278 48.63 -11.13 -48.80
CA UNK A 278 47.93 -10.11 -48.04
C UNK A 278 47.66 -8.88 -48.89
N UNK A 279 48.65 -8.43 -49.65
CA UNK A 279 48.49 -7.21 -50.45
C UNK A 279 47.52 -7.43 -51.57
N UNK A 280 47.53 -8.63 -52.15
CA UNK A 280 46.57 -8.93 -53.19
C UNK A 280 45.17 -8.99 -52.63
N UNK A 281 44.99 -9.65 -51.49
CA UNK A 281 43.69 -9.77 -50.90
C UNK A 281 43.17 -8.46 -50.34
N UNK A 282 44.05 -7.51 -50.06
CA UNK A 282 43.58 -6.21 -49.60
C UNK A 282 43.23 -5.32 -50.76
N UNK A 283 44.11 -5.24 -51.76
CA UNK A 283 43.87 -4.37 -52.90
C UNK A 283 42.67 -4.83 -53.69
N UNK A 284 42.50 -6.14 -53.84
CA UNK A 284 41.35 -6.65 -54.55
C UNK A 284 40.07 -6.38 -53.78
N UNK A 285 40.11 -6.50 -52.45
CA UNK A 285 38.90 -6.30 -51.67
C UNK A 285 38.47 -4.85 -51.70
N UNK A 286 39.42 -3.94 -51.50
CA UNK A 286 39.07 -2.53 -51.51
C UNK A 286 38.66 -2.08 -52.89
N UNK A 287 39.32 -2.59 -53.94
CA UNK A 287 38.97 -2.20 -55.29
C UNK A 287 37.62 -2.73 -55.70
N UNK A 288 37.29 -3.96 -55.28
CA UNK A 288 36.00 -4.51 -55.63
C UNK A 288 34.89 -3.81 -54.89
N UNK A 289 35.15 -3.39 -53.65
CA UNK A 289 34.16 -2.59 -52.93
C UNK A 289 33.98 -1.23 -53.60
N UNK A 290 35.08 -0.65 -54.10
CA UNK A 290 35.00 0.64 -54.78
C UNK A 290 34.20 0.51 -56.06
N UNK A 291 34.56 -0.46 -56.90
CA UNK A 291 33.88 -0.64 -58.17
C UNK A 291 32.47 -1.16 -57.99
N UNK A 292 32.16 -1.78 -56.86
CA UNK A 292 30.79 -2.14 -56.57
C UNK A 292 29.97 -0.93 -56.16
N UNK A 293 30.58 0.02 -55.43
CA UNK A 293 29.89 1.28 -55.20
C UNK A 293 29.67 2.01 -56.52
N UNK A 294 30.66 1.98 -57.40
CA UNK A 294 30.53 2.59 -58.72
C UNK A 294 29.52 1.87 -59.58
N UNK A 295 29.36 0.56 -59.39
CA UNK A 295 28.40 -0.19 -60.18
C UNK A 295 26.98 0.03 -59.68
N UNK A 296 26.80 0.07 -58.37
CA UNK A 296 25.50 0.43 -57.82
C UNK A 296 25.12 1.84 -58.21
N UNK A 297 26.12 2.72 -58.31
CA UNK A 297 25.89 4.05 -58.85
C UNK A 297 25.67 4.04 -60.35
N UNK A 298 26.17 3.03 -61.06
CA UNK A 298 26.04 2.97 -62.51
C UNK A 298 24.61 2.69 -62.96
N UNK A 299 23.72 2.34 -62.05
CA UNK A 299 22.31 2.28 -62.36
C UNK A 299 21.74 3.69 -62.42
N UNK B 1 53.80 21.53 5.74
CA UNK B 1 54.54 22.10 6.85
C UNK B 1 55.86 21.41 7.02
N UNK B 2 56.94 21.97 6.49
CA UNK B 2 56.90 23.13 5.61
C UNK B 2 57.43 22.68 4.29
N UNK B 3 57.39 21.37 4.11
CA UNK B 3 57.71 20.71 2.86
C UNK B 3 56.47 20.29 2.10
N UNK B 4 55.33 20.26 2.75
CA UNK B 4 54.08 19.84 2.11
C UNK B 4 53.29 21.03 1.61
N UNK B 5 53.90 21.87 0.82
CA UNK B 5 53.15 22.78 -0.03
C UNK B 5 53.06 22.13 -1.41
N UNK B 6 52.54 22.82 -2.41
CA UNK B 6 52.44 22.19 -3.72
C UNK B 6 52.61 23.24 -4.81
N UNK B 7 53.84 23.40 -5.27
CA UNK B 7 54.06 24.16 -6.48
C UNK B 7 53.51 23.37 -7.65
N UNK B 8 53.01 24.09 -8.63
CA UNK B 8 52.57 23.49 -9.88
C UNK B 8 53.68 23.66 -10.89
N UNK B 9 54.52 22.66 -11.03
CA UNK B 9 55.67 22.75 -11.92
C UNK B 9 55.19 22.76 -13.36
N UNK B 10 55.44 23.84 -14.09
CA UNK B 10 55.13 23.88 -15.51
C UNK B 10 56.28 23.24 -16.25
N UNK B 11 56.02 22.12 -16.93
CA UNK B 11 57.07 21.17 -17.22
C UNK B 11 58.07 21.71 -18.22
N UNK B 12 59.33 21.43 -17.97
CA UNK B 12 60.47 21.86 -18.76
C UNK B 12 61.14 20.64 -19.35
N UNK B 13 62.32 20.81 -19.94
CA UNK B 13 62.96 19.71 -20.65
C UNK B 13 63.59 18.68 -19.75
N UNK B 14 63.32 18.70 -18.44
CA UNK B 14 63.51 17.54 -17.59
C UNK B 14 62.21 16.77 -17.43
N UNK B 15 61.40 16.75 -18.49
CA UNK B 15 60.21 15.91 -18.57
C UNK B 15 60.25 15.03 -19.81
N UNK B 16 61.44 14.65 -20.26
CA UNK B 16 61.55 13.86 -21.48
C UNK B 16 61.10 12.45 -21.23
N UNK B 17 60.30 11.91 -22.14
CA UNK B 17 59.86 10.55 -21.89
C UNK B 17 59.57 9.86 -23.21
N UNK B 18 59.73 8.55 -23.20
CA UNK B 18 59.33 7.78 -24.36
C UNK B 18 57.82 7.78 -24.46
N UNK B 19 57.31 7.80 -25.68
CA UNK B 19 55.92 7.51 -25.95
C UNK B 19 55.93 6.23 -26.75
N UNK B 20 55.24 5.22 -26.28
CA UNK B 20 55.18 3.96 -27.00
C UNK B 20 53.79 3.84 -27.57
N UNK B 21 53.68 3.89 -28.88
CA UNK B 21 52.41 3.87 -29.57
C UNK B 21 52.37 2.61 -30.40
N UNK B 22 51.56 1.65 -30.01
CA UNK B 22 51.46 0.46 -30.82
C UNK B 22 50.47 0.72 -31.93
N UNK B 23 50.78 0.23 -33.12
CA UNK B 23 50.26 0.90 -34.29
C UNK B 23 49.28 0.13 -35.14
N UNK B 24 49.26 -1.19 -35.05
CA UNK B 24 48.74 -2.14 -36.05
C UNK B 24 49.51 -2.12 -37.34
N UNK B 25 50.63 -1.43 -37.41
CA UNK B 25 51.58 -1.67 -38.47
C UNK B 25 53.01 -1.52 -37.99
N UNK B 26 53.23 -1.24 -36.71
CA UNK B 26 54.54 -1.06 -36.11
C UNK B 26 54.34 -0.98 -34.61
N UNK B 27 55.42 -0.73 -33.89
CA UNK B 27 55.35 -0.33 -32.48
C UNK B 27 56.26 0.87 -32.41
N UNK B 28 55.71 2.03 -32.73
CA UNK B 28 56.55 3.22 -32.82
C UNK B 28 56.90 3.66 -31.42
N UNK B 29 58.15 4.03 -31.20
CA UNK B 29 58.61 4.52 -29.90
C UNK B 29 59.28 5.86 -30.14
N UNK B 30 58.61 6.93 -29.73
CA UNK B 30 59.00 8.29 -30.07
C UNK B 30 59.34 9.02 -28.78
N UNK B 31 60.55 9.55 -28.68
CA UNK B 31 60.96 10.26 -27.47
C UNK B 31 60.46 11.67 -27.53
N UNK B 32 59.55 12.03 -26.64
CA UNK B 32 59.04 13.38 -26.60
C UNK B 32 59.95 14.22 -25.73
N UNK B 33 60.41 15.36 -26.26
CA UNK B 33 61.25 16.29 -25.53
C UNK B 33 60.72 17.68 -25.76
N UNK B 34 60.43 18.42 -24.69
CA UNK B 34 59.93 19.79 -24.82
C UNK B 34 61.04 20.70 -25.30
N UNK B 35 60.69 21.89 -25.74
CA UNK B 35 61.66 22.68 -26.51
C UNK B 35 61.85 24.05 -25.91
N UNK B 36 62.10 24.11 -24.62
CA UNK B 36 62.08 25.38 -23.90
C UNK B 36 63.44 26.03 -23.94
N UNK B 37 63.70 26.76 -25.04
CA UNK B 37 64.93 27.55 -25.24
C UNK B 37 66.20 26.72 -25.02
N UNK B 38 66.17 25.49 -25.55
CA UNK B 38 67.32 24.60 -25.44
C UNK B 38 68.39 25.18 -26.33
N UNK B 39 68.17 25.08 -27.58
CA UNK B 39 68.57 26.21 -28.39
C UNK B 39 67.45 26.60 -29.32
N UNK B 40 66.75 25.63 -29.89
CA UNK B 40 65.60 25.84 -30.77
C UNK B 40 64.99 24.51 -31.16
N UNK B 41 63.66 24.48 -31.34
CA UNK B 41 62.92 23.97 -32.50
C UNK B 41 61.46 23.93 -32.08
N UNK B 42 60.56 23.53 -32.97
CA UNK B 42 59.25 23.08 -32.53
C UNK B 42 58.77 22.02 -33.51
N UNK B 43 57.51 21.64 -33.41
CA UNK B 43 56.92 20.69 -34.34
C UNK B 43 55.43 20.83 -34.26
N UNK B 44 54.79 21.30 -35.33
CA UNK B 44 53.35 21.39 -35.34
C UNK B 44 52.74 20.13 -35.92
N UNK B 45 53.13 19.76 -37.12
CA UNK B 45 52.69 18.50 -37.71
C UNK B 45 53.95 17.72 -38.08
N UNK B 46 54.28 16.70 -37.30
CA UNK B 46 55.39 15.83 -37.65
C UNK B 46 54.75 14.65 -38.36
N UNK B 47 54.79 14.68 -39.68
CA UNK B 47 54.26 13.56 -40.46
C UNK B 47 55.38 12.55 -40.65
N UNK B 48 55.19 11.37 -40.10
CA UNK B 48 56.21 10.34 -40.19
C UNK B 48 56.01 9.66 -41.52
N UNK B 49 56.82 10.02 -42.51
CA UNK B 49 56.78 9.35 -43.81
C UNK B 49 57.51 8.03 -43.70
N UNK B 50 56.84 6.96 -44.10
CA UNK B 50 57.36 5.62 -43.93
C UNK B 50 58.08 5.24 -45.20
N UNK B 51 59.40 5.43 -45.21
CA UNK B 51 60.17 5.26 -46.44
C UNK B 51 60.26 3.80 -46.85
N UNK B 52 60.71 2.94 -45.95
CA UNK B 52 60.89 1.54 -46.29
C UNK B 52 59.58 0.80 -46.46
N UNK B 53 58.45 1.40 -46.12
CA UNK B 53 57.18 0.77 -46.40
C UNK B 53 56.91 0.74 -47.89
N UNK B 54 57.31 1.79 -48.59
CA UNK B 54 57.00 1.86 -50.00
C UNK B 54 57.81 0.84 -50.80
N UNK B 55 58.99 0.45 -50.32
CA UNK B 55 59.71 -0.61 -51.02
C UNK B 55 59.04 -1.96 -50.82
N UNK B 56 58.48 -2.20 -49.64
CA UNK B 56 57.71 -3.41 -49.46
C UNK B 56 56.39 -3.35 -50.19
N UNK B 57 55.95 -2.17 -50.57
CA UNK B 57 54.84 -2.11 -51.52
C UNK B 57 55.32 -2.40 -52.92
N UNK B 58 56.51 -1.94 -53.26
CA UNK B 58 56.99 -2.03 -54.63
C UNK B 58 57.35 -3.46 -55.01
N UNK B 59 57.90 -4.22 -54.07
CA UNK B 59 58.17 -5.62 -54.37
C UNK B 59 56.88 -6.41 -54.57
N UNK B 60 55.88 -6.13 -53.75
CA UNK B 60 54.60 -6.79 -53.92
C UNK B 60 53.84 -6.29 -55.13
N UNK B 61 54.22 -5.15 -55.67
CA UNK B 61 53.67 -4.76 -56.96
C UNK B 61 54.44 -5.37 -58.12
N UNK B 62 55.74 -5.60 -57.95
CA UNK B 62 56.52 -6.20 -59.02
C UNK B 62 56.22 -7.67 -59.19
N UNK B 63 56.11 -8.40 -58.09
CA UNK B 63 55.80 -9.81 -58.19
C UNK B 63 54.38 -10.07 -58.64
N UNK B 64 53.48 -9.12 -58.43
CA UNK B 64 52.11 -9.28 -58.90
C UNK B 64 51.88 -8.65 -60.26
N UNK B 65 52.81 -7.85 -60.76
CA UNK B 65 52.76 -7.45 -62.16
C UNK B 65 53.35 -8.50 -63.07
N UNK B 66 54.21 -9.37 -62.54
CA UNK B 66 54.70 -10.53 -63.27
C UNK B 66 53.84 -11.77 -63.00
N UNK B 67 53.76 -12.19 -61.75
CA UNK B 67 53.00 -13.37 -61.40
C UNK B 67 51.67 -13.00 -60.76
N UNK B 68 64.55 4.81 28.81
CA UNK B 68 65.22 5.33 27.63
C UNK B 68 64.24 5.43 26.50
N UNK B 69 63.07 4.82 26.69
CA UNK B 69 62.08 4.77 25.62
C UNK B 69 61.44 6.13 25.38
N UNK B 70 61.49 7.02 26.34
CA UNK B 70 61.19 8.41 26.08
C UNK B 70 62.45 9.23 25.93
N UNK B 71 63.60 8.56 25.81
CA UNK B 71 64.85 9.25 25.56
C UNK B 71 65.41 8.88 24.19
N UNK B 72 65.61 7.58 23.94
CA UNK B 72 66.31 7.17 22.73
C UNK B 72 65.45 7.40 21.51
N UNK B 73 64.14 7.21 21.64
CA UNK B 73 63.25 7.48 20.53
C UNK B 73 63.24 8.96 20.20
N UNK B 74 63.35 9.81 21.23
CA UNK B 74 63.36 11.25 20.98
C UNK B 74 64.66 11.68 20.33
N UNK B 75 65.78 11.10 20.76
CA UNK B 75 67.06 11.44 20.15
C UNK B 75 67.11 10.94 18.71
N UNK B 76 66.56 9.76 18.46
CA UNK B 76 66.54 9.26 17.09
C UNK B 76 65.58 10.05 16.24
N UNK B 77 64.50 10.55 16.83
CA UNK B 77 63.57 11.37 16.07
C UNK B 77 64.20 12.68 15.67
N UNK B 78 64.90 13.33 16.60
CA UNK B 78 65.58 14.57 16.26
C UNK B 78 66.73 14.32 15.31
N UNK B 79 67.44 13.20 15.44
CA UNK B 79 68.52 12.93 14.50
C UNK B 79 67.98 12.56 13.14
N UNK B 80 66.80 11.97 13.09
CA UNK B 80 66.18 11.64 11.82
C UNK B 80 65.75 12.90 11.10
N UNK B 81 65.02 13.77 11.78
CA UNK B 81 64.62 15.02 11.15
C UNK B 81 65.81 15.94 10.94
N UNK B 82 66.90 15.75 11.65
CA UNK B 82 68.10 16.52 11.46
C UNK B 82 68.90 16.07 10.26
N UNK B 83 69.00 14.78 10.03
CA UNK B 83 69.62 14.34 8.80
C UNK B 83 68.68 14.48 7.63
N UNK B 84 67.38 14.51 7.87
CA UNK B 84 66.41 14.65 6.80
C UNK B 84 66.38 16.04 6.22
N UNK B 85 66.90 17.03 6.94
CA UNK B 85 67.28 18.29 6.29
C UNK B 85 68.72 18.16 5.81
N UNK B 86 68.89 17.31 4.80
CA UNK B 86 70.20 17.05 4.21
C UNK B 86 70.66 18.25 3.43
N UNK B 87 69.96 18.56 2.34
CA UNK B 87 70.14 19.78 1.56
C UNK B 87 68.99 19.95 0.58
N UNK B 88 68.30 21.10 0.64
CA UNK B 88 67.21 21.45 -0.27
C UNK B 88 66.09 20.41 -0.21
N UNK B 89 65.40 20.40 0.94
CA UNK B 89 64.35 19.44 1.19
C UNK B 89 63.24 19.57 0.15
N UNK B 90 62.52 18.47 -0.07
CA UNK B 90 61.69 18.34 -1.26
C UNK B 90 60.27 18.84 -1.02
N UNK B 91 59.73 19.59 -1.99
CA UNK B 91 58.33 20.01 -1.98
C UNK B 91 57.53 19.12 -2.92
N UNK B 92 56.40 18.60 -2.44
CA UNK B 92 55.60 17.71 -3.27
C UNK B 92 54.84 18.51 -4.31
N UNK B 93 54.97 18.15 -5.59
CA UNK B 93 54.52 18.95 -6.71
C UNK B 93 53.27 18.38 -7.38
N UNK B 94 52.82 19.04 -8.45
CA UNK B 94 51.68 18.62 -9.26
C UNK B 94 51.80 19.24 -10.64
N UNK B 95 51.85 18.42 -11.69
CA UNK B 95 52.48 18.83 -12.93
C UNK B 95 51.57 19.71 -13.79
N UNK B 96 51.99 19.97 -15.03
CA UNK B 96 51.23 20.74 -16.01
C UNK B 96 51.74 20.39 -17.40
N UNK B 97 50.83 20.05 -18.31
CA UNK B 97 51.15 19.28 -19.49
C UNK B 97 51.83 20.09 -20.59
N UNK B 98 52.67 19.41 -21.37
CA UNK B 98 52.87 19.74 -22.77
C UNK B 98 51.93 18.82 -23.53
N UNK B 99 51.81 18.99 -24.83
CA UNK B 99 50.68 18.39 -25.50
C UNK B 99 51.10 17.59 -26.73
N UNK B 100 50.29 16.60 -27.11
CA UNK B 100 50.46 15.92 -28.38
C UNK B 100 49.20 15.19 -28.83
N UNK B 101 48.61 15.53 -29.97
CA UNK B 101 47.56 14.69 -30.52
C UNK B 101 48.23 13.71 -31.47
N UNK B 102 48.45 12.48 -31.02
CA UNK B 102 48.96 11.49 -31.95
C UNK B 102 47.80 11.06 -32.82
N UNK B 103 47.78 11.52 -34.05
CA UNK B 103 46.56 11.50 -34.83
C UNK B 103 46.74 10.69 -36.09
N UNK B 104 46.66 9.39 -35.93
CA UNK B 104 46.43 8.49 -37.04
C UNK B 104 44.98 8.10 -37.11
N UNK B 105 44.37 7.89 -35.95
CA UNK B 105 42.93 7.95 -35.86
C UNK B 105 42.48 9.07 -34.93
N UNK B 106 42.75 8.96 -33.63
CA UNK B 106 42.74 10.03 -32.66
C UNK B 106 43.32 9.45 -31.38
N UNK B 107 44.36 10.03 -30.79
CA UNK B 107 44.69 9.72 -29.41
C UNK B 107 45.32 10.96 -28.84
N UNK B 108 44.70 11.54 -27.85
CA UNK B 108 45.13 12.84 -27.38
C UNK B 108 45.95 12.63 -26.11
N UNK B 109 47.26 12.58 -26.25
CA UNK B 109 48.14 12.37 -25.11
C UNK B 109 48.72 13.71 -24.72
N UNK B 110 48.24 14.29 -23.64
CA UNK B 110 48.94 15.40 -23.05
C UNK B 110 49.96 14.82 -22.08
N UNK B 111 51.24 15.09 -22.30
CA UNK B 111 52.31 14.49 -21.48
C UNK B 111 52.30 15.17 -20.10
N UNK B 112 51.23 14.91 -19.37
CA UNK B 112 50.90 15.62 -18.14
C UNK B 112 51.38 14.85 -16.93
N UNK B 113 51.02 13.63 -16.85
CA UNK B 113 51.42 12.80 -15.76
C UNK B 113 52.89 12.37 -15.84
N UNK B 114 53.73 12.93 -16.71
CA UNK B 114 54.98 12.33 -17.19
C UNK B 114 54.73 10.88 -17.61
N UNK B 115 53.55 10.65 -18.17
CA UNK B 115 53.06 9.34 -18.52
C UNK B 115 53.70 8.92 -19.84
N UNK B 116 53.36 7.75 -20.34
CA UNK B 116 54.06 7.37 -21.53
C UNK B 116 53.28 6.63 -22.60
N UNK B 117 52.15 6.02 -22.34
CA UNK B 117 51.75 4.91 -23.18
C UNK B 117 50.54 5.21 -24.05
N UNK B 118 50.50 4.59 -25.23
CA UNK B 118 49.28 4.54 -26.02
C UNK B 118 49.32 3.23 -26.79
N UNK B 119 48.61 2.25 -26.31
CA UNK B 119 48.73 0.89 -26.83
C UNK B 119 47.58 0.65 -27.80
N UNK B 120 47.92 0.29 -29.02
CA UNK B 120 47.02 -0.15 -30.09
C UNK B 120 46.12 0.97 -30.61
N UNK B 121 46.67 2.15 -30.83
CA UNK B 121 46.08 3.07 -31.80
C UNK B 121 46.19 2.43 -33.17
N UNK B 122 45.17 2.57 -33.98
CA UNK B 122 45.05 1.76 -35.20
C UNK B 122 45.42 2.59 -36.42
N UNK B 123 46.66 2.47 -36.87
CA UNK B 123 47.12 3.22 -38.04
C UNK B 123 46.60 2.53 -39.28
N UNK B 124 45.38 2.86 -39.67
CA UNK B 124 44.87 2.40 -40.96
C UNK B 124 45.62 3.07 -42.09
N UNK B 125 45.55 4.39 -42.15
CA UNK B 125 46.49 5.17 -42.93
C UNK B 125 47.77 5.31 -42.10
N UNK B 126 48.70 6.13 -42.54
CA UNK B 126 49.92 6.22 -41.75
C UNK B 126 49.71 7.19 -40.62
N UNK B 127 50.57 7.08 -39.62
CA UNK B 127 50.48 7.92 -38.45
C UNK B 127 51.20 9.22 -38.71
N UNK B 128 50.59 10.32 -38.32
CA UNK B 128 51.23 11.63 -38.34
C UNK B 128 50.99 12.22 -36.97
N UNK B 129 52.03 12.38 -36.17
CA UNK B 129 51.80 12.92 -34.85
C UNK B 129 51.75 14.42 -34.96
N UNK B 130 50.75 15.06 -34.37
CA UNK B 130 50.65 16.50 -34.48
C UNK B 130 50.74 17.09 -33.08
N UNK B 131 51.84 17.71 -32.74
CA UNK B 131 51.92 18.38 -31.45
C UNK B 131 51.16 19.68 -31.53
N UNK B 132 50.47 20.06 -30.46
CA UNK B 132 49.50 21.14 -30.62
C UNK B 132 50.11 22.53 -30.50
N UNK B 133 50.54 22.95 -29.31
CA UNK B 133 50.75 24.40 -29.19
C UNK B 133 52.00 24.91 -28.53
N UNK B 134 52.30 24.40 -27.33
CA UNK B 134 53.27 24.98 -26.40
C UNK B 134 54.57 24.20 -26.43
N UNK B 135 54.95 23.83 -27.65
CA UNK B 135 56.27 23.43 -28.10
C UNK B 135 56.79 22.11 -27.56
N UNK B 136 56.18 21.01 -27.96
CA UNK B 136 56.90 19.76 -27.83
C UNK B 136 57.85 19.60 -29.01
N UNK B 137 58.59 18.50 -29.01
CA UNK B 137 59.30 18.06 -30.20
C UNK B 137 59.42 16.55 -30.06
N UNK B 138 58.76 15.81 -30.93
CA UNK B 138 58.95 14.38 -30.96
C UNK B 138 60.20 14.09 -31.76
N UNK B 139 61.11 13.28 -31.22
CA UNK B 139 62.30 12.88 -31.94
C UNK B 139 62.36 11.37 -31.81
N UNK B 140 61.99 10.67 -32.88
CA UNK B 140 61.78 9.22 -32.82
C UNK B 140 63.07 8.49 -32.50
N UNK B 141 62.95 7.35 -31.83
CA UNK B 141 64.12 6.63 -31.31
C UNK B 141 64.79 5.85 -32.42
N UNK B 142 65.67 4.94 -32.06
CA UNK B 142 66.71 4.50 -32.98
C UNK B 142 66.21 3.53 -34.05
N UNK B 143 65.75 2.34 -33.65
CA UNK B 143 65.52 1.28 -34.62
C UNK B 143 64.21 1.47 -35.37
N UNK B 144 63.99 0.61 -36.37
CA UNK B 144 62.76 0.50 -37.17
C UNK B 144 62.43 1.79 -37.92
N UNK B 145 63.27 2.07 -38.94
CA UNK B 145 63.37 3.40 -39.54
C UNK B 145 62.15 3.82 -40.33
N UNK B 146 61.25 4.53 -39.67
CA UNK B 146 60.42 5.53 -40.32
C UNK B 146 61.25 6.79 -40.54
N UNK B 147 60.68 7.84 -41.13
CA UNK B 147 61.46 9.06 -41.31
C UNK B 147 60.56 10.26 -41.23
N UNK B 148 60.88 11.21 -40.35
CA UNK B 148 59.99 12.30 -40.05
C UNK B 148 60.01 13.34 -41.16
N UNK B 149 58.97 14.18 -41.18
CA UNK B 149 58.92 15.38 -42.01
C UNK B 149 58.13 16.40 -41.21
N UNK B 150 58.78 17.47 -40.78
CA UNK B 150 58.30 18.27 -39.67
C UNK B 150 57.89 19.66 -40.11
N UNK B 151 56.63 20.01 -39.95
CA UNK B 151 56.20 21.38 -40.21
C UNK B 151 56.58 22.23 -39.01
N UNK B 152 57.83 22.66 -39.00
CA UNK B 152 58.37 23.34 -37.83
C UNK B 152 57.81 24.75 -37.72
N UNK B 153 57.48 25.15 -36.51
CA UNK B 153 56.96 26.48 -36.25
C UNK B 153 57.58 26.98 -34.96
N UNK B 154 58.72 27.66 -35.08
CA UNK B 154 59.67 27.89 -34.00
C UNK B 154 59.01 28.56 -32.80
N UNK B 155 59.48 28.19 -31.61
CA UNK B 155 58.85 28.62 -30.39
C UNK B 155 59.01 30.11 -30.22
N UNK B 156 57.91 30.81 -29.95
CA UNK B 156 57.89 32.26 -29.97
C UNK B 156 58.33 32.86 -28.66
N UNK B 157 59.15 32.14 -27.92
CA UNK B 157 59.99 32.74 -26.89
C UNK B 157 61.14 33.49 -27.56
N UNK B 158 62.08 33.94 -26.77
CA UNK B 158 63.00 34.96 -27.23
C UNK B 158 64.10 34.40 -28.11
N UNK B 159 65.11 35.23 -28.33
CA UNK B 159 66.18 35.03 -29.28
C UNK B 159 67.25 34.10 -28.78
N UNK B 160 68.42 34.20 -29.39
CA UNK B 160 69.65 33.78 -28.74
C UNK B 160 69.69 34.34 -27.34
N UNK B 161 69.69 33.42 -26.36
CA UNK B 161 69.65 33.78 -24.95
C UNK B 161 70.89 34.55 -24.57
N UNK B 162 70.71 35.55 -23.72
CA UNK B 162 71.62 36.68 -23.68
C UNK B 162 73.04 36.40 -23.21
N UNK B 163 73.25 36.16 -21.93
CA UNK B 163 74.63 36.02 -21.50
C UNK B 163 74.88 35.03 -20.38
N UNK B 164 73.85 34.44 -19.77
CA UNK B 164 74.08 33.66 -18.57
C UNK B 164 72.99 32.63 -18.36
N UNK B 165 76.10 26.07 -45.85
CA UNK B 165 74.77 25.82 -45.31
C UNK B 165 74.59 26.56 -44.01
N UNK B 166 74.50 27.87 -44.08
CA UNK B 166 74.40 28.71 -42.89
C UNK B 166 73.04 28.47 -42.25
N UNK B 167 73.02 27.65 -41.21
CA UNK B 167 71.76 27.29 -40.58
C UNK B 167 71.15 28.44 -39.79
N UNK B 168 71.95 29.44 -39.43
CA UNK B 168 71.50 30.68 -38.81
C UNK B 168 70.78 30.44 -37.49
N UNK B 169 71.56 30.01 -36.50
CA UNK B 169 71.14 29.74 -35.13
C UNK B 169 70.12 28.62 -35.04
N UNK B 170 70.08 27.78 -36.05
CA UNK B 170 69.84 26.36 -35.86
C UNK B 170 71.15 25.63 -35.68
N UNK B 171 72.26 26.31 -35.98
CA UNK B 171 73.57 25.77 -35.68
C UNK B 171 73.73 25.54 -34.20
N UNK B 172 73.14 26.41 -33.39
CA UNK B 172 73.17 26.18 -31.96
C UNK B 172 72.33 24.97 -31.58
N UNK B 173 71.25 24.70 -32.30
CA UNK B 173 70.46 23.52 -31.99
C UNK B 173 71.23 22.26 -32.31
N UNK B 174 71.83 22.21 -33.50
CA UNK B 174 72.67 21.08 -33.85
C UNK B 174 73.92 20.99 -33.01
N UNK B 175 74.29 22.06 -32.34
CA UNK B 175 75.33 21.94 -31.33
C UNK B 175 74.79 21.25 -30.10
N UNK B 176 73.82 21.88 -29.45
CA UNK B 176 73.45 21.48 -28.10
C UNK B 176 72.75 20.15 -28.06
N UNK B 177 72.14 19.72 -29.16
CA UNK B 177 71.69 18.34 -29.22
C UNK B 177 72.88 17.40 -29.20
N UNK B 178 73.84 17.65 -30.06
CA UNK B 178 75.01 16.79 -30.15
C UNK B 178 76.05 17.13 -29.11
N UNK B 179 75.70 17.87 -28.10
CA UNK B 179 76.55 17.97 -26.92
C UNK B 179 75.87 17.38 -25.71
N UNK B 180 74.56 17.49 -25.61
CA UNK B 180 73.85 16.83 -24.52
C UNK B 180 73.89 15.33 -24.68
N UNK B 181 73.84 14.86 -25.92
CA UNK B 181 73.88 13.42 -26.16
C UNK B 181 75.29 12.90 -26.27
N UNK B 182 76.28 13.66 -25.82
CA UNK B 182 77.65 13.16 -25.84
C UNK B 182 77.80 12.07 -24.80
N UNK B 183 78.63 11.08 -25.13
CA UNK B 183 78.94 10.03 -24.17
C UNK B 183 80.06 10.54 -23.28
N UNK B 184 79.90 10.33 -21.97
CA UNK B 184 80.80 10.83 -20.93
C UNK B 184 80.97 12.35 -21.04
N UNK B 185 79.88 13.04 -20.74
CA UNK B 185 79.88 14.49 -20.67
C UNK B 185 80.95 14.96 -19.71
N UNK B 186 81.53 16.13 -20.03
CA UNK B 186 82.82 16.59 -19.52
C UNK B 186 83.90 15.53 -19.78
N UNK B 187 84.15 15.35 -21.07
CA UNK B 187 85.34 14.66 -21.54
C UNK B 187 86.40 15.61 -22.09
N UNK B 188 86.03 16.86 -22.36
CA UNK B 188 86.87 18.01 -22.70
C UNK B 188 87.55 17.90 -24.07
N UNK B 189 87.43 16.78 -24.76
CA UNK B 189 87.93 16.68 -26.11
C UNK B 189 86.85 16.22 -27.05
N UNK B 190 85.70 15.81 -26.52
CA UNK B 190 84.53 15.63 -27.35
C UNK B 190 83.71 16.89 -27.41
N UNK B 191 83.83 17.73 -26.38
CA UNK B 191 83.18 19.03 -26.41
C UNK B 191 83.74 19.88 -27.54
N UNK B 192 85.04 19.79 -27.77
CA UNK B 192 85.62 20.50 -28.90
C UNK B 192 85.28 19.85 -30.22
N UNK B 193 84.86 18.60 -30.21
CA UNK B 193 84.30 18.03 -31.42
C UNK B 193 82.88 18.47 -31.65
N UNK B 194 82.16 18.81 -30.58
CA UNK B 194 80.78 19.26 -30.72
C UNK B 194 80.73 20.71 -31.16
N UNK B 195 81.37 21.59 -30.41
CA UNK B 195 81.36 23.02 -30.71
C UNK B 195 82.37 23.37 -31.80
N UNK B 196 82.21 22.71 -32.95
CA UNK B 196 83.22 22.73 -33.99
C UNK B 196 82.81 23.58 -35.18
N UNK B 197 81.71 24.30 -35.09
CA UNK B 197 81.39 25.29 -36.10
C UNK B 197 80.79 26.55 -35.50
N UNK B 198 80.66 26.62 -34.19
CA UNK B 198 80.11 27.81 -33.57
C UNK B 198 81.16 28.90 -33.53
N UNK B 199 80.71 30.13 -33.71
CA UNK B 199 81.61 31.26 -33.55
C UNK B 199 81.87 31.49 -32.07
N UNK B 200 82.87 32.33 -31.80
CA UNK B 200 83.39 32.48 -30.44
C UNK B 200 82.38 33.10 -29.49
N UNK B 201 81.44 33.89 -29.99
CA UNK B 201 80.34 34.33 -29.15
C UNK B 201 79.42 33.17 -28.82
N UNK B 202 79.18 32.30 -29.80
CA UNK B 202 78.21 31.24 -29.62
C UNK B 202 78.71 30.18 -28.66
N UNK B 203 80.03 30.03 -28.54
CA UNK B 203 80.60 29.07 -27.62
C UNK B 203 80.26 29.41 -26.19
N UNK B 204 80.07 30.68 -25.89
CA UNK B 204 79.72 31.10 -24.56
C UNK B 204 78.34 30.58 -24.16
N UNK B 205 77.33 30.86 -24.97
CA UNK B 205 75.98 30.45 -24.63
C UNK B 205 75.86 28.94 -24.66
N UNK B 206 76.55 28.27 -25.58
CA UNK B 206 76.45 26.81 -25.63
C UNK B 206 77.11 26.17 -24.43
N UNK B 207 78.35 26.57 -24.11
CA UNK B 207 79.04 26.00 -22.97
C UNK B 207 78.38 26.37 -21.65
N UNK B 208 77.80 27.56 -21.57
CA UNK B 208 77.15 27.96 -20.33
C UNK B 208 75.85 27.22 -20.13
N UNK B 209 75.09 27.01 -21.21
CA UNK B 209 73.87 26.22 -21.10
C UNK B 209 74.21 24.79 -20.75
N UNK B 210 75.33 24.26 -21.25
CA UNK B 210 75.77 22.94 -20.84
C UNK B 210 76.14 22.92 -19.37
N UNK B 211 76.77 23.98 -18.88
CA UNK B 211 77.21 24.01 -17.49
C UNK B 211 76.02 24.07 -16.55
N UNK B 212 75.10 25.00 -16.81
CA UNK B 212 73.93 25.10 -15.97
C UNK B 212 73.04 23.89 -16.11
N UNK B 213 73.02 23.26 -17.28
CA UNK B 213 72.18 22.09 -17.44
C UNK B 213 72.74 20.89 -16.70
N UNK B 214 74.05 20.71 -16.71
CA UNK B 214 74.60 19.59 -15.98
C UNK B 214 74.53 19.84 -14.48
N UNK B 215 74.62 21.10 -14.06
CA UNK B 215 74.43 21.39 -12.65
C UNK B 215 72.99 21.23 -12.23
N UNK B 216 72.04 21.43 -13.14
CA UNK B 216 70.67 21.09 -12.83
C UNK B 216 70.49 19.59 -12.78
N UNK B 217 71.17 18.87 -13.67
CA UNK B 217 70.97 17.43 -13.75
C UNK B 217 71.54 16.72 -12.55
N UNK B 218 72.66 17.20 -12.01
CA UNK B 218 73.18 16.59 -10.79
C UNK B 218 72.24 16.80 -9.62
N UNK B 219 71.63 17.98 -9.54
CA UNK B 219 70.65 18.23 -8.50
C UNK B 219 69.45 17.34 -8.68
N UNK B 220 69.02 17.11 -9.91
CA UNK B 220 67.85 16.29 -10.14
C UNK B 220 68.12 14.85 -9.82
N UNK B 221 69.26 14.33 -10.26
CA UNK B 221 69.54 12.94 -10.00
C UNK B 221 69.91 12.68 -8.56
N UNK B 222 70.36 13.69 -7.84
CA UNK B 222 70.54 13.41 -6.43
C UNK B 222 69.23 13.51 -5.67
N UNK B 223 68.40 14.50 -6.03
CA UNK B 223 67.14 14.64 -5.32
C UNK B 223 66.14 13.56 -5.68
N UNK B 224 66.33 12.87 -6.78
CA UNK B 224 65.50 11.70 -7.05
C UNK B 224 65.90 10.58 -6.11
N UNK B 225 67.16 10.21 -6.14
CA UNK B 225 67.63 9.07 -5.40
C UNK B 225 67.99 9.41 -3.97
N UNK B 226 67.50 10.52 -3.43
CA UNK B 226 67.83 10.82 -2.04
C UNK B 226 67.10 9.88 -1.10
N UNK B 227 65.80 9.72 -1.29
CA UNK B 227 65.01 8.84 -0.46
C UNK B 227 64.87 7.50 -1.19
N UNK B 228 65.97 6.73 -1.24
CA UNK B 228 66.00 5.63 -2.17
C UNK B 228 66.59 4.32 -1.70
N UNK B 229 66.82 4.13 -0.41
CA UNK B 229 67.24 2.88 0.22
C UNK B 229 68.58 2.36 -0.24
N UNK B 230 69.30 3.15 -0.95
CA UNK B 230 70.73 2.95 -1.15
C UNK B 230 71.48 4.21 -0.82
N UNK B 231 70.95 5.36 -1.15
CA UNK B 231 71.47 6.61 -0.65
C UNK B 231 70.73 7.05 0.58
N UNK B 232 69.86 6.21 1.11
CA UNK B 232 69.41 6.36 2.48
C UNK B 232 70.07 5.35 3.37
N UNK B 233 70.96 4.56 2.83
CA UNK B 233 71.63 3.56 3.63
C UNK B 233 73.11 3.75 3.68
N UNK B 234 73.74 4.12 2.57
CA UNK B 234 75.18 4.36 2.61
C UNK B 234 75.50 5.67 3.28
N UNK B 235 74.55 6.59 3.34
CA UNK B 235 74.69 7.85 4.04
C UNK B 235 73.98 7.78 5.37
N UNK B 236 74.14 6.65 6.06
CA UNK B 236 73.19 5.98 6.94
C UNK B 236 72.41 6.90 7.85
N UNK B 237 71.10 6.89 7.69
CA UNK B 237 70.24 7.73 8.49
C UNK B 237 69.98 7.04 9.81
N UNK B 238 69.05 7.56 10.58
CA UNK B 238 68.66 6.88 11.78
C UNK B 238 67.87 5.62 11.44
N UNK B 239 66.80 5.77 10.67
CA UNK B 239 66.02 4.66 10.16
C UNK B 239 66.54 4.27 8.77
N UNK B 240 66.11 3.10 8.27
CA UNK B 240 66.67 2.65 7.01
C UNK B 240 65.73 1.95 6.05
N UNK B 241 64.42 1.93 6.31
CA UNK B 241 63.38 1.58 5.32
C UNK B 241 63.53 0.16 4.79
N UNK B 242 63.23 -0.83 5.66
CA UNK B 242 63.65 -2.21 5.41
C UNK B 242 62.54 -3.25 5.46
N UNK B 243 61.30 -2.89 5.21
CA UNK B 243 60.28 -3.91 5.06
C UNK B 243 59.40 -3.58 3.87
N UNK B 244 60.07 -3.29 2.75
CA UNK B 244 59.38 -2.78 1.58
C UNK B 244 58.49 -3.83 0.94
N UNK B 245 58.89 -5.09 0.95
CA UNK B 245 58.36 -6.08 0.03
C UNK B 245 57.69 -7.22 0.76
N UNK B 246 56.35 -7.21 0.81
CA UNK B 246 55.60 -8.35 1.37
C UNK B 246 54.22 -8.40 0.71
N UNK B 247 54.07 -9.21 -0.33
CA UNK B 247 52.86 -9.15 -1.17
C UNK B 247 52.66 -10.47 -1.92
N UNK B 248 51.82 -10.42 -2.95
CA UNK B 248 51.25 -11.61 -3.59
C UNK B 248 51.86 -11.90 -4.95
N UNK B 249 52.15 -13.17 -5.19
CA UNK B 249 52.62 -13.63 -6.48
C UNK B 249 51.45 -14.21 -7.24
N UNK B 250 50.62 -13.34 -7.77
CA UNK B 250 49.47 -13.78 -8.54
C UNK B 250 49.40 -12.97 -9.82
N UNK B 251 48.70 -13.52 -10.80
CA UNK B 251 48.80 -13.03 -12.17
C UNK B 251 48.15 -11.67 -12.33
N UNK B 252 48.89 -10.75 -12.94
CA UNK B 252 48.25 -9.54 -13.47
C UNK B 252 47.41 -9.94 -14.66
N UNK B 253 46.22 -9.39 -14.75
CA UNK B 253 45.23 -9.90 -15.68
C UNK B 253 45.53 -9.40 -17.09
N UNK B 254 45.81 -10.33 -18.00
CA UNK B 254 46.09 -9.99 -19.38
C UNK B 254 44.84 -9.51 -20.07
N UNK B 255 45.03 -8.67 -21.07
CA UNK B 255 43.93 -8.19 -21.90
C UNK B 255 44.38 -8.33 -23.34
N UNK B 256 44.16 -9.51 -23.91
CA UNK B 256 44.63 -9.77 -25.27
C UNK B 256 43.77 -9.03 -26.27
N UNK B 257 44.41 -8.30 -27.19
CA UNK B 257 43.65 -7.30 -27.95
C UNK B 257 42.91 -7.91 -29.13
N UNK B 258 43.64 -8.32 -30.16
CA UNK B 258 43.02 -8.66 -31.44
C UNK B 258 44.05 -9.27 -32.39
N UNK B 259 43.70 -9.33 -33.68
CA UNK B 259 44.70 -9.38 -34.74
C UNK B 259 45.12 -7.99 -35.19
N UNK B 260 44.89 -6.97 -34.36
CA UNK B 260 45.43 -5.64 -34.56
C UNK B 260 46.85 -5.51 -34.08
N UNK B 261 47.45 -6.56 -33.53
CA UNK B 261 48.86 -6.52 -33.21
C UNK B 261 49.60 -6.99 -34.45
N UNK B 262 50.24 -6.06 -35.15
CA UNK B 262 50.81 -6.39 -36.44
C UNK B 262 52.05 -7.24 -36.29
N UNK B 263 52.30 -8.07 -37.29
CA UNK B 263 53.42 -9.00 -37.27
C UNK B 263 54.68 -8.25 -37.66
N UNK B 264 55.75 -8.97 -37.97
CA UNK B 264 57.02 -8.35 -38.33
C UNK B 264 57.47 -8.77 -39.70
N UNK B 265 56.53 -9.01 -40.62
CA UNK B 265 56.92 -9.47 -41.96
C UNK B 265 57.40 -8.30 -42.80
N UNK B 266 56.49 -7.39 -43.12
CA UNK B 266 56.79 -6.21 -43.90
C UNK B 266 55.66 -5.22 -43.64
N UNK B 267 55.51 -4.25 -44.52
CA UNK B 267 54.56 -3.17 -44.28
C UNK B 267 53.24 -3.35 -45.02
N UNK B 268 53.30 -3.50 -46.34
CA UNK B 268 52.25 -3.44 -47.36
C UNK B 268 51.76 -2.01 -47.58
N UNK B 269 52.24 -1.06 -46.77
CA UNK B 269 52.27 0.38 -47.07
C UNK B 269 50.91 1.00 -47.39
N UNK B 270 49.83 0.44 -46.84
CA UNK B 270 48.47 1.01 -46.82
C UNK B 270 47.94 1.29 -48.23
N UNK B 271 47.71 0.20 -48.96
CA UNK B 271 47.25 0.29 -50.33
C UNK B 271 45.82 0.81 -50.37
N UNK B 272 45.63 1.97 -50.97
CA UNK B 272 44.29 2.51 -51.19
C UNK B 272 43.94 2.47 -52.66
N UNK B 273 42.67 2.72 -52.95
CA UNK B 273 42.19 2.75 -54.31
C UNK B 273 42.80 3.92 -55.09
N UNK B 274 42.74 3.82 -56.41
CA UNK B 274 43.35 4.84 -57.26
C UNK B 274 42.46 6.08 -57.30
N UNK B 275 43.12 7.25 -57.33
CA UNK B 275 42.39 8.51 -57.24
C UNK B 275 41.53 8.75 -58.47
N UNK B 276 41.94 8.24 -59.62
CA UNK B 276 41.11 8.35 -60.81
C UNK B 276 39.85 7.52 -60.65
N UNK B 277 39.98 6.33 -60.08
CA UNK B 277 38.82 5.52 -59.78
C UNK B 277 37.92 6.21 -58.78
N UNK B 278 38.52 6.91 -57.82
CA UNK B 278 37.73 7.63 -56.83
C UNK B 278 36.95 8.77 -57.46
N UNK B 279 37.60 9.53 -58.33
CA UNK B 279 36.95 10.69 -58.93
C UNK B 279 35.85 10.26 -59.89
N UNK B 280 36.08 9.16 -60.60
CA UNK B 280 35.05 8.64 -61.48
C UNK B 280 33.87 8.14 -60.68
N UNK B 281 34.14 7.39 -59.61
CA UNK B 281 33.06 6.84 -58.80
C UNK B 281 32.33 7.91 -58.01
N UNK B 282 32.96 9.06 -57.79
CA UNK B 282 32.25 10.12 -57.10
C UNK B 282 31.41 10.94 -58.06
N UNK B 283 32.01 11.34 -59.18
CA UNK B 283 31.30 12.16 -60.16
C UNK B 283 30.14 11.41 -60.75
N UNK B 284 30.32 10.12 -61.04
CA UNK B 284 29.23 9.33 -61.58
C UNK B 284 28.13 9.17 -60.56
N UNK B 285 28.47 8.97 -59.28
CA UNK B 285 27.45 8.76 -58.28
C UNK B 285 26.62 10.02 -58.06
N UNK B 286 27.31 11.15 -57.92
CA UNK B 286 26.58 12.39 -57.70
C UNK B 286 25.77 12.78 -58.92
N UNK B 287 26.32 12.55 -60.12
CA UNK B 287 25.60 12.91 -61.33
C UNK B 287 24.41 12.01 -61.54
N UNK B 288 24.52 10.72 -61.23
CA UNK B 288 23.40 9.82 -61.40
C UNK B 288 22.31 10.12 -60.39
N UNK B 289 22.70 10.53 -59.18
CA UNK B 289 21.70 10.94 -58.20
C UNK B 289 21.01 12.23 -58.66
N UNK B 290 21.77 13.13 -59.27
CA UNK B 290 21.19 14.37 -59.78
C UNK B 290 20.21 14.10 -60.90
N UNK B 291 20.64 13.33 -61.89
CA UNK B 291 19.78 13.03 -63.03
C UNK B 291 18.66 12.10 -62.67
N UNK B 292 18.78 11.35 -61.57
CA UNK B 292 17.66 10.59 -61.09
C UNK B 292 16.63 11.46 -60.40
N UNK B 293 17.08 12.49 -59.68
CA UNK B 293 16.13 13.49 -59.18
C UNK B 293 15.44 14.20 -60.34
N UNK B 294 16.20 14.51 -61.40
CA UNK B 294 15.63 15.13 -62.58
C UNK B 294 14.70 14.19 -63.32
N UNK B 295 14.97 12.90 -63.26
CA UNK B 295 14.11 11.93 -63.94
C UNK B 295 12.83 11.68 -63.18
N UNK B 296 12.91 11.59 -61.85
CA UNK B 296 11.72 11.51 -61.03
C UNK B 296 10.88 12.76 -61.18
N UNK B 297 11.54 13.90 -61.36
CA UNK B 297 10.84 15.13 -61.68
C UNK B 297 10.32 15.15 -63.11
N UNK B 298 10.93 14.38 -64.01
CA UNK B 298 10.52 14.38 -65.41
C UNK B 298 9.18 13.70 -65.63
N UNK B 299 8.63 13.05 -64.61
CA UNK B 299 7.25 12.58 -64.67
C UNK B 299 6.32 13.76 -64.46
N UNK C 1 45.53 36.22 -1.57
CA UNK C 1 46.29 36.92 -0.55
C UNK C 1 47.77 36.64 -0.70
N UNK C 2 48.51 37.53 -1.36
CA UNK C 2 47.98 38.68 -2.07
C UNK C 2 48.30 38.49 -3.52
N UNK C 3 48.60 37.24 -3.84
CA UNK C 3 48.82 36.79 -5.19
C UNK C 3 47.63 36.06 -5.75
N UNK C 4 46.70 35.64 -4.91
CA UNK C 4 45.52 34.91 -5.37
C UNK C 4 44.34 35.83 -5.57
N UNK C 5 44.52 36.88 -6.35
CA UNK C 5 43.37 37.56 -6.94
C UNK C 5 43.19 36.99 -8.34
N UNK C 6 42.29 37.58 -9.14
CA UNK C 6 42.10 37.01 -10.48
C UNK C 6 41.75 38.13 -11.46
N UNK C 7 42.75 38.67 -12.10
CA UNK C 7 42.50 39.54 -13.23
C UNK C 7 41.96 38.70 -14.38
N UNK C 8 41.09 39.29 -15.15
CA UNK C 8 40.57 38.66 -16.36
C UNK C 8 41.35 39.22 -17.54
N UNK C 9 42.40 38.51 -17.94
CA UNK C 9 43.26 39.01 -19.00
C UNK C 9 42.51 38.95 -20.33
N UNK C 10 42.29 40.11 -20.94
CA UNK C 10 41.70 40.14 -22.28
C UNK C 10 42.80 39.92 -23.29
N UNK C 11 42.72 38.83 -24.03
CA UNK C 11 43.91 38.23 -24.62
C UNK C 11 44.49 39.13 -25.71
N UNK C 12 45.80 39.21 -25.74
CA UNK C 12 46.59 40.02 -26.66
C UNK C 12 47.44 39.09 -27.50
N UNK C 13 48.37 39.64 -28.27
CA UNK C 13 49.13 38.83 -29.21
C UNK C 13 50.20 37.98 -28.56
N UNK C 14 50.21 37.85 -27.24
CA UNK C 14 50.89 36.74 -26.58
C UNK C 14 49.92 35.61 -26.29
N UNK C 15 48.95 35.41 -27.17
CA UNK C 15 48.07 34.26 -27.14
C UNK C 15 48.10 33.50 -28.45
N UNK C 16 49.21 33.52 -29.15
CA UNK C 16 49.29 32.89 -30.46
C UNK C 16 49.32 31.39 -30.31
N UNK C 17 48.53 30.69 -31.11
CA UNK C 17 48.55 29.25 -30.95
C UNK C 17 48.20 28.58 -32.26
N UNK C 18 48.72 27.39 -32.45
CA UNK C 18 48.32 26.61 -33.59
C UNK C 18 46.89 26.16 -33.41
N UNK C 19 46.15 26.10 -34.51
CA UNK C 19 44.87 25.41 -34.55
C UNK C 19 45.07 24.26 -35.49
N UNK C 20 44.82 23.06 -35.03
CA UNK C 20 44.96 21.88 -35.86
C UNK C 20 43.57 21.39 -36.19
N UNK C 21 43.19 21.47 -37.45
CA UNK C 21 41.85 21.12 -37.89
C UNK C 21 42.00 19.96 -38.85
N UNK C 22 41.59 18.78 -38.43
CA UNK C 22 41.66 17.66 -39.35
C UNK C 22 40.44 17.67 -40.23
N UNK C 23 40.62 17.38 -41.49
CA UNK C 23 39.69 17.94 -42.46
C UNK C 23 38.82 16.96 -43.20
N UNK C 24 39.19 15.68 -43.27
CA UNK C 24 38.77 14.69 -44.26
C UNK C 24 39.21 15.02 -45.67
N UNK C 25 40.05 16.01 -45.85
CA UNK C 25 40.79 16.13 -47.09
C UNK C 25 42.18 16.67 -46.86
N UNK C 26 42.57 16.93 -45.62
CA UNK C 26 43.88 17.46 -45.25
C UNK C 26 43.97 17.38 -43.74
N UNK C 27 45.08 17.90 -43.19
CA UNK C 27 45.20 18.18 -41.78
C UNK C 27 45.70 19.59 -41.73
N UNK C 28 44.81 20.56 -41.79
CA UNK C 28 45.24 21.93 -41.90
C UNK C 28 45.74 22.38 -40.54
N UNK C 29 46.85 23.08 -40.51
CA UNK C 29 47.41 23.61 -39.27
C UNK C 29 47.61 25.11 -39.46
N UNK C 30 46.76 25.90 -38.81
CA UNK C 30 46.68 27.34 -39.04
C UNK C 30 47.06 28.06 -37.77
N UNK C 31 48.07 28.91 -37.82
CA UNK C 31 48.51 29.63 -36.63
C UNK C 31 47.62 30.84 -36.44
N UNK C 32 46.85 30.85 -35.35
CA UNK C 32 46.00 31.99 -35.06
C UNK C 32 46.79 33.00 -34.27
N UNK C 33 46.79 34.25 -34.73
CA UNK C 33 47.48 35.35 -34.06
C UNK C 33 46.54 36.53 -34.03
N UNK C 34 46.28 37.09 -32.85
CA UNK C 34 45.40 38.24 -32.72
C UNK C 34 46.09 39.47 -33.28
N UNK C 35 45.32 40.53 -33.52
CA UNK C 35 45.85 41.62 -34.33
C UNK C 35 45.77 42.95 -33.62
N UNK C 36 46.25 43.00 -32.41
CA UNK C 36 46.03 44.15 -31.54
C UNK C 36 47.11 45.19 -31.76
N UNK C 37 46.92 46.02 -32.79
CA UNK C 37 47.81 47.16 -33.11
C UNK C 37 49.27 46.73 -33.23
N UNK C 38 49.50 45.58 -33.89
CA UNK C 38 50.84 45.08 -34.10
C UNK C 38 51.49 46.01 -35.09
N UNK C 39 51.06 45.93 -36.28
CA UNK C 39 50.94 47.17 -37.01
C UNK C 39 49.59 47.26 -37.66
N UNK C 40 49.09 46.16 -38.22
CA UNK C 40 47.77 46.06 -38.84
C UNK C 40 47.49 44.64 -39.27
N UNK C 41 46.22 44.23 -39.21
CA UNK C 41 45.42 43.60 -40.25
C UNK C 41 44.15 43.09 -39.60
N UNK C 42 43.25 42.49 -40.34
CA UNK C 42 42.23 41.63 -39.73
C UNK C 42 41.88 40.54 -40.73
N UNK C 43 40.83 39.80 -40.44
CA UNK C 43 40.36 38.77 -41.36
C UNK C 43 38.91 38.46 -41.00
N UNK C 44 37.98 38.78 -41.87
CA UNK C 44 36.59 38.43 -41.61
C UNK C 44 36.26 37.08 -42.22
N UNK C 45 36.48 36.91 -43.51
CA UNK C 45 36.30 35.62 -44.15
C UNK C 45 37.62 35.28 -44.83
N UNK C 46 38.38 34.36 -44.25
CA UNK C 46 39.59 33.88 -44.90
C UNK C 46 39.18 32.62 -45.61
N UNK C 47 38.93 32.73 -46.90
CA UNK C 47 38.60 31.56 -47.71
C UNK C 47 39.88 30.95 -48.21
N UNK C 48 40.16 29.73 -47.78
CA UNK C 48 41.39 29.05 -48.17
C UNK C 48 41.11 28.43 -49.52
N UNK C 49 41.56 29.08 -50.60
CA UNK C 49 41.43 28.51 -51.93
C UNK C 49 42.51 27.46 -52.11
N UNK C 50 42.10 26.27 -52.50
CA UNK C 50 43.00 25.13 -52.59
C UNK C 50 43.52 25.06 -54.02
N UNK C 51 44.71 25.64 -54.24
CA UNK C 51 45.21 25.79 -55.60
C UNK C 51 45.62 24.46 -56.19
N UNK C 52 46.48 23.72 -55.50
CA UNK C 52 46.97 22.45 -56.03
C UNK C 52 45.91 21.36 -56.05
N UNK C 53 44.76 21.58 -55.44
CA UNK C 53 43.68 20.62 -55.55
C UNK C 53 43.13 20.60 -56.96
N UNK C 54 43.08 21.76 -57.59
CA UNK C 54 42.47 21.81 -58.91
C UNK C 54 43.34 21.14 -59.95
N UNK C 55 44.65 21.09 -59.75
CA UNK C 55 45.49 20.33 -60.69
C UNK C 55 45.28 18.85 -60.53
N UNK C 56 45.07 18.37 -59.30
CA UNK C 56 44.73 16.97 -59.13
C UNK C 56 43.33 16.68 -59.61
N UNK C 57 42.49 17.70 -59.76
CA UNK C 57 41.25 17.48 -60.46
C UNK C 57 41.48 17.44 -61.96
N UNK C 58 42.40 18.25 -62.45
CA UNK C 58 42.59 18.40 -63.89
C UNK C 58 43.24 17.16 -64.49
N UNK C 59 44.17 16.54 -63.77
CA UNK C 59 44.76 15.31 -64.27
C UNK C 59 43.74 14.19 -64.33
N UNK C 60 42.88 14.10 -63.31
CA UNK C 60 41.84 13.10 -63.32
C UNK C 60 40.73 13.42 -64.31
N UNK C 61 40.66 14.65 -64.77
CA UNK C 61 39.76 14.94 -65.88
C UNK C 61 40.40 14.65 -67.22
N UNK C 62 41.73 14.81 -67.32
CA UNK C 62 42.40 14.55 -68.58
C UNK C 62 42.51 13.07 -68.87
N UNK C 63 42.83 12.27 -67.86
CA UNK C 63 42.93 10.83 -68.07
C UNK C 63 41.57 10.20 -68.28
N UNK C 64 40.51 10.82 -67.81
CA UNK C 64 39.16 10.28 -68.03
C UNK C 64 38.49 10.89 -69.24
N UNK C 65 39.04 11.97 -69.81
CA UNK C 65 38.59 12.42 -71.11
C UNK C 65 39.24 11.64 -72.24
N UNK C 66 40.40 11.04 -71.98
CA UNK C 66 41.04 10.13 -72.92
C UNK C 66 40.64 8.69 -72.65
N UNK C 67 40.94 8.18 -71.46
CA UNK C 67 40.63 6.81 -71.12
C UNK C 67 39.43 6.72 -70.21
N UNK C 68 65.13 22.14 17.01
CA UNK C 68 65.37 22.90 15.80
C UNK C 68 64.18 22.77 14.89
N UNK C 69 63.30 21.83 15.21
CA UNK C 69 62.15 21.55 14.34
C UNK C 69 61.13 22.65 14.37
N UNK C 70 61.12 23.47 15.42
CA UNK C 70 60.39 24.72 15.38
C UNK C 70 61.31 25.88 15.10
N UNK C 71 62.55 25.60 14.71
CA UNK C 71 63.47 26.64 14.31
C UNK C 71 63.82 26.54 12.83
N UNK C 72 64.32 25.39 12.39
CA UNK C 72 64.84 25.27 11.04
C UNK C 72 63.72 25.31 10.03
N UNK C 73 62.57 24.72 10.37
CA UNK C 73 61.43 24.78 9.48
C UNK C 73 60.94 26.21 9.34
N UNK C 74 61.01 27.00 10.42
CA UNK C 74 60.57 28.38 10.35
C UNK C 74 61.53 29.22 9.53
N UNK C 75 62.83 28.98 9.67
CA UNK C 75 63.80 29.72 8.89
C UNK C 75 63.70 29.35 7.43
N UNK C 76 63.45 28.08 7.13
CA UNK C 76 63.30 27.68 5.74
C UNK C 76 62.00 28.18 5.18
N UNK C 77 60.97 28.31 6.01
CA UNK C 77 59.71 28.86 5.53
C UNK C 77 59.84 30.32 5.18
N UNK C 78 60.51 31.08 6.04
CA UNK C 78 60.72 32.49 5.74
C UNK C 78 61.67 32.66 4.57
N UNK C 79 62.68 31.80 4.42
CA UNK C 79 63.57 31.92 3.28
C UNK C 79 62.89 31.48 2.01
N UNK C 80 61.94 30.56 2.11
CA UNK C 80 61.19 30.15 0.94
C UNK C 80 60.28 31.26 0.47
N UNK C 81 59.49 31.83 1.38
CA UNK C 81 58.63 32.94 0.98
C UNK C 81 59.44 34.19 0.66
N UNK C 82 60.67 34.28 1.14
CA UNK C 82 61.54 35.39 0.82
C UNK C 82 62.17 35.28 -0.54
N UNK C 83 62.57 34.09 -0.95
CA UNK C 83 63.02 33.93 -2.31
C UNK C 83 61.85 33.85 -3.26
N UNK C 84 60.67 33.49 -2.78
CA UNK C 84 59.52 33.39 -3.64
C UNK C 84 58.97 34.74 -4.04
N UNK C 85 59.32 35.80 -3.32
CA UNK C 85 59.19 37.14 -3.87
C UNK C 85 60.48 37.48 -4.62
N UNK C 86 60.66 36.79 -5.74
CA UNK C 86 61.84 36.96 -6.57
C UNK C 86 61.76 38.30 -7.27
N UNK C 87 60.80 38.44 -8.18
CA UNK C 87 60.46 39.71 -8.81
C UNK C 87 59.13 39.58 -9.54
N UNK C 88 58.18 40.47 -9.23
CA UNK C 88 56.87 40.53 -9.88
C UNK C 88 56.13 39.20 -9.74
N UNK C 89 55.73 38.91 -8.50
CA UNK C 89 55.05 37.66 -8.18
C UNK C 89 53.76 37.51 -8.97
N UNK C 90 53.35 36.28 -9.19
CA UNK C 90 52.36 35.97 -10.22
C UNK C 90 50.94 36.01 -9.66
N UNK C 91 50.03 36.61 -10.42
CA UNK C 91 48.60 36.60 -10.11
C UNK C 91 47.90 35.57 -10.99
N UNK C 92 47.10 34.71 -10.39
CA UNK C 92 46.42 33.67 -11.15
C UNK C 92 45.27 34.27 -11.93
N UNK C 93 45.24 34.03 -13.24
CA UNK C 93 44.34 34.73 -14.15
C UNK C 93 43.20 33.85 -14.66
N UNK C 94 42.37 34.42 -15.54
CA UNK C 94 41.24 33.71 -16.17
C UNK C 94 40.89 34.42 -17.47
N UNK C 95 40.96 33.72 -18.60
CA UNK C 95 41.17 34.37 -19.89
C UNK C 95 39.89 35.00 -20.45
N UNK C 96 39.96 35.45 -21.70
CA UNK C 96 38.82 36.01 -22.43
C UNK C 96 39.11 35.91 -23.92
N UNK C 97 38.17 35.37 -24.68
CA UNK C 97 38.42 34.81 -25.99
C UNK C 97 38.62 35.84 -27.08
N UNK C 98 39.42 35.50 -28.08
CA UNK C 98 39.23 35.95 -29.44
C UNK C 98 38.45 34.85 -30.13
N UNK C 99 38.03 35.06 -31.36
CA UNK C 99 36.99 34.17 -31.87
C UNK C 99 37.36 33.62 -33.24
N UNK C 100 36.79 32.45 -33.59
CA UNK C 100 36.89 31.93 -34.95
C UNK C 100 35.81 30.89 -35.24
N UNK C 101 34.93 31.11 -36.20
CA UNK C 101 34.06 30.02 -36.64
C UNK C 101 34.77 29.35 -37.81
N UNK C 102 35.41 28.21 -37.57
CA UNK C 102 35.99 27.47 -38.68
C UNK C 102 34.83 26.78 -39.36
N UNK C 103 34.43 27.29 -40.51
CA UNK C 103 33.12 26.95 -41.06
C UNK C 103 33.27 26.30 -42.40
N UNK C 104 33.59 25.03 -42.39
CA UNK C 104 33.39 24.17 -43.55
C UNK C 104 32.14 23.38 -43.40
N UNK C 105 31.86 22.92 -42.19
CA UNK C 105 30.51 22.53 -41.82
C UNK C 105 29.98 23.41 -40.71
N UNK C 106 30.53 23.31 -39.50
CA UNK C 106 30.42 24.27 -38.41
C UNK C 106 31.39 23.81 -37.33
N UNK C 107 32.33 24.64 -36.90
CA UNK C 107 33.01 24.36 -35.64
C UNK C 107 33.37 25.70 -35.05
N UNK C 108 32.84 26.01 -33.89
CA UNK C 108 32.97 27.35 -33.35
C UNK C 108 34.06 27.32 -32.30
N UNK C 109 35.27 27.66 -32.68
CA UNK C 109 36.39 27.67 -31.75
C UNK C 109 36.64 29.09 -31.32
N UNK C 110 36.24 29.43 -30.10
CA UNK C 110 36.72 30.67 -29.52
C UNK C 110 38.03 30.36 -28.82
N UNK C 111 39.12 31.01 -29.24
CA UNK C 111 40.45 30.71 -28.70
C UNK C 111 40.55 31.27 -27.29
N UNK C 112 39.77 30.66 -26.40
CA UNK C 112 39.51 31.17 -25.06
C UNK C 112 40.43 30.50 -24.06
N UNK C 113 40.46 29.22 -24.06
CA UNK C 113 41.29 28.50 -23.17
C UNK C 113 42.76 28.53 -23.56
N UNK C 114 43.22 29.37 -24.51
CA UNK C 114 44.46 29.19 -25.26
C UNK C 114 44.56 27.77 -25.79
N UNK C 115 43.40 27.23 -26.17
CA UNK C 115 43.22 25.85 -26.57
C UNK C 115 43.66 25.73 -28.02
N UNK C 116 43.56 24.55 -28.59
CA UNK C 116 44.08 24.47 -29.92
C UNK C 116 43.35 23.60 -30.91
N UNK C 117 42.52 22.66 -30.52
CA UNK C 117 42.28 21.52 -31.41
C UNK C 117 40.89 21.50 -32.01
N UNK C 118 40.77 20.97 -33.22
CA UNK C 118 39.47 20.61 -33.78
C UNK C 118 39.73 19.43 -34.69
N UNK C 119 39.43 18.23 -34.21
CA UNK C 119 39.82 17.02 -34.90
C UNK C 119 38.61 16.49 -35.66
N UNK C 120 38.78 16.33 -36.97
CA UNK C 120 37.83 15.71 -37.90
C UNK C 120 36.56 16.53 -38.11
N UNK C 121 36.70 17.84 -38.28
CA UNK C 121 35.68 18.58 -39.01
C UNK C 121 35.69 18.10 -40.44
N UNK C 122 34.52 17.97 -41.04
CA UNK C 122 34.39 17.25 -42.30
C UNK C 122 34.24 18.22 -43.46
N UNK C 123 35.34 18.50 -44.14
CA UNK C 123 35.32 19.42 -45.27
C UNK C 123 34.77 18.69 -46.48
N UNK C 124 33.44 18.66 -46.59
CA UNK C 124 32.83 18.15 -47.81
C UNK C 124 33.12 19.08 -48.97
N UNK C 125 32.66 20.32 -48.86
CA UNK C 125 33.17 21.39 -49.70
C UNK C 125 34.49 21.86 -49.11
N UNK C 126 35.05 22.94 -49.62
CA UNK C 126 36.31 23.35 -49.06
C UNK C 126 36.10 24.14 -47.79
N UNK C 127 37.14 24.23 -46.99
CA UNK C 127 37.06 24.94 -45.72
C UNK C 127 37.31 26.41 -45.97
N UNK C 128 36.51 27.24 -45.34
CA UNK C 128 36.74 28.68 -45.31
C UNK C 128 36.64 29.09 -43.87
N UNK C 129 37.73 29.50 -43.25
CA UNK C 129 37.64 29.86 -41.86
C UNK C 129 37.15 31.29 -41.77
N UNK C 130 36.15 31.56 -40.94
CA UNK C 130 35.63 32.92 -40.85
C UNK C 130 35.83 33.41 -39.44
N UNK C 131 36.76 34.32 -39.24
CA UNK C 131 36.92 34.89 -37.91
C UNK C 131 35.82 35.92 -37.70
N UNK C 132 35.29 36.00 -36.48
CA UNK C 132 34.05 36.75 -36.33
C UNK C 132 34.26 38.25 -36.16
N UNK C 133 34.78 38.71 -35.02
CA UNK C 133 34.59 40.14 -34.78
C UNK C 133 35.76 40.96 -34.29
N UNK C 134 36.43 40.50 -33.23
CA UNK C 134 37.38 41.28 -32.44
C UNK C 134 38.82 40.94 -32.80
N UNK C 135 39.00 40.77 -34.11
CA UNK C 135 40.27 40.81 -34.82
C UNK C 135 41.24 39.68 -34.55
N UNK C 136 40.89 38.47 -34.95
CA UNK C 136 41.94 37.49 -35.12
C UNK C 136 42.63 37.70 -36.46
N UNK C 137 43.63 36.88 -36.72
CA UNK C 137 44.18 36.72 -38.07
C UNK C 137 44.75 35.32 -38.14
N UNK C 138 44.15 34.48 -38.95
CA UNK C 138 44.73 33.17 -39.18
C UNK C 138 45.82 33.32 -40.22
N UNK C 139 47.01 32.79 -39.96
CA UNK C 139 48.09 32.81 -40.93
C UNK C 139 48.59 31.39 -40.99
N UNK C 140 48.22 30.66 -42.04
CA UNK C 140 48.45 29.22 -42.12
C UNK C 140 49.93 28.89 -42.13
N UNK C 141 50.27 27.73 -41.60
CA UNK C 141 51.68 27.37 -41.39
C UNK C 141 52.29 26.88 -42.68
N UNK C 142 53.46 26.27 -42.60
CA UNK C 142 54.36 26.21 -43.74
C UNK C 142 53.95 25.20 -44.81
N UNK C 143 53.94 23.92 -44.47
CA UNK C 143 53.82 22.90 -45.51
C UNK C 143 52.37 22.73 -45.98
N UNK C 144 52.21 21.90 -47.02
CA UNK C 144 50.92 21.46 -47.58
C UNK C 144 50.09 22.66 -48.11
N UNK C 145 50.58 23.23 -49.22
CA UNK C 145 50.18 24.56 -49.66
C UNK C 145 48.74 24.65 -50.17
N UNK C 146 47.84 25.01 -49.27
CA UNK C 146 46.64 25.75 -49.64
C UNK C 146 47.03 27.22 -49.86
N UNK C 147 46.07 28.07 -50.20
CA UNK C 147 46.43 29.48 -50.37
C UNK C 147 45.26 30.36 -49.99
N UNK C 148 45.47 31.30 -49.07
CA UNK C 148 44.39 32.05 -48.49
C UNK C 148 43.88 33.12 -49.46
N UNK C 149 42.67 33.61 -49.19
CA UNK C 149 42.12 34.78 -49.84
C UNK C 149 41.26 35.47 -48.79
N UNK C 150 41.65 36.66 -48.37
CA UNK C 150 41.21 37.21 -47.10
C UNK C 150 40.35 38.43 -47.30
N UNK C 151 39.09 38.38 -46.86
CA UNK C 151 38.24 39.57 -46.88
C UNK C 151 38.61 40.43 -45.68
N UNK C 152 39.67 41.21 -45.84
CA UNK C 152 40.22 41.95 -44.72
C UNK C 152 39.33 43.11 -44.34
N UNK C 153 39.16 43.33 -43.04
CA UNK C 153 38.34 44.42 -42.55
C UNK C 153 39.07 44.99 -41.34
N UNK C 154 39.91 45.99 -41.58
CA UNK C 154 40.96 46.44 -40.66
C UNK C 154 40.41 46.79 -39.30
N UNK C 155 41.20 46.52 -38.27
CA UNK C 155 40.74 46.66 -36.91
C UNK C 155 40.51 48.13 -36.59
N UNK C 156 39.34 48.44 -36.05
CA UNK C 156 38.90 49.82 -35.89
C UNK C 156 39.42 50.44 -34.62
N UNK C 157 40.55 49.96 -34.13
CA UNK C 157 41.37 50.71 -33.20
C UNK C 157 42.10 51.81 -33.98
N UNK C 158 43.03 52.48 -33.33
CA UNK C 158 43.50 53.76 -33.82
C UNK C 158 44.51 53.60 -34.95
N UNK C 159 45.17 54.71 -35.24
CA UNK C 159 46.03 54.90 -36.40
C UNK C 159 47.40 54.29 -36.21
N UNK C 160 48.34 54.78 -37.00
CA UNK C 160 49.75 54.72 -36.64
C UNK C 160 49.92 55.17 -35.21
N UNK C 161 50.37 54.24 -34.37
CA UNK C 161 50.53 54.48 -32.95
C UNK C 161 51.56 55.56 -32.71
N UNK C 162 51.29 56.41 -31.73
CA UNK C 162 51.83 57.76 -31.71
C UNK C 162 53.33 57.89 -31.56
N UNK C 163 53.87 57.66 -30.36
CA UNK C 163 55.29 57.90 -30.21
C UNK C 163 56.03 56.96 -29.28
N UNK C 164 55.37 56.08 -28.57
CA UNK C 164 56.04 55.32 -27.53
C UNK C 164 55.36 54.00 -27.25
N UNK C 165 54.40 50.34 -55.43
CA UNK C 165 53.32 49.68 -54.71
C UNK C 165 53.23 50.24 -53.30
N UNK C 166 52.76 51.48 -53.20
CA UNK C 166 52.67 52.16 -51.92
C UNK C 166 51.60 51.49 -51.09
N UNK C 167 52.03 50.64 -50.16
CA UNK C 167 51.08 49.88 -49.37
C UNK C 167 50.35 50.74 -48.34
N UNK C 168 50.89 51.92 -48.01
CA UNK C 168 50.24 52.94 -47.17
C UNK C 168 49.92 52.40 -45.78
N UNK C 169 50.98 52.17 -45.01
CA UNK C 169 50.95 51.71 -43.63
C UNK C 169 50.33 50.33 -43.50
N UNK C 170 50.32 49.57 -44.58
CA UNK C 170 50.53 48.14 -44.50
C UNK C 170 51.99 47.82 -44.66
N UNK C 171 52.79 48.82 -45.08
CA UNK C 171 54.22 48.69 -45.08
C UNK C 171 54.75 48.42 -43.69
N UNK C 172 54.12 49.04 -42.69
CA UNK C 172 54.51 48.74 -41.33
C UNK C 172 54.14 47.30 -40.95
N UNK C 173 53.06 46.77 -41.49
CA UNK C 173 52.72 45.38 -41.19
C UNK C 173 53.73 44.44 -41.78
N UNK C 174 54.06 44.66 -43.06
CA UNK C 174 55.08 43.84 -43.70
C UNK C 174 56.46 44.08 -43.12
N UNK C 175 56.64 45.17 -42.39
CA UNK C 175 57.86 45.30 -41.62
C UNK C 175 57.81 44.41 -40.39
N UNK C 176 56.85 44.67 -39.51
CA UNK C 176 56.90 44.11 -38.18
C UNK C 176 56.63 42.63 -38.17
N UNK C 177 55.95 42.10 -39.17
CA UNK C 177 55.91 40.65 -39.32
C UNK C 177 57.28 40.12 -39.63
N UNK C 178 57.95 40.70 -40.62
CA UNK C 178 59.26 40.24 -41.02
C UNK C 178 60.36 40.79 -40.15
N UNK C 179 60.03 41.36 -39.01
CA UNK C 179 61.04 41.62 -38.00
C UNK C 179 60.83 40.78 -36.77
N UNK C 180 59.59 40.49 -36.42
CA UNK C 180 59.34 39.59 -35.31
C UNK C 180 59.76 38.18 -35.65
N UNK C 181 59.60 37.78 -36.90
CA UNK C 181 59.98 36.45 -37.32
C UNK C 181 61.43 36.38 -37.75
N UNK C 182 62.23 37.37 -37.40
CA UNK C 182 63.65 37.31 -37.72
C UNK C 182 64.32 36.26 -36.87
N UNK C 183 65.30 35.58 -37.45
CA UNK C 183 66.09 34.63 -36.70
C UNK C 183 67.19 35.38 -35.97
N UNK C 184 67.36 35.06 -34.68
CA UNK C 184 68.28 35.75 -33.77
C UNK C 184 68.00 37.24 -33.74
N UNK C 185 66.84 37.55 -33.16
CA UNK C 185 66.45 38.93 -32.92
C UNK C 185 67.51 39.64 -32.12
N UNK C 186 67.65 40.94 -32.40
CA UNK C 186 68.84 41.74 -32.08
C UNK C 186 70.10 41.08 -32.65
N UNK C 187 70.12 41.06 -33.98
CA UNK C 187 71.33 40.78 -34.74
C UNK C 187 71.93 42.04 -35.35
N UNK C 188 71.19 43.14 -35.40
CA UNK C 188 71.57 44.50 -35.76
C UNK C 188 71.97 44.68 -37.22
N UNK C 189 72.01 43.63 -38.00
CA UNK C 189 72.22 43.76 -39.42
C UNK C 189 71.15 43.04 -40.20
N UNK C 190 70.31 42.28 -39.53
CA UNK C 190 69.09 41.82 -40.14
C UNK C 190 67.95 42.78 -39.90
N UNK C 191 68.04 43.55 -38.83
CA UNK C 191 67.06 44.59 -38.58
C UNK C 191 67.11 45.63 -39.69
N UNK C 192 68.30 45.96 -40.15
CA UNK C 192 68.41 46.87 -41.28
C UNK C 192 67.99 46.22 -42.58
N UNK C 193 67.95 44.92 -42.65
CA UNK C 193 67.35 44.28 -43.80
C UNK C 193 65.84 44.28 -43.70
N UNK C 194 65.30 44.33 -42.50
CA UNK C 194 63.84 44.35 -42.32
C UNK C 194 63.30 45.74 -42.58
N UNK C 195 63.81 46.72 -41.86
CA UNK C 195 63.33 48.11 -41.96
C UNK C 195 63.96 48.79 -43.18
N UNK C 196 63.75 48.21 -44.35
CA UNK C 196 64.47 48.58 -45.55
C UNK C 196 63.60 49.34 -46.53
N UNK C 197 62.39 49.69 -46.17
CA UNK C 197 61.60 50.61 -46.96
C UNK C 197 60.81 51.58 -46.13
N UNK C 198 60.94 51.54 -44.81
CA UNK C 198 60.21 52.46 -43.96
C UNK C 198 60.89 53.81 -44.00
N UNK C 199 60.09 54.87 -43.94
CA UNK C 199 60.65 56.19 -43.81
C UNK C 199 61.14 56.41 -42.38
N UNK C 200 61.90 57.48 -42.19
CA UNK C 200 62.61 57.71 -40.95
C UNK C 200 61.70 57.93 -39.76
N UNK C 201 60.49 58.44 -39.99
CA UNK C 201 59.52 58.48 -38.92
C UNK C 201 59.05 57.07 -38.57
N UNK C 202 58.87 56.23 -39.58
CA UNK C 202 58.30 54.91 -39.37
C UNK C 202 59.27 54.01 -38.63
N UNK C 203 60.57 54.26 -38.78
CA UNK C 203 61.57 53.45 -38.10
C UNK C 203 61.44 53.58 -36.60
N UNK C 204 60.97 54.72 -36.13
CA UNK C 204 60.80 54.93 -34.70
C UNK C 204 59.74 54.01 -34.13
N UNK C 205 58.54 54.02 -34.70
CA UNK C 205 57.47 53.19 -34.18
C UNK C 205 57.77 51.72 -34.36
N UNK C 206 58.43 51.35 -35.47
CA UNK C 206 58.73 49.94 -35.67
C UNK C 206 59.79 49.45 -34.69
N UNK C 207 60.89 50.18 -34.55
CA UNK C 207 61.94 49.77 -33.64
C UNK C 207 61.49 49.86 -32.20
N UNK C 208 60.63 50.80 -31.87
CA UNK C 208 60.16 50.92 -30.50
C UNK C 208 59.19 49.81 -30.15
N UNK C 209 58.32 49.45 -31.09
CA UNK C 209 57.42 48.33 -30.85
C UNK C 209 58.21 47.04 -30.74
N UNK C 210 59.31 46.91 -31.50
CA UNK C 210 60.18 45.76 -31.33
C UNK C 210 60.83 45.76 -29.97
N UNK C 211 61.23 46.93 -29.48
CA UNK C 211 61.92 47.01 -28.21
C UNK C 211 61.00 46.65 -27.06
N UNK C 212 59.81 47.27 -27.04
CA UNK C 212 58.86 46.96 -25.99
C UNK C 212 58.33 45.55 -26.11
N UNK C 213 58.26 45.02 -27.32
CA UNK C 213 57.76 43.67 -27.47
C UNK C 213 58.77 42.65 -26.98
N UNK C 214 60.05 42.86 -27.26
CA UNK C 214 61.04 41.92 -26.77
C UNK C 214 61.21 42.05 -25.27
N UNK C 215 61.03 43.26 -24.73
CA UNK C 215 61.07 43.40 -23.28
C UNK C 215 59.86 42.78 -22.63
N UNK C 216 58.72 42.74 -23.32
CA UNK C 216 57.60 41.98 -22.81
C UNK C 216 57.86 40.49 -22.91
N UNK C 217 58.52 40.07 -23.98
CA UNK C 217 58.71 38.65 -24.20
C UNK C 217 59.70 38.06 -23.21
N UNK C 218 60.72 38.82 -22.83
CA UNK C 218 61.64 38.32 -21.81
C UNK C 218 60.94 38.18 -20.47
N UNK C 219 60.05 39.11 -20.16
CA UNK C 219 59.29 38.99 -18.92
C UNK C 219 58.37 37.79 -18.98
N UNK C 220 57.78 37.52 -20.13
CA UNK C 220 56.86 36.41 -20.24
C UNK C 220 57.59 35.09 -20.15
N UNK C 221 58.71 34.96 -20.85
CA UNK C 221 59.43 33.71 -20.81
C UNK C 221 60.14 33.48 -19.50
N UNK C 222 60.43 34.53 -18.76
CA UNK C 222 60.97 34.25 -17.45
C UNK C 222 59.87 33.91 -16.46
N UNK C 223 58.74 34.61 -16.54
CA UNK C 223 57.67 34.34 -15.60
C UNK C 223 56.96 33.03 -15.90
N UNK C 224 57.10 32.49 -17.11
CA UNK C 224 56.60 31.14 -17.34
C UNK C 224 57.48 30.13 -16.64
N UNK C 225 58.76 30.17 -16.94
CA UNK C 225 59.69 29.18 -16.43
C UNK C 225 60.23 29.51 -15.07
N UNK C 226 59.57 30.41 -14.32
CA UNK C 226 60.07 30.70 -12.98
C UNK C 226 59.86 29.52 -12.05
N UNK C 227 58.65 29.00 -12.02
CA UNK C 227 58.32 27.88 -11.17
C UNK C 227 58.42 26.60 -12.01
N UNK C 228 59.64 26.21 -12.34
CA UNK C 228 59.79 25.21 -13.40
C UNK C 228 60.83 24.12 -13.20
N UNK C 229 61.36 23.94 -12.00
CA UNK C 229 62.24 22.82 -11.61
C UNK C 229 63.53 22.76 -12.38
N UNK C 230 63.85 23.77 -13.11
CA UNK C 230 65.18 24.01 -13.57
C UNK C 230 65.61 25.42 -13.24
N UNK C 231 64.72 26.39 -13.34
CA UNK C 231 64.96 27.69 -12.79
C UNK C 231 64.39 27.82 -11.41
N UNK C 232 63.93 26.72 -10.83
CA UNK C 232 63.75 26.65 -9.39
C UNK C 232 64.84 25.83 -8.76
N UNK C 233 65.79 25.39 -9.54
CA UNK C 233 66.86 24.58 -9.00
C UNK C 233 68.22 25.22 -9.20
N UNK C 234 68.46 25.81 -10.35
CA UNK C 234 69.74 26.47 -10.55
C UNK C 234 69.82 27.77 -9.80
N UNK C 235 68.69 28.36 -9.46
CA UNK C 235 68.61 29.56 -8.64
C UNK C 235 68.24 29.20 -7.23
N UNK C 236 68.86 28.13 -6.73
CA UNK C 236 68.34 27.16 -5.77
C UNK C 236 67.54 27.75 -4.62
N UNK C 237 66.27 27.36 -4.55
CA UNK C 237 65.39 27.85 -3.51
C UNK C 237 65.63 27.03 -2.26
N UNK C 238 64.77 27.21 -1.27
CA UNK C 238 64.84 26.35 -0.11
C UNK C 238 64.39 24.95 -0.46
N UNK C 239 63.19 24.82 -0.99
CA UNK C 239 62.67 23.56 -1.48
C UNK C 239 62.96 23.42 -2.97
N UNK C 240 62.79 22.21 -3.53
CA UNK C 240 63.19 22.03 -4.92
C UNK C 240 62.29 21.14 -5.76
N UNK C 241 61.11 20.71 -5.27
CA UNK C 241 60.04 20.13 -6.09
C UNK C 241 60.48 18.84 -6.81
N UNK C 242 60.65 17.77 -6.02
CA UNK C 242 61.38 16.60 -6.50
C UNK C 242 60.65 15.27 -6.37
N UNK C 243 59.34 15.25 -6.35
CA UNK C 243 58.63 13.98 -6.43
C UNK C 243 57.48 14.10 -7.40
N UNK C 244 57.78 14.64 -8.57
CA UNK C 244 56.75 15.00 -9.54
C UNK C 244 56.08 13.77 -10.13
N UNK C 245 56.81 12.69 -10.34
CA UNK C 245 56.40 11.65 -11.26
C UNK C 245 56.24 10.31 -10.55
N UNK C 246 55.00 9.91 -10.27
CA UNK C 246 54.73 8.58 -9.73
C UNK C 246 53.31 8.16 -10.12
N UNK C 247 53.19 7.40 -11.21
CA UNK C 247 51.86 7.14 -11.79
C UNK C 247 51.90 5.87 -12.65
N UNK C 248 50.87 5.72 -13.51
CA UNK C 248 50.55 4.47 -14.15
C UNK C 248 50.92 4.46 -15.63
N UNK C 249 51.50 3.35 -16.07
CA UNK C 249 51.80 3.13 -17.47
C UNK C 249 50.71 2.27 -18.07
N UNK C 250 49.56 2.88 -18.33
CA UNK C 250 48.46 2.17 -18.93
C UNK C 250 47.90 2.99 -20.07
N UNK C 251 47.19 2.33 -20.97
CA UNK C 251 46.86 2.90 -22.26
C UNK C 251 45.84 4.01 -22.14
N UNK C 252 46.13 5.14 -22.76
CA UNK C 252 45.10 6.13 -23.01
C UNK C 252 44.17 5.58 -24.07
N UNK C 253 42.87 5.75 -23.87
CA UNK C 253 41.90 5.03 -24.67
C UNK C 253 41.75 5.67 -26.04
N UNK C 254 42.09 4.92 -27.08
CA UNK C 254 41.97 5.42 -28.45
C UNK C 254 40.52 5.53 -28.84
N UNK C 255 40.25 6.45 -29.74
CA UNK C 255 38.91 6.63 -30.31
C UNK C 255 39.07 6.72 -31.81
N UNK C 256 39.07 5.57 -32.47
CA UNK C 256 39.31 5.54 -33.90
C UNK C 256 38.09 6.06 -34.64
N UNK C 257 38.28 6.99 -35.56
CA UNK C 257 37.15 7.76 -36.05
C UNK C 257 36.37 7.03 -37.14
N UNK C 258 36.95 6.92 -38.33
CA UNK C 258 36.21 6.49 -39.51
C UNK C 258 37.14 6.26 -40.69
N UNK C 259 36.57 6.19 -41.89
CA UNK C 259 37.30 6.51 -43.11
C UNK C 259 37.20 7.99 -43.46
N UNK C 260 36.88 8.84 -42.48
CA UNK C 260 36.96 10.27 -42.63
C UNK C 260 38.36 10.79 -42.40
N UNK C 261 39.32 9.94 -42.10
CA UNK C 261 40.71 10.38 -42.04
C UNK C 261 41.27 10.23 -43.43
N UNK C 262 41.46 11.34 -44.12
CA UNK C 262 41.83 11.29 -45.53
C UNK C 262 43.26 10.84 -45.70
N UNK C 263 43.51 10.18 -46.83
CA UNK C 263 44.83 9.64 -47.12
C UNK C 263 45.72 10.76 -47.64
N UNK C 264 46.85 10.40 -48.22
CA UNK C 264 47.79 11.39 -48.72
C UNK C 264 48.06 11.21 -50.21
N UNK C 265 47.05 10.75 -50.96
CA UNK C 265 47.26 10.51 -52.38
C UNK C 265 47.21 11.83 -53.16
N UNK C 266 46.04 12.44 -53.20
CA UNK C 266 45.81 13.71 -53.87
C UNK C 266 44.53 14.30 -53.30
N UNK C 267 43.93 15.23 -54.02
CA UNK C 267 42.79 15.95 -53.48
C UNK C 267 41.45 15.43 -53.98
N UNK C 268 41.28 15.38 -55.31
CA UNK C 268 40.06 15.19 -56.09
C UNK C 268 39.15 16.42 -56.05
N UNK C 269 39.49 17.42 -55.24
CA UNK C 269 39.06 18.81 -55.36
C UNK C 269 37.55 19.01 -55.36
N UNK C 270 36.81 18.12 -54.69
CA UNK C 270 35.38 18.26 -54.35
C UNK C 270 34.51 18.45 -55.60
N UNK C 271 34.45 17.39 -56.40
CA UNK C 271 33.71 17.42 -57.65
C UNK C 271 32.21 17.48 -57.36
N UNK C 272 31.58 18.56 -57.77
CA UNK C 272 30.13 18.70 -57.68
C UNK C 272 29.51 18.64 -59.07
N UNK C 273 28.19 18.52 -59.09
CA UNK C 273 27.44 18.49 -60.32
C UNK C 273 27.53 19.82 -61.05
N UNK C 274 27.23 19.80 -62.34
CA UNK C 274 27.33 21.00 -63.15
C UNK C 274 26.14 21.92 -62.89
N UNK C 275 26.41 23.22 -62.91
CA UNK C 275 25.40 24.20 -62.53
C UNK C 275 24.27 24.24 -63.54
N UNK C 276 24.56 23.95 -64.81
CA UNK C 276 23.50 23.88 -65.80
C UNK C 276 22.59 22.70 -65.52
N UNK C 277 23.17 21.58 -65.12
CA UNK C 277 22.38 20.43 -64.72
C UNK C 277 21.54 20.77 -63.50
N UNK C 278 22.10 21.56 -62.58
CA UNK C 278 21.37 21.94 -61.38
C UNK C 278 20.18 22.82 -61.73
N UNK C 279 20.39 23.81 -62.61
CA UNK C 279 19.33 24.75 -62.94
C UNK C 279 18.23 24.06 -63.72
N UNK C 280 18.60 23.13 -64.59
CA UNK C 280 17.61 22.38 -65.32
C UNK C 280 16.81 21.50 -64.38
N UNK C 281 17.48 20.80 -63.48
CA UNK C 281 16.80 19.91 -62.57
C UNK C 281 15.98 20.67 -61.54
N UNK C 282 16.29 21.93 -61.29
CA UNK C 282 15.47 22.69 -60.35
C UNK C 282 14.26 23.27 -61.06
N UNK C 283 14.47 23.89 -62.21
CA UNK C 283 13.37 24.52 -62.93
C UNK C 283 12.37 23.50 -63.40
N UNK C 284 12.85 22.34 -63.85
CA UNK C 284 11.94 21.30 -64.28
C UNK C 284 11.16 20.75 -63.11
N UNK C 285 11.80 20.59 -61.95
CA UNK C 285 11.11 20.02 -60.80
C UNK C 285 10.05 20.96 -60.28
N UNK C 286 10.38 22.23 -60.14
CA UNK C 286 9.40 23.18 -59.65
C UNK C 286 8.29 23.38 -60.66
N UNK C 287 8.61 23.40 -61.95
CA UNK C 287 7.58 23.60 -62.96
C UNK C 287 6.66 22.40 -63.05
N UNK C 288 7.21 21.20 -62.92
CA UNK C 288 6.37 20.01 -62.99
C UNK C 288 5.49 19.90 -61.77
N UNK C 289 5.98 20.33 -60.61
CA UNK C 289 5.13 20.37 -59.43
C UNK C 289 4.03 21.41 -59.59
N UNK C 290 4.36 22.54 -60.22
CA UNK C 290 3.36 23.58 -60.46
C UNK C 290 2.29 23.10 -61.42
N UNK C 291 2.70 22.55 -62.56
CA UNK C 291 1.75 22.07 -63.55
C UNK C 291 1.03 20.83 -63.09
N UNK C 292 1.58 20.09 -62.14
CA UNK C 292 0.84 18.99 -61.55
C UNK C 292 -0.22 19.48 -60.58
N UNK C 293 0.06 20.56 -59.85
CA UNK C 293 -0.99 21.18 -59.08
C UNK C 293 -2.09 21.72 -60.00
N UNK C 294 -1.68 22.31 -61.11
CA UNK C 294 -2.65 22.81 -62.09
C UNK C 294 -3.40 21.67 -62.76
N UNK C 295 -2.78 20.51 -62.91
CA UNK C 295 -3.45 19.38 -63.54
C UNK C 295 -4.42 18.72 -62.58
N UNK C 296 -4.04 18.57 -61.32
CA UNK C 296 -4.97 18.09 -60.32
C UNK C 296 -6.13 19.04 -60.16
N UNK C 297 -5.87 20.34 -60.32
CA UNK C 297 -6.94 21.32 -60.36
C UNK C 297 -7.73 21.26 -61.66
N UNK C 298 -7.14 20.76 -62.74
CA UNK C 298 -7.80 20.73 -64.02
C UNK C 298 -8.92 19.69 -64.08
N UNK C 299 -9.04 18.84 -63.06
CA UNK C 299 -10.20 17.99 -62.92
C UNK C 299 -11.37 18.81 -62.41
N UNK D 1 32.09 48.22 -5.50
CA UNK D 1 32.81 49.05 -4.56
C UNK D 1 34.24 49.24 -5.02
N UNK D 2 34.54 50.35 -5.68
CA UNK D 2 33.57 51.32 -6.14
C UNK D 2 33.63 51.32 -7.63
N UNK D 3 34.20 50.24 -8.15
CA UNK D 3 34.26 49.95 -9.57
C UNK D 3 33.23 48.94 -9.98
N UNK D 4 32.64 48.21 -9.05
CA UNK D 4 31.65 47.20 -9.36
C UNK D 4 30.24 47.73 -9.24
N UNK D 5 29.94 48.83 -9.91
CA UNK D 5 28.56 49.16 -10.19
C UNK D 5 28.26 48.65 -11.60
N UNK D 6 27.10 48.99 -12.15
CA UNK D 6 26.79 48.48 -13.49
C UNK D 6 25.94 49.48 -14.24
N UNK D 7 26.61 50.34 -15.00
CA UNK D 7 25.88 51.16 -15.94
C UNK D 7 25.38 50.27 -17.06
N UNK D 8 24.22 50.61 -17.60
CA UNK D 8 23.67 49.94 -18.76
C UNK D 8 24.01 50.77 -19.98
N UNK D 9 25.10 50.44 -20.65
CA UNK D 9 25.55 51.23 -21.78
C UNK D 9 24.59 51.04 -22.95
N UNK D 10 23.92 52.10 -23.37
CA UNK D 10 23.09 52.04 -24.56
C UNK D 10 23.97 52.21 -25.77
N UNK D 11 24.05 51.20 -26.62
CA UNK D 11 25.21 51.02 -27.47
C UNK D 11 25.27 52.11 -28.54
N UNK D 12 26.47 52.59 -28.79
CA UNK D 12 26.78 53.65 -29.73
C UNK D 12 27.67 53.07 -30.82
N UNK D 13 28.22 53.92 -31.68
CA UNK D 13 28.97 53.43 -32.83
C UNK D 13 30.35 52.90 -32.49
N UNK D 14 30.67 52.69 -31.22
CA UNK D 14 31.75 51.81 -30.82
C UNK D 14 31.23 50.42 -30.50
N UNK D 15 30.20 50.00 -31.22
CA UNK D 15 29.70 48.63 -31.15
C UNK D 15 29.66 48.01 -32.54
N UNK D 16 30.56 48.39 -33.42
CA UNK D 16 30.54 47.90 -34.79
C UNK D 16 31.02 46.47 -34.82
N UNK D 17 30.30 45.62 -35.55
CA UNK D 17 30.76 44.24 -35.55
C UNK D 17 30.36 43.58 -36.85
N UNK D 18 31.13 42.60 -37.27
CA UNK D 18 30.75 41.81 -38.41
C UNK D 18 29.56 40.95 -38.03
N UNK D 19 28.67 40.73 -38.97
CA UNK D 19 27.65 39.70 -38.86
C UNK D 19 27.97 38.71 -39.95
N UNK D 20 28.16 37.47 -39.60
CA UNK D 20 28.46 36.44 -40.58
C UNK D 20 27.23 35.58 -40.70
N UNK D 21 26.58 35.61 -41.85
CA UNK D 21 25.34 34.90 -42.08
C UNK D 21 25.60 33.91 -43.18
N UNK D 22 25.64 32.64 -42.84
CA UNK D 22 25.84 31.63 -43.88
C UNK D 22 24.49 31.34 -44.51
N UNK D 23 24.48 31.19 -45.81
CA UNK D 23 23.26 31.50 -46.53
C UNK D 23 22.57 30.36 -47.21
N UNK D 24 23.26 29.25 -47.50
CA UNK D 24 22.94 28.23 -48.50
C UNK D 24 22.95 28.76 -49.92
N UNK D 25 23.43 29.97 -50.13
CA UNK D 25 23.82 30.40 -51.47
C UNK D 25 25.03 31.31 -51.42
N UNK D 26 25.58 31.59 -50.25
CA UNK D 26 26.73 32.47 -50.06
C UNK D 26 27.16 32.33 -48.62
N UNK D 27 28.16 33.13 -48.23
CA UNK D 27 28.49 33.33 -46.83
C UNK D 27 28.58 34.83 -46.71
N UNK D 28 27.45 35.49 -46.49
CA UNK D 28 27.45 36.94 -46.51
C UNK D 28 28.07 37.43 -45.22
N UNK D 29 28.92 38.44 -45.30
CA UNK D 29 29.55 39.03 -44.14
C UNK D 29 29.28 40.52 -44.18
N UNK D 30 28.40 40.99 -43.30
CA UNK D 30 27.87 42.34 -43.35
C UNK D 30 28.29 43.06 -42.08
N UNK D 31 28.98 44.19 -42.22
CA UNK D 31 29.43 44.93 -41.05
C UNK D 31 28.30 45.80 -40.56
N UNK D 32 27.81 45.52 -39.36
CA UNK D 32 26.75 46.33 -38.78
C UNK D 32 27.38 47.48 -38.03
N UNK D 33 26.93 48.71 -38.34
CA UNK D 33 27.40 49.91 -37.68
C UNK D 33 26.19 50.76 -37.34
N UNK D 34 26.03 51.13 -36.08
CA UNK D 34 24.91 51.97 -35.65
C UNK D 34 25.09 53.38 -36.18
N UNK D 35 24.03 54.17 -36.14
CA UNK D 35 24.05 55.40 -36.91
C UNK D 35 23.75 56.61 -36.05
N UNK D 36 24.44 56.73 -34.93
CA UNK D 36 24.07 57.71 -33.92
C UNK D 36 24.76 59.03 -34.20
N UNK D 37 24.14 59.84 -35.07
CA UNK D 37 24.59 61.20 -35.41
C UNK D 37 26.04 61.24 -35.85
N UNK D 38 26.44 60.25 -36.67
CA UNK D 38 27.80 60.19 -37.17
C UNK D 38 27.94 61.33 -38.15
N UNK D 39 27.30 61.19 -39.24
CA UNK D 39 26.70 62.37 -39.79
C UNK D 39 25.27 62.10 -40.17
N UNK D 40 24.99 60.93 -40.75
CA UNK D 40 23.67 60.49 -41.13
C UNK D 40 23.71 59.08 -41.67
N UNK D 41 22.65 58.29 -41.42
CA UNK D 41 21.86 57.51 -42.38
C UNK D 41 20.95 56.62 -41.57
N UNK D 42 20.11 55.81 -42.21
CA UNK D 42 19.54 54.67 -41.53
C UNK D 42 19.30 53.58 -42.56
N UNK D 43 18.58 52.54 -42.17
CA UNK D 43 18.24 51.47 -43.11
C UNK D 43 17.06 50.73 -42.53
N UNK D 44 15.91 50.80 -43.17
CA UNK D 44 14.77 50.04 -42.70
C UNK D 44 14.71 48.69 -43.39
N UNK D 45 14.68 48.67 -44.72
CA UNK D 45 14.75 47.43 -45.47
C UNK D 45 15.94 47.53 -46.41
N UNK D 46 17.03 46.86 -46.10
CA UNK D 46 18.17 46.81 -47.00
C UNK D 46 17.99 45.52 -47.77
N UNK D 47 17.45 45.62 -48.98
CA UNK D 47 17.30 44.46 -49.83
C UNK D 47 18.57 44.28 -50.63
N UNK D 48 19.27 43.19 -50.41
CA UNK D 48 20.52 42.94 -51.09
C UNK D 48 20.16 42.34 -52.45
N UNK D 49 20.17 43.16 -53.48
CA UNK D 49 19.94 42.65 -54.83
C UNK D 49 21.21 41.99 -55.34
N UNK D 50 21.08 40.76 -55.78
CA UNK D 50 22.23 39.95 -56.17
C UNK D 50 22.44 40.13 -57.67
N UNK D 51 23.34 41.05 -58.02
CA UNK D 51 23.49 41.42 -59.43
C UNK D 51 24.12 40.31 -60.23
N UNK D 52 25.28 39.82 -59.80
CA UNK D 52 25.98 38.79 -60.56
C UNK D 52 25.30 37.44 -60.52
N UNK D 53 24.28 37.26 -59.68
CA UNK D 53 23.52 36.04 -59.72
C UNK D 53 22.72 35.93 -60.99
N UNK D 54 22.21 37.06 -61.46
CA UNK D 54 21.35 37.01 -62.64
C UNK D 54 22.14 36.69 -63.89
N UNK D 55 23.43 37.01 -63.93
CA UNK D 55 24.22 36.61 -65.09
C UNK D 55 24.48 35.11 -65.07
N UNK D 56 24.68 34.54 -63.90
CA UNK D 56 24.78 33.09 -63.83
C UNK D 56 23.45 32.41 -64.06
N UNK D 57 22.36 33.14 -63.95
CA UNK D 57 21.10 32.61 -64.44
C UNK D 57 21.03 32.72 -65.95
N UNK D 58 21.55 33.80 -66.50
CA UNK D 58 21.39 34.08 -67.91
C UNK D 58 22.22 33.14 -68.77
N UNK D 59 23.41 32.79 -68.31
CA UNK D 59 24.20 31.82 -69.05
C UNK D 59 23.56 30.45 -69.05
N UNK D 60 22.99 30.05 -67.91
CA UNK D 60 22.30 28.78 -67.86
C UNK D 60 20.97 28.81 -68.58
N UNK D 61 20.44 30.00 -68.89
CA UNK D 61 19.30 30.07 -69.76
C UNK D 61 19.71 30.07 -71.22
N UNK D 62 20.88 30.62 -71.54
CA UNK D 62 21.32 30.65 -72.93
C UNK D 62 21.78 29.29 -73.40
N UNK D 63 22.51 28.56 -72.56
CA UNK D 63 22.96 27.24 -72.96
C UNK D 63 21.84 26.23 -72.99
N UNK D 64 20.75 26.48 -72.26
CA UNK D 64 19.61 25.58 -72.31
C UNK D 64 18.55 26.04 -73.29
N UNK D 65 18.64 27.25 -73.81
CA UNK D 65 17.82 27.63 -74.95
C UNK D 65 18.42 27.15 -76.26
N UNK D 66 19.73 26.92 -76.30
CA UNK D 66 20.39 26.29 -77.43
C UNK D 66 20.48 24.77 -77.26
N UNK D 67 21.15 24.32 -76.22
CA UNK D 67 21.32 22.90 -76.00
C UNK D 67 20.40 22.40 -74.90
N UNK D 68 58.27 39.57 7.43
CA UNK D 68 58.02 40.43 6.29
C UNK D 68 56.76 40.00 5.60
N UNK D 69 56.26 38.83 5.95
CA UNK D 69 55.09 38.27 5.28
C UNK D 69 53.82 39.02 5.64
N UNK D 70 53.81 39.73 6.75
CA UNK D 70 52.77 40.70 7.00
C UNK D 70 53.25 42.11 6.70
N UNK D 71 54.39 42.22 6.05
CA UNK D 71 54.89 43.52 5.61
C UNK D 71 54.93 43.61 4.10
N UNK D 72 55.64 42.70 3.45
CA UNK D 72 55.86 42.82 2.02
C UNK D 72 54.60 42.58 1.24
N UNK D 73 53.77 41.66 1.72
CA UNK D 73 52.50 41.43 1.06
C UNK D 73 51.61 42.64 1.17
N UNK D 74 51.67 43.35 2.31
CA UNK D 74 50.85 44.54 2.48
C UNK D 74 51.34 45.68 1.61
N UNK D 75 52.66 45.82 1.49
CA UNK D 75 53.21 46.87 0.63
C UNK D 75 52.90 46.58 -0.82
N UNK D 76 52.97 45.31 -1.22
CA UNK D 76 52.65 44.96 -2.59
C UNK D 76 51.17 45.09 -2.84
N UNK D 77 50.35 44.86 -1.84
CA UNK D 77 48.91 45.02 -2.00
C UNK D 77 48.55 46.48 -2.20
N UNK D 78 49.14 47.35 -1.39
CA UNK D 78 48.88 48.78 -1.56
C UNK D 78 49.48 49.29 -2.85
N UNK D 79 50.64 48.77 -3.27
CA UNK D 79 51.20 49.24 -4.54
C UNK D 79 50.42 48.69 -5.71
N UNK D 80 49.81 47.52 -5.55
CA UNK D 80 48.97 46.97 -6.60
C UNK D 80 47.72 47.79 -6.76
N UNK D 81 47.01 48.04 -5.67
CA UNK D 81 45.81 48.87 -5.78
C UNK D 81 46.14 50.31 -6.08
N UNK D 82 47.37 50.74 -5.83
CA UNK D 82 47.80 52.09 -6.17
C UNK D 82 48.14 52.23 -7.63
N UNK D 83 48.77 51.24 -8.22
CA UNK D 83 48.95 51.32 -9.66
C UNK D 83 47.68 50.96 -10.39
N UNK D 84 46.79 50.21 -9.76
CA UNK D 84 45.54 49.83 -10.39
C UNK D 84 44.57 50.98 -10.52
N UNK D 85 44.75 52.05 -9.75
CA UNK D 85 44.14 53.32 -10.11
C UNK D 85 45.09 54.08 -11.03
N UNK D 86 45.23 53.54 -12.24
CA UNK D 86 46.11 54.10 -13.25
C UNK D 86 45.52 55.39 -13.77
N UNK D 87 44.38 55.30 -14.45
CA UNK D 87 43.58 56.44 -14.87
C UNK D 87 42.22 55.97 -15.36
N UNK D 88 41.14 56.50 -14.77
CA UNK D 88 39.76 56.20 -15.16
C UNK D 88 39.47 54.70 -15.04
N UNK D 89 39.43 54.25 -13.80
CA UNK D 89 39.22 52.84 -13.51
C UNK D 89 37.89 52.35 -14.06
N UNK D 90 37.80 51.06 -14.35
CA UNK D 90 36.75 50.54 -15.21
C UNK D 90 35.53 50.12 -14.41
N UNK D 91 34.34 50.47 -14.91
CA UNK D 91 33.08 50.01 -14.35
C UNK D 91 32.53 48.86 -15.20
N UNK D 92 32.15 47.77 -14.57
CA UNK D 92 31.64 46.62 -15.32
C UNK D 92 30.23 46.90 -15.80
N UNK D 93 29.99 46.74 -17.10
CA UNK D 93 28.76 47.19 -17.75
C UNK D 93 27.84 46.04 -18.14
N UNK D 94 26.72 46.39 -18.78
CA UNK D 94 25.73 45.41 -19.27
C UNK D 94 24.94 46.06 -20.40
N UNK D 95 24.96 45.48 -21.59
CA UNK D 95 24.70 46.24 -22.81
C UNK D 95 23.22 46.49 -23.05
N UNK D 96 22.89 47.01 -24.24
CA UNK D 96 21.52 47.25 -24.68
C UNK D 96 21.51 47.33 -26.19
N UNK D 97 20.61 46.59 -26.83
CA UNK D 97 20.75 46.20 -28.22
C UNK D 97 20.40 47.32 -29.20
N UNK D 98 21.05 47.29 -30.36
CA UNK D 98 20.45 47.73 -31.61
C UNK D 98 19.90 46.50 -32.26
N UNK D 99 19.19 46.64 -33.36
CA UNK D 99 18.35 45.53 -33.79
C UNK D 99 18.57 45.18 -35.25
N UNK D 100 18.30 43.92 -35.63
CA UNK D 100 18.25 43.54 -37.03
C UNK D 100 17.48 42.24 -37.24
N UNK D 101 16.39 42.25 -38.00
CA UNK D 101 15.80 40.97 -38.41
C UNK D 101 16.41 40.61 -39.75
N UNK D 102 17.37 39.72 -39.76
CA UNK D 102 17.89 39.25 -41.04
C UNK D 102 16.87 38.29 -41.58
N UNK D 103 16.11 38.71 -42.58
CA UNK D 103 14.86 38.03 -42.91
C UNK D 103 14.89 37.55 -44.33
N UNK D 104 15.56 36.43 -44.52
CA UNK D 104 15.38 35.62 -45.71
C UNK D 104 14.46 34.48 -45.43
N UNK D 105 14.57 33.89 -44.25
CA UNK D 105 13.50 33.09 -43.70
C UNK D 105 12.98 33.70 -42.40
N UNK D 106 13.77 33.70 -41.34
CA UNK D 106 13.63 34.51 -40.15
C UNK D 106 14.90 34.30 -39.32
N UNK D 107 15.63 35.35 -38.97
CA UNK D 107 16.61 35.21 -37.90
C UNK D 107 16.69 36.57 -37.23
N UNK D 108 16.34 36.62 -35.98
CA UNK D 108 16.21 37.90 -35.31
C UNK D 108 17.45 38.14 -34.48
N UNK D 109 18.41 38.85 -35.03
CA UNK D 109 19.65 39.13 -34.32
C UNK D 109 19.57 40.54 -33.77
N UNK D 110 19.36 40.68 -32.48
CA UNK D 110 19.57 41.96 -31.84
C UNK D 110 21.04 42.02 -31.45
N UNK D 111 21.78 42.98 -31.96
CA UNK D 111 23.23 43.07 -31.72
C UNK D 111 23.45 43.54 -30.29
N UNK D 112 23.09 42.68 -29.36
CA UNK D 112 22.98 43.00 -27.94
C UNK D 112 24.24 42.59 -27.21
N UNK D 113 24.62 41.38 -27.37
CA UNK D 113 25.79 40.89 -26.74
C UNK D 113 27.08 41.38 -27.38
N UNK D 114 27.08 42.37 -28.28
CA UNK D 114 28.13 42.62 -29.27
C UNK D 114 28.51 41.33 -29.98
N UNK D 115 27.50 40.48 -30.19
CA UNK D 115 27.64 39.15 -30.72
C UNK D 115 27.78 39.25 -32.23
N UNK D 116 27.91 38.13 -32.90
CA UNK D 116 28.14 38.29 -34.31
C UNK D 116 27.49 37.30 -35.25
N UNK D 117 27.05 36.13 -34.83
CA UNK D 117 26.97 35.03 -35.78
C UNK D 117 25.54 34.63 -36.12
N UNK D 118 25.33 34.15 -37.34
CA UNK D 118 24.10 33.46 -37.69
C UNK D 118 24.49 32.46 -38.77
N UNK D 119 24.65 31.21 -38.39
CA UNK D 119 25.20 30.22 -39.28
C UNK D 119 24.07 29.40 -39.86
N UNK D 120 23.99 29.37 -41.20
CA UNK D 120 23.09 28.55 -42.00
C UNK D 120 21.62 28.97 -41.88
N UNK D 121 21.35 30.27 -41.92
CA UNK D 121 20.03 30.71 -42.36
C UNK D 121 19.88 30.34 -43.81
N UNK D 122 18.69 29.90 -44.20
CA UNK D 122 18.52 29.24 -45.49
C UNK D 122 17.87 30.20 -46.48
N UNK D 123 18.68 30.84 -47.32
CA UNK D 123 18.16 31.77 -48.31
C UNK D 123 17.60 30.99 -49.47
N UNK D 124 16.35 30.56 -49.35
CA UNK D 124 15.67 29.97 -50.48
C UNK D 124 15.43 31.01 -51.57
N UNK D 125 14.67 32.04 -51.23
CA UNK D 125 14.68 33.27 -52.01
C UNK D 125 15.90 34.08 -51.61
N UNK D 126 16.01 35.30 -52.08
CA UNK D 126 17.20 36.03 -51.72
C UNK D 126 17.04 36.65 -50.34
N UNK D 127 18.15 37.01 -49.74
CA UNK D 127 18.14 37.58 -48.41
C UNK D 127 17.92 39.06 -48.51
N UNK D 128 17.06 39.59 -47.66
CA UNK D 128 16.87 41.01 -47.51
C UNK D 128 16.96 41.29 -46.03
N UNK D 129 18.00 41.98 -45.58
CA UNK D 129 18.10 42.21 -44.16
C UNK D 129 17.26 43.41 -43.81
N UNK D 130 16.43 43.33 -42.79
CA UNK D 130 15.56 44.44 -42.45
C UNK D 130 15.92 44.90 -41.05
N UNK D 131 16.58 46.04 -40.91
CA UNK D 131 16.83 46.54 -39.58
C UNK D 131 15.56 47.19 -39.05
N UNK D 132 15.30 47.03 -37.76
CA UNK D 132 13.95 47.36 -37.29
C UNK D 132 13.75 48.83 -36.98
N UNK D 133 14.36 49.37 -35.92
CA UNK D 133 13.83 50.65 -35.47
C UNK D 133 14.79 51.77 -35.12
N UNK D 134 15.76 51.45 -34.27
CA UNK D 134 16.60 52.44 -33.57
C UNK D 134 17.96 52.57 -34.22
N UNK D 135 17.92 52.54 -35.55
CA UNK D 135 18.94 52.99 -36.46
C UNK D 135 20.22 52.20 -36.52
N UNK D 136 20.16 50.97 -36.99
CA UNK D 136 21.39 50.35 -37.46
C UNK D 136 21.70 50.84 -38.86
N UNK D 137 22.81 50.37 -39.41
CA UNK D 137 23.09 50.47 -40.83
C UNK D 137 23.99 49.31 -41.17
N UNK D 138 23.51 48.37 -41.95
CA UNK D 138 24.37 47.31 -42.44
C UNK D 138 25.13 47.86 -43.63
N UNK D 139 26.44 47.69 -43.65
CA UNK D 139 27.25 48.08 -44.79
C UNK D 139 28.12 46.89 -45.12
N UNK D 140 27.75 46.15 -46.16
CA UNK D 140 28.35 44.85 -46.44
C UNK D 140 29.83 44.98 -46.77
N UNK D 141 30.60 43.94 -46.44
CA UNK D 141 32.05 44.01 -46.53
C UNK D 141 32.49 43.81 -47.96
N UNK D 142 33.78 43.57 -48.16
CA UNK D 142 34.40 43.85 -49.45
C UNK D 142 34.08 42.83 -50.54
N UNK D 143 34.50 41.58 -50.37
CA UNK D 143 34.46 40.63 -51.47
C UNK D 143 33.06 40.07 -51.70
N UNK D 144 32.92 39.30 -52.78
CA UNK D 144 31.71 38.53 -53.14
C UNK D 144 30.50 39.44 -53.37
N UNK D 145 30.56 40.21 -54.46
CA UNK D 145 29.72 41.38 -54.68
C UNK D 145 28.24 41.07 -54.90
N UNK D 146 27.48 41.09 -53.82
CA UNK D 146 26.08 41.46 -53.87
C UNK D 146 25.98 42.98 -53.98
N UNK D 147 24.77 43.52 -54.04
CA UNK D 147 24.67 44.98 -54.11
C UNK D 147 23.41 45.44 -53.41
N UNK D 148 23.54 46.34 -52.46
CA UNK D 148 22.43 46.71 -51.60
C UNK D 148 21.46 47.63 -52.32
N UNK D 149 20.24 47.71 -51.79
CA UNK D 149 19.25 48.71 -52.18
C UNK D 149 18.48 49.05 -50.92
N UNK D 150 18.58 50.27 -50.45
CA UNK D 150 18.29 50.57 -49.06
C UNK D 150 17.09 51.51 -48.94
N UNK D 151 16.02 51.05 -48.31
CA UNK D 151 14.89 51.93 -48.03
C UNK D 151 15.25 52.79 -46.82
N UNK D 152 15.98 53.86 -47.07
CA UNK D 152 16.53 54.66 -45.99
C UNK D 152 15.44 55.48 -45.32
N UNK D 153 15.49 55.55 -44.00
CA UNK D 153 14.53 56.33 -43.23
C UNK D 153 15.28 57.01 -42.12
N UNK D 154 15.74 58.23 -42.40
CA UNK D 154 16.79 58.91 -41.64
C UNK D 154 16.46 59.01 -40.17
N UNK D 155 17.49 58.92 -39.34
CA UNK D 155 17.31 58.83 -37.90
C UNK D 155 16.75 60.14 -37.38
N UNK D 156 15.67 60.05 -36.60
CA UNK D 156 14.91 61.23 -36.20
C UNK D 156 15.48 61.89 -34.98
N UNK D 157 16.78 61.76 -34.77
CA UNK D 157 17.52 62.66 -33.93
C UNK D 157 17.73 63.98 -34.68
N UNK D 158 18.55 64.85 -34.13
CA UNK D 158 18.54 66.24 -34.55
C UNK D 158 19.29 66.46 -35.85
N UNK D 159 19.54 67.72 -36.13
CA UNK D 159 20.05 68.23 -37.39
C UNK D 159 21.54 68.06 -37.52
N UNK D 160 22.12 68.85 -38.41
CA UNK D 160 23.53 69.19 -38.32
C UNK D 160 23.86 69.59 -36.90
N UNK D 161 24.73 68.78 -36.27
CA UNK D 161 25.10 68.97 -34.88
C UNK D 161 25.81 70.30 -34.71
N UNK D 162 25.52 70.97 -33.60
CA UNK D 162 25.65 72.42 -33.52
C UNK D 162 27.06 72.97 -33.63
N UNK D 163 27.87 72.84 -32.59
CA UNK D 163 29.17 73.49 -32.67
C UNK D 163 30.31 72.77 -32.01
N UNK D 164 30.09 71.68 -31.30
CA UNK D 164 31.16 71.10 -30.50
C UNK D 164 30.94 69.62 -30.25
N UNK D 165 25.21 67.53 -58.02
CA UNK D 165 24.54 66.54 -57.20
C UNK D 165 24.58 66.96 -55.75
N UNK D 166 23.81 67.99 -55.42
CA UNK D 166 23.81 68.54 -54.07
C UNK D 166 23.17 67.54 -53.14
N UNK D 167 24.00 66.80 -52.41
CA UNK D 167 23.50 65.74 -51.56
C UNK D 167 22.78 66.29 -50.33
N UNK D 168 23.03 67.55 -49.96
CA UNK D 168 22.31 68.27 -48.91
C UNK D 168 22.45 67.58 -47.55
N UNK D 169 23.66 67.64 -47.02
CA UNK D 169 24.05 67.09 -45.72
C UNK D 169 23.89 65.59 -45.63
N UNK D 170 23.86 64.93 -46.78
CA UNK D 170 24.48 63.63 -46.92
C UNK D 170 25.92 63.78 -47.37
N UNK D 171 26.28 64.98 -47.79
CA UNK D 171 27.67 65.29 -48.09
C UNK D 171 28.52 65.11 -46.86
N UNK D 172 27.97 65.44 -45.69
CA UNK D 172 28.71 65.19 -44.47
C UNK D 172 28.85 63.71 -44.20
N UNK D 173 27.86 62.90 -44.59
CA UNK D 173 27.99 61.46 -44.39
C UNK D 173 29.08 60.90 -45.28
N UNK D 174 29.07 61.28 -46.56
CA UNK D 174 30.13 60.85 -47.46
C UNK D 174 31.47 61.46 -47.11
N UNK D 175 31.49 62.50 -46.31
CA UNK D 175 32.75 62.95 -45.76
C UNK D 175 33.21 62.01 -44.66
N UNK D 176 32.42 61.92 -43.59
CA UNK D 176 32.91 61.32 -42.37
C UNK D 176 33.07 59.83 -42.48
N UNK D 177 32.36 59.18 -43.41
CA UNK D 177 32.70 57.80 -43.71
C UNK D 177 34.08 57.72 -44.33
N UNK D 178 34.33 58.53 -45.35
CA UNK D 178 35.61 58.51 -46.02
C UNK D 178 36.66 59.32 -45.31
N UNK D 179 36.43 59.68 -44.08
CA UNK D 179 37.51 60.18 -43.24
C UNK D 179 37.80 59.25 -42.10
N UNK D 180 36.80 58.57 -41.57
CA UNK D 180 37.05 57.57 -40.54
C UNK D 180 37.77 56.39 -41.13
N UNK D 181 37.47 56.03 -42.36
CA UNK D 181 38.12 54.90 -42.99
C UNK D 181 39.41 55.29 -43.69
N UNK D 182 39.96 56.45 -43.37
CA UNK D 182 41.23 56.84 -43.95
C UNK D 182 42.34 55.99 -43.36
N UNK D 183 43.32 55.67 -44.18
CA UNK D 183 44.49 54.95 -43.71
C UNK D 183 45.45 55.96 -43.11
N UNK D 184 45.97 55.63 -41.92
CA UNK D 184 46.84 56.50 -41.12
C UNK D 184 46.15 57.84 -40.85
N UNK D 185 45.10 57.76 -40.04
CA UNK D 185 44.39 58.94 -39.58
C UNK D 185 45.36 59.89 -38.90
N UNK D 186 45.07 61.18 -39.05
CA UNK D 186 46.03 62.28 -38.85
C UNK D 186 47.27 62.06 -39.72
N UNK D 187 47.02 62.12 -41.03
CA UNK D 187 48.07 62.27 -42.01
C UNK D 187 48.16 63.68 -42.58
N UNK D 188 47.13 64.50 -42.35
CA UNK D 188 47.04 65.94 -42.62
C UNK D 188 47.05 66.32 -44.09
N UNK D 189 47.23 65.37 -44.99
CA UNK D 189 47.10 65.65 -46.41
C UNK D 189 46.13 64.70 -47.05
N UNK D 190 45.69 63.67 -46.34
CA UNK D 190 44.55 62.90 -46.76
C UNK D 190 43.27 63.47 -46.21
N UNK D 191 43.35 64.16 -45.09
CA UNK D 191 42.20 64.85 -44.54
C UNK D 191 41.72 65.91 -45.51
N UNK D 192 42.65 66.62 -46.14
CA UNK D 192 42.26 67.57 -47.15
C UNK D 192 41.78 66.92 -48.43
N UNK D 193 42.10 65.66 -48.64
CA UNK D 193 41.47 64.94 -49.73
C UNK D 193 40.08 64.49 -49.36
N UNK D 194 39.80 64.30 -48.08
CA UNK D 194 38.48 63.88 -47.65
C UNK D 194 37.52 65.05 -47.63
N UNK D 195 37.87 66.10 -46.90
CA UNK D 195 37.01 67.27 -46.76
C UNK D 195 37.15 68.20 -47.98
N UNK D 196 36.88 67.64 -49.15
CA UNK D 196 37.20 68.29 -50.41
C UNK D 196 35.97 68.80 -51.12
N UNK D 197 34.81 68.76 -50.50
CA UNK D 197 33.65 69.44 -51.04
C UNK D 197 32.81 70.08 -49.95
N UNK D 198 33.21 69.99 -48.70
CA UNK D 198 32.45 70.61 -47.64
C UNK D 198 32.71 72.11 -47.63
N UNK D 199 31.66 72.86 -47.30
CA UNK D 199 31.84 74.28 -47.12
C UNK D 199 32.54 74.55 -45.79
N UNK D 200 32.98 75.79 -45.62
CA UNK D 200 33.85 76.15 -44.50
C UNK D 200 33.17 76.02 -43.15
N UNK D 201 31.85 76.14 -43.10
CA UNK D 201 31.15 75.83 -41.87
C UNK D 201 31.19 74.34 -41.61
N UNK D 202 31.04 73.54 -42.67
CA UNK D 202 30.92 72.11 -42.51
C UNK D 202 32.23 71.47 -42.07
N UNK D 203 33.35 72.11 -42.42
CA UNK D 203 34.66 71.61 -42.04
C UNK D 203 34.82 71.60 -40.53
N UNK D 204 34.15 72.53 -39.85
CA UNK D 204 34.22 72.59 -38.40
C UNK D 204 33.62 71.35 -37.77
N UNK D 205 32.37 71.04 -38.11
CA UNK D 205 31.71 69.90 -37.49
C UNK D 205 32.36 68.60 -37.90
N UNK D 206 32.85 68.50 -39.14
CA UNK D 206 33.49 67.27 -39.56
C UNK D 206 34.82 67.06 -38.86
N UNK D 207 35.68 68.08 -38.83
CA UNK D 207 36.97 67.95 -38.19
C UNK D 207 36.83 67.81 -36.68
N UNK D 208 35.81 68.43 -36.09
CA UNK D 208 35.64 68.32 -34.65
C UNK D 208 35.11 66.96 -34.27
N UNK D 209 34.20 66.40 -35.07
CA UNK D 209 33.73 65.06 -34.81
C UNK D 209 34.86 64.06 -35.00
N UNK D 210 35.75 64.31 -35.95
CA UNK D 210 36.93 63.46 -36.08
C UNK D 210 37.83 63.58 -34.87
N UNK D 211 37.98 64.79 -34.33
CA UNK D 211 38.86 64.98 -33.20
C UNK D 211 38.33 64.30 -31.95
N UNK D 212 37.06 64.53 -31.64
CA UNK D 212 36.46 63.90 -30.48
C UNK D 212 36.34 62.40 -30.68
N UNK D 213 36.18 61.95 -31.91
CA UNK D 213 36.06 60.51 -32.12
C UNK D 213 37.39 59.82 -31.95
N UNK D 214 38.48 60.43 -32.43
CA UNK D 214 39.76 59.79 -32.24
C UNK D 214 40.19 59.88 -30.79
N UNK D 215 39.81 60.94 -30.09
CA UNK D 215 40.10 60.99 -28.66
C UNK D 215 39.28 60.00 -27.88
N UNK D 216 38.08 59.68 -28.35
CA UNK D 216 37.34 58.58 -27.74
C UNK D 216 37.99 57.25 -28.06
N UNK D 217 38.50 57.10 -29.28
CA UNK D 217 39.04 55.82 -29.69
C UNK D 217 40.33 55.51 -28.98
N UNK D 218 41.16 56.51 -28.69
CA UNK D 218 42.37 56.25 -27.93
C UNK D 218 42.03 55.82 -26.52
N UNK D 219 41.01 56.42 -25.93
CA UNK D 219 40.58 56.01 -24.61
C UNK D 219 40.04 54.59 -24.64
N UNK D 220 39.33 54.24 -25.70
CA UNK D 220 38.76 52.90 -25.76
C UNK D 220 39.84 51.86 -25.96
N UNK D 221 40.77 52.11 -26.85
CA UNK D 221 41.80 51.14 -27.11
C UNK D 221 42.79 51.06 -25.98
N UNK D 222 42.94 52.09 -25.18
CA UNK D 222 43.80 51.91 -24.03
C UNK D 222 43.07 51.19 -22.91
N UNK D 223 41.80 51.53 -22.70
CA UNK D 223 41.06 50.89 -21.62
C UNK D 223 40.71 49.46 -21.94
N UNK D 224 40.74 49.06 -23.20
CA UNK D 224 40.60 47.65 -23.51
C UNK D 224 41.86 46.91 -23.10
N UNK D 225 42.99 47.33 -23.62
CA UNK D 225 44.23 46.63 -23.41
C UNK D 225 44.93 47.04 -22.13
N UNK D 226 44.23 47.64 -21.18
CA UNK D 226 44.89 48.00 -19.93
C UNK D 226 45.20 46.76 -19.12
N UNK D 227 44.23 45.90 -18.93
CA UNK D 227 44.42 44.68 -18.17
C UNK D 227 44.69 43.55 -19.17
N UNK D 228 45.88 43.55 -19.77
CA UNK D 228 46.08 42.71 -20.94
C UNK D 228 47.40 41.97 -21.05
N UNK D 229 48.20 41.88 -20.00
CA UNK D 229 49.42 41.07 -19.91
C UNK D 229 50.49 41.44 -20.91
N UNK D 230 50.34 42.53 -21.55
CA UNK D 230 51.44 43.20 -22.23
C UNK D 230 51.51 44.64 -21.81
N UNK D 231 50.37 45.30 -21.63
CA UNK D 231 50.35 46.59 -20.98
C UNK D 231 50.07 46.45 -19.51
N UNK D 232 50.06 45.24 -18.99
CA UNK D 232 50.22 45.03 -17.56
C UNK D 232 51.61 44.54 -17.25
N UNK D 233 52.45 44.44 -18.23
CA UNK D 233 53.79 43.97 -18.00
C UNK D 233 54.84 44.98 -18.35
N UNK D 234 54.67 45.70 -19.46
CA UNK D 234 55.64 46.71 -19.81
C UNK D 234 55.50 47.94 -18.94
N UNK D 235 54.34 48.13 -18.33
CA UNK D 235 54.10 49.21 -17.37
C UNK D 235 54.15 48.67 -15.97
N UNK D 236 55.13 47.81 -15.72
CA UNK D 236 55.12 46.66 -14.80
C UNK D 236 54.44 46.92 -13.47
N UNK D 237 53.39 46.16 -13.22
CA UNK D 237 52.64 46.31 -11.98
C UNK D 237 53.35 45.52 -10.90
N UNK D 238 52.70 45.38 -9.76
CA UNK D 238 53.25 44.51 -8.74
C UNK D 238 53.15 43.06 -9.17
N UNK D 239 51.95 42.61 -9.48
CA UNK D 239 51.72 41.29 -10.02
C UNK D 239 51.72 41.34 -11.55
N UNK D 240 51.79 40.17 -12.19
CA UNK D 240 51.92 40.18 -13.64
C UNK D 240 51.15 39.12 -14.41
N UNK D 241 50.28 38.34 -13.78
CA UNK D 241 49.27 37.51 -14.45
C UNK D 241 49.88 36.46 -15.37
N UNK D 242 50.51 35.43 -14.77
CA UNK D 242 51.43 34.58 -15.51
C UNK D 242 51.15 33.08 -15.41
N UNK D 243 49.93 32.67 -15.15
CA UNK D 243 49.60 31.25 -15.25
C UNK D 243 48.28 31.08 -15.97
N UNK D 244 48.17 31.76 -17.11
CA UNK D 244 46.91 31.85 -17.83
C UNK D 244 46.50 30.51 -18.42
N UNK D 245 47.45 29.71 -18.89
CA UNK D 245 47.15 28.65 -19.84
C UNK D 245 47.54 27.29 -19.28
N UNK D 246 46.55 26.52 -18.82
CA UNK D 246 46.78 25.13 -18.40
C UNK D 246 45.50 24.33 -18.58
N UNK D 247 45.37 23.64 -19.71
CA UNK D 247 44.08 23.04 -20.07
C UNK D 247 44.28 21.88 -21.06
N UNK D 248 43.19 21.50 -21.72
CA UNK D 248 43.10 20.24 -22.46
C UNK D 248 43.15 20.43 -23.96
N UNK D 249 43.91 19.56 -24.62
CA UNK D 249 43.96 19.53 -26.07
C UNK D 249 43.05 18.42 -26.57
N UNK D 250 41.76 18.68 -26.54
CA UNK D 250 40.80 17.70 -27.01
C UNK D 250 39.81 18.39 -27.92
N UNK D 251 39.15 17.60 -28.75
CA UNK D 251 38.41 18.12 -29.88
C UNK D 251 37.17 18.87 -29.45
N UNK D 252 36.99 20.07 -29.97
CA UNK D 252 35.69 20.72 -29.92
C UNK D 252 34.75 19.97 -30.84
N UNK D 253 33.54 19.73 -30.40
CA UNK D 253 32.66 18.79 -31.09
C UNK D 253 32.06 19.45 -32.31
N UNK D 254 32.37 18.91 -33.49
CA UNK D 254 31.84 19.42 -34.74
C UNK D 254 30.36 19.13 -34.84
N UNK D 255 29.66 19.98 -35.57
CA UNK D 255 28.24 19.77 -35.85
C UNK D 255 28.04 19.99 -37.34
N UNK D 256 28.24 18.94 -38.12
CA UNK D 256 28.17 19.07 -39.56
C UNK D 256 26.72 19.23 -40.01
N UNK D 257 26.46 20.25 -40.83
CA UNK D 257 25.08 20.67 -41.01
C UNK D 257 24.33 19.80 -42.01
N UNK D 258 24.64 19.94 -43.30
CA UNK D 258 23.83 19.38 -44.37
C UNK D 258 24.52 19.51 -45.72
N UNK D 259 23.76 19.34 -46.80
CA UNK D 259 24.10 19.94 -48.08
C UNK D 259 23.51 21.34 -48.23
N UNK D 260 23.18 21.99 -47.12
CA UNK D 260 22.82 23.39 -47.10
C UNK D 260 24.04 24.30 -47.07
N UNK D 261 25.24 23.76 -47.05
CA UNK D 261 26.43 24.58 -47.19
C UNK D 261 26.70 24.70 -48.67
N UNK D 262 26.42 25.86 -49.24
CA UNK D 262 26.49 25.99 -50.69
C UNK D 262 27.92 26.00 -51.18
N UNK D 263 28.12 25.52 -52.40
CA UNK D 263 29.43 25.42 -53.00
C UNK D 263 29.85 26.78 -53.53
N UNK D 264 30.88 26.82 -54.34
CA UNK D 264 31.38 28.06 -54.88
C UNK D 264 31.37 28.07 -56.40
N UNK D 265 30.40 27.37 -57.00
CA UNK D 265 30.36 27.29 -58.47
C UNK D 265 29.79 28.57 -59.06
N UNK D 266 28.51 28.81 -58.82
CA UNK D 266 27.80 29.99 -59.28
C UNK D 266 26.57 30.13 -58.42
N UNK D 267 25.59 30.89 -58.90
CA UNK D 267 24.43 31.19 -58.08
C UNK D 267 23.22 30.33 -58.39
N UNK D 268 22.79 30.31 -59.66
CA UNK D 268 21.54 29.81 -60.23
C UNK D 268 20.36 30.71 -59.88
N UNK D 269 20.57 31.71 -59.03
CA UNK D 269 19.74 32.91 -58.91
C UNK D 269 18.27 32.65 -58.60
N UNK D 270 17.97 31.54 -57.92
CA UNK D 270 16.66 31.23 -57.32
C UNK D 270 15.53 31.22 -58.36
N UNK D 271 15.60 30.24 -59.25
CA UNK D 271 14.63 30.12 -60.33
C UNK D 271 13.29 29.72 -59.78
N UNK D 272 12.29 30.58 -59.94
CA UNK D 272 10.93 30.27 -59.57
C UNK D 272 10.07 30.12 -60.82
N UNK D 273 8.86 29.61 -60.60
CA UNK D 273 7.91 29.42 -61.69
C UNK D 273 7.47 30.76 -62.25
N UNK D 274 6.92 30.73 -63.46
CA UNK D 274 6.51 31.95 -64.13
C UNK D 274 5.20 32.45 -63.56
N UNK D 275 5.08 33.78 -63.45
CA UNK D 275 3.93 34.39 -62.80
C UNK D 275 2.65 34.15 -63.57
N UNK D 276 2.74 34.04 -64.90
CA UNK D 276 1.57 33.70 -65.68
C UNK D 276 1.10 32.30 -65.38
N UNK D 277 2.04 31.37 -65.23
CA UNK D 277 1.70 30.02 -64.83
C UNK D 277 1.08 30.02 -63.44
N UNK D 278 1.58 30.88 -62.56
CA UNK D 278 1.04 30.96 -61.22
C UNK D 278 -0.39 31.47 -61.23
N UNK D 279 -0.67 32.52 -62.01
CA UNK D 279 -1.99 33.11 -62.02
C UNK D 279 -2.99 32.18 -62.67
N UNK D 280 -2.55 31.46 -63.70
CA UNK D 280 -3.44 30.49 -64.32
C UNK D 280 -3.74 29.35 -63.37
N UNK D 281 -2.71 28.84 -62.69
CA UNK D 281 -2.92 27.73 -61.77
C UNK D 281 -3.68 28.13 -60.54
N UNK D 282 -3.70 29.42 -60.20
CA UNK D 282 -4.49 29.85 -59.05
C UNK D 282 -5.94 30.08 -59.44
N UNK D 283 -6.15 30.80 -60.54
CA UNK D 283 -7.50 31.11 -60.97
C UNK D 283 -8.26 29.87 -61.36
N UNK D 284 -7.58 28.94 -62.03
CA UNK D 284 -8.22 27.70 -62.41
C UNK D 284 -8.55 26.86 -61.19
N UNK D 285 -7.67 26.85 -60.19
CA UNK D 285 -7.91 26.02 -59.01
C UNK D 285 -9.08 26.57 -58.20
N UNK D 286 -9.08 27.87 -57.98
CA UNK D 286 -10.17 28.46 -57.21
C UNK D 286 -11.49 28.36 -57.96
N UNK D 287 -11.45 28.56 -59.28
CA UNK D 287 -12.67 28.50 -60.06
C UNK D 287 -13.22 27.09 -60.12
N UNK D 288 -12.34 26.09 -60.24
CA UNK D 288 -12.80 24.72 -60.29
C UNK D 288 -13.36 24.28 -58.96
N UNK D 289 -12.76 24.77 -57.86
CA UNK D 289 -13.33 24.49 -56.55
C UNK D 289 -14.69 25.15 -56.38
N UNK D 290 -14.83 26.36 -56.93
CA UNK D 290 -16.10 27.07 -56.86
C UNK D 290 -17.17 26.34 -57.65
N UNK D 291 -16.87 26.02 -58.90
CA UNK D 291 -17.83 25.34 -59.76
C UNK D 291 -18.07 23.91 -59.33
N UNK D 292 -17.14 23.32 -58.59
CA UNK D 292 -17.40 22.01 -58.01
C UNK D 292 -18.32 22.10 -56.81
N UNK D 293 -18.22 23.17 -56.02
CA UNK D 293 -19.23 23.41 -55.00
C UNK D 293 -20.59 23.64 -55.63
N UNK D 294 -20.61 24.39 -56.73
CA UNK D 294 -21.86 24.63 -57.46
C UNK D 294 -22.38 23.36 -58.10
N UNK D 295 -21.50 22.46 -58.50
CA UNK D 295 -21.94 21.22 -59.12
C UNK D 295 -22.47 20.24 -58.10
N UNK D 296 -21.80 20.14 -56.95
CA UNK D 296 -22.33 19.34 -55.85
C UNK D 296 -23.66 19.89 -55.38
N UNK D 297 -23.81 21.22 -55.43
CA UNK D 297 -25.10 21.82 -55.15
C UNK D 297 -26.09 21.61 -56.28
N UNK D 298 -25.62 21.38 -57.50
CA UNK D 298 -26.50 21.22 -58.65
C UNK D 298 -27.27 19.91 -58.62
N UNK D 299 -26.93 19.01 -57.72
CA UNK D 299 -27.75 17.84 -57.46
C UNK D 299 -28.98 18.24 -56.65
N UNK E 1 15.31 55.83 -5.43
CA UNK E 1 15.95 56.78 -4.54
C UNK E 1 17.14 57.42 -5.22
N UNK E 2 16.98 58.61 -5.79
CA UNK E 2 15.70 59.27 -5.96
C UNK E 2 15.44 59.38 -7.42
N UNK E 3 16.17 58.55 -8.16
CA UNK E 3 16.01 58.38 -9.59
C UNK E 3 15.24 57.13 -9.93
N UNK E 4 15.09 56.21 -8.99
CA UNK E 4 14.39 54.96 -9.24
C UNK E 4 12.94 55.04 -8.81
N UNK E 5 12.22 56.03 -9.28
CA UNK E 5 10.77 55.96 -9.26
C UNK E 5 10.33 55.47 -10.63
N UNK E 6 9.04 55.46 -10.92
CA UNK E 6 8.63 54.98 -12.24
C UNK E 6 7.38 55.73 -12.69
N UNK E 7 7.60 56.79 -13.45
CA UNK E 7 6.50 57.40 -14.15
C UNK E 7 6.04 56.48 -15.26
N UNK E 8 4.75 56.48 -15.52
CA UNK E 8 4.18 55.74 -16.64
C UNK E 8 4.01 56.71 -17.79
N UNK E 9 4.98 56.77 -18.68
CA UNK E 9 4.94 57.73 -19.78
C UNK E 9 3.86 57.32 -20.76
N UNK E 10 2.85 58.16 -20.93
CA UNK E 10 1.83 57.91 -21.95
C UNK E 10 2.36 58.43 -23.27
N UNK E 11 2.55 57.53 -24.23
CA UNK E 11 3.51 57.77 -25.30
C UNK E 11 3.03 58.89 -26.22
N UNK E 12 3.97 59.72 -26.63
CA UNK E 12 3.77 60.88 -27.48
C UNK E 12 4.53 60.65 -28.78
N UNK E 13 4.64 61.68 -29.60
CA UNK E 13 5.23 61.51 -30.92
C UNK E 13 6.75 61.41 -30.91
N UNK E 14 7.37 61.22 -29.75
CA UNK E 14 8.71 60.68 -29.66
C UNK E 14 8.68 59.19 -29.42
N UNK E 15 7.68 58.51 -29.98
CA UNK E 15 7.61 57.06 -29.99
C UNK E 15 7.47 56.53 -31.40
N UNK E 16 8.02 57.23 -32.39
CA UNK E 16 7.85 56.83 -33.77
C UNK E 16 8.69 55.61 -34.06
N UNK E 17 8.11 54.63 -34.74
CA UNK E 17 8.92 53.45 -35.01
C UNK E 17 8.46 52.79 -36.27
N UNK E 18 9.38 52.12 -36.94
CA UNK E 18 9.00 51.32 -38.07
C UNK E 18 8.22 50.12 -37.59
N UNK E 19 7.24 49.70 -38.37
CA UNK E 19 6.61 48.40 -38.20
C UNK E 19 6.96 47.63 -39.44
N UNK E 20 7.56 46.48 -39.28
CA UNK E 20 7.92 45.65 -40.41
C UNK E 20 6.99 44.47 -40.41
N UNK E 21 6.13 44.38 -41.42
CA UNK E 21 5.12 43.35 -41.50
C UNK E 21 5.42 42.54 -42.74
N UNK E 22 5.89 41.32 -42.56
CA UNK E 22 6.13 40.48 -43.73
C UNK E 22 4.83 39.85 -44.14
N UNK E 23 4.58 39.78 -45.44
CA UNK E 23 3.20 39.74 -45.87
C UNK E 23 2.74 38.48 -46.54
N UNK E 24 3.64 37.66 -47.08
CA UNK E 24 3.42 36.66 -48.12
C UNK E 24 2.99 37.26 -49.45
N UNK E 25 3.05 38.56 -49.60
CA UNK E 25 3.02 39.16 -50.92
C UNK E 25 3.89 40.39 -50.99
N UNK E 26 4.58 40.75 -49.92
CA UNK E 26 5.45 41.92 -49.84
C UNK E 26 6.19 41.83 -48.52
N UNK E 27 6.98 42.86 -48.22
CA UNK E 27 7.52 43.07 -46.89
C UNK E 27 7.21 44.53 -46.61
N UNK E 28 6.02 44.80 -46.12
CA UNK E 28 5.61 46.18 -45.97
C UNK E 28 6.31 46.75 -44.76
N UNK E 29 6.81 47.98 -44.87
CA UNK E 29 7.47 48.66 -43.79
C UNK E 29 6.79 50.00 -43.60
N UNK E 30 6.02 50.13 -42.53
CA UNK E 30 5.14 51.25 -42.31
C UNK E 30 5.59 51.99 -41.07
N UNK E 31 5.89 53.28 -41.19
CA UNK E 31 6.35 54.05 -40.05
C UNK E 31 5.15 54.51 -39.25
N UNK E 32 5.01 54.03 -38.03
CA UNK E 32 3.91 54.44 -37.17
C UNK E 32 4.33 55.69 -36.42
N UNK E 33 3.50 56.74 -36.50
CA UNK E 33 3.74 57.98 -35.79
C UNK E 33 2.44 58.40 -35.14
N UNK E 34 2.45 58.64 -33.84
CA UNK E 34 1.26 59.07 -33.11
C UNK E 34 0.92 60.50 -33.49
N UNK E 35 -0.29 60.93 -33.18
CA UNK E 35 -0.79 62.16 -33.79
C UNK E 35 -1.23 63.16 -32.74
N UNK E 36 -0.38 63.42 -31.76
CA UNK E 36 -0.79 64.18 -30.59
C UNK E 36 -0.58 65.66 -30.83
N UNK E 37 -1.56 66.30 -31.48
CA UNK E 37 -1.60 67.75 -31.73
C UNK E 37 -0.34 68.24 -32.41
N UNK E 38 0.14 67.48 -33.40
CA UNK E 38 1.32 67.86 -34.14
C UNK E 38 0.93 69.04 -34.98
N UNK E 39 0.15 68.78 -35.95
CA UNK E 39 -0.86 69.77 -36.24
C UNK E 39 -2.21 69.09 -36.38
N UNK E 40 -2.25 67.94 -37.04
CA UNK E 40 -3.46 67.14 -37.22
C UNK E 40 -3.13 65.84 -37.93
N UNK E 41 -3.85 64.77 -37.59
CA UNK E 41 -4.57 63.84 -38.47
C UNK E 41 -5.00 62.66 -37.62
N UNK E 42 -5.69 61.69 -38.18
CA UNK E 42 -5.77 60.38 -37.56
C UNK E 42 -5.89 59.34 -38.65
N UNK E 43 -6.19 58.11 -38.27
CA UNK E 43 -6.41 57.05 -39.24
C UNK E 43 -7.18 55.95 -38.56
N UNK E 44 -8.42 55.71 -38.97
CA UNK E 44 -9.18 54.62 -38.40
C UNK E 44 -8.99 53.35 -39.22
N UNK E 45 -9.28 53.42 -40.51
CA UNK E 45 -9.02 52.30 -41.40
C UNK E 45 -8.14 52.81 -42.52
N UNK E 46 -6.86 52.47 -42.49
CA UNK E 46 -5.98 52.81 -43.59
C UNK E 46 -5.94 51.59 -44.46
N UNK E 47 -6.72 51.60 -45.53
CA UNK E 47 -6.72 50.50 -46.47
C UNK E 47 -5.64 50.76 -47.50
N UNK E 48 -4.63 49.91 -47.54
CA UNK E 48 -3.53 50.09 -48.47
C UNK E 48 -3.98 49.49 -49.79
N UNK E 49 -4.42 50.33 -50.72
CA UNK E 49 -4.77 49.87 -52.05
C UNK E 49 -3.50 49.65 -52.86
N UNK E 50 -3.36 48.46 -53.41
CA UNK E 50 -2.15 48.06 -54.09
C UNK E 50 -2.31 48.38 -55.57
N UNK E 51 -1.81 49.55 -55.97
CA UNK E 51 -2.06 50.04 -57.32
C UNK E 51 -1.32 49.21 -58.35
N UNK E 52 -0.01 49.07 -58.20
CA UNK E 52 0.78 48.36 -59.19
C UNK E 52 0.52 46.87 -59.19
N UNK E 53 -0.20 46.34 -58.21
CA UNK E 53 -0.57 44.94 -58.25
C UNK E 53 -1.56 44.68 -59.36
N UNK E 54 -2.47 45.62 -59.59
CA UNK E 54 -3.49 45.39 -60.59
C UNK E 54 -2.93 45.39 -62.00
N UNK E 55 -1.82 46.10 -62.23
CA UNK E 55 -1.20 46.01 -63.54
C UNK E 55 -0.53 44.67 -63.77
N UNK E 56 0.06 44.10 -62.72
CA UNK E 56 0.58 42.75 -62.85
C UNK E 56 -0.53 41.73 -62.91
N UNK E 57 -1.74 42.08 -62.52
CA UNK E 57 -2.86 41.24 -62.83
C UNK E 57 -3.28 41.40 -64.28
N UNK E 58 -3.20 42.63 -64.78
CA UNK E 58 -3.73 42.93 -66.10
C UNK E 58 -2.86 42.34 -67.20
N UNK E 59 -1.54 42.33 -67.00
CA UNK E 59 -0.68 41.69 -68.00
C UNK E 59 -0.91 40.19 -68.04
N UNK E 60 -1.09 39.58 -66.88
CA UNK E 60 -1.37 38.15 -66.84
C UNK E 60 -2.77 37.84 -67.30
N UNK E 61 -3.66 38.82 -67.35
CA UNK E 61 -4.94 38.60 -68.00
C UNK E 61 -4.86 38.80 -69.51
N UNK E 62 -3.99 39.70 -69.95
CA UNK E 62 -3.87 39.95 -71.38
C UNK E 62 -3.15 38.82 -72.10
N UNK E 63 -2.09 38.29 -71.50
CA UNK E 63 -1.37 37.19 -72.12
C UNK E 63 -2.16 35.90 -72.07
N UNK E 64 -3.09 35.76 -71.13
CA UNK E 64 -3.92 34.57 -71.07
C UNK E 64 -5.24 34.74 -71.79
N UNK E 65 -5.61 35.96 -72.17
CA UNK E 65 -6.72 36.14 -73.09
C UNK E 65 -6.30 35.95 -74.53
N UNK E 66 -5.01 36.11 -74.83
CA UNK E 66 -4.46 35.78 -76.13
C UNK E 66 -3.90 34.36 -76.17
N UNK E 67 -2.93 34.07 -75.33
CA UNK E 67 -2.32 32.75 -75.31
C UNK E 67 -2.82 31.93 -74.13
N UNK E 68 44.97 54.66 1.41
CA UNK E 68 44.25 55.49 0.45
C UNK E 68 43.04 54.74 -0.05
N UNK E 69 42.99 53.45 0.25
CA UNK E 69 41.91 52.61 -0.25
C UNK E 69 40.58 52.91 0.41
N UNK E 70 40.60 53.52 1.59
CA UNK E 70 39.40 54.11 2.13
C UNK E 70 39.39 55.61 1.91
N UNK E 71 40.31 56.12 1.09
CA UNK E 71 40.31 57.53 0.73
C UNK E 71 40.01 57.72 -0.75
N UNK E 72 40.79 57.09 -1.63
CA UNK E 72 40.67 57.37 -3.04
C UNK E 72 39.39 56.81 -3.60
N UNK E 73 38.97 55.65 -3.11
CA UNK E 73 37.70 55.09 -3.54
C UNK E 73 36.55 55.98 -3.12
N UNK E 74 36.65 56.59 -1.94
CA UNK E 74 35.58 57.47 -1.48
C UNK E 74 35.54 58.76 -2.28
N UNK E 75 36.71 59.30 -2.62
CA UNK E 75 36.75 60.51 -3.43
C UNK E 75 36.25 60.22 -4.84
N UNK E 76 36.59 59.07 -5.39
CA UNK E 76 36.10 58.73 -6.71
C UNK E 76 34.62 58.42 -6.67
N UNK E 77 34.13 57.88 -5.56
CA UNK E 77 32.70 57.62 -5.45
C UNK E 77 31.91 58.92 -5.40
N UNK E 78 32.38 59.87 -4.61
CA UNK E 78 31.71 61.16 -4.57
C UNK E 78 31.85 61.91 -5.87
N UNK E 79 32.99 61.79 -6.56
CA UNK E 79 33.13 62.47 -7.84
C UNK E 79 32.31 61.79 -8.91
N UNK E 80 32.09 60.49 -8.77
CA UNK E 80 31.25 59.77 -9.71
C UNK E 80 29.81 60.19 -9.55
N UNK E 81 29.30 60.14 -8.33
CA UNK E 81 27.93 60.58 -8.11
C UNK E 81 27.77 62.07 -8.29
N UNK E 82 28.85 62.83 -8.22
CA UNK E 82 28.80 64.26 -8.46
C UNK E 82 28.77 64.60 -9.94
N UNK E 83 29.51 63.88 -10.76
CA UNK E 83 29.37 64.10 -12.18
C UNK E 83 28.13 63.40 -12.71
N UNK E 84 27.63 62.40 -12.01
CA UNK E 84 26.44 61.69 -12.45
C UNK E 84 25.19 62.51 -12.27
N UNK E 85 25.21 63.53 -11.43
CA UNK E 85 24.21 64.59 -11.51
C UNK E 85 24.69 65.64 -12.49
N UNK E 86 24.73 65.24 -13.76
CA UNK E 86 25.18 66.11 -14.84
C UNK E 86 24.15 67.19 -15.09
N UNK E 87 22.97 66.80 -15.56
CA UNK E 87 21.81 67.67 -15.68
C UNK E 87 20.57 66.85 -15.97
N UNK E 88 19.52 66.99 -15.14
CA UNK E 88 18.24 66.32 -15.29
C UNK E 88 18.41 64.80 -15.31
N UNK E 89 18.76 64.27 -14.15
CA UNK E 89 19.03 62.85 -13.99
C UNK E 89 17.80 62.02 -14.36
N UNK E 90 18.02 60.79 -14.76
CA UNK E 90 17.00 60.03 -15.48
C UNK E 90 16.14 59.22 -14.52
N UNK E 91 14.83 59.22 -14.75
CA UNK E 91 13.90 58.36 -14.04
C UNK E 91 13.52 57.17 -14.90
N UNK E 92 13.60 55.97 -14.35
CA UNK E 92 13.30 54.78 -15.12
C UNK E 92 11.80 54.64 -15.31
N UNK E 93 11.35 54.50 -16.56
CA UNK E 93 9.94 54.60 -16.91
C UNK E 93 9.32 53.25 -17.26
N UNK E 94 8.03 53.28 -17.64
CA UNK E 94 7.28 52.09 -18.06
C UNK E 94 6.12 52.54 -18.93
N UNK E 95 6.06 52.07 -20.17
CA UNK E 95 5.34 52.79 -21.22
C UNK E 95 3.83 52.59 -21.17
N UNK E 96 3.14 53.05 -22.20
CA UNK E 96 1.69 52.91 -22.35
C UNK E 96 1.34 53.07 -23.82
N UNK E 97 0.58 52.12 -24.37
CA UNK E 97 0.52 51.88 -25.80
C UNK E 97 -0.32 52.89 -26.56
N UNK E 98 0.06 53.13 -27.81
CA UNK E 98 -0.89 53.46 -28.86
C UNK E 98 -1.20 52.15 -29.56
N UNK E 99 -2.13 52.14 -30.48
CA UNK E 99 -2.68 50.86 -30.87
C UNK E 99 -2.69 50.68 -32.39
N UNK E 100 -2.66 49.43 -32.85
CA UNK E 100 -2.89 49.14 -34.26
C UNK E 100 -3.30 47.68 -34.48
N UNK E 101 -4.47 47.40 -35.02
CA UNK E 101 -4.76 46.04 -35.46
C UNK E 101 -4.37 45.95 -36.92
N UNK E 102 -3.21 45.39 -37.22
CA UNK E 102 -2.86 45.18 -38.61
C UNK E 102 -3.66 43.98 -39.07
N UNK E 103 -4.71 44.23 -39.85
CA UNK E 103 -5.75 43.23 -40.03
C UNK E 103 -5.88 42.86 -41.48
N UNK E 104 -4.98 42.00 -41.93
CA UNK E 104 -5.17 41.25 -43.15
C UNK E 104 -5.65 39.87 -42.85
N UNK E 105 -5.12 39.28 -41.79
CA UNK E 105 -5.79 38.16 -41.15
C UNK E 105 -6.18 38.51 -39.72
N UNK E 106 -5.21 38.68 -38.83
CA UNK E 106 -5.33 39.34 -37.54
C UNK E 106 -3.92 39.46 -36.98
N UNK E 107 -3.45 40.66 -36.65
CA UNK E 107 -2.27 40.76 -35.80
C UNK E 107 -2.43 42.03 -35.00
N UNK E 108 -2.52 41.91 -33.70
CA UNK E 108 -2.87 43.05 -32.88
C UNK E 108 -1.60 43.60 -32.27
N UNK E 109 -1.01 44.60 -32.89
CA UNK E 109 0.21 45.19 -32.39
C UNK E 109 -0.13 46.48 -31.67
N UNK E 110 -0.10 46.47 -30.36
CA UNK E 110 -0.13 47.71 -29.63
C UNK E 110 1.30 48.18 -29.49
N UNK E 111 1.62 49.36 -30.03
CA UNK E 111 3.00 49.85 -30.04
C UNK E 111 3.38 50.30 -28.62
N UNK E 112 3.47 49.30 -27.75
CA UNK E 112 3.58 49.49 -26.31
C UNK E 112 5.03 49.43 -25.87
N UNK E 113 5.70 48.40 -26.24
CA UNK E 113 7.06 48.24 -25.89
C UNK E 113 7.99 49.14 -26.69
N UNK E 114 7.52 50.14 -27.46
CA UNK E 114 8.23 50.76 -28.59
C UNK E 114 8.80 49.67 -29.50
N UNK E 115 8.05 48.59 -29.62
CA UNK E 115 8.45 47.38 -30.32
C UNK E 115 8.24 47.62 -31.82
N UNK E 116 8.53 46.62 -32.63
CA UNK E 116 8.41 46.93 -34.02
C UNK E 116 7.89 45.84 -34.93
N UNK E 117 7.89 44.58 -34.59
CA UNK E 117 7.93 43.58 -35.63
C UNK E 117 6.63 42.78 -35.75
N UNK E 118 6.31 42.34 -36.95
CA UNK E 118 5.29 41.32 -37.16
C UNK E 118 5.70 40.56 -38.42
N UNK E 119 6.29 39.40 -38.22
CA UNK E 119 6.89 38.66 -39.30
C UNK E 119 5.94 37.58 -39.76
N UNK E 120 5.61 37.61 -41.05
CA UNK E 120 4.82 36.60 -41.77
C UNK E 120 3.35 36.56 -41.34
N UNK E 121 2.73 37.72 -41.18
CA UNK E 121 1.27 37.78 -41.31
C UNK E 121 0.94 37.46 -42.75
N UNK E 122 -0.13 36.72 -42.96
CA UNK E 122 -0.39 36.12 -44.26
C UNK E 122 -1.47 36.89 -45.01
N UNK E 123 -1.06 37.79 -45.89
CA UNK E 123 -2.01 38.58 -46.65
C UNK E 123 -2.56 37.74 -47.78
N UNK E 124 -3.59 36.95 -47.48
CA UNK E 124 -4.30 36.24 -48.54
C UNK E 124 -5.04 37.23 -49.42
N UNK E 125 -5.96 37.97 -48.84
CA UNK E 125 -6.47 39.18 -49.46
C UNK E 125 -5.47 40.30 -49.20
N UNK E 126 -5.81 41.52 -49.52
CA UNK E 126 -4.82 42.56 -49.30
C UNK E 126 -4.87 43.00 -47.85
N UNK E 127 -3.79 43.65 -47.43
CA UNK E 127 -3.70 44.11 -46.06
C UNK E 127 -4.34 45.47 -45.94
N UNK E 128 -5.11 45.65 -44.89
CA UNK E 128 -5.66 46.95 -44.54
C UNK E 128 -5.35 47.15 -43.07
N UNK E 129 -4.48 48.08 -42.74
CA UNK E 129 -4.14 48.25 -41.34
C UNK E 129 -5.21 49.12 -40.72
N UNK E 130 -5.75 48.72 -39.58
CA UNK E 130 -6.80 49.52 -38.95
C UNK E 130 -6.31 49.97 -37.60
N UNK E 131 -5.98 51.24 -37.44
CA UNK E 131 -5.61 51.72 -36.12
C UNK E 131 -6.86 51.91 -35.31
N UNK E 132 -6.80 51.61 -34.02
CA UNK E 132 -8.06 51.49 -33.28
C UNK E 132 -8.60 52.83 -32.76
N UNK E 133 -7.95 53.44 -31.77
CA UNK E 133 -8.72 54.49 -31.09
C UNK E 133 -8.06 55.81 -30.78
N UNK E 134 -6.87 55.76 -30.17
CA UNK E 134 -6.23 56.90 -29.51
C UNK E 134 -5.12 57.47 -30.38
N UNK E 135 -5.43 57.52 -31.68
CA UNK E 135 -4.80 58.31 -32.70
C UNK E 135 -3.38 57.93 -33.09
N UNK E 136 -3.19 56.77 -33.68
CA UNK E 136 -1.97 56.59 -34.43
C UNK E 136 -2.11 57.23 -35.80
N UNK E 137 -1.04 57.14 -36.59
CA UNK E 137 -1.11 57.41 -38.02
C UNK E 137 0.00 56.60 -38.65
N UNK E 138 -0.36 55.61 -39.44
CA UNK E 138 0.65 54.89 -40.20
C UNK E 138 0.95 55.70 -41.44
N UNK E 139 2.23 55.94 -41.71
CA UNK E 139 2.63 56.63 -42.92
C UNK E 139 3.71 55.76 -43.54
N UNK E 140 3.37 55.01 -44.59
CA UNK E 140 4.23 53.98 -45.12
C UNK E 140 5.51 54.57 -45.69
N UNK E 141 6.58 53.79 -45.64
CA UNK E 141 7.91 54.29 -45.99
C UNK E 141 8.09 54.32 -47.49
N UNK E 142 9.32 54.49 -47.94
CA UNK E 142 9.56 55.02 -49.28
C UNK E 142 9.31 54.02 -50.39
N UNK E 143 10.09 52.95 -50.46
CA UNK E 143 10.10 52.09 -51.64
C UNK E 143 8.89 51.15 -51.67
N UNK E 144 8.75 50.44 -52.79
CA UNK E 144 7.76 49.38 -53.02
C UNK E 144 6.32 49.89 -52.92
N UNK E 145 5.94 50.70 -53.90
CA UNK E 145 4.77 51.57 -53.82
C UNK E 145 3.44 50.85 -53.81
N UNK E 146 2.94 50.58 -52.62
CA UNK E 146 1.51 50.51 -52.37
C UNK E 146 0.97 51.93 -52.27
N UNK E 147 -0.32 52.10 -52.05
CA UNK E 147 -0.84 53.46 -51.92
C UNK E 147 -2.01 53.48 -50.96
N UNK E 148 -1.95 54.32 -49.94
CA UNK E 148 -2.91 54.28 -48.86
C UNK E 148 -4.23 54.91 -49.28
N UNK E 149 -5.28 54.59 -48.53
CA UNK E 149 -6.58 55.27 -48.61
C UNK E 149 -7.13 55.28 -47.21
N UNK E 150 -7.27 56.45 -46.61
CA UNK E 150 -7.35 56.56 -45.16
C UNK E 150 -8.70 57.09 -44.73
N UNK E 151 -9.45 56.29 -43.96
CA UNK E 151 -10.70 56.78 -43.38
C UNK E 151 -10.35 57.62 -42.17
N UNK E 152 -10.02 58.88 -42.42
CA UNK E 152 -9.52 59.74 -41.37
C UNK E 152 -10.62 60.16 -40.42
N UNK E 153 -10.31 60.16 -39.13
CA UNK E 153 -11.28 60.57 -38.11
C UNK E 153 -10.53 61.38 -37.09
N UNK E 154 -10.50 62.70 -37.30
CA UNK E 154 -9.55 63.61 -36.66
C UNK E 154 -9.59 63.51 -35.15
N UNK E 155 -8.42 63.69 -34.54
CA UNK E 155 -8.27 63.46 -33.11
C UNK E 155 -9.05 64.51 -32.35
N UNK E 156 -9.88 64.06 -31.41
CA UNK E 156 -10.84 64.93 -30.73
C UNK E 156 -10.24 65.65 -29.57
N UNK E 157 -8.94 65.89 -29.61
CA UNK E 157 -8.32 66.94 -28.82
C UNK E 157 -8.65 68.29 -29.44
N UNK E 158 -8.01 69.34 -28.95
CA UNK E 158 -8.50 70.68 -29.18
C UNK E 158 -8.13 71.20 -30.57
N UNK E 159 -8.31 72.49 -30.73
CA UNK E 159 -8.25 73.20 -32.00
C UNK E 159 -6.82 73.49 -32.42
N UNK E 160 -6.69 74.47 -33.29
CA UNK E 160 -5.45 75.22 -33.43
C UNK E 160 -4.96 75.60 -32.05
N UNK E 161 -3.79 75.07 -31.69
CA UNK E 161 -3.20 75.27 -30.38
C UNK E 161 -2.88 76.74 -30.17
N UNK E 162 -3.10 77.22 -28.96
CA UNK E 162 -3.37 78.63 -28.74
C UNK E 162 -2.24 79.60 -29.03
N UNK E 163 -1.23 79.65 -28.18
CA UNK E 163 -0.20 80.66 -28.42
C UNK E 163 1.22 80.28 -28.06
N UNK E 164 1.46 79.12 -27.46
CA UNK E 164 2.79 78.85 -26.94
C UNK E 164 3.05 77.36 -26.83
N UNK E 165 -7.51 75.33 -53.16
CA UNK E 165 -7.69 74.14 -52.35
C UNK E 165 -7.45 74.47 -50.89
N UNK E 166 -8.40 75.19 -50.31
CA UNK E 166 -8.28 75.64 -48.92
C UNK E 166 -8.41 74.42 -48.02
N UNK E 167 -7.26 73.93 -47.55
CA UNK E 167 -7.27 72.73 -46.75
C UNK E 167 -7.83 72.95 -45.35
N UNK E 168 -7.88 74.20 -44.89
CA UNK E 168 -8.54 74.62 -43.64
C UNK E 168 -7.93 73.91 -42.43
N UNK E 169 -6.69 74.30 -42.13
CA UNK E 169 -5.91 73.82 -40.99
C UNK E 169 -5.62 72.34 -41.05
N UNK E 170 -5.70 71.78 -42.24
CA UNK E 170 -4.79 70.73 -42.65
C UNK E 170 -3.58 71.32 -43.34
N UNK E 171 -3.66 72.61 -43.67
CA UNK E 171 -2.51 73.34 -44.17
C UNK E 171 -1.40 73.34 -43.14
N UNK E 172 -1.77 73.43 -41.88
CA UNK E 172 -0.75 73.33 -40.83
C UNK E 172 -0.14 71.94 -40.78
N UNK E 173 -0.92 70.90 -41.09
CA UNK E 173 -0.36 69.56 -41.08
C UNK E 173 0.64 69.41 -42.21
N UNK E 174 0.26 69.84 -43.41
CA UNK E 174 1.18 69.80 -44.54
C UNK E 174 2.33 70.76 -44.36
N UNK E 175 2.22 71.72 -43.46
CA UNK E 175 3.39 72.48 -43.10
C UNK E 175 4.32 71.67 -42.22
N UNK E 176 3.82 71.28 -41.05
CA UNK E 176 4.71 70.78 -40.01
C UNK E 176 5.26 69.41 -40.33
N UNK E 177 4.58 68.64 -41.18
CA UNK E 177 5.22 67.44 -41.70
C UNK E 177 6.41 67.82 -42.56
N UNK E 178 6.21 68.72 -43.51
CA UNK E 178 7.27 69.13 -44.41
C UNK E 178 8.17 70.18 -43.81
N UNK E 179 8.12 70.38 -42.51
CA UNK E 179 9.16 71.12 -41.84
C UNK E 179 9.95 70.26 -40.88
N UNK E 180 9.29 69.28 -40.26
CA UNK E 180 10.03 68.34 -39.43
C UNK E 180 10.92 67.46 -40.27
N UNK E 181 10.48 67.10 -41.46
CA UNK E 181 11.27 66.27 -42.33
C UNK E 181 12.22 67.06 -43.19
N UNK E 182 12.47 68.32 -42.85
CA UNK E 182 13.44 69.11 -43.59
C UNK E 182 14.84 68.59 -43.33
N UNK E 183 15.67 68.63 -44.34
CA UNK E 183 17.07 68.27 -44.18
C UNK E 183 17.81 69.48 -43.64
N UNK E 184 18.64 69.25 -42.62
CA UNK E 184 19.37 70.28 -41.89
C UNK E 184 18.41 71.34 -41.35
N UNK E 185 17.62 70.89 -40.37
CA UNK E 185 16.72 71.78 -39.66
C UNK E 185 17.49 72.94 -39.06
N UNK E 186 16.83 74.10 -39.00
CA UNK E 186 17.45 75.40 -38.85
C UNK E 186 18.50 75.62 -39.95
N UNK E 187 17.98 75.69 -41.16
CA UNK E 187 18.71 76.21 -42.31
C UNK E 187 18.28 77.61 -42.69
N UNK E 188 17.14 78.08 -42.19
CA UNK E 188 16.59 79.44 -42.27
C UNK E 188 16.18 79.88 -43.66
N UNK E 189 16.44 79.09 -44.69
CA UNK E 189 15.94 79.40 -46.01
C UNK E 189 15.17 78.24 -46.58
N UNK E 190 15.20 77.09 -45.92
CA UNK E 190 14.25 76.04 -46.22
C UNK E 190 13.00 76.16 -45.39
N UNK E 191 13.13 76.78 -44.22
CA UNK E 191 11.96 77.04 -43.40
C UNK E 191 11.02 77.98 -44.13
N UNK E 192 11.55 78.96 -44.84
CA UNK E 192 10.70 79.83 -45.63
C UNK E 192 10.17 79.14 -46.87
N UNK E 193 10.79 78.05 -47.28
CA UNK E 193 10.17 77.24 -48.32
C UNK E 193 9.07 76.36 -47.76
N UNK E 194 9.14 76.02 -46.47
CA UNK E 194 8.10 75.21 -45.87
C UNK E 194 6.88 76.03 -45.54
N UNK E 195 7.06 77.10 -44.76
CA UNK E 195 5.96 77.94 -44.33
C UNK E 195 5.58 78.93 -45.43
N UNK E 196 5.24 78.39 -46.60
CA UNK E 196 5.09 79.18 -47.81
C UNK E 196 3.64 79.36 -48.22
N UNK E 197 2.71 78.91 -47.40
CA UNK E 197 1.32 79.25 -47.64
C UNK E 197 0.57 79.55 -46.35
N UNK E 198 1.24 79.51 -45.21
CA UNK E 198 0.57 79.81 -43.96
C UNK E 198 0.38 81.30 -43.83
N UNK E 199 -0.73 81.69 -43.23
CA UNK E 199 -0.93 83.09 -42.91
C UNK E 199 -0.08 83.46 -41.71
N UNK E 200 0.02 84.77 -41.47
CA UNK E 200 0.97 85.31 -40.51
C UNK E 200 0.66 84.89 -39.08
N UNK E 201 -0.60 84.62 -38.77
CA UNK E 201 -0.92 84.04 -37.48
C UNK E 201 -0.42 82.60 -37.41
N UNK E 202 -0.55 81.87 -38.51
CA UNK E 202 -0.22 80.45 -38.50
C UNK E 202 1.27 80.23 -38.39
N UNK E 203 2.08 81.20 -38.86
CA UNK E 203 3.52 81.08 -38.78
C UNK E 203 3.99 81.03 -37.35
N UNK E 204 3.24 81.66 -36.45
CA UNK E 204 3.60 81.66 -35.04
C UNK E 204 3.51 80.27 -34.45
N UNK E 205 2.35 79.62 -34.59
CA UNK E 205 2.19 78.30 -34.02
C UNK E 205 3.08 77.28 -34.69
N UNK E 206 3.31 77.40 -36.00
CA UNK E 206 4.16 76.44 -36.67
C UNK E 206 5.62 76.61 -36.25
N UNK E 207 6.13 77.84 -36.26
CA UNK E 207 7.52 78.06 -35.87
C UNK E 207 7.74 77.78 -34.40
N UNK E 208 6.74 78.04 -33.57
CA UNK E 208 6.90 77.79 -32.14
C UNK E 208 6.88 76.31 -31.84
N UNK E 209 6.01 75.57 -32.52
CA UNK E 209 6.00 74.13 -32.34
C UNK E 209 7.30 73.52 -32.84
N UNK E 210 7.87 74.08 -33.91
CA UNK E 210 9.18 73.64 -34.35
C UNK E 210 10.24 73.95 -33.32
N UNK E 211 10.15 75.11 -32.68
CA UNK E 211 11.17 75.50 -31.71
C UNK E 211 11.11 74.61 -30.48
N UNK E 212 9.92 74.44 -29.92
CA UNK E 212 9.79 73.59 -28.74
C UNK E 212 10.06 72.13 -29.10
N UNK E 213 9.77 71.72 -30.32
CA UNK E 213 10.02 70.34 -30.68
C UNK E 213 11.51 70.07 -30.83
N UNK E 214 12.24 71.00 -31.43
CA UNK E 214 13.67 70.77 -31.54
C UNK E 214 14.36 70.89 -30.19
N UNK E 215 13.84 71.74 -29.32
CA UNK E 215 14.40 71.80 -27.98
C UNK E 215 14.07 70.55 -27.18
N UNK E 216 12.94 69.92 -27.47
CA UNK E 216 12.68 68.62 -26.86
C UNK E 216 13.59 67.56 -27.45
N UNK E 217 13.86 67.65 -28.75
CA UNK E 217 14.64 66.62 -29.40
C UNK E 217 16.09 66.66 -28.98
N UNK E 218 16.64 67.85 -28.73
CA UNK E 218 18.00 67.92 -28.24
C UNK E 218 18.11 67.32 -26.85
N UNK E 219 17.10 67.55 -26.01
CA UNK E 219 17.10 66.95 -24.70
C UNK E 219 16.99 65.44 -24.80
N UNK E 220 16.19 64.95 -25.74
CA UNK E 220 16.02 63.51 -25.87
C UNK E 220 17.29 62.86 -26.38
N UNK E 221 17.90 63.44 -27.39
CA UNK E 221 19.09 62.82 -27.94
C UNK E 221 20.28 62.99 -27.04
N UNK E 222 20.29 63.96 -26.15
CA UNK E 222 21.38 63.98 -25.20
C UNK E 222 21.13 63.01 -24.07
N UNK E 223 19.90 62.93 -23.59
CA UNK E 223 19.61 62.05 -22.48
C UNK E 223 19.61 60.58 -22.90
N UNK E 224 19.49 60.30 -24.18
CA UNK E 224 19.69 58.92 -24.63
C UNK E 224 21.16 58.57 -24.53
N UNK E 225 22.00 59.35 -25.20
CA UNK E 225 23.40 59.05 -25.30
C UNK E 225 24.21 59.57 -24.14
N UNK E 226 23.57 59.87 -23.00
CA UNK E 226 24.36 60.32 -21.87
C UNK E 226 25.17 59.20 -21.28
N UNK E 227 24.54 58.07 -21.02
CA UNK E 227 25.23 56.92 -20.46
C UNK E 227 25.58 55.99 -21.61
N UNK E 228 26.58 56.38 -22.42
CA UNK E 228 26.75 55.72 -23.69
C UNK E 228 28.17 55.41 -24.13
N UNK E 229 29.17 55.50 -23.26
CA UNK E 229 30.55 55.08 -23.50
C UNK E 229 31.25 55.83 -24.62
N UNK E 230 30.68 56.86 -25.08
CA UNK E 230 31.36 57.86 -25.86
C UNK E 230 31.10 59.24 -25.30
N UNK E 231 29.90 59.50 -24.84
CA UNK E 231 29.65 60.69 -24.05
C UNK E 231 29.73 60.39 -22.58
N UNK E 232 30.18 59.20 -22.22
CA UNK E 232 30.67 58.97 -20.87
C UNK E 232 32.18 58.89 -20.88
N UNK E 233 32.79 59.11 -22.00
CA UNK E 233 34.23 59.04 -22.07
C UNK E 233 34.86 60.35 -22.49
N UNK E 234 34.26 61.04 -23.45
CA UNK E 234 34.81 62.33 -23.84
C UNK E 234 34.53 63.40 -22.83
N UNK E 235 33.51 63.20 -22.00
CA UNK E 235 33.18 64.10 -20.90
C UNK E 235 33.67 63.51 -19.60
N UNK E 236 34.89 62.96 -19.63
CA UNK E 236 35.38 61.83 -18.87
C UNK E 236 34.95 61.78 -17.42
N UNK E 237 34.23 60.73 -17.07
CA UNK E 237 33.75 60.57 -15.71
C UNK E 237 34.86 59.97 -14.88
N UNK E 238 34.53 59.56 -13.67
CA UNK E 238 35.50 58.85 -12.87
C UNK E 238 35.73 57.46 -13.44
N UNK E 239 34.67 56.69 -13.58
CA UNK E 239 34.71 55.39 -14.22
C UNK E 239 34.38 55.53 -15.71
N UNK E 240 34.64 54.47 -16.50
CA UNK E 240 34.45 54.62 -17.93
C UNK E 240 33.88 53.43 -18.67
N UNK E 241 33.40 52.38 -17.98
CA UNK E 241 32.55 51.33 -18.55
C UNK E 241 33.24 50.57 -19.70
N UNK E 242 34.23 49.75 -19.34
CA UNK E 242 35.19 49.24 -20.33
C UNK E 242 35.37 47.74 -20.36
N UNK E 243 34.39 46.95 -19.94
CA UNK E 243 34.47 45.52 -20.14
C UNK E 243 33.13 45.01 -20.63
N UNK E 244 32.60 45.69 -21.64
CA UNK E 244 31.24 45.43 -22.10
C UNK E 244 31.11 44.08 -22.76
N UNK E 245 32.12 43.63 -23.48
CA UNK E 245 31.96 42.59 -24.49
C UNK E 245 32.81 41.37 -24.17
N UNK E 246 32.19 40.31 -23.64
CA UNK E 246 32.90 39.04 -23.44
C UNK E 246 31.87 37.91 -23.47
N UNK E 247 31.71 37.27 -24.63
CA UNK E 247 30.60 36.33 -24.82
C UNK E 247 30.90 35.35 -25.96
N UNK E 248 29.86 34.70 -26.47
CA UNK E 248 29.98 33.51 -27.30
C UNK E 248 29.66 33.81 -28.76
N UNK E 249 30.47 33.25 -29.65
CA UNK E 249 30.23 33.32 -31.08
C UNK E 249 29.59 32.02 -31.54
N UNK E 250 28.31 31.88 -31.24
CA UNK E 250 27.59 30.69 -31.64
C UNK E 250 26.27 31.10 -32.27
N UNK E 251 25.71 30.19 -33.05
CA UNK E 251 24.63 30.54 -33.96
C UNK E 251 23.36 30.86 -33.22
N UNK E 252 22.74 31.98 -33.56
CA UNK E 252 21.36 32.20 -33.20
C UNK E 252 20.50 31.27 -34.02
N UNK E 253 19.50 30.65 -33.39
CA UNK E 253 18.80 29.54 -34.01
C UNK E 253 17.80 30.06 -35.03
N UNK E 254 18.00 29.69 -36.29
CA UNK E 254 17.10 30.11 -37.35
C UNK E 254 15.77 29.39 -37.23
N UNK E 255 14.72 30.03 -37.70
CA UNK E 255 13.39 29.44 -37.75
C UNK E 255 12.85 29.67 -39.14
N UNK E 256 13.17 28.77 -40.06
CA UNK E 256 12.76 28.96 -41.44
C UNK E 256 11.27 28.71 -41.59
N UNK E 257 10.56 29.64 -42.23
CA UNK E 257 9.10 29.64 -42.10
C UNK E 257 8.44 28.65 -43.05
N UNK E 258 8.43 28.96 -44.34
CA UNK E 258 7.61 28.24 -45.31
C UNK E 258 7.93 28.66 -46.73
N UNK E 259 7.05 28.34 -47.67
CA UNK E 259 6.92 29.08 -48.91
C UNK E 259 5.95 30.25 -48.79
N UNK E 260 5.69 30.70 -47.56
CA UNK E 260 4.96 31.93 -47.31
C UNK E 260 5.85 33.15 -47.40
N UNK E 261 7.13 33.00 -47.67
CA UNK E 261 7.98 34.15 -47.92
C UNK E 261 7.90 34.42 -49.39
N UNK E 262 7.19 35.48 -49.77
CA UNK E 262 6.92 35.72 -51.18
C UNK E 262 8.15 36.19 -51.91
N UNK E 263 8.21 35.86 -53.20
CA UNK E 263 9.36 36.19 -54.02
C UNK E 263 9.25 37.65 -54.46
N UNK E 264 10.05 38.04 -55.44
CA UNK E 264 10.04 39.42 -55.91
C UNK E 264 9.72 39.50 -57.38
N UNK E 265 8.88 38.59 -57.88
CA UNK E 265 8.56 38.60 -59.31
C UNK E 265 7.54 39.67 -59.64
N UNK E 266 6.33 39.50 -59.14
CA UNK E 266 5.23 40.44 -59.32
C UNK E 266 4.22 40.14 -58.24
N UNK E 267 2.99 40.60 -58.44
CA UNK E 267 1.98 40.51 -57.40
C UNK E 267 1.03 39.33 -57.58
N UNK E 268 0.37 39.26 -58.75
CA UNK E 268 -0.79 38.44 -59.13
C UNK E 268 -2.07 38.92 -58.47
N UNK E 269 -1.98 39.89 -57.55
CA UNK E 269 -3.06 40.78 -57.15
C UNK E 269 -4.31 40.07 -56.61
N UNK E 270 -4.13 38.88 -56.03
CA UNK E 270 -5.15 38.16 -55.24
C UNK E 270 -6.42 37.88 -56.05
N UNK E 271 -6.26 37.03 -57.05
CA UNK E 271 -7.36 36.68 -57.94
C UNK E 271 -8.39 35.86 -57.21
N UNK E 272 -9.59 36.39 -57.08
CA UNK E 272 -10.72 35.67 -56.51
C UNK E 272 -11.73 35.33 -57.59
N UNK E 273 -12.69 34.48 -57.23
CA UNK E 273 -13.74 34.08 -58.13
C UNK E 273 -14.66 35.26 -58.44
N UNK E 274 -15.40 35.14 -59.53
CA UNK E 274 -16.28 36.22 -59.96
C UNK E 274 -17.53 36.26 -59.10
N UNK E 275 -17.99 37.48 -58.83
CA UNK E 275 -19.10 37.68 -57.90
C UNK E 275 -20.39 37.12 -58.46
N UNK E 276 -20.54 37.12 -59.78
CA UNK E 276 -21.72 36.50 -60.37
C UNK E 276 -21.70 34.99 -60.16
N UNK E 277 -20.53 34.40 -60.29
CA UNK E 277 -20.38 32.98 -60.00
C UNK E 277 -20.68 32.71 -58.54
N UNK E 278 -20.26 33.62 -57.67
CA UNK E 278 -20.52 33.46 -56.25
C UNK E 278 -22.00 33.51 -55.94
N UNK E 279 -22.70 34.48 -56.52
CA UNK E 279 -24.13 34.64 -56.23
C UNK E 279 -24.93 33.50 -56.79
N UNK E 280 -24.54 33.00 -57.96
CA UNK E 280 -25.23 31.85 -58.52
C UNK E 280 -24.99 30.62 -57.67
N UNK E 281 -23.74 30.39 -57.26
CA UNK E 281 -23.42 29.23 -56.46
C UNK E 281 -24.00 29.31 -55.06
N UNK E 282 -24.31 30.51 -54.57
CA UNK E 282 -24.92 30.60 -53.26
C UNK E 282 -26.42 30.42 -53.35
N UNK E 283 -27.06 31.11 -54.30
CA UNK E 283 -28.51 31.03 -54.44
C UNK E 283 -28.94 29.64 -54.84
N UNK E 284 -28.18 28.99 -55.72
CA UNK E 284 -28.52 27.64 -56.12
C UNK E 284 -28.34 26.68 -54.96
N UNK E 285 -27.29 26.87 -54.15
CA UNK E 285 -27.05 25.94 -53.06
C UNK E 285 -28.12 26.05 -51.99
N UNK E 286 -28.44 27.28 -51.61
CA UNK E 286 -29.47 27.47 -50.60
C UNK E 286 -30.83 27.04 -51.10
N UNK E 287 -31.13 27.31 -52.38
CA UNK E 287 -32.42 26.93 -52.91
C UNK E 287 -32.55 25.43 -53.05
N UNK E 288 -31.47 24.76 -53.43
CA UNK E 288 -31.53 23.31 -53.58
C UNK E 288 -31.64 22.65 -52.22
N UNK E 289 -31.00 23.22 -51.20
CA UNK E 289 -31.18 22.69 -49.85
C UNK E 289 -32.60 22.92 -49.36
N UNK E 290 -33.19 24.06 -49.73
CA UNK E 290 -34.57 24.35 -49.34
C UNK E 290 -35.52 23.38 -50.01
N UNK E 291 -35.41 23.24 -51.33
CA UNK E 291 -36.31 22.36 -52.06
C UNK E 291 -36.03 20.90 -51.78
N UNK E 292 -34.84 20.57 -51.29
CA UNK E 292 -34.60 19.21 -50.83
C UNK E 292 -35.24 18.95 -49.48
N UNK E 293 -35.27 19.95 -48.60
CA UNK E 293 -36.07 19.81 -47.40
C UNK E 293 -37.54 19.66 -47.74
N UNK E 294 -38.01 20.44 -48.72
CA UNK E 294 -39.39 20.34 -49.17
C UNK E 294 -39.66 19.02 -49.86
N UNK E 295 -38.66 18.44 -50.51
CA UNK E 295 -38.85 17.17 -51.19
C UNK E 295 -38.86 16.01 -50.21
N UNK E 296 -37.97 16.04 -49.22
CA UNK E 296 -38.02 15.06 -48.16
C UNK E 296 -39.31 15.17 -47.38
N UNK E 297 -39.83 16.37 -47.25
CA UNK E 297 -41.15 16.55 -46.68
C UNK E 297 -42.26 16.12 -47.63
N UNK E 298 -42.00 16.12 -48.93
CA UNK E 298 -43.03 15.77 -49.90
C UNK E 298 -43.37 14.28 -49.89
N UNK E 299 -42.61 13.48 -49.17
CA UNK E 299 -43.00 12.10 -48.92
C UNK E 299 -44.08 12.08 -47.86
N UNK F 1 -2.52 58.10 -1.46
CA UNK F 1 -2.00 59.14 -0.59
C UNK F 1 -1.21 60.14 -1.39
N UNK F 2 -1.82 61.26 -1.78
CA UNK F 2 -3.23 61.51 -1.63
C UNK F 2 -3.81 61.64 -3.00
N UNK F 3 -3.05 61.11 -3.95
CA UNK F 3 -3.46 60.99 -5.33
C UNK F 3 -3.89 59.59 -5.68
N UNK F 4 -3.57 58.61 -4.84
CA UNK F 4 -3.93 57.22 -5.11
C UNK F 4 -5.22 56.84 -4.41
N UNK F 5 -6.27 57.59 -4.62
CA UNK F 5 -7.61 57.09 -4.35
C UNK F 5 -8.17 56.58 -5.67
N UNK F 6 -9.44 56.21 -5.71
CA UNK F 6 -9.97 55.69 -6.98
C UNK F 6 -11.44 56.06 -7.11
N UNK F 7 -11.69 57.18 -7.77
CA UNK F 7 -13.04 57.49 -8.18
C UNK F 7 -13.44 56.52 -9.28
N UNK F 8 -14.70 56.17 -9.30
CA UNK F 8 -15.26 55.35 -10.38
C UNK F 8 -15.93 56.30 -11.35
N UNK F 9 -15.23 56.69 -12.40
CA UNK F 9 -15.76 57.66 -13.35
C UNK F 9 -16.86 57.00 -14.16
N UNK F 10 -18.08 57.51 -14.04
CA UNK F 10 -19.18 57.04 -14.88
C UNK F 10 -19.10 57.77 -16.20
N UNK F 11 -18.89 57.02 -17.28
CA UNK F 11 -18.27 57.60 -18.47
C UNK F 11 -19.22 58.58 -19.15
N UNK F 12 -18.66 59.68 -19.61
CA UNK F 12 -19.36 60.77 -20.28
C UNK F 12 -18.84 60.86 -21.70
N UNK F 13 -19.21 61.93 -22.41
CA UNK F 13 -18.88 62.01 -23.83
C UNK F 13 -17.43 62.36 -24.09
N UNK F 14 -16.55 62.31 -23.11
CA UNK F 14 -15.13 62.20 -23.33
C UNK F 14 -14.68 60.75 -23.26
N UNK F 15 -15.55 59.84 -23.71
CA UNK F 15 -15.21 58.43 -23.88
C UNK F 15 -15.50 57.98 -25.29
N UNK F 16 -15.38 58.86 -26.27
CA UNK F 16 -15.71 58.51 -27.64
C UNK F 16 -14.64 57.62 -28.22
N UNK F 17 -15.04 56.56 -28.90
CA UNK F 17 -14.01 55.70 -29.43
C UNK F 17 -14.52 55.00 -30.68
N UNK F 18 -13.61 54.69 -31.57
CA UNK F 18 -13.98 53.87 -32.71
C UNK F 18 -14.28 52.46 -32.23
N UNK F 19 -15.24 51.82 -32.87
CA UNK F 19 -15.42 50.38 -32.74
C UNK F 19 -15.15 49.83 -34.11
N UNK F 20 -14.22 48.90 -34.19
CA UNK F 20 -13.89 48.30 -35.47
C UNK F 20 -14.43 46.88 -35.43
N UNK F 21 -15.41 46.60 -36.27
CA UNK F 21 -16.09 45.32 -36.29
C UNK F 21 -15.84 44.72 -37.64
N UNK F 22 -15.02 43.68 -37.70
CA UNK F 22 -14.80 43.03 -38.99
C UNK F 22 -15.93 42.06 -39.23
N UNK F 23 -16.41 42.00 -40.45
CA UNK F 23 -17.78 41.58 -40.63
C UNK F 23 -18.01 40.29 -41.36
N UNK F 24 -17.05 39.80 -42.14
CA UNK F 24 -17.19 38.84 -43.24
C UNK F 24 -18.03 39.36 -44.38
N UNK F 25 -18.38 40.64 -44.39
CA UNK F 25 -18.84 41.28 -45.59
C UNK F 25 -18.38 42.72 -45.68
N UNK F 26 -17.62 43.20 -44.71
CA UNK F 26 -17.12 44.56 -44.65
C UNK F 26 -16.12 44.62 -43.51
N UNK F 27 -15.61 45.82 -43.25
CA UNK F 27 -14.89 46.11 -42.02
C UNK F 27 -15.53 47.38 -41.52
N UNK F 28 -16.62 47.25 -40.79
CA UNK F 28 -17.35 48.43 -40.40
C UNK F 28 -16.60 49.12 -39.27
N UNK F 29 -16.52 50.44 -39.34
CA UNK F 29 -15.85 51.22 -38.31
C UNK F 29 -16.83 52.28 -37.85
N UNK F 30 -17.37 52.11 -36.65
CA UNK F 30 -18.47 52.91 -36.15
C UNK F 30 -17.99 53.67 -34.92
N UNK F 31 -18.10 54.99 -34.95
CA UNK F 31 -17.64 55.80 -33.82
C UNK F 31 -18.73 55.83 -32.77
N UNK F 32 -18.47 55.25 -31.61
CA UNK F 32 -19.44 55.27 -30.53
C UNK F 32 -19.24 56.54 -29.72
N UNK F 33 -20.33 57.28 -29.52
CA UNK F 33 -20.31 58.50 -28.72
C UNK F 33 -21.51 58.47 -27.80
N UNK F 34 -21.29 58.62 -26.50
CA UNK F 34 -22.38 58.63 -25.54
C UNK F 34 -23.18 59.91 -25.67
N UNK F 35 -24.36 59.95 -25.09
CA UNK F 35 -25.30 61.01 -25.45
C UNK F 35 -25.78 61.76 -24.23
N UNK F 36 -24.85 62.21 -23.40
CA UNK F 36 -25.20 62.74 -22.09
C UNK F 36 -25.47 64.23 -22.19
N UNK F 37 -26.71 64.58 -22.56
CA UNK F 37 -27.21 65.96 -22.63
C UNK F 37 -26.31 66.86 -23.47
N UNK F 38 -25.85 66.32 -24.60
CA UNK F 38 -25.00 67.08 -25.50
C UNK F 38 -25.87 68.14 -26.12
N UNK F 39 -26.74 67.72 -26.95
CA UNK F 39 -28.03 68.37 -26.93
C UNK F 39 -29.12 67.34 -26.91
N UNK F 40 -28.98 66.27 -27.67
CA UNK F 40 -29.92 65.16 -27.73
C UNK F 40 -29.40 64.06 -28.63
N UNK F 41 -29.70 62.80 -28.29
CA UNK F 41 -30.30 61.75 -29.13
C UNK F 41 -30.18 60.46 -28.36
N UNK F 42 -30.68 59.35 -28.91
CA UNK F 42 -30.25 58.05 -28.44
C UNK F 42 -30.31 57.09 -29.61
N UNK F 43 -30.16 55.80 -29.32
CA UNK F 43 -30.27 54.79 -30.36
C UNK F 43 -30.54 53.46 -29.68
N UNK F 44 -31.72 52.89 -29.88
CA UNK F 44 -32.00 51.59 -29.31
C UNK F 44 -31.65 50.50 -30.30
N UNK F 45 -32.20 50.53 -31.50
CA UNK F 45 -31.83 49.60 -32.55
C UNK F 45 -31.39 50.43 -33.75
N UNK F 46 -30.08 50.48 -33.99
CA UNK F 46 -29.57 51.14 -35.18
C UNK F 46 -29.38 50.04 -36.19
N UNK F 47 -30.34 49.87 -37.08
CA UNK F 47 -30.22 48.89 -38.14
C UNK F 47 -29.51 49.53 -39.31
N UNK F 48 -28.33 49.02 -39.63
CA UNK F 48 -27.55 49.57 -40.72
C UNK F 48 -28.07 48.95 -42.00
N UNK F 49 -28.92 49.67 -42.72
CA UNK F 49 -29.39 49.21 -44.00
C UNK F 49 -28.31 49.42 -45.05
N UNK F 50 -27.96 48.37 -45.76
CA UNK F 50 -26.85 48.39 -46.70
C UNK F 50 -27.41 48.74 -48.06
N UNK F 51 -27.35 50.02 -48.42
CA UNK F 51 -28.00 50.49 -49.63
C UNK F 51 -27.29 50.00 -50.87
N UNK F 52 -25.99 50.24 -50.97
CA UNK F 52 -25.25 49.85 -52.17
C UNK F 52 -25.07 48.35 -52.30
N UNK F 53 -25.40 47.59 -51.27
CA UNK F 53 -25.37 46.14 -51.41
C UNK F 53 -26.45 45.66 -52.35
N UNK F 54 -27.61 46.31 -52.30
CA UNK F 54 -28.71 45.84 -53.11
C UNK F 54 -28.48 46.10 -54.59
N UNK F 55 -27.70 47.11 -54.93
CA UNK F 55 -27.37 47.30 -56.34
C UNK F 55 -26.40 46.23 -56.83
N UNK F 56 -25.48 45.80 -55.99
CA UNK F 56 -24.63 44.69 -56.36
C UNK F 56 -25.40 43.38 -56.36
N UNK F 57 -26.54 43.34 -55.70
CA UNK F 57 -27.43 42.20 -55.91
C UNK F 57 -28.17 42.33 -57.23
N UNK F 58 -28.55 43.55 -57.58
CA UNK F 58 -29.40 43.75 -58.74
C UNK F 58 -28.65 43.52 -60.04
N UNK F 59 -27.38 43.88 -60.09
CA UNK F 59 -26.60 43.60 -61.29
C UNK F 59 -26.39 42.11 -61.46
N UNK F 60 -26.15 41.39 -60.37
CA UNK F 60 -26.00 39.95 -60.46
C UNK F 60 -27.32 39.26 -60.69
N UNK F 61 -28.44 39.94 -60.47
CA UNK F 61 -29.71 39.37 -60.89
C UNK F 61 -30.01 39.69 -62.34
N UNK F 62 -29.54 40.83 -62.84
CA UNK F 62 -29.79 41.19 -64.23
C UNK F 62 -28.95 40.37 -65.18
N UNK F 63 -27.68 40.16 -64.85
CA UNK F 63 -26.84 39.36 -65.73
C UNK F 63 -27.20 37.88 -65.69
N UNK F 64 -27.83 37.42 -64.62
CA UNK F 64 -28.26 36.04 -64.55
C UNK F 64 -29.70 35.84 -64.99
N UNK F 65 -30.46 36.93 -65.15
CA UNK F 65 -31.75 36.82 -65.82
C UNK F 65 -31.60 36.85 -67.34
N UNK F 66 -30.50 37.40 -67.84
CA UNK F 66 -30.17 37.34 -69.26
C UNK F 66 -29.25 36.15 -69.55
N UNK F 67 -28.08 36.11 -68.94
CA UNK F 67 -27.15 35.03 -69.20
C UNK F 67 -27.13 34.04 -68.05
N UNK F 68 27.01 65.45 -0.31
CA UNK F 68 25.90 66.08 -1.02
C UNK F 68 24.88 65.04 -1.38
N UNK F 69 25.26 63.77 -1.23
CA UNK F 69 24.38 62.68 -1.63
C UNK F 69 23.19 62.54 -0.70
N UNK F 70 23.28 63.05 0.51
CA UNK F 70 22.10 63.23 1.33
C UNK F 70 21.63 64.66 1.30
N UNK F 71 22.17 65.47 0.40
CA UNK F 71 21.71 66.83 0.21
C UNK F 71 21.05 67.01 -1.15
N UNK F 72 21.78 66.70 -2.22
CA UNK F 72 21.30 67.01 -3.57
C UNK F 72 20.14 66.13 -3.93
N UNK F 73 20.17 64.87 -3.51
CA UNK F 73 19.06 63.98 -3.77
C UNK F 73 17.82 64.46 -3.04
N UNK F 74 17.99 65.00 -1.85
CA UNK F 74 16.83 65.49 -1.09
C UNK F 74 16.27 66.76 -1.72
N UNK F 75 17.14 67.64 -2.20
CA UNK F 75 16.66 68.85 -2.85
C UNK F 75 15.97 68.51 -4.16
N UNK F 76 16.50 67.55 -4.90
CA UNK F 76 15.87 67.15 -6.14
C UNK F 76 14.58 66.42 -5.87
N UNK F 77 14.50 65.69 -4.77
CA UNK F 77 13.26 65.01 -4.42
C UNK F 77 12.16 66.00 -4.08
N UNK F 78 12.50 67.01 -3.28
CA UNK F 78 11.52 68.04 -2.96
C UNK F 78 11.17 68.87 -4.18
N UNK F 79 12.13 69.14 -5.07
CA UNK F 79 11.80 69.90 -6.26
C UNK F 79 11.00 69.07 -7.23
N UNK F 80 11.19 67.75 -7.22
CA UNK F 80 10.41 66.88 -8.07
C UNK F 80 8.97 66.84 -7.60
N UNK F 81 8.76 66.57 -6.31
CA UNK F 81 7.40 66.56 -5.80
C UNK F 81 6.79 67.94 -5.78
N UNK F 82 7.61 68.99 -5.81
CA UNK F 82 7.11 70.35 -5.88
C UNK F 82 6.69 70.75 -7.26
N UNK F 83 7.41 70.34 -8.29
CA UNK F 83 6.91 70.57 -9.62
C UNK F 83 5.83 69.59 -9.99
N UNK F 84 5.80 68.43 -9.33
CA UNK F 84 4.79 67.44 -9.64
C UNK F 84 3.42 67.82 -9.12
N UNK F 85 3.33 68.76 -8.19
CA UNK F 85 2.08 69.46 -7.97
C UNK F 85 2.03 70.68 -8.89
N UNK F 86 1.90 70.38 -10.18
CA UNK F 86 1.86 71.40 -11.21
C UNK F 86 0.55 72.14 -11.14
N UNK F 87 -0.54 71.45 -11.43
CA UNK F 87 -1.91 71.93 -11.23
C UNK F 87 -2.90 70.79 -11.38
N UNK F 88 -3.74 70.57 -10.37
CA UNK F 88 -4.80 69.55 -10.37
C UNK F 88 -4.20 68.16 -10.60
N UNK F 89 -3.48 67.69 -9.59
CA UNK F 89 -2.80 66.41 -9.66
C UNK F 89 -3.79 65.28 -9.87
N UNK F 90 -3.33 64.19 -10.47
CA UNK F 90 -4.21 63.20 -11.07
C UNK F 90 -4.59 62.12 -10.08
N UNK F 91 -5.87 61.74 -10.07
CA UNK F 91 -6.36 60.60 -9.30
C UNK F 91 -6.55 59.40 -10.22
N UNK F 92 -6.03 58.25 -9.83
CA UNK F 92 -6.13 57.07 -10.67
C UNK F 92 -7.54 56.51 -10.59
N UNK F 93 -8.18 56.31 -11.74
CA UNK F 93 -9.60 56.01 -11.82
C UNK F 93 -9.88 54.55 -12.21
N UNK F 94 -11.17 54.22 -12.35
CA UNK F 94 -11.62 52.89 -12.76
C UNK F 94 -13.02 53.03 -13.36
N UNK F 95 -13.21 52.62 -14.61
CA UNK F 95 -14.29 53.16 -15.42
C UNK F 95 -15.64 52.52 -15.10
N UNK F 96 -16.65 52.82 -15.93
CA UNK F 96 -17.99 52.24 -15.84
C UNK F 96 -18.67 52.38 -17.19
N UNK F 97 -19.23 51.30 -17.69
CA UNK F 97 -19.51 51.13 -19.11
C UNK F 97 -20.75 51.89 -19.58
N UNK F 98 -20.72 52.30 -20.84
CA UNK F 98 -21.92 52.39 -21.65
C UNK F 98 -21.98 51.10 -22.44
N UNK F 99 -23.05 50.87 -23.17
CA UNK F 99 -23.29 49.50 -23.59
C UNK F 99 -23.57 49.42 -25.09
N UNK F 100 -23.28 48.26 -25.70
CA UNK F 100 -23.71 47.99 -27.08
C UNK F 100 -23.73 46.51 -27.39
N UNK F 101 -24.86 45.92 -27.73
CA UNK F 101 -24.84 44.57 -28.27
C UNK F 101 -24.75 44.69 -29.79
N UNK F 102 -23.57 44.52 -30.35
CA UNK F 102 -23.48 44.50 -31.80
C UNK F 102 -23.98 43.16 -32.25
N UNK F 103 -25.20 43.12 -32.78
CA UNK F 103 -25.93 41.86 -32.89
C UNK F 103 -26.24 41.57 -34.33
N UNK F 104 -25.25 41.05 -35.03
CA UNK F 104 -25.47 40.36 -36.27
C UNK F 104 -25.48 38.87 -36.06
N UNK F 105 -24.60 38.40 -35.19
CA UNK F 105 -24.77 37.10 -34.57
C UNK F 105 -24.94 37.22 -33.07
N UNK F 106 -23.89 37.62 -32.35
CA UNK F 106 -23.91 38.14 -30.99
C UNK F 106 -22.52 38.65 -30.69
N UNK F 107 -22.35 39.91 -30.31
CA UNK F 107 -21.09 40.30 -29.68
C UNK F 107 -21.44 41.42 -28.72
N UNK F 108 -21.21 41.20 -27.45
CA UNK F 108 -21.68 42.13 -26.45
C UNK F 108 -20.52 43.00 -26.02
N UNK F 109 -20.39 44.16 -26.62
CA UNK F 109 -19.30 45.07 -26.28
C UNK F 109 -19.84 46.14 -25.37
N UNK F 110 -19.53 46.06 -24.09
CA UNK F 110 -19.75 47.19 -23.22
C UNK F 110 -18.52 48.06 -23.30
N UNK F 111 -18.66 49.31 -23.73
CA UNK F 111 -17.51 50.21 -23.94
C UNK F 111 -16.98 50.64 -22.58
N UNK F 112 -16.43 49.67 -21.85
CA UNK F 112 -16.08 49.80 -20.45
C UNK F 112 -14.63 50.15 -20.29
N UNK F 113 -13.79 49.39 -20.90
CA UNK F 113 -12.39 49.63 -20.82
C UNK F 113 -11.93 50.81 -21.67
N UNK F 114 -12.81 51.67 -22.21
CA UNK F 114 -12.56 52.53 -23.37
C UNK F 114 -11.91 51.73 -24.49
N UNK F 115 -12.33 50.47 -24.61
CA UNK F 115 -11.77 49.49 -25.50
C UNK F 115 -12.34 49.74 -26.89
N UNK F 116 -11.96 48.93 -27.85
CA UNK F 116 -12.45 49.28 -29.16
C UNK F 116 -12.82 48.14 -30.08
N UNK F 117 -12.39 46.92 -29.90
CA UNK F 117 -12.30 46.03 -31.04
C UNK F 117 -13.30 44.89 -31.02
N UNK F 118 -13.74 44.45 -32.19
CA UNK F 118 -14.46 43.18 -32.32
C UNK F 118 -14.12 42.66 -33.70
N UNK F 119 -13.20 41.71 -33.76
CA UNK F 119 -12.64 41.27 -35.01
C UNK F 119 -13.34 39.98 -35.43
N UNK F 120 -13.92 39.98 -36.62
CA UNK F 120 -14.53 38.83 -37.30
C UNK F 120 -15.80 38.32 -36.61
N UNK F 121 -16.68 39.23 -36.20
CA UNK F 121 -18.08 38.86 -36.06
C UNK F 121 -18.61 38.54 -37.44
N UNK F 122 -19.45 37.52 -37.54
CA UNK F 122 -19.79 36.96 -38.84
C UNK F 122 -21.17 37.42 -39.28
N UNK F 123 -21.23 38.44 -40.11
CA UNK F 123 -22.51 38.96 -40.59
C UNK F 123 -23.02 38.05 -41.68
N UNK F 124 -23.70 36.99 -41.29
CA UNK F 124 -24.38 36.16 -42.28
C UNK F 124 -25.54 36.93 -42.89
N UNK F 125 -26.49 37.33 -42.07
CA UNK F 125 -27.44 38.36 -42.43
C UNK F 125 -26.76 39.71 -42.23
N UNK F 126 -27.50 40.80 -42.34
CA UNK F 126 -26.81 42.07 -42.18
C UNK F 126 -26.67 42.39 -40.71
N UNK F 127 -25.76 43.30 -40.41
CA UNK F 127 -25.50 43.68 -39.04
C UNK F 127 -26.47 44.78 -38.65
N UNK F 128 -27.03 44.66 -37.46
CA UNK F 128 -27.83 45.70 -36.86
C UNK F 128 -27.29 45.91 -35.46
N UNK F 129 -26.67 47.04 -35.19
CA UNK F 129 -26.11 47.21 -33.86
C UNK F 129 -27.22 47.68 -32.96
N UNK F 130 -27.38 47.08 -31.79
CA UNK F 130 -28.45 47.48 -30.90
C UNK F 130 -27.84 47.98 -29.61
N UNK F 131 -27.85 49.27 -29.37
CA UNK F 131 -27.37 49.77 -28.10
C UNK F 131 -28.42 49.53 -27.04
N UNK F 132 -28.02 49.17 -25.83
CA UNK F 132 -29.01 48.65 -24.90
C UNK F 132 -29.78 49.71 -24.14
N UNK F 133 -29.14 50.44 -23.22
CA UNK F 133 -30.00 51.16 -22.28
C UNK F 133 -29.69 52.60 -21.95
N UNK F 134 -28.45 52.87 -21.57
CA UNK F 134 -28.02 54.11 -20.92
C UNK F 134 -27.33 55.03 -21.90
N UNK F 135 -27.90 55.07 -23.10
CA UNK F 135 -27.75 56.08 -24.12
C UNK F 135 -26.40 56.16 -24.79
N UNK F 136 -26.02 55.15 -25.55
CA UNK F 136 -24.98 55.39 -26.53
C UNK F 136 -25.58 56.03 -27.77
N UNK F 137 -24.72 56.32 -28.73
CA UNK F 137 -25.16 56.65 -30.09
C UNK F 137 -24.01 56.24 -31.00
N UNK F 138 -24.24 55.24 -31.82
CA UNK F 138 -23.26 54.90 -32.83
C UNK F 138 -23.45 55.84 -34.00
N UNK F 139 -22.38 56.46 -34.47
CA UNK F 139 -22.45 57.31 -35.65
C UNK F 139 -21.32 56.85 -36.55
N UNK F 140 -21.65 56.09 -37.59
CA UNK F 140 -20.67 55.40 -38.41
C UNK F 140 -19.75 56.38 -39.11
N UNK F 141 -18.51 55.96 -39.35
CA UNK F 141 -17.48 56.86 -39.87
C UNK F 141 -17.64 57.02 -41.37
N UNK F 142 -16.63 57.58 -42.02
CA UNK F 142 -16.85 58.24 -43.30
C UNK F 142 -17.02 57.28 -44.47
N UNK F 143 -16.00 56.49 -44.80
CA UNK F 143 -16.01 55.76 -46.06
C UNK F 143 -16.87 54.50 -45.97
N UNK F 144 -17.03 53.84 -47.13
CA UNK F 144 -17.71 52.55 -47.30
C UNK F 144 -19.19 52.59 -46.87
N UNK F 145 -19.98 53.32 -47.67
CA UNK F 145 -21.30 53.80 -47.28
C UNK F 145 -22.35 52.71 -47.11
N UNK F 146 -22.49 52.22 -45.87
CA UNK F 146 -23.75 51.71 -45.38
C UNK F 146 -24.65 52.91 -45.02
N UNK F 147 -25.86 52.66 -44.54
CA UNK F 147 -26.70 53.80 -44.17
C UNK F 147 -27.60 53.40 -43.02
N UNK F 148 -27.56 54.17 -41.94
CA UNK F 148 -28.22 53.77 -40.71
C UNK F 148 -29.72 54.00 -40.80
N UNK F 149 -30.46 53.34 -39.92
CA UNK F 149 -31.88 53.60 -39.69
C UNK F 149 -32.11 53.36 -38.21
N UNK F 150 -32.45 54.40 -37.46
CA UNK F 150 -32.25 54.40 -36.03
C UNK F 150 -33.58 54.46 -35.29
N UNK F 151 -33.89 53.44 -34.51
CA UNK F 151 -35.07 53.49 -33.65
C UNK F 151 -34.74 54.32 -32.43
N UNK F 152 -34.83 55.63 -32.58
CA UNK F 152 -34.38 56.55 -31.54
C UNK F 152 -35.33 56.55 -30.37
N UNK F 153 -34.78 56.57 -29.17
CA UNK F 153 -35.59 56.60 -27.95
C UNK F 153 -34.89 57.54 -26.98
N UNK F 154 -35.28 58.82 -27.04
CA UNK F 154 -34.52 59.94 -26.49
C UNK F 154 -34.21 59.75 -25.02
N UNK F 155 -33.04 60.22 -24.61
CA UNK F 155 -32.54 59.97 -23.27
C UNK F 155 -33.40 60.67 -22.26
N UNK F 156 -33.85 59.95 -21.24
CA UNK F 156 -34.86 60.45 -20.32
C UNK F 156 -34.26 61.25 -19.20
N UNK F 157 -33.11 61.87 -19.45
CA UNK F 157 -32.66 63.00 -18.66
C UNK F 157 -33.48 64.23 -19.04
N UNK F 158 -33.08 65.38 -18.56
CA UNK F 158 -33.97 66.52 -18.54
C UNK F 158 -34.05 67.21 -19.90
N UNK F 159 -34.62 68.41 -19.87
CA UNK F 159 -35.02 69.17 -21.03
C UNK F 159 -33.86 69.91 -21.67
N UNK F 160 -34.19 70.94 -22.43
CA UNK F 160 -33.27 72.02 -22.69
C UNK F 160 -32.62 72.46 -21.39
N UNK F 161 -31.30 72.27 -21.32
CA UNK F 161 -30.54 72.57 -20.12
C UNK F 161 -30.60 74.05 -19.81
N UNK F 162 -30.71 74.37 -18.53
CA UNK F 162 -31.31 75.62 -18.09
C UNK F 162 -30.57 76.89 -18.47
N UNK F 163 -29.45 77.19 -17.81
CA UNK F 163 -28.84 78.48 -18.11
C UNK F 163 -27.33 78.52 -18.08
N UNK F 164 -26.65 77.46 -17.66
CA UNK F 164 -25.22 77.56 -17.44
C UNK F 164 -24.53 76.21 -17.55
N UNK F 165 -39.35 72.70 -41.57
CA UNK F 165 -39.00 71.46 -40.89
C UNK F 165 -38.59 71.75 -39.46
N UNK F 166 -39.55 72.13 -38.64
CA UNK F 166 -39.28 72.50 -37.26
C UNK F 166 -38.86 71.26 -36.50
N UNK F 167 -37.55 71.11 -36.31
CA UNK F 167 -37.05 69.90 -35.66
C UNK F 167 -37.35 69.87 -34.17
N UNK F 168 -37.65 71.01 -33.56
CA UNK F 168 -38.12 71.14 -32.18
C UNK F 168 -37.10 70.57 -31.18
N UNK F 169 -36.00 71.30 -31.06
CA UNK F 169 -34.88 71.01 -30.16
C UNK F 169 -34.21 69.68 -30.45
N UNK F 170 -34.37 69.20 -31.67
CA UNK F 170 -33.31 68.50 -32.36
C UNK F 170 -32.49 69.46 -33.17
N UNK F 171 -33.00 70.69 -33.34
CA UNK F 171 -32.23 71.76 -33.94
C UNK F 171 -30.98 72.04 -33.14
N UNK F 172 -31.08 71.93 -31.82
CA UNK F 172 -29.88 72.08 -31.01
C UNK F 172 -28.92 70.93 -31.23
N UNK F 173 -29.42 69.73 -31.51
CA UNK F 173 -28.50 68.62 -31.77
C UNK F 173 -27.76 68.84 -33.07
N UNK F 174 -28.49 69.21 -34.12
CA UNK F 174 -27.85 69.52 -35.39
C UNK F 174 -27.01 70.76 -35.32
N UNK F 175 -27.19 71.59 -34.30
CA UNK F 175 -26.23 72.65 -34.07
C UNK F 175 -24.96 72.09 -33.47
N UNK F 176 -25.07 71.51 -32.29
CA UNK F 176 -23.88 71.23 -31.50
C UNK F 176 -23.04 70.11 -32.07
N UNK F 177 -23.64 69.23 -32.88
CA UNK F 177 -22.81 68.31 -33.64
C UNK F 177 -21.99 69.08 -34.65
N UNK F 178 -22.63 69.94 -35.43
CA UNK F 178 -21.94 70.70 -36.45
C UNK F 178 -21.26 71.93 -35.90
N UNK F 179 -21.09 72.03 -34.61
CA UNK F 179 -20.19 73.00 -34.05
C UNK F 179 -19.02 72.35 -33.36
N UNK F 180 -19.22 71.19 -32.76
CA UNK F 180 -18.09 70.48 -32.19
C UNK F 180 -17.19 69.95 -33.27
N UNK F 181 -17.75 69.55 -34.41
CA UNK F 181 -16.95 69.04 -35.49
C UNK F 181 -16.46 70.14 -36.42
N UNK F 182 -16.51 71.39 -35.97
CA UNK F 182 -15.98 72.47 -36.79
C UNK F 182 -14.47 72.38 -36.84
N UNK F 183 -13.91 72.73 -37.98
CA UNK F 183 -12.47 72.79 -38.12
C UNK F 183 -12.00 74.14 -37.59
N UNK F 184 -10.94 74.10 -36.77
CA UNK F 184 -10.40 75.27 -36.06
C UNK F 184 -11.49 75.95 -35.23
N UNK F 185 -11.90 75.23 -34.19
CA UNK F 185 -12.84 75.77 -33.22
C UNK F 185 -12.32 77.06 -32.64
N UNK F 186 -13.25 77.96 -32.33
CA UNK F 186 -12.99 79.38 -32.14
C UNK F 186 -12.31 79.97 -33.37
N UNK F 187 -13.07 79.95 -34.46
CA UNK F 187 -12.77 80.74 -35.64
C UNK F 187 -13.65 81.96 -35.78
N UNK F 188 -14.75 82.03 -35.03
CA UNK F 188 -15.65 83.16 -34.84
C UNK F 188 -16.46 83.55 -36.07
N UNK F 189 -16.22 82.95 -37.22
CA UNK F 189 -17.04 83.16 -38.38
C UNK F 189 -17.56 81.87 -38.93
N UNK F 190 -17.07 80.74 -38.42
CA UNK F 190 -17.72 79.48 -38.68
C UNK F 190 -18.74 79.17 -37.62
N UNK F 191 -18.56 79.72 -36.43
CA UNK F 191 -19.55 79.58 -35.39
C UNK F 191 -20.86 80.22 -35.81
N UNK F 192 -20.78 81.37 -36.48
CA UNK F 192 -21.98 81.98 -37.00
C UNK F 192 -22.54 81.25 -38.19
N UNK F 193 -21.75 80.41 -38.84
CA UNK F 193 -22.32 79.53 -39.83
C UNK F 193 -22.99 78.33 -39.20
N UNK F 194 -22.56 77.95 -37.99
CA UNK F 194 -23.17 76.82 -37.31
C UNK F 194 -24.48 77.22 -36.67
N UNK F 195 -24.44 78.24 -35.82
CA UNK F 195 -25.62 78.69 -35.10
C UNK F 195 -26.49 79.58 -35.99
N UNK F 196 -26.90 79.04 -37.13
CA UNK F 196 -27.52 79.82 -38.18
C UNK F 196 -29.01 79.57 -38.30
N UNK F 197 -29.59 78.82 -37.40
CA UNK F 197 -31.03 78.74 -37.32
C UNK F 197 -31.55 78.72 -35.89
N UNK F 198 -30.68 78.82 -34.91
CA UNK F 198 -31.13 78.82 -33.53
C UNK F 198 -31.69 80.19 -33.18
N UNK F 199 -32.72 80.19 -32.35
CA UNK F 199 -33.23 81.44 -31.84
C UNK F 199 -32.29 81.98 -30.78
N UNK F 200 -32.51 83.25 -30.42
CA UNK F 200 -31.57 83.97 -29.58
C UNK F 200 -31.46 83.40 -28.17
N UNK F 201 -32.50 82.75 -27.68
CA UNK F 201 -32.35 82.02 -26.43
C UNK F 201 -31.47 80.80 -26.63
N UNK F 202 -31.61 80.13 -27.76
CA UNK F 202 -30.90 78.88 -27.97
C UNK F 202 -29.42 79.11 -28.17
N UNK F 203 -29.04 80.29 -28.66
CA UNK F 203 -27.64 80.61 -28.85
C UNK F 203 -26.89 80.62 -27.55
N UNK F 204 -27.58 80.94 -26.46
CA UNK F 204 -26.95 80.96 -25.15
C UNK F 204 -26.51 79.57 -24.73
N UNK F 205 -27.44 78.62 -24.74
CA UNK F 205 -27.10 77.27 -24.30
C UNK F 205 -26.12 76.61 -25.24
N UNK F 206 -26.22 76.88 -26.54
CA UNK F 206 -25.29 76.26 -27.47
C UNK F 206 -23.88 76.83 -27.30
N UNK F 207 -23.74 78.15 -27.26
CA UNK F 207 -22.44 78.76 -27.10
C UNK F 207 -21.84 78.48 -25.74
N UNK F 208 -22.68 78.37 -24.71
CA UNK F 208 -22.16 78.09 -23.38
C UNK F 208 -21.71 76.66 -23.26
N UNK F 209 -22.45 75.73 -23.86
CA UNK F 209 -22.01 74.35 -23.85
C UNK F 209 -20.73 74.19 -24.65
N UNK F 210 -20.58 74.96 -25.72
CA UNK F 210 -19.31 74.96 -26.45
C UNK F 210 -18.19 75.51 -25.60
N UNK F 211 -18.47 76.54 -24.81
CA UNK F 211 -17.42 77.16 -24.00
C UNK F 211 -16.96 76.24 -22.90
N UNK F 212 -17.91 75.67 -22.16
CA UNK F 212 -17.56 74.75 -21.10
C UNK F 212 -16.97 73.47 -21.65
N UNK F 213 -17.38 73.06 -22.85
CA UNK F 213 -16.83 71.84 -23.40
C UNK F 213 -15.40 72.04 -23.86
N UNK F 214 -15.09 73.17 -24.47
CA UNK F 214 -13.72 73.40 -24.87
C UNK F 214 -12.83 73.64 -23.66
N UNK F 215 -13.37 74.25 -22.61
CA UNK F 215 -12.58 74.38 -21.40
C UNK F 215 -12.38 73.05 -20.71
N UNK F 216 -13.31 72.12 -20.86
CA UNK F 216 -13.06 70.78 -20.37
C UNK F 216 -12.03 70.07 -21.24
N UNK F 217 -12.07 70.33 -22.54
CA UNK F 217 -11.19 69.61 -23.45
C UNK F 217 -9.76 70.06 -23.30
N UNK F 218 -9.53 71.34 -23.01
CA UNK F 218 -8.16 71.78 -22.77
C UNK F 218 -7.61 71.16 -21.50
N UNK F 219 -8.44 71.03 -20.48
CA UNK F 219 -8.01 70.37 -19.27
C UNK F 219 -7.70 68.91 -19.52
N UNK F 220 -8.51 68.27 -20.36
CA UNK F 220 -8.29 66.85 -20.62
C UNK F 220 -7.03 66.64 -21.42
N UNK F 221 -6.82 67.43 -22.45
CA UNK F 221 -5.66 67.24 -23.28
C UNK F 221 -4.39 67.69 -22.59
N UNK F 222 -4.48 68.58 -21.62
CA UNK F 222 -3.26 68.86 -20.89
C UNK F 222 -2.99 67.80 -19.85
N UNK F 223 -4.02 67.32 -19.16
CA UNK F 223 -3.80 66.33 -18.14
C UNK F 223 -3.47 64.97 -18.72
N UNK F 224 -3.77 64.72 -19.98
CA UNK F 224 -3.29 63.50 -20.62
C UNK F 224 -1.80 63.61 -20.84
N UNK F 225 -1.38 64.64 -21.55
CA UNK F 225 0.01 64.77 -21.94
C UNK F 225 0.85 65.44 -20.88
N UNK F 226 0.41 65.47 -19.63
CA UNK F 226 1.25 66.08 -18.61
C UNK F 226 2.45 65.21 -18.32
N UNK F 227 2.23 63.92 -18.09
CA UNK F 227 3.32 63.00 -17.80
C UNK F 227 3.68 62.29 -19.10
N UNK F 228 4.33 63.02 -20.01
CA UNK F 228 4.41 62.51 -21.38
C UNK F 228 5.73 62.67 -22.10
N UNK F 229 6.82 63.01 -21.42
CA UNK F 229 8.19 63.04 -21.95
C UNK F 229 8.41 64.02 -23.08
N UNK F 230 7.47 64.86 -23.31
CA UNK F 230 7.67 66.06 -24.08
C UNK F 230 7.16 67.27 -23.32
N UNK F 231 6.06 67.13 -22.62
CA UNK F 231 5.65 68.14 -21.66
C UNK F 231 6.12 67.79 -20.27
N UNK F 232 6.95 66.77 -20.14
CA UNK F 232 7.76 66.61 -18.95
C UNK F 232 9.20 66.98 -19.24
N UNK F 233 9.47 67.45 -20.41
CA UNK F 233 10.83 67.82 -20.76
C UNK F 233 10.94 69.28 -21.13
N UNK F 234 10.00 69.82 -21.87
CA UNK F 234 10.07 71.23 -22.20
C UNK F 234 9.71 72.10 -21.03
N UNK F 235 8.99 71.56 -20.07
CA UNK F 235 8.66 72.25 -18.82
C UNK F 235 9.55 71.76 -17.71
N UNK F 236 10.84 71.61 -18.03
CA UNK F 236 11.79 70.62 -17.51
C UNK F 236 11.70 70.36 -16.02
N UNK F 237 11.39 69.13 -15.67
CA UNK F 237 11.28 68.75 -14.29
C UNK F 237 12.65 68.46 -13.74
N UNK F 238 12.71 67.90 -12.55
CA UNK F 238 13.98 67.47 -12.04
C UNK F 238 14.48 66.24 -12.80
N UNK F 239 13.67 65.20 -12.83
CA UNK F 239 13.94 64.01 -13.62
C UNK F 239 13.28 64.14 -14.99
N UNK F 240 13.65 63.26 -15.94
CA UNK F 240 13.13 63.43 -17.28
C UNK F 240 12.78 62.16 -18.04
N UNK F 241 12.78 60.99 -17.41
CA UNK F 241 12.16 59.76 -17.94
C UNK F 241 12.77 59.31 -19.26
N UNK F 242 14.02 58.81 -19.20
CA UNK F 242 14.84 58.67 -20.40
C UNK F 242 15.42 57.29 -20.65
N UNK F 243 14.82 56.23 -20.14
CA UNK F 243 15.24 54.90 -20.53
C UNK F 243 14.04 54.03 -20.82
N UNK F 244 13.14 54.58 -21.63
CA UNK F 244 11.84 53.97 -21.86
C UNK F 244 11.96 52.68 -22.64
N UNK F 245 12.89 52.60 -23.59
CA UNK F 245 12.81 51.62 -24.66
C UNK F 245 14.02 50.69 -24.65
N UNK F 246 13.86 49.47 -24.14
CA UNK F 246 14.92 48.46 -24.23
C UNK F 246 14.27 47.08 -24.21
N UNK F 247 14.05 46.49 -25.39
CA UNK F 247 13.24 45.28 -25.48
C UNK F 247 13.56 44.51 -26.77
N UNK F 248 12.66 43.60 -27.15
CA UNK F 248 12.92 42.56 -28.12
C UNK F 248 12.24 42.82 -29.45
N UNK F 249 12.98 42.59 -30.53
CA UNK F 249 12.43 42.67 -31.88
C UNK F 249 12.10 41.27 -32.36
N UNK F 250 11.01 40.74 -31.85
CA UNK F 250 10.58 39.41 -32.26
C UNK F 250 9.10 39.44 -32.59
N UNK F 251 8.66 38.46 -33.36
CA UNK F 251 7.36 38.52 -34.01
C UNK F 251 6.23 38.39 -33.01
N UNK F 252 5.27 39.30 -33.10
CA UNK F 252 3.99 39.07 -32.46
C UNK F 252 3.27 37.97 -33.22
N UNK F 253 2.65 37.06 -32.49
CA UNK F 253 2.18 35.83 -33.12
C UNK F 253 0.88 36.07 -33.86
N UNK F 254 0.91 35.88 -35.17
CA UNK F 254 -0.28 36.05 -35.99
C UNK F 254 -1.29 34.96 -35.71
N UNK F 255 -2.55 35.29 -35.91
CA UNK F 255 -3.64 34.33 -35.79
C UNK F 255 -4.51 34.46 -37.02
N UNK F 256 -4.15 33.77 -38.08
CA UNK F 256 -4.87 33.91 -39.33
C UNK F 256 -6.23 33.23 -39.24
N UNK F 257 -7.29 33.95 -39.62
CA UNK F 257 -8.63 33.50 -39.23
C UNK F 257 -9.17 32.42 -40.15
N UNK F 258 -9.53 32.79 -41.38
CA UNK F 258 -10.31 31.91 -42.26
C UNK F 258 -10.42 32.50 -43.65
N UNK F 259 -11.35 31.98 -44.44
CA UNK F 259 -11.94 32.73 -45.55
C UNK F 259 -13.14 33.54 -45.11
N UNK F 260 -13.26 33.81 -43.81
CA UNK F 260 -14.24 34.76 -43.29
C UNK F 260 -13.77 36.19 -43.39
N UNK F 261 -12.58 36.44 -43.90
CA UNK F 261 -12.16 37.81 -44.17
C UNK F 261 -12.62 38.14 -45.56
N UNK F 262 -13.66 38.95 -45.68
CA UNK F 262 -14.28 39.18 -46.97
C UNK F 262 -13.41 40.04 -47.85
N UNK F 263 -13.53 39.82 -49.16
CA UNK F 263 -12.72 40.54 -50.13
C UNK F 263 -13.32 41.91 -50.36
N UNK F 264 -12.89 42.58 -51.42
CA UNK F 264 -13.38 43.92 -51.72
C UNK F 264 -14.01 43.99 -53.09
N UNK F 265 -14.65 42.91 -53.53
CA UNK F 265 -15.25 42.90 -54.87
C UNK F 265 -16.58 43.64 -54.87
N UNK F 266 -17.57 43.08 -54.18
CA UNK F 266 -18.88 43.66 -54.05
C UNK F 266 -19.53 43.01 -52.84
N UNK F 267 -20.85 43.09 -52.75
CA UNK F 267 -21.55 42.64 -51.57
C UNK F 267 -22.15 41.25 -51.72
N UNK F 268 -22.99 41.05 -52.74
CA UNK F 268 -23.92 39.95 -53.01
C UNK F 268 -25.12 39.98 -52.07
N UNK F 269 -25.12 40.87 -51.08
CA UNK F 269 -26.31 41.37 -50.37
C UNK F 269 -27.16 40.29 -49.70
N UNK F 270 -26.53 39.17 -49.32
CA UNK F 270 -27.12 38.14 -48.45
C UNK F 270 -28.40 37.53 -49.04
N UNK F 271 -28.22 36.82 -50.15
CA UNK F 271 -29.34 36.23 -50.86
C UNK F 271 -29.92 35.10 -50.04
N UNK F 272 -31.17 35.23 -49.64
CA UNK F 272 -31.90 34.17 -48.96
C UNK F 272 -32.98 33.61 -49.87
N UNK F 273 -33.55 32.49 -49.45
CA UNK F 273 -34.62 31.86 -50.19
C UNK F 273 -35.87 32.72 -50.19
N UNK F 274 -36.77 32.44 -51.13
CA UNK F 274 -37.98 33.23 -51.26
C UNK F 274 -38.98 32.86 -50.19
N UNK F 275 -39.71 33.86 -49.69
CA UNK F 275 -40.60 33.66 -48.57
C UNK F 275 -41.77 32.77 -48.94
N UNK F 276 -42.19 32.80 -50.20
CA UNK F 276 -43.24 31.89 -50.63
C UNK F 276 -42.76 30.46 -50.61
N UNK F 277 -41.51 30.25 -51.02
CA UNK F 277 -40.92 28.93 -50.94
C UNK F 277 -40.82 28.49 -49.48
N UNK F 278 -40.51 29.44 -48.60
CA UNK F 278 -40.39 29.11 -47.18
C UNK F 278 -41.73 28.70 -46.61
N UNK F 279 -42.79 29.45 -46.94
CA UNK F 279 -44.11 29.17 -46.37
C UNK F 279 -44.65 27.86 -46.91
N UNK F 280 -44.39 27.58 -48.18
CA UNK F 280 -44.82 26.31 -48.74
C UNK F 280 -44.08 25.16 -48.10
N UNK F 281 -42.77 25.30 -47.95
CA UNK F 281 -41.97 24.24 -47.37
C UNK F 281 -42.25 24.05 -45.89
N UNK F 282 -42.77 25.07 -45.22
CA UNK F 282 -43.10 24.90 -43.81
C UNK F 282 -44.47 24.28 -43.65
N UNK F 283 -45.46 24.80 -44.38
CA UNK F 283 -46.82 24.30 -44.25
C UNK F 283 -46.92 22.87 -44.73
N UNK F 284 -46.21 22.54 -45.81
CA UNK F 284 -46.22 21.18 -46.30
C UNK F 284 -45.55 20.24 -45.32
N UNK F 285 -44.45 20.69 -44.69
CA UNK F 285 -43.74 19.81 -43.78
C UNK F 285 -44.54 19.54 -42.53
N UNK F 286 -45.12 20.59 -41.95
CA UNK F 286 -45.92 20.39 -40.75
C UNK F 286 -47.17 19.60 -41.05
N UNK F 287 -47.79 19.85 -42.21
CA UNK F 287 -49.01 19.14 -42.55
C UNK F 287 -48.74 17.68 -42.84
N UNK F 288 -47.62 17.38 -43.48
CA UNK F 288 -47.30 15.99 -43.78
C UNK F 288 -46.93 15.25 -42.52
N UNK F 289 -46.29 15.92 -41.57
CA UNK F 289 -46.02 15.29 -40.28
C UNK F 289 -47.31 15.05 -39.53
N UNK F 290 -48.26 15.98 -39.64
CA UNK F 290 -49.55 15.82 -38.97
C UNK F 290 -50.32 14.65 -39.56
N UNK F 291 -50.45 14.63 -40.89
CA UNK F 291 -51.19 13.56 -41.55
C UNK F 291 -50.46 12.25 -41.49
N UNK F 292 -49.15 12.25 -41.27
CA UNK F 292 -48.44 11.01 -41.03
C UNK F 292 -48.69 10.48 -39.63
N UNK F 293 -48.82 11.37 -38.64
CA UNK F 293 -49.27 10.93 -37.34
C UNK F 293 -50.69 10.37 -37.42
N UNK F 294 -51.54 11.03 -38.20
CA UNK F 294 -52.90 10.54 -38.41
C UNK F 294 -52.93 9.24 -39.18
N UNK F 295 -51.97 9.04 -40.07
CA UNK F 295 -51.93 7.81 -40.85
C UNK F 295 -51.40 6.64 -40.04
N UNK F 296 -50.37 6.89 -39.22
CA UNK F 296 -49.91 5.87 -38.30
C UNK F 296 -50.99 5.53 -37.29
N UNK F 297 -51.81 6.52 -36.91
CA UNK F 297 -52.97 6.26 -36.09
C UNK F 297 -54.08 5.58 -36.87
N UNK F 298 -54.12 5.74 -38.19
CA UNK F 298 -55.18 5.15 -39.00
C UNK F 298 -55.08 3.64 -39.10
N UNK F 299 -53.99 3.04 -38.64
CA UNK F 299 -53.91 1.61 -38.48
C UNK F 299 -54.71 1.19 -37.25
N UNK G 1 -19.08 54.67 5.94
CA UNK G 1 -18.71 55.76 6.82
C UNK G 1 -18.41 57.01 6.00
N UNK G 2 -19.38 57.91 5.87
CA UNK G 2 -20.76 57.72 6.31
C UNK G 2 -21.61 57.74 5.09
N UNK G 3 -20.95 57.53 3.96
CA UNK G 3 -21.59 57.37 2.67
C UNK G 3 -21.67 55.92 2.24
N UNK G 4 -20.92 55.04 2.88
CA UNK G 4 -20.92 53.63 2.53
C UNK G 4 -21.87 52.83 3.40
N UNK G 5 -23.12 53.25 3.47
CA UNK G 5 -24.16 52.35 3.92
C UNK G 5 -24.82 51.77 2.67
N UNK G 6 -25.92 51.04 2.82
CA UNK G 6 -26.52 50.47 1.61
C UNK G 6 -28.04 50.39 1.79
N UNK G 7 -28.73 51.42 1.34
CA UNK G 7 -30.16 51.33 1.22
C UNK G 7 -30.49 50.36 0.10
N UNK G 8 -31.58 49.65 0.26
CA UNK G 8 -32.10 48.78 -0.79
C UNK G 8 -33.21 49.52 -1.50
N UNK G 9 -32.87 50.17 -2.60
CA UNK G 9 -33.84 50.99 -3.31
C UNK G 9 -34.86 50.09 -3.98
N UNK G 10 -36.12 50.19 -3.58
CA UNK G 10 -37.19 49.47 -4.26
C UNK G 10 -37.59 50.26 -5.47
N UNK G 11 -37.41 49.69 -6.66
CA UNK G 11 -37.25 50.48 -7.86
C UNK G 11 -38.55 51.18 -8.24
N UNK G 12 -38.43 52.42 -8.67
CA UNK G 12 -39.52 53.29 -9.06
C UNK G 12 -39.37 53.62 -10.53
N UNK G 13 -40.16 54.56 -11.02
CA UNK G 13 -40.17 54.83 -12.46
C UNK G 13 -38.98 55.62 -12.94
N UNK G 14 -37.94 55.76 -12.14
CA UNK G 14 -36.61 56.10 -12.64
C UNK G 14 -35.77 54.85 -12.81
N UNK G 15 -36.41 53.75 -13.21
CA UNK G 15 -35.74 52.53 -13.60
C UNK G 15 -36.17 52.09 -14.98
N UNK G 16 -36.51 53.03 -15.85
CA UNK G 16 -37.01 52.67 -17.17
C UNK G 16 -35.88 52.19 -18.04
N UNK G 17 -36.11 51.10 -18.75
CA UNK G 17 -35.00 50.62 -19.57
C UNK G 17 -35.54 49.87 -20.77
N UNK G 18 -34.78 49.89 -21.85
CA UNK G 18 -35.13 49.08 -22.99
C UNK G 18 -34.92 47.63 -22.64
N UNK G 19 -35.77 46.76 -23.16
CA UNK G 19 -35.53 45.33 -23.17
C UNK G 19 -35.39 44.97 -24.62
N UNK G 20 -34.28 44.37 -24.98
CA UNK G 20 -34.06 43.96 -26.36
C UNK G 20 -34.16 42.46 -26.40
N UNK G 21 -35.18 41.95 -27.07
CA UNK G 21 -35.46 40.52 -27.11
C UNK G 21 -35.33 40.11 -28.55
N UNK G 22 -34.29 39.37 -28.88
CA UNK G 22 -34.17 38.90 -30.26
C UNK G 22 -35.00 37.65 -30.41
N UNK G 23 -35.68 37.52 -31.51
CA UNK G 23 -36.90 36.72 -31.49
C UNK G 23 -36.89 35.46 -32.31
N UNK G 24 -36.02 35.33 -33.31
CA UNK G 24 -36.11 34.45 -34.47
C UNK G 24 -37.28 34.75 -35.37
N UNK G 25 -37.96 35.86 -35.16
CA UNK G 25 -38.84 36.41 -36.18
C UNK G 25 -38.83 37.92 -36.17
N UNK G 26 -38.05 38.55 -35.31
CA UNK G 26 -37.96 39.99 -35.19
C UNK G 26 -36.80 40.29 -34.25
N UNK G 27 -36.59 41.57 -33.94
CA UNK G 27 -35.75 41.99 -32.84
C UNK G 27 -36.61 42.97 -32.08
N UNK G 28 -37.44 42.48 -31.18
CA UNK G 28 -38.38 43.36 -30.53
C UNK G 28 -37.63 44.17 -29.49
N UNK G 29 -37.93 45.45 -29.41
CA UNK G 29 -37.32 46.33 -28.44
C UNK G 29 -38.43 47.02 -27.67
N UNK G 30 -38.64 46.63 -26.43
CA UNK G 30 -39.79 47.02 -25.64
C UNK G 30 -39.31 47.82 -24.44
N UNK G 31 -39.78 49.05 -24.29
CA UNK G 31 -39.34 49.89 -23.18
C UNK G 31 -40.16 49.52 -21.95
N UNK G 32 -39.51 48.98 -20.94
CA UNK G 32 -40.19 48.64 -19.71
C UNK G 32 -40.20 49.87 -18.80
N UNK G 33 -41.39 50.23 -18.32
CA UNK G 33 -41.54 51.36 -17.40
C UNK G 33 -42.46 50.92 -16.28
N UNK G 34 -42.03 51.05 -15.04
CA UNK G 34 -42.86 50.67 -13.89
C UNK G 34 -44.00 51.65 -13.73
N UNK G 35 -44.99 51.30 -12.94
CA UNK G 35 -46.24 52.05 -13.00
C UNK G 35 -46.65 52.56 -11.63
N UNK G 36 -45.74 53.20 -10.93
CA UNK G 36 -45.94 53.53 -9.53
C UNK G 36 -46.63 54.86 -9.40
N UNK G 37 -47.96 54.84 -9.50
CA UNK G 37 -48.84 56.02 -9.30
C UNK G 37 -48.42 57.19 -10.19
N UNK G 38 -48.08 56.89 -11.44
CA UNK G 38 -47.68 57.93 -12.38
C UNK G 38 -48.93 58.70 -12.69
N UNK G 39 -49.79 58.10 -13.40
CA UNK G 39 -51.18 58.33 -13.07
C UNK G 39 -51.91 57.03 -12.96
N UNK G 40 -51.63 56.08 -13.87
CA UNK G 40 -52.21 54.75 -13.89
C UNK G 40 -51.60 53.92 -14.99
N UNK G 41 -51.46 52.61 -14.76
CA UNK G 41 -51.91 51.48 -15.60
C UNK G 41 -51.27 50.23 -15.02
N UNK G 42 -51.54 49.07 -15.58
CA UNK G 42 -50.67 47.92 -15.37
C UNK G 42 -50.69 47.07 -16.61
N UNK G 43 -50.13 45.86 -16.51
CA UNK G 43 -50.17 44.93 -17.63
C UNK G 43 -49.90 43.54 -17.06
N UNK G 44 -50.89 42.67 -17.12
CA UNK G 44 -50.67 41.30 -16.67
C UNK G 44 -50.23 40.42 -17.83
N UNK G 45 -51.02 40.37 -18.89
CA UNK G 45 -50.63 39.66 -20.10
C UNK G 45 -50.69 40.64 -21.25
N UNK G 46 -49.54 41.11 -21.72
CA UNK G 46 -49.49 41.95 -22.89
C UNK G 46 -49.21 41.03 -24.04
N UNK G 47 -50.25 40.64 -24.76
CA UNK G 47 -50.09 39.79 -25.93
C UNK G 47 -49.84 40.69 -27.13
N UNK G 48 -48.66 40.58 -27.71
CA UNK G 48 -48.31 41.40 -28.86
C UNK G 48 -48.89 40.73 -30.08
N UNK G 49 -50.04 41.21 -30.54
CA UNK G 49 -50.62 40.70 -31.77
C UNK G 49 -49.89 41.30 -32.96
N UNK G 50 -49.41 40.44 -33.84
CA UNK G 50 -48.57 40.85 -34.96
C UNK G 50 -49.48 41.09 -36.14
N UNK G 51 -49.86 42.35 -36.35
CA UNK G 51 -50.85 42.68 -37.36
C UNK G 51 -50.31 42.50 -38.76
N UNK G 52 -49.18 43.13 -39.07
CA UNK G 52 -48.63 43.04 -40.41
C UNK G 52 -48.07 41.68 -40.75
N UNK G 53 -47.94 40.79 -39.78
CA UNK G 53 -47.53 39.43 -40.09
C UNK G 53 -48.60 38.70 -40.86
N UNK G 54 -49.86 38.97 -40.53
CA UNK G 54 -50.94 38.24 -41.18
C UNK G 54 -51.10 38.65 -42.63
N UNK G 55 -50.72 39.87 -42.99
CA UNK G 55 -50.76 40.23 -44.41
C UNK G 55 -49.65 39.53 -45.19
N UNK G 56 -48.49 39.35 -44.59
CA UNK G 56 -47.47 38.56 -45.23
C UNK G 56 -47.81 37.09 -45.25
N UNK G 57 -48.74 36.67 -44.40
CA UNK G 57 -49.29 35.34 -44.58
C UNK G 57 -50.29 35.31 -45.71
N UNK G 58 -51.06 36.38 -45.85
CA UNK G 58 -52.16 36.39 -46.80
C UNK G 58 -51.67 36.47 -48.23
N UNK G 59 -50.59 37.21 -48.47
CA UNK G 59 -50.03 37.25 -49.81
C UNK G 59 -49.45 35.89 -50.20
N UNK G 60 -48.80 35.22 -49.27
CA UNK G 60 -48.27 33.90 -49.55
C UNK G 60 -49.37 32.85 -49.61
N UNK G 61 -50.55 33.14 -49.11
CA UNK G 61 -51.67 32.25 -49.36
C UNK G 61 -52.35 32.55 -50.69
N UNK G 62 -52.32 33.81 -51.13
CA UNK G 62 -52.96 34.16 -52.38
C UNK G 62 -52.14 33.69 -53.56
N UNK G 63 -50.82 33.85 -53.51
CA UNK G 63 -49.99 33.39 -54.61
C UNK G 63 -49.90 31.88 -54.68
N UNK G 64 -50.14 31.18 -53.58
CA UNK G 64 -50.13 29.74 -53.59
C UNK G 64 -51.52 29.15 -53.79
N UNK G 65 -52.57 29.96 -53.67
CA UNK G 65 -53.89 29.51 -54.11
C UNK G 65 -54.07 29.66 -55.61
N UNK G 66 -53.31 30.56 -56.24
CA UNK G 66 -53.27 30.68 -57.68
C UNK G 66 -52.15 29.84 -58.28
N UNK G 67 -50.91 30.12 -57.90
CA UNK G 67 -49.78 29.40 -58.46
C UNK G 67 -49.24 28.38 -57.46
N UNK G 68 6.75 70.45 2.56
CA UNK G 68 5.39 70.76 2.14
C UNK G 68 4.64 69.49 1.86
N UNK G 69 5.38 68.38 1.79
CA UNK G 69 4.79 67.10 1.43
C UNK G 69 3.91 66.56 2.53
N UNK G 70 4.09 67.00 3.76
CA UNK G 70 3.12 66.77 4.80
C UNK G 70 2.26 67.99 5.02
N UNK G 71 2.35 68.97 4.13
CA UNK G 71 1.50 70.14 4.20
C UNK G 71 0.55 70.20 3.01
N UNK G 72 1.09 70.19 1.79
CA UNK G 72 0.28 70.42 0.61
C UNK G 72 -0.64 69.25 0.35
N UNK G 73 -0.16 68.04 0.61
CA UNK G 73 -1.02 66.88 0.46
C UNK G 73 -2.16 66.91 1.45
N UNK G 74 -1.91 67.41 2.66
CA UNK G 74 -2.97 67.49 3.65
C UNK G 74 -3.98 68.55 3.30
N UNK G 75 -3.51 69.69 2.78
CA UNK G 75 -4.44 70.73 2.36
C UNK G 75 -5.26 70.29 1.18
N UNK G 76 -4.64 69.57 0.24
CA UNK G 76 -5.39 69.08 -0.90
C UNK G 76 -6.33 67.98 -0.49
N UNK G 77 -5.97 67.20 0.52
CA UNK G 77 -6.87 66.16 1.00
C UNK G 77 -8.11 66.75 1.65
N UNK G 78 -7.91 67.76 2.49
CA UNK G 78 -9.04 68.42 3.10
C UNK G 78 -9.86 69.18 2.08
N UNK G 79 -9.22 69.79 1.07
CA UNK G 79 -10.00 70.48 0.05
C UNK G 79 -10.72 69.52 -0.85
N UNK G 80 -10.16 68.32 -1.03
CA UNK G 80 -10.83 67.30 -1.82
C UNK G 80 -12.06 66.80 -1.10
N UNK G 81 -11.92 66.40 0.15
CA UNK G 81 -13.08 65.95 0.89
C UNK G 81 -14.04 67.10 1.20
N UNK G 82 -13.57 68.33 1.14
CA UNK G 82 -14.43 69.48 1.33
C UNK G 82 -15.24 69.82 0.11
N UNK G 83 -14.66 69.71 -1.08
CA UNK G 83 -15.47 69.87 -2.26
C UNK G 83 -16.27 68.62 -2.55
N UNK G 84 -15.85 67.48 -2.03
CA UNK G 84 -16.57 66.24 -2.26
C UNK G 84 -17.86 66.16 -1.48
N UNK G 85 -18.01 66.97 -0.43
CA UNK G 85 -19.34 67.25 0.10
C UNK G 85 -19.92 68.45 -0.65
N UNK G 86 -20.21 68.21 -1.93
CA UNK G 86 -20.76 69.23 -2.79
C UNK G 86 -22.18 69.54 -2.40
N UNK G 87 -23.08 68.56 -2.57
CA UNK G 87 -24.45 68.61 -2.07
C UNK G 87 -25.09 67.23 -2.17
N UNK G 88 -25.60 66.71 -1.06
CA UNK G 88 -26.30 65.42 -0.98
C UNK G 88 -25.40 64.29 -1.48
N UNK G 89 -24.38 64.00 -0.68
CA UNK G 89 -23.40 62.99 -1.02
C UNK G 89 -24.05 61.63 -1.19
N UNK G 90 -23.43 60.77 -1.99
CA UNK G 90 -24.11 59.60 -2.53
C UNK G 90 -23.95 58.38 -1.62
N UNK G 91 -25.05 57.65 -1.42
CA UNK G 91 -25.01 56.37 -0.72
C UNK G 91 -25.05 55.22 -1.72
N UNK G 92 -24.15 54.27 -1.58
CA UNK G 92 -24.10 53.16 -2.52
C UNK G 92 -25.24 52.20 -2.26
N UNK G 93 -26.02 51.89 -3.29
CA UNK G 93 -27.29 51.17 -3.14
C UNK G 93 -27.22 49.73 -3.64
N UNK G 94 -28.36 49.03 -3.59
CA UNK G 94 -28.50 47.66 -4.06
C UNK G 94 -29.97 47.40 -4.37
N UNK G 95 -30.29 47.04 -5.61
CA UNK G 95 -31.63 47.28 -6.13
C UNK G 95 -32.65 46.24 -5.66
N UNK G 96 -33.84 46.27 -6.25
CA UNK G 96 -34.92 45.32 -5.98
C UNK G 96 -35.88 45.33 -7.16
N UNK G 97 -36.20 44.16 -7.68
CA UNK G 97 -36.72 44.00 -9.04
C UNK G 97 -38.18 44.38 -9.18
N UNK G 98 -38.55 44.86 -10.36
CA UNK G 98 -39.86 44.64 -10.93
C UNK G 98 -39.72 43.43 -11.83
N UNK G 99 -40.80 42.93 -12.38
CA UNK G 99 -40.73 41.59 -12.92
C UNK G 99 -41.27 41.52 -14.34
N UNK G 100 -40.81 40.54 -15.12
CA UNK G 100 -41.42 40.23 -16.42
C UNK G 100 -41.09 38.82 -16.90
N UNK G 101 -42.05 37.95 -17.10
CA UNK G 101 -41.76 36.71 -17.79
C UNK G 101 -42.04 36.94 -19.27
N UNK G 102 -41.00 37.16 -20.06
CA UNK G 102 -41.21 37.26 -21.49
C UNK G 102 -41.40 35.85 -21.99
N UNK G 103 -42.63 35.49 -22.30
CA UNK G 103 -42.99 34.08 -22.42
C UNK G 103 -43.50 33.79 -23.80
N UNK G 104 -42.57 33.63 -24.73
CA UNK G 104 -42.84 32.98 -25.98
C UNK G 104 -42.39 31.55 -25.95
N UNK G 105 -41.24 31.32 -25.32
CA UNK G 105 -40.92 29.99 -24.84
C UNK G 105 -40.79 29.97 -23.33
N UNK G 106 -39.77 30.62 -22.77
CA UNK G 106 -39.66 31.03 -21.38
C UNK G 106 -38.44 31.92 -21.28
N UNK G 107 -38.55 33.14 -20.79
CA UNK G 107 -37.34 33.85 -20.35
C UNK G 107 -37.78 34.75 -19.22
N UNK G 108 -37.25 34.54 -18.05
CA UNK G 108 -37.74 35.21 -16.87
C UNK G 108 -36.81 36.37 -16.57
N UNK G 109 -37.13 37.56 -17.04
CA UNK G 109 -36.30 38.72 -16.79
C UNK G 109 -36.92 39.52 -15.68
N UNK G 110 -36.34 39.47 -14.50
CA UNK G 110 -36.69 40.43 -13.47
C UNK G 110 -35.79 41.63 -13.67
N UNK G 111 -36.36 42.80 -13.92
CA UNK G 111 -35.58 44.00 -14.22
C UNK G 111 -34.93 44.50 -12.94
N UNK G 112 -33.99 43.70 -12.44
CA UNK G 112 -33.41 43.84 -11.12
C UNK G 112 -32.10 44.60 -11.19
N UNK G 113 -31.24 44.17 -12.02
CA UNK G 113 -29.99 44.81 -12.18
C UNK G 113 -30.06 46.12 -12.95
N UNK G 114 -31.24 46.71 -13.22
CA UNK G 114 -31.49 47.68 -14.29
C UNK G 114 -30.88 47.17 -15.59
N UNK G 115 -30.95 45.85 -15.78
CA UNK G 115 -30.33 45.14 -16.88
C UNK G 115 -31.23 45.29 -18.10
N UNK G 116 -30.84 44.70 -19.20
CA UNK G 116 -31.68 44.95 -20.35
C UNK G 116 -31.90 43.82 -21.32
N UNK G 117 -31.10 42.76 -21.37
CA UNK G 117 -31.01 42.02 -22.60
C UNK G 117 -31.63 40.64 -22.52
N UNK G 118 -32.15 40.16 -23.64
CA UNK G 118 -32.50 38.75 -23.80
C UNK G 118 -32.32 38.42 -25.27
N UNK G 119 -31.21 37.80 -25.60
CA UNK G 119 -30.82 37.62 -26.99
C UNK G 119 -31.19 36.21 -27.41
N UNK G 120 -31.99 36.11 -28.46
CA UNK G 120 -32.38 34.87 -29.15
C UNK G 120 -33.28 33.97 -28.32
N UNK G 121 -34.27 34.55 -27.64
CA UNK G 121 -35.45 33.76 -27.30
C UNK G 121 -36.15 33.38 -28.59
N UNK G 122 -36.66 32.17 -28.66
CA UNK G 122 -37.10 31.61 -29.94
C UNK G 122 -38.61 31.65 -30.05
N UNK G 123 -39.13 32.66 -30.73
CA UNK G 123 -40.57 32.80 -30.90
C UNK G 123 -41.02 31.86 -31.99
N UNK G 124 -41.27 30.61 -31.61
CA UNK G 124 -41.89 29.68 -32.55
C UNK G 124 -43.32 30.10 -32.84
N UNK G 125 -44.15 30.14 -31.82
CA UNK G 125 -45.41 30.86 -31.88
C UNK G 125 -45.10 32.34 -31.65
N UNK G 126 -46.12 33.17 -31.49
CA UNK G 126 -45.81 34.57 -31.30
C UNK G 126 -45.47 34.83 -29.86
N UNK G 127 -44.80 35.95 -29.62
CA UNK G 127 -44.39 36.30 -28.28
C UNK G 127 -45.52 37.04 -27.60
N UNK G 128 -45.76 36.68 -26.35
CA UNK G 128 -46.69 37.40 -25.49
C UNK G 128 -45.93 37.68 -24.21
N UNK G 129 -45.62 38.92 -23.92
CA UNK G 129 -44.87 39.18 -22.71
C UNK G 129 -45.86 39.24 -21.56
N UNK G 130 -45.59 38.54 -20.47
CA UNK G 130 -46.52 38.55 -19.35
C UNK G 130 -45.81 39.13 -18.15
N UNK G 131 -46.14 40.35 -17.76
CA UNK G 131 -45.56 40.88 -16.54
C UNK G 131 -46.26 40.28 -15.35
N UNK G 132 -45.53 39.99 -14.29
CA UNK G 132 -46.12 39.13 -13.26
C UNK G 132 -46.98 39.88 -12.25
N UNK G 133 -46.39 40.69 -11.37
CA UNK G 133 -47.22 41.07 -10.22
C UNK G 133 -47.25 42.51 -9.78
N UNK G 134 -46.09 43.12 -9.60
CA UNK G 134 -45.91 44.39 -8.89
C UNK G 134 -45.72 45.54 -9.87
N UNK G 135 -46.52 45.47 -10.93
CA UNK G 135 -46.87 46.54 -11.84
C UNK G 135 -45.77 47.06 -12.73
N UNK G 136 -45.28 46.26 -13.66
CA UNK G 136 -44.57 46.85 -14.77
C UNK G 136 -45.58 47.36 -15.80
N UNK G 137 -45.06 47.96 -16.87
CA UNK G 137 -45.85 48.22 -18.07
C UNK G 137 -44.85 48.23 -19.21
N UNK G 138 -44.95 47.25 -20.09
CA UNK G 138 -44.15 47.28 -21.30
C UNK G 138 -44.84 48.20 -22.29
N UNK G 139 -44.11 49.14 -22.87
CA UNK G 139 -44.66 49.99 -23.91
C UNK G 139 -43.66 49.95 -25.05
N UNK G 140 -43.98 49.19 -26.09
CA UNK G 140 -43.03 48.87 -27.15
C UNK G 140 -42.59 50.12 -27.89
N UNK G 141 -41.36 50.11 -28.41
CA UNK G 141 -40.76 51.30 -28.98
C UNK G 141 -41.27 51.50 -30.40
N UNK G 142 -40.61 52.37 -31.15
CA UNK G 142 -41.27 53.02 -32.29
C UNK G 142 -41.41 52.12 -33.51
N UNK G 143 -40.30 51.70 -34.11
CA UNK G 143 -40.36 51.06 -35.42
C UNK G 143 -40.79 49.61 -35.33
N UNK G 144 -41.01 49.00 -36.51
CA UNK G 144 -41.31 47.58 -36.71
C UNK G 144 -42.62 47.16 -36.02
N UNK G 145 -43.72 47.65 -36.57
CA UNK G 145 -45.02 47.69 -35.89
C UNK G 145 -45.66 46.32 -35.66
N UNK G 146 -45.40 45.76 -34.49
CA UNK G 146 -46.33 44.86 -33.84
C UNK G 146 -47.43 45.71 -33.19
N UNK G 147 -48.40 45.08 -32.53
CA UNK G 147 -49.42 45.88 -31.87
C UNK G 147 -49.92 45.17 -30.63
N UNK G 148 -49.86 45.85 -29.50
CA UNK G 148 -50.13 45.20 -28.22
C UNK G 148 -51.62 44.97 -28.01
N UNK G 149 -51.93 44.07 -27.10
CA UNK G 149 -53.28 43.88 -26.58
C UNK G 149 -53.13 43.49 -25.12
N UNK G 150 -53.58 44.33 -24.21
CA UNK G 150 -53.09 44.31 -22.85
C UNK G 150 -54.20 43.92 -21.88
N UNK G 151 -54.04 42.81 -21.18
CA UNK G 151 -54.99 42.45 -20.12
C UNK G 151 -54.65 43.27 -18.89
N UNK G 152 -55.14 44.50 -18.87
CA UNK G 152 -54.76 45.44 -17.83
C UNK G 152 -55.41 45.09 -16.51
N UNK G 153 -54.65 45.20 -15.44
CA UNK G 153 -55.15 44.92 -14.10
C UNK G 153 -54.57 45.96 -13.16
N UNK G 154 -55.30 47.07 -12.99
CA UNK G 154 -54.79 48.32 -12.46
C UNK G 154 -54.14 48.15 -11.11
N UNK G 155 -53.09 48.92 -10.87
CA UNK G 155 -52.27 48.75 -9.68
C UNK G 155 -53.08 49.12 -8.45
N UNK G 156 -53.08 48.22 -7.46
CA UNK G 156 -53.96 48.33 -6.32
C UNK G 156 -53.40 49.22 -5.24
N UNK G 157 -52.55 50.17 -5.62
CA UNK G 157 -52.28 51.33 -4.79
C UNK G 157 -53.47 52.28 -4.87
N UNK G 158 -53.31 53.47 -4.33
CA UNK G 158 -54.47 54.28 -4.02
C UNK G 158 -55.03 55.00 -5.25
N UNK G 159 -55.89 55.96 -4.97
CA UNK G 159 -56.73 56.65 -5.94
C UNK G 159 -55.97 57.73 -6.69
N UNK G 160 -56.74 58.65 -7.25
CA UNK G 160 -56.23 59.98 -7.55
C UNK G 160 -55.48 60.51 -6.35
N UNK G 161 -54.18 60.72 -6.54
CA UNK G 161 -53.29 61.16 -5.47
C UNK G 161 -53.71 62.53 -4.98
N UNK G 162 -53.62 62.73 -3.67
CA UNK G 162 -54.45 63.71 -2.99
C UNK G 162 -54.20 65.17 -3.34
N UNK G 163 -53.10 65.75 -2.86
CA UNK G 163 -52.94 67.18 -3.11
C UNK G 163 -51.54 67.66 -3.35
N UNK G 164 -50.52 66.84 -3.20
CA UNK G 164 -49.16 67.35 -3.22
C UNK G 164 -48.16 66.28 -3.62
N UNK G 165 -66.06 59.93 -24.79
CA UNK G 165 -65.25 58.82 -24.33
C UNK G 165 -64.63 59.14 -22.98
N UNK G 166 -65.48 59.15 -21.96
CA UNK G 166 -65.03 59.51 -20.62
C UNK G 166 -64.13 58.40 -20.09
N UNK G 167 -62.82 58.63 -20.17
CA UNK G 167 -61.89 57.61 -19.78
C UNK G 167 -61.83 57.39 -18.27
N UNK G 168 -62.31 58.36 -17.48
CA UNK G 168 -62.51 58.25 -16.03
C UNK G 168 -61.19 57.96 -15.31
N UNK G 169 -60.33 58.97 -15.31
CA UNK G 169 -59.02 58.98 -14.66
C UNK G 169 -58.08 57.94 -15.22
N UNK G 170 -58.34 57.50 -16.45
CA UNK G 170 -57.29 57.19 -17.39
C UNK G 170 -56.97 58.41 -18.22
N UNK G 171 -57.83 59.43 -18.15
CA UNK G 171 -57.53 60.71 -18.75
C UNK G 171 -56.27 61.31 -18.16
N UNK G 172 -56.06 61.10 -16.87
CA UNK G 172 -54.82 61.55 -16.27
C UNK G 172 -53.63 60.75 -16.80
N UNK G 173 -53.81 59.48 -17.12
CA UNK G 173 -52.70 58.71 -17.68
C UNK G 173 -52.34 59.22 -19.05
N UNK G 174 -53.36 59.42 -19.90
CA UNK G 174 -53.11 59.98 -21.23
C UNK G 174 -52.66 61.42 -21.16
N UNK G 175 -52.84 62.09 -20.04
CA UNK G 175 -52.20 63.37 -19.87
C UNK G 175 -50.72 63.19 -19.58
N UNK G 176 -50.41 62.53 -18.47
CA UNK G 176 -49.05 62.56 -17.94
C UNK G 176 -48.08 61.79 -18.79
N UNK G 177 -48.56 60.82 -19.57
CA UNK G 177 -47.68 60.24 -20.57
C UNK G 177 -47.33 61.28 -21.62
N UNK G 178 -48.35 61.95 -22.16
CA UNK G 178 -48.12 62.94 -23.19
C UNK G 178 -47.71 64.28 -22.64
N UNK G 179 -47.32 64.34 -21.39
CA UNK G 179 -46.64 65.52 -20.89
C UNK G 179 -45.20 65.21 -20.52
N UNK G 180 -44.94 64.00 -20.03
CA UNK G 180 -43.56 63.62 -19.76
C UNK G 180 -42.79 63.46 -21.04
N UNK G 181 -43.45 62.98 -22.10
CA UNK G 181 -42.78 62.80 -23.36
C UNK G 181 -42.82 64.04 -24.22
N UNK G 182 -43.13 65.20 -23.64
CA UNK G 182 -43.11 66.44 -24.40
C UNK G 182 -41.68 66.80 -24.73
N UNK G 183 -41.49 67.37 -25.90
CA UNK G 183 -40.19 67.87 -26.29
C UNK G 183 -40.02 69.26 -25.70
N UNK G 184 -38.85 69.50 -25.10
CA UNK G 184 -38.52 70.73 -24.37
C UNK G 184 -39.56 71.00 -23.28
N UNK G 185 -39.52 70.13 -22.27
CA UNK G 185 -40.35 70.30 -21.09
C UNK G 185 -40.10 71.65 -20.47
N UNK G 186 -41.17 72.21 -19.88
CA UNK G 186 -41.29 73.64 -19.58
C UNK G 186 -41.08 74.47 -20.84
N UNK G 187 -42.01 74.29 -21.76
CA UNK G 187 -42.20 75.20 -22.87
C UNK G 187 -43.39 76.11 -22.71
N UNK G 188 -44.28 75.81 -21.77
CA UNK G 188 -45.41 76.60 -21.28
C UNK G 188 -46.53 76.81 -22.30
N UNK G 189 -46.37 76.36 -23.53
CA UNK G 189 -47.45 76.40 -24.49
C UNK G 189 -47.68 75.04 -25.08
N UNK G 190 -46.80 74.09 -24.81
CA UNK G 190 -47.10 72.69 -25.09
C UNK G 190 -47.76 72.03 -23.91
N UNK G 191 -47.49 72.55 -22.72
CA UNK G 191 -48.17 72.05 -21.53
C UNK G 191 -49.67 72.30 -21.63
N UNK G 192 -50.05 73.45 -22.17
CA UNK G 192 -51.46 73.71 -22.38
C UNK G 192 -52.02 72.90 -23.53
N UNK G 193 -51.18 72.38 -24.41
CA UNK G 193 -51.66 71.44 -25.38
C UNK G 193 -51.82 70.06 -24.78
N UNK G 194 -51.07 69.75 -23.72
CA UNK G 194 -51.18 68.45 -23.09
C UNK G 194 -52.38 68.40 -22.16
N UNK G 195 -52.46 69.34 -21.23
CA UNK G 195 -53.54 69.36 -20.25
C UNK G 195 -54.80 70.01 -20.85
N UNK G 196 -55.25 69.43 -21.96
CA UNK G 196 -56.28 70.06 -22.78
C UNK G 196 -57.63 69.39 -22.67
N UNK G 197 -57.77 68.44 -21.75
CA UNK G 197 -59.09 67.92 -21.43
C UNK G 197 -59.27 67.67 -19.95
N UNK G 198 -58.27 67.96 -19.14
CA UNK G 198 -58.40 67.75 -17.71
C UNK G 198 -59.24 68.86 -17.10
N UNK G 199 -60.04 68.50 -16.11
CA UNK G 199 -60.76 69.51 -15.36
C UNK G 199 -59.82 70.24 -14.44
N UNK G 200 -60.30 71.36 -13.90
CA UNK G 200 -59.45 72.29 -13.15
C UNK G 200 -58.88 71.69 -11.87
N UNK G 201 -59.57 70.72 -11.28
CA UNK G 201 -58.97 70.00 -10.17
C UNK G 201 -57.83 69.11 -10.67
N UNK G 202 -58.02 68.50 -11.84
CA UNK G 202 -57.06 67.54 -12.32
C UNK G 202 -55.76 68.21 -12.75
N UNK G 203 -55.84 69.48 -13.16
CA UNK G 203 -54.66 70.22 -13.57
C UNK G 203 -53.68 70.37 -12.42
N UNK G 204 -54.20 70.40 -11.20
CA UNK G 204 -53.35 70.53 -10.04
C UNK G 204 -52.46 69.32 -9.87
N UNK G 205 -53.05 68.13 -9.82
CA UNK G 205 -52.27 66.92 -9.61
C UNK G 205 -51.36 66.65 -10.79
N UNK G 206 -51.80 66.95 -12.01
CA UNK G 206 -50.95 66.69 -13.16
C UNK G 206 -49.75 67.64 -13.18
N UNK G 207 -49.99 68.94 -13.01
CA UNK G 207 -48.90 69.91 -13.02
C UNK G 207 -47.99 69.73 -11.83
N UNK G 208 -48.52 69.32 -10.69
CA UNK G 208 -47.68 69.13 -9.52
C UNK G 208 -46.83 67.89 -9.65
N UNK G 209 -47.39 66.82 -10.21
CA UNK G 209 -46.59 65.64 -10.45
C UNK G 209 -45.51 65.92 -11.48
N UNK G 210 -45.81 66.77 -12.46
CA UNK G 210 -44.77 67.19 -13.40
C UNK G 210 -43.70 68.00 -12.71
N UNK G 211 -44.09 68.85 -11.77
CA UNK G 211 -43.12 69.70 -11.10
C UNK G 211 -42.19 68.89 -10.21
N UNK G 212 -42.76 68.02 -9.39
CA UNK G 212 -41.95 67.19 -8.53
C UNK G 212 -41.16 66.18 -9.33
N UNK G 213 -41.68 65.75 -10.46
CA UNK G 213 -40.93 64.78 -11.25
C UNK G 213 -39.75 65.42 -11.93
N UNK G 214 -39.90 66.63 -12.45
CA UNK G 214 -38.76 67.28 -13.06
C UNK G 214 -37.75 67.71 -12.02
N UNK G 215 -38.20 68.05 -10.82
CA UNK G 215 -37.26 68.35 -9.77
C UNK G 215 -36.55 67.10 -9.29
N UNK G 216 -37.18 65.95 -9.37
CA UNK G 216 -36.47 64.71 -9.10
C UNK G 216 -35.50 64.40 -10.22
N UNK G 217 -35.87 64.71 -11.45
CA UNK G 217 -35.04 64.35 -12.59
C UNK G 217 -33.78 65.19 -12.64
N UNK G 218 -33.88 66.46 -12.25
CA UNK G 218 -32.67 67.29 -12.22
C UNK G 218 -31.71 66.78 -11.16
N UNK G 219 -32.24 66.35 -10.02
CA UNK G 219 -31.39 65.78 -8.99
C UNK G 219 -30.76 64.50 -9.47
N UNK G 220 -31.49 63.68 -10.21
CA UNK G 220 -30.95 62.42 -10.68
C UNK G 220 -29.87 62.64 -11.72
N UNK G 221 -30.12 63.53 -12.67
CA UNK G 221 -29.15 63.74 -13.71
C UNK G 221 -27.94 64.51 -13.21
N UNK G 222 -28.08 65.27 -12.14
CA UNK G 222 -26.86 65.85 -11.62
C UNK G 222 -26.09 64.86 -10.78
N UNK G 223 -26.78 64.07 -9.98
CA UNK G 223 -26.08 63.12 -9.14
C UNK G 223 -25.52 61.96 -9.92
N UNK G 224 -26.00 61.71 -11.14
CA UNK G 224 -25.32 60.73 -11.98
C UNK G 224 -24.00 61.30 -12.46
N UNK G 225 -24.05 62.44 -13.11
CA UNK G 225 -22.87 63.01 -13.72
C UNK G 225 -22.05 63.84 -12.76
N UNK G 226 -22.20 63.66 -11.46
CA UNK G 226 -21.37 64.43 -10.54
C UNK G 226 -19.94 63.94 -10.58
N UNK G 227 -19.74 62.64 -10.47
CA UNK G 227 -18.41 62.07 -10.49
C UNK G 227 -18.14 61.58 -11.91
N UNK G 228 -17.93 62.52 -12.83
CA UNK G 228 -17.99 62.15 -14.24
C UNK G 228 -16.95 62.74 -15.17
N UNK G 229 -15.88 63.35 -14.67
CA UNK G 229 -14.72 63.81 -15.43
C UNK G 229 -15.03 64.88 -16.45
N UNK G 230 -16.19 65.41 -16.40
CA UNK G 230 -16.50 66.67 -17.05
C UNK G 230 -17.15 67.61 -16.08
N UNK G 231 -18.01 67.11 -15.20
CA UNK G 231 -18.46 67.89 -14.07
C UNK G 231 -17.64 67.61 -12.85
N UNK G 232 -16.55 66.88 -13.00
CA UNK G 232 -15.50 66.90 -11.99
C UNK G 232 -14.33 67.71 -12.49
N UNK G 233 -14.45 68.30 -13.63
CA UNK G 233 -13.35 69.08 -14.17
C UNK G 233 -13.72 70.53 -14.38
N UNK G 234 -14.92 70.80 -14.87
CA UNK G 234 -15.32 72.19 -15.05
C UNK G 234 -15.66 72.84 -13.73
N UNK G 235 -15.98 72.05 -12.72
CA UNK G 235 -16.22 72.53 -11.36
C UNK G 235 -15.02 72.27 -10.50
N UNK G 236 -13.83 72.53 -11.06
CA UNK G 236 -12.56 71.84 -10.84
C UNK G 236 -12.26 71.49 -9.41
N UNK G 237 -12.12 70.19 -9.16
CA UNK G 237 -11.84 69.71 -7.82
C UNK G 237 -10.35 69.82 -7.58
N UNK G 238 -9.89 69.23 -6.50
CA UNK G 238 -8.47 69.17 -6.27
C UNK G 238 -7.83 68.20 -7.25
N UNK G 239 -8.30 66.96 -7.26
CA UNK G 239 -7.87 65.96 -8.22
C UNK G 239 -8.82 65.97 -9.43
N UNK G 240 -8.40 65.30 -10.52
CA UNK G 240 -9.23 65.39 -11.72
C UNK G 240 -9.36 64.12 -12.55
N UNK G 241 -8.90 62.96 -12.08
CA UNK G 241 -9.24 61.65 -12.62
C UNK G 241 -8.82 61.48 -14.08
N UNK G 242 -7.50 61.36 -14.30
CA UNK G 242 -6.93 61.55 -15.64
C UNK G 242 -6.06 60.43 -16.15
N UNK G 243 -6.21 59.21 -15.67
CA UNK G 243 -5.52 58.09 -16.29
C UNK G 243 -6.47 56.93 -16.46
N UNK G 244 -7.64 57.23 -17.02
CA UNK G 244 -8.71 56.27 -17.08
C UNK G 244 -8.41 55.12 -18.02
N UNK G 245 -7.71 55.38 -19.12
CA UNK G 245 -7.74 54.49 -20.27
C UNK G 245 -6.34 53.97 -20.59
N UNK G 246 -6.04 52.72 -20.21
CA UNK G 246 -4.78 52.08 -20.60
C UNK G 246 -5.00 50.57 -20.63
N UNK G 247 -5.28 50.02 -21.81
CA UNK G 247 -5.73 48.62 -21.90
C UNK G 247 -5.48 48.08 -23.30
N UNK G 248 -6.14 46.95 -23.62
CA UNK G 248 -5.81 46.10 -24.75
C UNK G 248 -6.79 46.23 -25.89
N UNK G 249 -6.27 46.30 -27.11
CA UNK G 249 -7.08 46.29 -28.31
C UNK G 249 -7.10 44.89 -28.88
N UNK G 250 -7.87 44.01 -28.26
CA UNK G 250 -7.98 42.65 -28.73
C UNK G 250 -9.44 42.26 -28.78
N UNK G 251 -9.74 41.24 -29.56
CA UNK G 251 -11.10 40.95 -29.95
C UNK G 251 -11.92 40.42 -28.79
N UNK G 252 -13.09 41.00 -28.60
CA UNK G 252 -14.10 40.37 -27.77
C UNK G 252 -14.61 39.15 -28.51
N UNK G 253 -14.78 38.05 -27.80
CA UNK G 253 -15.01 36.77 -28.46
C UNK G 253 -16.45 36.66 -28.93
N UNK G 254 -16.64 36.56 -30.23
CA UNK G 254 -17.97 36.43 -30.80
C UNK G 254 -18.55 35.07 -30.47
N UNK G 255 -19.88 35.01 -30.40
CA UNK G 255 -20.59 33.76 -30.19
C UNK G 255 -21.71 33.71 -31.22
N UNK G 256 -21.40 33.21 -32.40
CA UNK G 256 -22.37 33.21 -33.48
C UNK G 256 -23.44 32.15 -33.22
N UNK G 257 -24.70 32.54 -33.32
CA UNK G 257 -25.74 31.69 -32.75
C UNK G 257 -26.14 30.55 -33.68
N UNK G 258 -26.85 30.87 -34.77
CA UNK G 258 -27.50 29.85 -35.59
C UNK G 258 -28.06 30.45 -36.86
N UNK G 259 -28.96 29.73 -37.52
CA UNK G 259 -29.95 30.34 -38.40
C UNK G 259 -31.22 30.72 -37.66
N UNK G 260 -31.14 30.86 -36.34
CA UNK G 260 -32.20 31.44 -35.54
C UNK G 260 -32.19 32.95 -35.55
N UNK G 261 -31.26 33.58 -36.23
CA UNK G 261 -31.30 35.02 -36.41
C UNK G 261 -32.12 35.28 -37.65
N UNK G 262 -33.35 35.76 -37.48
CA UNK G 262 -34.26 35.87 -38.60
C UNK G 262 -33.87 37.00 -39.52
N UNK G 263 -34.19 36.83 -40.80
CA UNK G 263 -33.85 37.81 -41.82
C UNK G 263 -34.84 38.96 -41.76
N UNK G 264 -34.85 39.79 -42.79
CA UNK G 264 -35.75 40.93 -42.83
C UNK G 264 -36.65 40.89 -44.05
N UNK G 265 -37.03 39.69 -44.49
CA UNK G 265 -37.86 39.58 -45.69
C UNK G 265 -39.32 39.89 -45.36
N UNK G 266 -39.93 39.03 -44.58
CA UNK G 266 -41.31 39.17 -44.14
C UNK G 266 -41.48 38.28 -42.92
N UNK G 267 -42.72 37.96 -42.59
CA UNK G 267 -42.99 37.25 -41.36
C UNK G 267 -43.20 35.76 -41.55
N UNK G 268 -44.15 35.38 -42.43
CA UNK G 268 -44.77 34.07 -42.65
C UNK G 268 -45.71 33.67 -41.51
N UNK G 269 -45.75 34.47 -40.44
CA UNK G 269 -46.85 34.54 -39.47
C UNK G 269 -47.20 33.23 -38.80
N UNK G 270 -46.23 32.32 -38.66
CA UNK G 270 -46.29 31.10 -37.83
C UNK G 270 -47.44 30.18 -38.25
N UNK G 271 -47.31 29.64 -39.45
CA UNK G 271 -48.34 28.77 -40.01
C UNK G 271 -48.39 27.47 -39.24
N UNK G 272 -49.52 27.20 -38.61
CA UNK G 272 -49.76 25.93 -37.94
C UNK G 272 -50.81 25.14 -38.70
N UNK G 273 -50.94 23.87 -38.32
CA UNK G 273 -51.91 22.98 -38.92
C UNK G 273 -53.33 23.43 -38.58
N UNK G 274 -54.29 22.96 -39.38
CA UNK G 274 -55.68 23.35 -39.19
C UNK G 274 -56.28 22.62 -38.01
N UNK G 275 -57.14 23.35 -37.27
CA UNK G 275 -57.69 22.80 -36.03
C UNK G 275 -58.61 21.63 -36.29
N UNK G 276 -59.28 21.61 -37.43
CA UNK G 276 -60.09 20.46 -37.78
C UNK G 276 -59.23 19.24 -38.01
N UNK G 277 -58.10 19.44 -38.67
CA UNK G 277 -57.14 18.35 -38.85
C UNK G 277 -56.62 17.89 -37.51
N UNK G 278 -56.42 18.82 -36.58
CA UNK G 278 -55.93 18.46 -35.26
C UNK G 278 -56.95 17.64 -34.50
N UNK G 279 -58.22 18.05 -34.54
CA UNK G 279 -59.25 17.35 -33.79
C UNK G 279 -59.50 15.97 -34.37
N UNK G 280 -59.45 15.86 -35.69
CA UNK G 280 -59.61 14.56 -36.31
C UNK G 280 -58.45 13.65 -35.95
N UNK G 281 -57.23 14.16 -36.03
CA UNK G 281 -56.07 13.35 -35.73
C UNK G 281 -55.96 13.01 -34.27
N UNK G 282 -56.60 13.77 -33.39
CA UNK G 282 -56.56 13.43 -31.98
C UNK G 282 -57.64 12.42 -31.64
N UNK G 283 -58.87 12.67 -32.11
CA UNK G 283 -59.97 11.77 -31.81
C UNK G 283 -59.76 10.41 -32.42
N UNK G 284 -59.23 10.38 -33.64
CA UNK G 284 -58.96 9.11 -34.28
C UNK G 284 -57.86 8.36 -33.56
N UNK G 285 -56.83 9.07 -33.09
CA UNK G 285 -55.72 8.39 -32.43
C UNK G 285 -56.14 7.82 -31.10
N UNK G 286 -56.85 8.61 -30.31
CA UNK G 286 -57.30 8.12 -29.02
C UNK G 286 -58.32 7.00 -29.17
N UNK G 287 -59.20 7.13 -30.15
CA UNK G 287 -60.21 6.10 -30.35
C UNK G 287 -59.61 4.81 -30.86
N UNK G 288 -58.61 4.91 -31.73
CA UNK G 288 -57.99 3.70 -32.24
C UNK G 288 -57.17 3.02 -31.17
N UNK G 289 -56.55 3.81 -30.28
CA UNK G 289 -55.85 3.20 -29.15
C UNK G 289 -56.84 2.54 -28.20
N UNK G 290 -58.02 3.15 -28.01
CA UNK G 290 -59.04 2.57 -27.16
C UNK G 290 -59.55 1.26 -27.74
N UNK G 291 -59.94 1.28 -29.01
CA UNK G 291 -60.48 0.08 -29.65
C UNK G 291 -59.40 -0.96 -29.88
N UNK G 292 -58.13 -0.57 -29.90
CA UNK G 292 -57.07 -1.56 -29.94
C UNK G 292 -56.87 -2.21 -28.59
N UNK G 293 -57.04 -1.47 -27.51
CA UNK G 293 -57.06 -2.10 -26.20
C UNK G 293 -58.25 -3.05 -26.09
N UNK G 294 -59.39 -2.64 -26.62
CA UNK G 294 -60.58 -3.50 -26.62
C UNK G 294 -60.40 -4.69 -27.54
N UNK G 295 -59.63 -4.55 -28.60
CA UNK G 295 -59.40 -5.66 -29.52
C UNK G 295 -58.42 -6.66 -28.95
N UNK G 296 -57.34 -6.17 -28.32
CA UNK G 296 -56.44 -7.06 -27.61
C UNK G 296 -57.14 -7.76 -26.48
N UNK G 297 -58.09 -7.08 -25.85
CA UNK G 297 -58.95 -7.73 -24.86
C UNK G 297 -59.97 -8.67 -25.50
N UNK G 298 -60.31 -8.45 -26.77
CA UNK G 298 -61.31 -9.28 -27.43
C UNK G 298 -60.82 -10.68 -27.73
N UNK G 299 -59.52 -10.94 -27.54
CA UNK G 299 -59.02 -12.30 -27.58
C UNK G 299 -59.39 -13.01 -26.28
N UNK H 1 -32.03 46.02 15.72
CA UNK H 1 -31.81 47.13 16.63
C UNK H 1 -32.06 48.44 15.93
N UNK H 2 -33.24 49.02 16.08
CA UNK H 2 -34.38 48.41 16.74
C UNK H 2 -35.44 48.25 15.71
N UNK H 3 -34.99 48.31 14.46
CA UNK H 3 -35.81 48.04 13.30
C UNK H 3 -35.57 46.67 12.72
N UNK H 4 -34.49 46.01 13.12
CA UNK H 4 -34.17 44.69 12.60
C UNK H 4 -34.66 43.59 13.52
N UNK H 5 -35.93 43.61 13.87
CA UNK H 5 -36.56 42.43 14.39
C UNK H 5 -37.27 41.74 13.23
N UNK H 6 -38.07 40.70 13.48
CA UNK H 6 -38.73 40.06 12.35
C UNK H 6 -40.08 39.52 12.79
N UNK H 7 -41.10 40.32 12.59
CA UNK H 7 -42.46 39.80 12.72
C UNK H 7 -42.72 38.85 11.58
N UNK H 8 -43.51 37.83 11.84
CA UNK H 8 -43.96 36.92 10.82
C UNK H 8 -45.36 37.34 10.41
N UNK H 9 -45.45 38.13 9.35
CA UNK H 9 -46.75 38.65 8.92
C UNK H 9 -47.58 37.53 8.35
N UNK H 10 -48.72 37.23 8.98
CA UNK H 10 -49.65 36.26 8.43
C UNK H 10 -50.51 36.97 7.40
N UNK H 11 -50.41 36.54 6.15
CA UNK H 11 -50.74 37.43 5.04
C UNK H 11 -52.23 37.71 4.99
N UNK H 12 -52.57 38.96 4.70
CA UNK H 12 -53.91 39.48 4.62
C UNK H 12 -54.17 39.93 3.19
N UNK H 13 -55.28 40.62 2.97
CA UNK H 13 -55.66 40.96 1.60
C UNK H 13 -54.86 42.10 1.00
N UNK H 14 -53.76 42.50 1.61
CA UNK H 14 -52.72 43.25 0.92
C UNK H 14 -51.62 42.32 0.45
N UNK H 15 -52.00 41.10 0.06
CA UNK H 15 -51.10 40.16 -0.59
C UNK H 15 -51.67 39.71 -1.92
N UNK H 16 -52.43 40.55 -2.59
CA UNK H 16 -53.07 40.14 -3.83
C UNK H 16 -52.06 40.06 -4.94
N UNK H 17 -52.11 39.00 -5.73
CA UNK H 17 -51.11 38.92 -6.78
C UNK H 17 -51.66 38.12 -7.94
N UNK H 18 -51.18 38.44 -9.13
CA UNK H 18 -51.52 37.63 -10.27
C UNK H 18 -50.82 36.28 -10.14
N UNK H 19 -51.49 35.23 -10.60
CA UNK H 19 -50.86 33.95 -10.83
C UNK H 19 -50.93 33.73 -12.31
N UNK H 20 -49.79 33.51 -12.94
CA UNK H 20 -49.77 33.27 -14.37
C UNK H 20 -49.44 31.82 -14.57
N UNK H 21 -50.39 31.06 -15.09
CA UNK H 21 -50.27 29.63 -15.26
C UNK H 21 -50.33 29.36 -16.74
N UNK H 22 -49.22 28.98 -17.34
CA UNK H 22 -49.26 28.66 -18.75
C UNK H 22 -49.70 27.22 -18.89
N UNK H 23 -50.55 26.96 -19.87
CA UNK H 23 -51.45 25.83 -19.72
C UNK H 23 -51.26 24.69 -20.68
N UNK H 24 -50.61 24.88 -21.82
CA UNK H 24 -50.69 24.08 -23.04
C UNK H 24 -52.07 24.08 -23.67
N UNK H 25 -52.97 24.92 -23.21
CA UNK H 25 -54.16 25.24 -23.98
C UNK H 25 -54.57 26.68 -23.80
N UNK H 26 -53.84 27.46 -23.02
CA UNK H 26 -54.13 28.86 -22.75
C UNK H 26 -52.94 29.43 -22.00
N UNK H 27 -53.04 30.68 -21.59
CA UNK H 27 -52.13 31.27 -20.61
C UNK H 27 -53.06 31.91 -19.61
N UNK H 28 -53.51 31.14 -18.64
CA UNK H 28 -54.51 31.64 -17.72
C UNK H 28 -53.82 32.59 -16.75
N UNK H 29 -54.44 33.72 -16.47
CA UNK H 29 -53.91 34.69 -15.52
C UNK H 29 -55.01 34.96 -14.50
N UNK H 30 -54.82 34.44 -13.29
CA UNK H 30 -55.85 34.43 -12.27
C UNK H 30 -55.37 35.26 -11.09
N UNK H 31 -56.13 36.28 -10.71
CA UNK H 31 -55.73 37.14 -9.60
C UNK H 31 -56.13 36.48 -8.30
N UNK H 32 -55.15 36.09 -7.49
CA UNK H 32 -55.44 35.49 -6.21
C UNK H 32 -55.61 36.60 -5.17
N UNK H 33 -56.72 36.57 -4.45
CA UNK H 33 -56.99 37.54 -3.39
C UNK H 33 -57.49 36.77 -2.18
N UNK H 34 -56.87 36.95 -1.03
CA UNK H 34 -57.30 36.28 0.19
C UNK H 34 -58.61 36.87 0.67
N UNK H 35 -59.27 36.19 1.58
CA UNK H 35 -60.67 36.53 1.84
C UNK H 35 -60.91 36.80 3.31
N UNK H 36 -60.09 37.65 3.90
CA UNK H 36 -60.09 37.81 5.35
C UNK H 36 -61.08 38.88 5.76
N UNK H 37 -62.35 38.47 5.90
CA UNK H 37 -63.45 39.30 6.39
C UNK H 37 -63.57 40.60 5.59
N UNK H 38 -63.43 40.49 4.27
CA UNK H 38 -63.55 41.66 3.40
C UNK H 38 -65.01 42.03 3.41
N UNK H 39 -65.79 41.24 2.81
CA UNK H 39 -67.08 41.03 3.41
C UNK H 39 -67.38 39.56 3.48
N UNK H 40 -67.04 38.80 2.44
CA UNK H 40 -67.21 37.36 2.38
C UNK H 40 -66.63 36.81 1.09
N UNK H 41 -66.08 35.60 1.13
CA UNK H 41 -66.35 34.44 0.26
C UNK H 41 -65.29 33.41 0.56
N UNK H 42 -65.33 32.25 -0.08
CA UNK H 42 -64.15 31.41 -0.16
C UNK H 42 -64.19 30.66 -1.47
N UNK H 43 -63.30 29.68 -1.62
CA UNK H 43 -63.31 28.84 -2.81
C UNK H 43 -62.55 27.57 -2.48
N UNK H 44 -63.24 26.45 -2.45
CA UNK H 44 -62.55 25.19 -2.21
C UNK H 44 -62.14 24.54 -3.52
N UNK H 45 -63.08 24.33 -4.43
CA UNK H 45 -62.77 23.84 -5.77
C UNK H 45 -63.35 24.83 -6.76
N UNK H 46 -62.49 25.64 -7.37
CA UNK H 46 -62.94 26.53 -8.43
C UNK H 46 -62.64 25.80 -9.71
N UNK H 47 -63.66 25.15 -10.27
CA UNK H 47 -63.51 24.48 -11.54
C UNK H 47 -63.78 25.47 -12.64
N UNK H 48 -62.76 25.75 -13.44
CA UNK H 48 -62.91 26.72 -14.53
C UNK H 48 -63.52 25.97 -15.69
N UNK H 49 -64.82 26.12 -15.89
CA UNK H 49 -65.47 25.54 -17.04
C UNK H 49 -65.22 26.39 -18.26
N UNK H 50 -64.71 25.77 -19.30
CA UNK H 50 -64.27 26.47 -20.50
C UNK H 50 -65.43 26.51 -21.47
N UNK H 51 -66.19 27.61 -21.45
CA UNK H 51 -67.42 27.68 -22.21
C UNK H 51 -67.15 27.75 -23.70
N UNK H 52 -66.34 28.71 -24.13
CA UNK H 52 -66.07 28.87 -25.55
C UNK H 52 -65.23 27.76 -26.15
N UNK H 53 -64.66 26.89 -25.33
CA UNK H 53 -63.96 25.75 -25.87
C UNK H 53 -64.93 24.78 -26.52
N UNK H 54 -66.10 24.63 -25.94
CA UNK H 54 -67.04 23.66 -26.46
C UNK H 54 -67.61 24.08 -27.79
N UNK H 55 -67.67 25.38 -28.08
CA UNK H 55 -68.10 25.80 -29.40
C UNK H 55 -67.04 25.51 -30.45
N UNK H 56 -65.77 25.65 -30.09
CA UNK H 56 -64.73 25.24 -31.00
C UNK H 56 -64.64 23.74 -31.13
N UNK H 57 -65.22 23.01 -30.18
CA UNK H 57 -65.39 21.58 -30.42
C UNK H 57 -66.56 21.33 -31.34
N UNK H 58 -67.61 22.13 -31.21
CA UNK H 58 -68.84 21.86 -31.94
C UNK H 58 -68.70 22.17 -33.41
N UNK H 59 -67.94 23.21 -33.76
CA UNK H 59 -67.71 23.49 -35.17
C UNK H 59 -66.87 22.40 -35.81
N UNK H 60 -65.86 21.90 -35.10
CA UNK H 60 -65.07 20.82 -35.62
C UNK H 60 -65.81 19.50 -35.61
N UNK H 61 -66.89 19.39 -34.87
CA UNK H 61 -67.75 18.22 -35.02
C UNK H 61 -68.73 18.38 -36.15
N UNK H 62 -69.16 19.62 -36.44
CA UNK H 62 -70.11 19.84 -37.51
C UNK H 62 -69.46 19.70 -38.88
N UNK H 63 -68.26 20.25 -39.03
CA UNK H 63 -67.58 20.13 -40.32
C UNK H 63 -67.09 18.72 -40.58
N UNK H 64 -66.89 17.91 -39.54
CA UNK H 64 -66.48 16.55 -39.73
C UNK H 64 -67.65 15.58 -39.74
N UNK H 65 -68.84 16.02 -39.34
CA UNK H 65 -70.04 15.22 -39.59
C UNK H 65 -70.57 15.42 -40.99
N UNK H 66 -70.24 16.54 -41.64
CA UNK H 66 -70.53 16.75 -43.04
C UNK H 66 -69.37 16.32 -43.92
N UNK H 67 -68.20 16.94 -43.75
CA UNK H 67 -67.05 16.61 -44.58
C UNK H 67 -66.06 15.75 -43.82
N UNK H 68 -12.99 68.99 9.60
CA UNK H 68 -14.44 68.91 9.48
C UNK H 68 -14.84 67.49 9.19
N UNK H 69 -13.84 66.67 8.85
CA UNK H 69 -14.12 65.29 8.46
C UNK H 69 -14.56 64.44 9.64
N UNK H 70 -14.25 64.84 10.85
CA UNK H 70 -14.88 64.27 12.01
C UNK H 70 -15.99 65.16 12.54
N UNK H 71 -16.36 66.17 11.76
CA UNK H 71 -17.48 67.03 12.13
C UNK H 71 -18.63 66.88 11.14
N UNK H 72 -18.37 67.11 9.85
CA UNK H 72 -19.44 67.14 8.88
C UNK H 72 -20.03 65.77 8.65
N UNK H 73 -19.19 64.75 8.68
CA UNK H 73 -19.69 63.39 8.54
C UNK H 73 -20.57 63.02 9.72
N UNK H 74 -20.22 63.50 10.91
CA UNK H 74 -21.03 63.20 12.09
C UNK H 74 -22.35 63.93 12.05
N UNK H 75 -22.34 65.18 11.60
CA UNK H 75 -23.59 65.93 11.48
C UNK H 75 -24.48 65.33 10.42
N UNK H 76 -23.89 64.88 9.30
CA UNK H 76 -24.69 64.26 8.26
C UNK H 76 -25.18 62.90 8.70
N UNK H 77 -24.41 62.21 9.54
CA UNK H 77 -24.86 60.93 10.04
C UNK H 77 -26.05 61.09 10.97
N UNK H 78 -25.97 62.05 11.88
CA UNK H 78 -27.10 62.30 12.75
C UNK H 78 -28.30 62.84 11.99
N UNK H 79 -28.08 63.66 10.96
CA UNK H 79 -29.21 64.15 10.20
C UNK H 79 -29.79 63.07 9.34
N UNK H 80 -28.97 62.12 8.92
CA UNK H 80 -29.48 61.00 8.15
C UNK H 80 -30.34 60.10 9.00
N UNK H 81 -29.83 59.69 10.16
CA UNK H 81 -30.65 58.87 11.05
C UNK H 81 -31.80 59.65 11.65
N UNK H 82 -31.72 60.97 11.65
CA UNK H 82 -32.81 61.81 12.13
C UNK H 82 -33.92 61.95 11.12
N UNK H 83 -33.58 62.09 9.84
CA UNK H 83 -34.63 62.07 8.86
C UNK H 83 -35.10 60.66 8.57
N UNK H 84 -34.27 59.66 8.86
CA UNK H 84 -34.65 58.29 8.62
C UNK H 84 -35.66 57.79 9.62
N UNK H 85 -35.82 58.44 10.75
CA UNK H 85 -37.02 58.29 11.55
C UNK H 85 -38.07 59.29 11.07
N UNK H 86 -38.54 59.05 9.86
CA UNK H 86 -39.53 59.91 9.22
C UNK H 86 -40.86 59.75 9.90
N UNK H 87 -41.46 58.57 9.78
CA UNK H 87 -42.65 58.17 10.52
C UNK H 87 -42.88 56.68 10.37
N UNK H 88 -42.99 55.96 11.49
CA UNK H 88 -43.27 54.52 11.53
C UNK H 88 -42.20 53.73 10.75
N UNK H 89 -41.01 53.72 11.32
CA UNK H 89 -39.87 53.08 10.69
C UNK H 89 -40.13 51.59 10.48
N UNK H 90 -39.48 51.00 9.49
CA UNK H 90 -39.90 49.72 8.95
C UNK H 90 -39.22 48.55 9.66
N UNK H 91 -39.99 47.51 9.96
CA UNK H 91 -39.46 46.27 10.49
C UNK H 91 -39.37 45.23 9.39
N UNK H 92 -38.23 44.57 9.25
CA UNK H 92 -38.07 43.59 8.18
C UNK H 92 -38.81 42.31 8.54
N UNK H 93 -39.67 41.85 7.64
CA UNK H 93 -40.63 40.78 7.92
C UNK H 93 -40.25 39.45 7.26
N UNK H 94 -41.12 38.45 7.44
CA UNK H 94 -40.96 37.13 6.83
C UNK H 94 -42.33 36.46 6.77
N UNK H 95 -42.79 36.09 5.58
CA UNK H 95 -44.21 35.95 5.33
C UNK H 95 -44.77 34.62 5.85
N UNK H 96 -46.03 34.34 5.49
CA UNK H 96 -46.71 33.10 5.84
C UNK H 96 -47.86 32.88 4.87
N UNK H 97 -47.94 31.70 4.27
CA UNK H 97 -48.66 31.48 3.04
C UNK H 97 -50.16 31.41 3.21
N UNK H 98 -50.89 31.82 2.16
CA UNK H 98 -52.18 31.26 1.82
C UNK H 98 -51.89 30.21 0.78
N UNK H 99 -52.88 29.44 0.38
CA UNK H 99 -52.55 28.21 -0.32
C UNK H 99 -53.33 28.07 -1.61
N UNK H 100 -52.78 27.32 -2.58
CA UNK H 100 -53.54 26.92 -3.76
C UNK H 100 -52.93 25.72 -4.46
N UNK H 101 -53.63 24.60 -4.59
CA UNK H 101 -53.15 23.54 -5.47
C UNK H 101 -53.78 23.77 -6.83
N UNK H 102 -53.04 24.34 -7.76
CA UNK H 102 -53.56 24.46 -9.11
C UNK H 102 -53.44 23.09 -9.73
N UNK H 103 -54.57 22.39 -9.86
CA UNK H 103 -54.52 20.96 -10.08
C UNK H 103 -55.21 20.60 -11.37
N UNK H 104 -54.49 20.79 -12.46
CA UNK H 104 -54.81 20.16 -13.71
C UNK H 104 -53.98 18.94 -13.93
N UNK H 105 -52.71 19.02 -13.54
CA UNK H 105 -51.93 17.82 -13.30
C UNK H 105 -51.49 17.76 -11.84
N UNK H 106 -50.61 18.65 -11.41
CA UNK H 106 -50.33 18.97 -10.02
C UNK H 106 -49.41 20.19 -10.05
N UNK H 107 -49.76 21.30 -9.39
CA UNK H 107 -48.74 22.31 -9.10
C UNK H 107 -49.17 22.96 -7.82
N UNK H 108 -48.37 22.85 -6.80
CA UNK H 108 -48.78 23.28 -5.48
C UNK H 108 -48.16 24.64 -5.20
N UNK H 109 -48.90 25.70 -5.46
CA UNK H 109 -48.39 27.04 -5.25
C UNK H 109 -48.97 27.55 -3.94
N UNK H 110 -48.16 27.60 -2.90
CA UNK H 110 -48.55 28.35 -1.72
C UNK H 110 -48.09 29.78 -1.94
N UNK H 111 -49.01 30.73 -1.95
CA UNK H 111 -48.68 32.12 -2.24
C UNK H 111 -47.94 32.73 -1.04
N UNK H 112 -46.73 32.21 -0.83
CA UNK H 112 -45.95 32.44 0.38
C UNK H 112 -44.95 33.56 0.16
N UNK H 113 -44.19 33.47 -0.86
CA UNK H 113 -43.22 34.46 -1.17
C UNK H 113 -43.84 35.72 -1.75
N UNK H 114 -45.16 35.95 -1.72
CA UNK H 114 -45.89 36.86 -2.61
C UNK H 114 -45.45 36.63 -4.05
N UNK H 115 -45.19 35.37 -4.38
CA UNK H 115 -44.64 34.95 -5.64
C UNK H 115 -45.77 34.90 -6.66
N UNK H 116 -45.47 34.51 -7.88
CA UNK H 116 -46.56 34.58 -8.82
C UNK H 116 -46.65 33.48 -9.86
N UNK H 117 -45.62 32.72 -10.16
CA UNK H 117 -45.58 32.11 -11.49
C UNK H 117 -45.75 30.61 -11.45
N UNK H 118 -46.34 30.06 -12.52
CA UNK H 118 -46.30 28.62 -12.76
C UNK H 118 -46.35 28.46 -14.28
N UNK H 119 -45.20 28.23 -14.87
CA UNK H 119 -45.07 28.25 -16.32
C UNK H 119 -45.11 26.82 -16.83
N UNK H 120 -46.05 26.55 -17.72
CA UNK H 120 -46.20 25.29 -18.48
C UNK H 120 -46.63 24.11 -17.60
N UNK H 121 -47.57 24.32 -16.70
CA UNK H 121 -48.39 23.20 -16.24
C UNK H 121 -49.20 22.70 -17.42
N UNK H 122 -49.36 21.41 -17.53
CA UNK H 122 -49.87 20.81 -18.77
C UNK H 122 -51.33 20.41 -18.60
N UNK H 123 -52.23 21.26 -19.05
CA UNK H 123 -53.66 20.97 -18.93
C UNK H 123 -54.04 20.00 -20.03
N UNK H 124 -53.85 18.71 -19.77
CA UNK H 124 -54.37 17.70 -20.68
C UNK H 124 -55.88 17.69 -20.66
N UNK H 125 -56.47 17.41 -19.50
CA UNK H 125 -57.85 17.73 -19.25
C UNK H 125 -57.94 19.22 -18.90
N UNK H 126 -59.08 19.68 -18.47
CA UNK H 126 -59.15 21.10 -18.18
C UNK H 126 -58.60 21.37 -16.80
N UNK H 127 -58.25 22.62 -16.55
CA UNK H 127 -57.69 23.00 -15.28
C UNK H 127 -58.80 23.32 -14.32
N UNK H 128 -58.66 22.84 -13.11
CA UNK H 128 -59.56 23.20 -12.01
C UNK H 128 -58.66 23.60 -10.86
N UNK H 129 -58.66 24.86 -10.49
CA UNK H 129 -57.78 25.25 -9.41
C UNK H 129 -58.48 24.96 -8.10
N UNK H 130 -57.81 24.31 -7.16
CA UNK H 130 -58.45 23.96 -5.91
C UNK H 130 -57.70 24.66 -4.79
N UNK H 131 -58.28 25.69 -4.20
CA UNK H 131 -57.63 26.31 -3.06
C UNK H 131 -57.86 25.45 -1.84
N UNK H 132 -56.87 25.33 -0.96
CA UNK H 132 -56.97 24.28 0.04
C UNK H 132 -57.77 24.67 1.27
N UNK H 133 -57.28 25.58 2.12
CA UNK H 133 -57.92 25.61 3.43
C UNK H 133 -58.27 26.95 4.05
N UNK H 134 -57.31 27.87 4.07
CA UNK H 134 -57.34 29.10 4.88
C UNK H 134 -57.70 30.29 4.03
N UNK H 135 -58.64 30.05 3.13
CA UNK H 135 -59.47 31.02 2.43
C UNK H 135 -58.77 31.91 1.42
N UNK H 136 -58.28 31.34 0.34
CA UNK H 136 -58.02 32.18 -0.81
C UNK H 136 -59.32 32.43 -1.57
N UNK H 137 -59.22 33.21 -2.63
CA UNK H 137 -60.28 33.30 -3.63
C UNK H 137 -59.59 33.67 -4.93
N UNK H 138 -59.59 32.77 -5.89
CA UNK H 138 -59.09 33.12 -7.21
C UNK H 138 -60.20 33.84 -7.94
N UNK H 139 -59.90 34.98 -8.53
CA UNK H 139 -60.88 35.70 -9.35
C UNK H 139 -60.18 36.01 -10.64
N UNK H 140 -60.48 35.27 -11.70
CA UNK H 140 -59.71 35.31 -12.94
C UNK H 140 -59.81 36.68 -13.59
N UNK H 141 -58.76 37.06 -14.31
CA UNK H 141 -58.66 38.42 -14.85
C UNK H 141 -59.48 38.54 -16.12
N UNK H 142 -59.27 39.60 -16.86
CA UNK H 142 -60.30 40.09 -17.78
C UNK H 142 -60.43 39.26 -19.05
N UNK H 143 -59.40 39.23 -19.89
CA UNK H 143 -59.56 38.70 -21.23
C UNK H 143 -59.53 37.16 -21.24
N UNK H 144 -59.80 36.60 -22.42
CA UNK H 144 -59.73 35.16 -22.72
C UNK H 144 -60.69 34.33 -21.87
N UNK H 145 -61.99 34.50 -22.15
CA UNK H 145 -63.06 34.11 -21.24
C UNK H 145 -63.23 32.60 -21.06
N UNK H 146 -62.58 32.07 -20.05
CA UNK H 146 -63.06 30.91 -19.34
C UNK H 146 -64.19 31.34 -18.40
N UNK H 147 -64.79 30.42 -17.66
CA UNK H 147 -65.85 30.83 -16.73
C UNK H 147 -65.85 29.93 -15.52
N UNK H 148 -65.75 30.52 -14.34
CA UNK H 148 -65.55 29.75 -13.13
C UNK H 148 -66.83 29.08 -12.68
N UNK H 149 -66.69 28.07 -11.84
CA UNK H 149 -67.79 27.45 -11.11
C UNK H 149 -67.23 27.03 -9.76
N UNK H 150 -67.71 27.64 -8.69
CA UNK H 150 -66.96 27.69 -7.45
C UNK H 150 -67.69 26.94 -6.34
N UNK H 151 -67.08 25.88 -5.82
CA UNK H 151 -67.64 25.19 -4.67
C UNK H 151 -67.30 26.00 -3.42
N UNK H 152 -68.10 27.02 -3.17
CA UNK H 152 -67.79 27.97 -2.11
C UNK H 152 -68.03 27.36 -0.75
N UNK H 153 -67.12 27.63 0.18
CA UNK H 153 -67.24 27.13 1.54
C UNK H 153 -66.79 28.24 2.47
N UNK H 154 -67.75 29.07 2.90
CA UNK H 154 -67.52 30.38 3.47
C UNK H 154 -66.58 30.33 4.66
N UNK H 155 -65.76 31.37 4.79
CA UNK H 155 -64.70 31.39 5.79
C UNK H 155 -65.30 31.41 7.17
N UNK H 156 -64.84 30.50 8.04
CA UNK H 156 -65.47 30.27 9.33
C UNK H 156 -64.96 31.22 10.38
N UNK H 157 -64.52 32.39 9.97
CA UNK H 157 -64.41 33.53 10.85
C UNK H 157 -65.83 34.09 11.11
N UNK H 158 -65.90 35.24 11.75
CA UNK H 158 -67.15 35.65 12.36
C UNK H 158 -68.12 36.24 11.35
N UNK H 159 -69.15 36.87 11.88
CA UNK H 159 -70.31 37.34 11.17
C UNK H 159 -70.07 38.64 10.44
N UNK H 160 -71.17 39.32 10.13
CA UNK H 160 -71.13 40.75 9.90
C UNK H 160 -70.33 41.41 11.01
N UNK H 161 -69.21 42.01 10.62
CA UNK H 161 -68.28 42.64 11.54
C UNK H 161 -68.95 43.79 12.27
N UNK H 162 -68.66 43.92 13.56
CA UNK H 162 -69.56 44.57 14.48
C UNK H 162 -69.82 46.05 14.26
N UNK H 163 -68.86 46.91 14.60
CA UNK H 163 -69.16 48.33 14.49
C UNK H 163 -68.02 49.22 14.07
N UNK H 164 -66.80 48.74 13.93
CA UNK H 164 -65.67 49.63 13.72
C UNK H 164 -64.53 48.94 13.02
N UNK H 165 -83.91 38.80 -5.15
CA UNK H 165 -82.74 37.96 -4.98
C UNK H 165 -81.97 38.35 -3.74
N UNK H 166 -82.56 38.06 -2.58
CA UNK H 166 -81.96 38.45 -1.31
C UNK H 166 -80.70 37.64 -1.09
N UNK H 167 -79.55 38.25 -1.37
CA UNK H 167 -78.29 37.54 -1.28
C UNK H 167 -77.89 37.25 0.15
N UNK H 168 -78.44 37.98 1.13
CA UNK H 168 -78.28 37.74 2.56
C UNK H 168 -76.82 37.82 2.99
N UNK H 169 -76.30 39.04 2.95
CA UNK H 169 -74.94 39.39 3.35
C UNK H 169 -73.89 38.72 2.51
N UNK H 170 -74.26 38.30 1.32
CA UNK H 170 -73.38 38.37 0.16
C UNK H 170 -73.60 39.68 -0.56
N UNK H 171 -74.68 40.38 -0.22
CA UNK H 171 -74.89 41.73 -0.71
C UNK H 171 -73.75 42.64 -0.29
N UNK H 172 -73.22 42.43 0.91
CA UNK H 172 -72.07 43.19 1.32
C UNK H 172 -70.83 42.83 0.50
N UNK H 173 -70.72 41.58 0.06
CA UNK H 173 -69.59 41.21 -0.77
C UNK H 173 -69.68 41.89 -2.12
N UNK H 174 -70.85 41.82 -2.75
CA UNK H 174 -71.05 42.50 -4.01
C UNK H 174 -71.02 44.01 -3.86
N UNK H 175 -71.15 44.52 -2.65
CA UNK H 175 -70.87 45.93 -2.45
C UNK H 175 -69.37 46.18 -2.45
N UNK H 176 -68.66 45.58 -1.51
CA UNK H 176 -67.30 45.99 -1.24
C UNK H 176 -66.35 45.59 -2.33
N UNK H 177 -66.68 44.58 -3.12
CA UNK H 177 -65.91 44.35 -4.33
C UNK H 177 -66.10 45.50 -5.29
N UNK H 178 -67.34 45.87 -5.55
CA UNK H 178 -67.62 46.94 -6.49
C UNK H 178 -67.50 48.30 -5.86
N UNK H 179 -66.89 48.41 -4.70
CA UNK H 179 -66.48 49.70 -4.20
C UNK H 179 -64.97 49.82 -4.12
N UNK H 180 -64.28 48.73 -3.84
CA UNK H 180 -62.83 48.75 -3.88
C UNK H 180 -62.34 48.91 -5.29
N UNK H 181 -63.02 48.32 -6.25
CA UNK H 181 -62.62 48.42 -7.64
C UNK H 181 -63.19 49.64 -8.32
N UNK H 182 -63.67 50.61 -7.56
CA UNK H 182 -64.16 51.84 -8.15
C UNK H 182 -62.99 52.64 -8.70
N UNK H 183 -63.23 53.31 -9.80
CA UNK H 183 -62.23 54.21 -10.36
C UNK H 183 -62.34 55.54 -9.66
N UNK H 184 -61.18 56.08 -9.24
CA UNK H 184 -61.07 57.31 -8.45
C UNK H 184 -61.89 57.20 -7.16
N UNK H 185 -61.40 56.31 -6.29
CA UNK H 185 -61.98 56.15 -4.97
C UNK H 185 -62.00 57.47 -4.24
N UNK H 186 -63.03 57.65 -3.41
CA UNK H 186 -63.49 58.96 -2.92
C UNK H 186 -63.78 59.89 -4.09
N UNK H 187 -64.80 59.49 -4.85
CA UNK H 187 -65.46 60.38 -5.80
C UNK H 187 -66.80 60.87 -5.31
N UNK H 188 -67.35 60.26 -4.27
CA UNK H 188 -68.53 60.65 -3.49
C UNK H 188 -69.85 60.57 -4.25
N UNK H 189 -69.83 60.27 -5.54
CA UNK H 189 -71.05 60.03 -6.27
C UNK H 189 -71.01 58.71 -6.97
N UNK H 190 -69.87 58.05 -6.98
CA UNK H 190 -69.81 56.65 -7.37
C UNK H 190 -69.99 55.74 -6.17
N UNK H 191 -69.64 56.25 -4.99
CA UNK H 191 -69.89 55.50 -3.77
C UNK H 191 -71.38 55.30 -3.57
N UNK H 192 -72.17 56.31 -3.89
CA UNK H 192 -73.61 56.14 -3.81
C UNK H 192 -74.15 55.29 -4.93
N UNK H 193 -73.41 55.09 -6.00
CA UNK H 193 -73.79 54.09 -6.96
C UNK H 193 -73.43 52.71 -6.52
N UNK H 194 -72.41 52.58 -5.66
CA UNK H 194 -72.01 51.26 -5.18
C UNK H 194 -72.94 50.80 -4.06
N UNK H 195 -73.07 51.61 -3.02
CA UNK H 195 -73.90 51.26 -1.87
C UNK H 195 -75.38 51.53 -2.15
N UNK H 196 -75.88 50.91 -3.22
CA UNK H 196 -77.18 51.24 -3.76
C UNK H 196 -78.23 50.19 -3.48
N UNK H 197 -77.91 49.20 -2.67
CA UNK H 197 -78.94 48.30 -2.19
C UNK H 197 -78.72 47.91 -0.74
N UNK H 198 -77.70 48.44 -0.09
CA UNK H 198 -77.47 48.11 1.30
C UNK H 198 -78.44 48.87 2.18
N UNK H 199 -78.88 48.24 3.25
CA UNK H 199 -79.69 48.94 4.23
C UNK H 199 -78.81 49.86 5.05
N UNK H 200 -79.47 50.75 5.80
CA UNK H 200 -78.78 51.84 6.47
C UNK H 200 -77.81 51.37 7.56
N UNK H 201 -78.07 50.20 8.14
CA UNK H 201 -77.06 49.63 9.03
C UNK H 201 -75.86 49.17 8.24
N UNK H 202 -76.10 48.59 7.06
CA UNK H 202 -75.02 47.99 6.30
C UNK H 202 -74.09 49.04 5.72
N UNK H 203 -74.62 50.25 5.49
CA UNK H 203 -73.80 51.33 4.96
C UNK H 203 -72.69 51.71 5.92
N UNK H 204 -72.93 51.51 7.21
CA UNK H 204 -71.91 51.82 8.20
C UNK H 204 -70.72 50.91 8.07
N UNK H 205 -70.93 49.60 8.08
CA UNK H 205 -69.81 48.68 8.01
C UNK H 205 -69.12 48.75 6.65
N UNK H 206 -69.87 48.98 5.59
CA UNK H 206 -69.25 49.07 4.27
C UNK H 206 -68.40 50.33 4.14
N UNK H 207 -68.95 51.48 4.51
CA UNK H 207 -68.20 52.73 4.41
C UNK H 207 -67.05 52.77 5.39
N UNK H 208 -67.20 52.15 6.56
CA UNK H 208 -66.12 52.15 7.52
C UNK H 208 -64.99 51.24 7.08
N UNK H 209 -65.33 50.08 6.52
CA UNK H 209 -64.29 49.20 6.00
C UNK H 209 -63.57 49.86 4.83
N UNK H 210 -64.30 50.64 4.03
CA UNK H 210 -63.64 51.40 2.97
C UNK H 210 -62.72 52.46 3.54
N UNK H 211 -63.14 53.09 4.64
CA UNK H 211 -62.32 54.15 5.21
C UNK H 211 -61.05 53.60 5.81
N UNK H 212 -61.17 52.56 6.63
CA UNK H 212 -60.00 51.95 7.23
C UNK H 212 -59.13 51.28 6.18
N UNK H 213 -59.73 50.79 5.11
CA UNK H 213 -58.93 50.13 4.09
C UNK H 213 -58.13 51.14 3.29
N UNK H 214 -58.73 52.28 2.96
CA UNK H 214 -57.98 53.28 2.23
C UNK H 214 -56.93 53.92 3.11
N UNK H 215 -57.20 54.04 4.40
CA UNK H 215 -56.17 54.55 5.30
C UNK H 215 -55.06 53.54 5.49
N UNK H 216 -55.35 52.25 5.39
CA UNK H 216 -54.28 51.28 5.38
C UNK H 216 -53.51 51.35 4.06
N UNK H 217 -54.21 51.59 2.96
CA UNK H 217 -53.55 51.57 1.67
C UNK H 217 -52.64 52.76 1.48
N UNK H 218 -52.99 53.91 2.04
CA UNK H 218 -52.10 55.05 1.95
C UNK H 218 -50.83 54.80 2.75
N UNK H 219 -50.97 54.16 3.91
CA UNK H 219 -49.80 53.81 4.69
C UNK H 219 -48.94 52.80 3.96
N UNK H 220 -49.56 51.85 3.27
CA UNK H 220 -48.79 50.84 2.56
C UNK H 220 -48.05 51.44 1.38
N UNK H 221 -48.74 52.26 0.60
CA UNK H 221 -48.10 52.83 -0.57
C UNK H 221 -47.09 53.88 -0.21
N UNK H 222 -47.21 54.50 0.95
CA UNK H 222 -46.13 55.40 1.30
C UNK H 222 -44.95 54.64 1.87
N UNK H 223 -45.20 53.62 2.68
CA UNK H 223 -44.11 52.87 3.27
C UNK H 223 -43.41 51.98 2.26
N UNK H 224 -44.04 51.69 1.13
CA UNK H 224 -43.32 51.00 0.07
C UNK H 224 -42.33 51.96 -0.57
N UNK H 225 -42.83 53.08 -1.05
CA UNK H 225 -42.02 54.01 -1.80
C UNK H 225 -41.28 54.98 -0.92
N UNK H 226 -41.11 54.68 0.36
CA UNK H 226 -40.36 55.61 1.20
C UNK H 226 -38.88 55.59 0.85
N UNK H 227 -38.30 54.40 0.76
CA UNK H 227 -36.91 54.25 0.42
C UNK H 227 -36.81 53.96 -1.06
N UNK H 228 -37.06 54.97 -1.89
CA UNK H 228 -37.32 54.68 -3.30
C UNK H 228 -36.70 55.61 -4.33
N UNK H 229 -35.77 56.48 -3.95
CA UNK H 229 -34.96 57.32 -4.85
C UNK H 229 -35.77 58.31 -5.66
N UNK H 230 -37.00 58.45 -5.35
CA UNK H 230 -37.78 59.59 -5.77
C UNK H 230 -38.45 60.24 -4.58
N UNK H 231 -38.93 59.46 -3.65
CA UNK H 231 -39.34 60.00 -2.37
C UNK H 231 -38.24 59.91 -1.35
N UNK H 232 -37.04 59.55 -1.78
CA UNK H 232 -35.85 59.82 -1.00
C UNK H 232 -35.08 60.97 -1.60
N UNK H 233 -35.60 61.57 -2.62
CA UNK H 233 -34.92 62.67 -3.25
C UNK H 233 -35.71 63.95 -3.22
N UNK H 234 -37.01 63.88 -3.44
CA UNK H 234 -37.81 65.09 -3.37
C UNK H 234 -38.03 65.53 -1.95
N UNK H 235 -37.91 64.62 -1.00
CA UNK H 235 -37.98 64.92 0.42
C UNK H 235 -36.60 64.99 1.01
N UNK H 236 -35.69 65.62 0.28
CA UNK H 236 -34.26 65.34 0.18
C UNK H 236 -33.57 65.00 1.49
N UNK H 237 -33.02 63.80 1.56
CA UNK H 237 -32.35 63.34 2.75
C UNK H 237 -30.94 63.87 2.73
N UNK H 238 -30.12 63.39 3.64
CA UNK H 238 -28.71 63.75 3.59
C UNK H 238 -28.04 63.08 2.41
N UNK H 239 -28.14 61.75 2.33
CA UNK H 239 -27.66 60.98 1.19
C UNK H 239 -28.79 60.78 0.19
N UNK H 240 -28.46 60.33 -1.02
CA UNK H 240 -29.49 60.24 -2.04
C UNK H 240 -29.43 59.05 -2.97
N UNK H 241 -28.57 58.05 -2.73
CA UNK H 241 -28.64 56.73 -3.35
C UNK H 241 -28.50 56.79 -4.88
N UNK H 242 -27.28 57.08 -5.35
CA UNK H 242 -27.09 57.51 -6.73
C UNK H 242 -26.05 56.73 -7.52
N UNK H 243 -25.76 55.50 -7.17
CA UNK H 243 -24.92 54.68 -8.03
C UNK H 243 -25.51 53.30 -8.17
N UNK H 244 -26.81 53.27 -8.47
CA UNK H 244 -27.56 52.03 -8.44
C UNK H 244 -27.14 51.09 -9.55
N UNK H 245 -26.79 51.60 -10.71
CA UNK H 245 -26.81 50.82 -11.95
C UNK H 245 -25.43 50.76 -12.57
N UNK H 246 -24.71 49.65 -12.40
CA UNK H 246 -23.43 49.44 -13.09
C UNK H 246 -23.21 47.94 -13.26
N UNK H 247 -23.57 47.39 -14.42
CA UNK H 247 -23.61 45.94 -14.60
C UNK H 247 -23.51 45.57 -16.08
N UNK H 248 -23.88 44.33 -16.40
CA UNK H 248 -23.56 43.68 -17.66
C UNK H 248 -24.76 43.58 -18.58
N UNK H 249 -24.55 43.87 -19.86
CA UNK H 249 -25.56 43.69 -20.89
C UNK H 249 -25.29 42.39 -21.61
N UNK H 250 -25.64 41.29 -20.96
CA UNK H 250 -25.46 39.98 -21.56
C UNK H 250 -26.72 39.18 -21.39
N UNK H 251 -26.88 38.17 -22.23
CA UNK H 251 -28.16 37.51 -22.40
C UNK H 251 -28.54 36.69 -21.17
N UNK H 252 -29.76 36.88 -20.70
CA UNK H 252 -30.34 35.92 -19.79
C UNK H 252 -30.64 34.65 -20.56
N UNK H 253 -30.34 33.51 -19.97
CA UNK H 253 -30.33 32.27 -20.73
C UNK H 253 -31.75 31.76 -20.93
N UNK H 254 -32.16 31.68 -22.18
CA UNK H 254 -33.49 31.18 -22.51
C UNK H 254 -33.59 29.70 -22.25
N UNK H 255 -34.80 29.24 -21.95
CA UNK H 255 -35.07 27.83 -21.76
C UNK H 255 -36.31 27.51 -22.57
N UNK H 256 -36.13 27.20 -23.83
CA UNK H 256 -37.26 26.96 -24.71
C UNK H 256 -37.91 25.62 -24.39
N UNK H 257 -39.23 25.61 -24.20
CA UNK H 257 -39.85 24.46 -23.56
C UNK H 257 -40.10 23.31 -24.53
N UNK H 258 -41.07 23.47 -25.43
CA UNK H 258 -41.57 22.36 -26.23
C UNK H 258 -42.53 22.84 -27.31
N UNK H 259 -43.30 21.92 -27.88
CA UNK H 259 -44.58 22.25 -28.48
C UNK H 259 -45.72 22.20 -27.48
N UNK H 260 -45.42 22.28 -26.19
CA UNK H 260 -46.41 22.45 -25.16
C UNK H 260 -46.83 23.90 -24.98
N UNK H 261 -46.27 24.82 -25.74
CA UNK H 261 -46.75 26.19 -25.73
C UNK H 261 -47.85 26.27 -26.77
N UNK H 262 -49.09 26.34 -26.32
CA UNK H 262 -50.22 26.23 -27.24
C UNK H 262 -50.37 27.49 -28.07
N UNK H 263 -50.88 27.31 -29.28
CA UNK H 263 -51.04 28.40 -30.22
C UNK H 263 -52.29 29.20 -29.86
N UNK H 264 -52.74 30.04 -30.76
CA UNK H 264 -53.92 30.86 -30.50
C UNK H 264 -55.00 30.63 -31.53
N UNK H 265 -55.11 29.40 -32.04
CA UNK H 265 -56.11 29.13 -33.07
C UNK H 265 -57.50 28.96 -32.45
N UNK H 266 -57.67 27.90 -31.67
CA UNK H 266 -58.90 27.60 -30.98
C UNK H 266 -58.56 26.64 -29.87
N UNK H 267 -59.57 25.94 -29.35
CA UNK H 267 -59.37 25.09 -28.19
C UNK H 267 -59.18 23.63 -28.52
N UNK H 268 -60.14 23.04 -29.25
CA UNK H 268 -60.39 21.62 -29.50
C UNK H 268 -60.92 20.90 -28.28
N UNK H 269 -60.96 21.57 -27.12
CA UNK H 269 -61.81 21.26 -25.97
C UNK H 269 -61.64 19.85 -25.40
N UNK H 270 -60.44 19.28 -25.55
CA UNK H 270 -59.99 18.06 -24.88
C UNK H 270 -60.89 16.85 -25.19
N UNK H 271 -60.86 16.45 -26.44
CA UNK H 271 -61.70 15.35 -26.91
C UNK H 271 -61.22 14.05 -26.31
N UNK H 272 -62.08 13.41 -25.51
CA UNK H 272 -61.80 12.09 -24.97
C UNK H 272 -62.71 11.06 -25.61
N UNK H 273 -62.40 9.79 -25.36
CA UNK H 273 -63.19 8.70 -25.88
C UNK H 273 -64.58 8.68 -25.24
N UNK H 274 -65.50 7.98 -25.90
CA UNK H 274 -66.87 7.94 -25.42
C UNK H 274 -67.00 6.99 -24.24
N UNK H 275 -67.84 7.37 -23.28
CA UNK H 275 -67.94 6.63 -22.04
C UNK H 275 -68.53 5.24 -22.26
N UNK H 276 -69.39 5.10 -23.25
CA UNK H 276 -69.91 3.78 -23.58
C UNK H 276 -68.80 2.89 -24.11
N UNK H 277 -67.92 3.46 -24.94
CA UNK H 277 -66.77 2.72 -25.41
C UNK H 277 -65.87 2.34 -24.25
N UNK H 278 -65.75 3.25 -23.28
CA UNK H 278 -64.91 2.96 -22.11
C UNK H 278 -65.48 1.84 -21.29
N UNK H 279 -66.79 1.85 -21.05
CA UNK H 279 -67.41 0.83 -20.21
C UNK H 279 -67.38 -0.53 -20.89
N UNK H 280 -67.56 -0.53 -22.21
CA UNK H 280 -67.48 -1.78 -22.94
C UNK H 280 -66.07 -2.33 -22.91
N UNK H 281 -65.08 -1.47 -23.14
CA UNK H 281 -63.70 -1.91 -23.16
C UNK H 281 -63.20 -2.29 -21.78
N UNK H 282 -63.84 -1.79 -20.72
CA UNK H 282 -63.41 -2.20 -19.39
C UNK H 282 -64.07 -3.51 -18.99
N UNK H 283 -65.38 -3.61 -19.19
CA UNK H 283 -66.10 -4.81 -18.80
C UNK H 283 -65.65 -6.01 -19.60
N UNK H 284 -65.39 -5.81 -20.89
CA UNK H 284 -64.91 -6.91 -21.72
C UNK H 284 -63.53 -7.33 -21.29
N UNK H 285 -62.66 -6.37 -20.94
CA UNK H 285 -61.30 -6.72 -20.58
C UNK H 285 -61.25 -7.48 -19.28
N UNK H 286 -61.98 -6.98 -18.28
CA UNK H 286 -61.98 -7.66 -16.99
C UNK H 286 -62.66 -9.02 -17.09
N UNK H 287 -63.73 -9.11 -17.88
CA UNK H 287 -64.43 -10.38 -18.01
C UNK H 287 -63.60 -11.39 -18.76
N UNK H 288 -62.87 -10.96 -19.79
CA UNK H 288 -62.05 -11.88 -20.54
C UNK H 288 -60.88 -12.34 -19.72
N UNK H 289 -60.33 -11.47 -18.87
CA UNK H 289 -59.28 -11.90 -17.96
C UNK H 289 -59.81 -12.88 -16.94
N UNK H 290 -61.05 -12.67 -16.48
CA UNK H 290 -61.67 -13.57 -15.52
C UNK H 290 -61.89 -14.94 -16.15
N UNK H 291 -62.53 -14.97 -17.32
CA UNK H 291 -62.83 -16.22 -17.99
C UNK H 291 -61.58 -16.88 -18.53
N UNK H 292 -60.51 -16.13 -18.74
CA UNK H 292 -59.24 -16.75 -19.08
C UNK H 292 -58.59 -17.40 -17.88
N UNK H 293 -58.73 -16.80 -16.70
CA UNK H 293 -58.30 -17.49 -15.50
C UNK H 293 -59.11 -18.76 -15.29
N UNK H 294 -60.42 -18.68 -15.54
CA UNK H 294 -61.28 -19.84 -15.44
C UNK H 294 -60.97 -20.88 -16.50
N UNK H 295 -60.50 -20.45 -17.67
CA UNK H 295 -60.17 -21.39 -18.73
C UNK H 295 -58.85 -22.07 -18.47
N UNK H 296 -57.86 -21.32 -18.00
CA UNK H 296 -56.61 -21.94 -17.57
C UNK H 296 -56.84 -22.89 -16.43
N UNK H 297 -57.80 -22.56 -15.55
CA UNK H 297 -58.20 -23.49 -14.52
C UNK H 297 -59.01 -24.66 -15.07
N UNK H 298 -59.67 -24.48 -16.21
CA UNK H 298 -60.51 -25.52 -16.78
C UNK H 298 -59.71 -26.69 -17.33
N UNK H 299 -58.39 -26.57 -17.41
CA UNK H 299 -57.54 -27.71 -17.70
C UNK H 299 -57.42 -28.57 -16.45
N UNK I 1 -39.64 33.22 26.63
CA UNK I 1 -39.55 34.29 27.62
C UNK I 1 -40.29 35.51 27.14
N UNK I 2 -41.54 35.71 27.56
CA UNK I 2 -42.29 34.73 28.34
C UNK I 2 -43.45 34.32 27.50
N UNK I 3 -43.31 34.59 26.21
CA UNK I 3 -44.24 34.16 25.19
C UNK I 3 -43.75 32.96 24.43
N UNK I 4 -42.48 32.64 24.53
CA UNK I 4 -41.91 31.50 23.81
C UNK I 4 -41.86 30.26 24.68
N UNK I 5 -42.98 29.88 25.25
CA UNK I 5 -43.14 28.52 25.73
C UNK I 5 -43.86 27.74 24.64
N UNK I 6 -44.26 26.50 24.91
CA UNK I 6 -44.92 25.74 23.84
C UNK I 6 -45.95 24.79 24.46
N UNK I 7 -47.18 25.27 24.55
CA UNK I 7 -48.26 24.37 24.86
C UNK I 7 -48.50 23.44 23.68
N UNK I 8 -48.89 22.23 23.97
CA UNK I 8 -49.26 21.28 22.93
C UNK I 8 -50.78 21.29 22.84
N UNK I 9 -51.32 22.07 21.91
CA UNK I 9 -52.76 22.22 21.80
C UNK I 9 -53.35 20.93 21.25
N UNK I 10 -54.19 20.27 22.04
CA UNK I 10 -54.91 19.10 21.56
C UNK I 10 -56.12 19.57 20.80
N UNK I 11 -56.18 19.27 19.50
CA UNK I 11 -56.97 20.08 18.58
C UNK I 11 -58.45 19.91 18.84
N UNK I 12 -59.18 21.02 18.77
CA UNK I 12 -60.61 21.11 19.00
C UNK I 12 -61.27 21.55 17.70
N UNK I 13 -62.55 21.89 17.77
CA UNK I 13 -63.29 22.17 16.54
C UNK I 13 -62.98 23.54 15.95
N UNK I 14 -61.94 24.22 16.39
CA UNK I 14 -61.31 25.28 15.63
C UNK I 14 -60.13 24.76 14.85
N UNK I 15 -60.21 23.50 14.39
CA UNK I 15 -59.25 22.92 13.48
C UNK I 15 -59.93 22.39 12.23
N UNK I 16 -61.02 23.00 11.81
CA UNK I 16 -61.77 22.50 10.67
C UNK I 16 -61.02 22.80 9.39
N UNK I 17 -60.94 21.82 8.51
CA UNK I 17 -60.20 22.11 7.29
C UNK I 17 -60.73 21.25 6.16
N UNK I 18 -60.62 21.76 4.96
CA UNK I 18 -60.94 20.96 3.81
C UNK I 18 -59.90 19.88 3.65
N UNK I 19 -60.32 18.71 3.20
CA UNK I 19 -59.41 17.69 2.71
C UNK I 19 -59.73 17.55 1.25
N UNK I 20 -58.73 17.72 0.40
CA UNK I 20 -58.93 17.58 -1.02
C UNK I 20 -58.26 16.31 -1.45
N UNK I 21 -59.06 15.33 -1.89
CA UNK I 21 -58.56 14.02 -2.24
C UNK I 21 -58.86 13.82 -3.71
N UNK I 22 -57.83 13.85 -4.54
CA UNK I 22 -58.07 13.60 -5.95
C UNK I 22 -58.12 12.11 -6.18
N UNK I 23 -59.03 11.67 -7.01
CA UNK I 23 -59.53 10.33 -6.83
C UNK I 23 -59.23 9.34 -7.93
N UNK I 24 -58.93 9.79 -9.15
CA UNK I 24 -59.03 9.08 -10.42
C UNK I 24 -60.44 8.70 -10.78
N UNK I 25 -61.43 9.20 -10.07
CA UNK I 25 -62.79 9.20 -10.57
C UNK I 25 -63.55 10.44 -10.15
N UNK I 26 -62.92 11.35 -9.42
CA UNK I 26 -63.53 12.57 -8.94
C UNK I 26 -62.42 13.43 -8.36
N UNK I 27 -62.79 14.57 -7.79
CA UNK I 27 -61.89 15.34 -6.94
C UNK I 27 -62.73 15.61 -5.71
N UNK I 28 -62.73 14.68 -4.77
CA UNK I 28 -63.62 14.82 -3.63
C UNK I 28 -63.04 15.85 -2.70
N UNK I 29 -63.88 16.73 -2.17
CA UNK I 29 -63.46 17.75 -1.24
C UNK I 29 -64.34 17.63 0.00
N UNK I 30 -63.77 17.12 1.09
CA UNK I 30 -64.52 16.74 2.27
C UNK I 30 -64.05 17.60 3.42
N UNK I 31 -64.98 18.33 4.05
CA UNK I 31 -64.61 19.20 5.17
C UNK I 31 -64.54 18.37 6.43
N UNK I 32 -63.34 18.25 6.99
CA UNK I 32 -63.18 17.51 8.23
C UNK I 32 -63.42 18.45 9.40
N UNK I 33 -64.31 18.05 10.31
CA UNK I 33 -64.61 18.82 11.50
C UNK I 33 -64.62 17.87 12.69
N UNK I 34 -63.84 18.16 13.72
CA UNK I 34 -63.80 17.31 14.91
C UNK I 34 -65.09 17.46 15.69
N UNK I 35 -65.34 16.55 16.61
CA UNK I 35 -66.68 16.44 17.16
C UNK I 35 -66.67 16.54 18.67
N UNK I 36 -66.03 17.57 19.20
CA UNK I 36 -65.76 17.64 20.63
C UNK I 36 -66.91 18.32 21.34
N UNK I 37 -67.95 17.54 21.66
CA UNK I 37 -69.11 17.98 22.43
C UNK I 37 -69.77 19.23 21.84
N UNK I 38 -69.88 19.25 20.50
CA UNK I 38 -70.50 20.37 19.82
C UNK I 38 -71.97 20.30 20.14
N UNK I 39 -72.60 19.34 19.60
CA UNK I 39 -73.63 18.72 20.40
C UNK I 39 -73.47 17.22 20.35
N UNK I 40 -73.16 16.67 19.18
CA UNK I 40 -72.92 15.24 18.97
C UNK I 40 -72.51 14.98 17.54
N UNK I 41 -71.64 13.98 17.34
CA UNK I 41 -71.75 12.85 16.41
C UNK I 41 -70.40 12.17 16.39
N UNK I 42 -70.25 11.10 15.63
CA UNK I 42 -68.92 10.65 15.24
C UNK I 42 -69.01 10.00 13.87
N UNK I 43 -67.95 9.35 13.45
CA UNK I 43 -67.96 8.62 12.19
C UNK I 43 -66.82 7.62 12.23
N UNK I 44 -67.15 6.33 12.25
CA UNK I 44 -66.11 5.32 12.20
C UNK I 44 -65.81 4.92 10.77
N UNK I 45 -66.82 4.48 10.03
CA UNK I 45 -66.66 4.19 8.61
C UNK I 45 -67.69 5.02 7.86
N UNK I 46 -67.25 6.09 7.21
CA UNK I 46 -68.14 6.86 6.37
C UNK I 46 -67.93 6.33 4.98
N UNK I 47 -68.82 5.45 4.54
CA UNK I 47 -68.75 4.92 3.19
C UNK I 47 -69.51 5.86 2.28
N UNK I 48 -68.81 6.48 1.34
CA UNK I 48 -69.43 7.41 0.43
C UNK I 48 -70.04 6.59 -0.69
N UNK I 49 -71.34 6.35 -0.62
CA UNK I 49 -72.04 5.68 -1.70
C UNK I 49 -72.28 6.64 -2.84
N UNK I 50 -71.85 6.26 -4.02
CA UNK I 50 -71.88 7.14 -5.18
C UNK I 50 -73.19 6.87 -5.91
N UNK I 51 -74.19 7.70 -5.63
CA UNK I 51 -75.53 7.44 -6.14
C UNK I 51 -75.60 7.69 -7.64
N UNK I 52 -75.20 8.86 -8.09
CA UNK I 52 -75.31 9.18 -9.50
C UNK I 52 -74.33 8.42 -10.37
N UNK I 53 -73.38 7.71 -9.78
CA UNK I 53 -72.51 6.86 -10.57
C UNK I 53 -73.28 5.69 -11.14
N UNK I 54 -74.22 5.16 -10.38
CA UNK I 54 -74.93 3.98 -10.83
C UNK I 54 -75.86 4.30 -11.98
N UNK I 55 -76.35 5.53 -12.09
CA UNK I 55 -77.15 5.88 -13.26
C UNK I 55 -76.29 5.98 -14.51
N UNK I 56 -75.07 6.48 -14.37
CA UNK I 56 -74.16 6.46 -15.50
C UNK I 56 -73.68 5.06 -15.81
N UNK I 57 -73.82 4.14 -14.88
CA UNK I 57 -73.63 2.75 -15.25
C UNK I 57 -74.85 2.21 -15.96
N UNK I 58 -76.03 2.64 -15.54
CA UNK I 58 -77.26 2.06 -16.07
C UNK I 58 -77.51 2.49 -17.50
N UNK I 59 -77.18 3.73 -17.85
CA UNK I 59 -77.33 4.15 -19.24
C UNK I 59 -76.37 3.40 -20.14
N UNK I 60 -75.15 3.18 -19.68
CA UNK I 60 -74.19 2.42 -20.47
C UNK I 60 -74.51 0.94 -20.49
N UNK I 61 -75.35 0.47 -19.58
CA UNK I 61 -75.86 -0.89 -19.70
C UNK I 61 -77.07 -0.96 -20.62
N UNK I 62 -77.87 0.10 -20.67
CA UNK I 62 -79.05 0.09 -21.52
C UNK I 62 -78.68 0.24 -22.99
N UNK I 63 -77.74 1.13 -23.29
CA UNK I 63 -77.33 1.29 -24.68
C UNK I 63 -76.54 0.11 -25.19
N UNK I 64 -75.91 -0.65 -24.31
CA UNK I 64 -75.17 -1.83 -24.73
C UNK I 64 -76.00 -3.10 -24.64
N UNK I 65 -77.16 -3.06 -23.99
CA UNK I 65 -78.11 -4.16 -24.09
C UNK I 65 -78.95 -4.05 -25.36
N UNK I 66 -79.09 -2.85 -25.91
CA UNK I 66 -79.72 -2.64 -27.21
C UNK I 66 -78.69 -2.65 -28.33
N UNK I 67 -77.74 -1.73 -28.29
CA UNK I 67 -76.75 -1.64 -29.35
C UNK I 67 -75.41 -2.21 -28.90
N UNK I 68 -29.54 61.17 19.93
CA UNK I 68 -30.90 60.66 20.07
C UNK I 68 -30.93 59.21 19.68
N UNK I 69 -29.84 58.75 19.07
CA UNK I 69 -29.79 57.37 18.58
C UNK I 69 -29.73 56.36 19.70
N UNK I 70 -29.29 56.76 20.88
CA UNK I 70 -29.48 55.96 22.06
C UNK I 70 -30.65 56.45 22.88
N UNK I 71 -31.45 57.35 22.31
CA UNK I 71 -32.66 57.81 22.97
C UNK I 71 -33.90 57.38 22.20
N UNK I 72 -33.99 57.74 20.93
CA UNK I 72 -35.21 57.52 20.17
C UNK I 72 -35.42 56.05 19.89
N UNK I 73 -34.33 55.33 19.64
CA UNK I 73 -34.45 53.89 19.44
C UNK I 73 -34.93 53.21 20.70
N UNK I 74 -34.49 53.70 21.86
CA UNK I 74 -34.91 53.10 23.12
C UNK I 74 -36.37 53.40 23.42
N UNK I 75 -36.81 54.62 23.12
CA UNK I 75 -38.21 54.96 23.32
C UNK I 75 -39.09 54.19 22.37
N UNK I 76 -38.65 54.01 21.13
CA UNK I 76 -39.45 53.24 20.19
C UNK I 76 -39.43 51.78 20.55
N UNK I 77 -38.34 51.29 21.14
CA UNK I 77 -38.30 49.90 21.56
C UNK I 77 -39.26 49.64 22.70
N UNK I 78 -39.27 50.54 23.68
CA UNK I 78 -40.21 50.38 24.77
C UNK I 78 -41.64 50.59 24.31
N UNK I 79 -41.88 51.49 23.36
CA UNK I 79 -43.24 51.67 22.88
C UNK I 79 -43.67 50.52 22.01
N UNK I 80 -42.72 49.87 21.35
CA UNK I 80 -43.04 48.70 20.55
C UNK I 80 -43.41 47.54 21.44
N UNK I 81 -42.57 47.23 22.42
CA UNK I 81 -42.93 46.16 23.34
C UNK I 81 -44.09 46.52 24.23
N UNK I 82 -44.40 47.80 24.38
CA UNK I 82 -45.55 48.23 25.14
C UNK I 82 -46.85 48.11 24.37
N UNK I 83 -46.83 48.42 23.09
CA UNK I 83 -48.02 48.14 22.31
C UNK I 83 -48.11 46.67 21.96
N UNK I 84 -47.00 45.96 21.97
CA UNK I 84 -47.01 44.55 21.64
C UNK I 84 -47.62 43.70 22.73
N UNK I 85 -47.71 44.22 23.95
CA UNK I 85 -48.64 43.66 24.93
C UNK I 85 -49.99 44.33 24.76
N UNK I 86 -50.62 44.03 23.63
CA UNK I 86 -51.91 44.60 23.30
C UNK I 86 -52.98 44.01 24.19
N UNK I 87 -53.24 42.71 24.03
CA UNK I 87 -54.09 41.93 24.93
C UNK I 87 -53.91 40.45 24.65
N UNK I 88 -53.57 39.66 25.68
CA UNK I 88 -53.41 38.21 25.60
C UNK I 88 -52.37 37.83 24.55
N UNK I 89 -51.12 38.14 24.88
CA UNK I 89 -50.00 37.89 23.98
C UNK I 89 -49.88 36.41 23.65
N UNK I 90 -49.31 36.12 22.50
CA UNK I 90 -49.45 34.80 21.88
C UNK I 90 -48.34 33.86 22.32
N UNK I 91 -48.71 32.61 22.64
CA UNK I 91 -47.75 31.55 22.91
C UNK I 91 -47.61 30.66 21.68
N UNK I 92 -46.38 30.38 21.27
CA UNK I 92 -46.17 29.56 20.09
C UNK I 92 -46.43 28.10 20.41
N UNK I 93 -47.30 27.46 19.63
CA UNK I 93 -47.84 26.13 19.97
C UNK I 93 -47.26 25.02 19.08
N UNK I 94 -47.74 23.80 19.30
CA UNK I 94 -47.34 22.61 18.52
C UNK I 94 -48.45 21.58 18.62
N UNK I 95 -49.02 21.16 17.52
CA UNK I 95 -50.38 20.61 17.52
C UNK I 95 -50.42 19.15 17.96
N UNK I 96 -51.58 18.52 17.81
CA UNK I 96 -51.80 17.11 18.12
C UNK I 96 -53.03 16.63 17.35
N UNK I 97 -52.89 15.51 16.65
CA UNK I 97 -53.77 15.17 15.54
C UNK I 97 -55.12 14.64 15.97
N UNK I 98 -56.13 14.88 15.14
CA UNK I 98 -57.25 13.97 14.98
C UNK I 98 -56.90 13.12 13.77
N UNK I 99 -57.70 12.11 13.48
CA UNK I 99 -57.19 11.09 12.59
C UNK I 99 -58.15 10.79 11.45
N UNK I 100 -57.63 10.30 10.32
CA UNK I 100 -58.48 9.77 9.25
C UNK I 100 -57.71 8.84 8.32
N UNK I 101 -58.07 7.58 8.19
CA UNK I 101 -57.50 6.77 7.12
C UNK I 101 -58.45 6.88 5.93
N UNK I 102 -58.11 7.70 4.95
CA UNK I 102 -58.91 7.75 3.75
C UNK I 102 -58.55 6.51 2.96
N UNK I 103 -59.43 5.52 2.96
CA UNK I 103 -59.04 4.17 2.56
C UNK I 103 -59.84 3.71 1.39
N UNK I 104 -59.44 4.17 0.21
CA UNK I 104 -59.84 3.55 -1.02
C UNK I 104 -58.76 2.65 -1.54
N UNK I 105 -57.52 3.08 -1.39
CA UNK I 105 -56.39 2.16 -1.42
C UNK I 105 -55.66 2.13 -0.09
N UNK I 106 -55.00 3.22 0.28
CA UNK I 106 -54.54 3.54 1.62
C UNK I 106 -54.02 4.97 1.58
N UNK I 107 -54.52 5.88 2.40
CA UNK I 107 -53.80 7.13 2.62
C UNK I 107 -54.11 7.55 4.04
N UNK I 108 -53.11 7.63 4.87
CA UNK I 108 -53.34 7.82 6.29
C UNK I 108 -53.09 9.29 6.59
N UNK I 109 -54.13 10.09 6.60
CA UNK I 109 -53.99 11.51 6.89
C UNK I 109 -54.41 11.75 8.32
N UNK I 110 -53.44 11.97 9.19
CA UNK I 110 -53.77 12.50 10.50
C UNK I 110 -53.78 14.01 10.38
N UNK I 111 -54.92 14.65 10.66
CA UNK I 111 -55.06 16.09 10.48
C UNK I 111 -54.29 16.80 11.58
N UNK I 112 -52.96 16.67 11.51
CA UNK I 112 -52.05 17.05 12.57
C UNK I 112 -51.48 18.42 12.32
N UNK I 113 -50.95 18.62 11.16
CA UNK I 113 -50.39 19.87 10.81
C UNK I 113 -51.44 20.94 10.50
N UNK I 114 -52.74 20.74 10.80
CA UNK I 114 -53.85 21.45 10.17
C UNK I 114 -53.69 21.46 8.66
N UNK I 115 -53.15 20.36 8.14
CA UNK I 115 -52.79 20.19 6.76
C UNK I 115 -54.04 19.86 5.96
N UNK I 116 -53.91 19.65 4.67
CA UNK I 116 -55.14 19.45 3.97
C UNK I 116 -55.14 18.45 2.83
N UNK I 117 -54.03 18.05 2.26
CA UNK I 117 -54.08 17.56 0.89
C UNK I 117 -53.82 16.07 0.77
N UNK I 118 -54.44 15.44 -0.22
CA UNK I 118 -54.05 14.10 -0.65
C UNK I 118 -54.36 14.02 -2.13
N UNK I 119 -53.35 14.17 -2.95
CA UNK I 119 -53.54 14.31 -4.38
C UNK I 119 -53.27 12.98 -5.05
N UNK I 120 -54.27 12.50 -5.78
CA UNK I 120 -54.21 11.30 -6.64
C UNK I 120 -54.09 9.99 -5.85
N UNK I 121 -54.85 9.85 -4.76
CA UNK I 121 -55.21 8.52 -4.30
C UNK I 121 -56.07 7.88 -5.36
N UNK I 122 -55.87 6.60 -5.61
CA UNK I 122 -56.44 5.95 -6.79
C UNK I 122 -57.66 5.12 -6.40
N UNK I 123 -58.85 5.69 -6.58
CA UNK I 123 -60.07 4.97 -6.24
C UNK I 123 -60.39 4.00 -7.36
N UNK I 124 -59.79 2.82 -7.28
CA UNK I 124 -60.18 1.75 -8.20
C UNK I 124 -61.59 1.29 -7.91
N UNK I 125 -61.81 0.79 -6.71
CA UNK I 125 -63.16 0.66 -6.17
C UNK I 125 -63.58 2.02 -5.64
N UNK I 126 -64.70 2.11 -4.95
CA UNK I 126 -65.10 3.42 -4.49
C UNK I 126 -64.37 3.75 -3.21
N UNK I 127 -64.34 5.03 -2.89
CA UNK I 127 -63.65 5.49 -1.70
C UNK I 127 -64.59 5.39 -0.52
N UNK I 128 -64.07 4.91 0.59
CA UNK I 128 -64.78 4.92 1.85
C UNK I 128 -63.82 5.50 2.87
N UNK I 129 -64.09 6.68 3.37
CA UNK I 129 -63.15 7.25 4.32
C UNK I 129 -63.45 6.68 5.68
N UNK I 130 -62.44 6.20 6.40
CA UNK I 130 -62.69 5.61 7.70
C UNK I 130 -61.95 6.43 8.74
N UNK I 131 -62.66 7.21 9.54
CA UNK I 131 -61.98 7.92 10.61
C UNK I 131 -61.71 6.95 11.75
N UNK I 132 -60.57 7.09 12.41
CA UNK I 132 -60.15 6.00 13.28
C UNK I 132 -60.76 6.05 14.67
N UNK I 133 -60.37 7.01 15.51
CA UNK I 133 -60.70 6.78 16.92
C UNK I 133 -61.28 7.91 17.74
N UNK I 134 -60.63 9.07 17.70
CA UNK I 134 -60.85 10.17 18.64
C UNK I 134 -61.69 11.27 18.02
N UNK I 135 -62.70 10.81 17.28
CA UNK I 135 -63.89 11.53 16.87
C UNK I 135 -63.69 12.64 15.86
N UNK I 136 -63.30 12.31 14.64
CA UNK I 136 -63.53 13.26 13.58
C UNK I 136 -64.96 13.16 13.10
N UNK I 137 -65.33 14.00 12.14
CA UNK I 137 -66.54 13.82 11.36
C UNK I 137 -66.28 14.46 10.02
N UNK I 138 -66.23 13.66 8.97
CA UNK I 138 -66.14 14.21 7.64
C UNK I 138 -67.53 14.60 7.21
N UNK I 139 -67.70 15.83 6.71
CA UNK I 139 -68.98 16.26 6.19
C UNK I 139 -68.67 16.86 4.83
N UNK I 140 -68.97 16.12 3.76
CA UNK I 140 -68.52 16.46 2.42
C UNK I 140 -69.14 17.77 1.96
N UNK I 141 -68.42 18.50 1.11
CA UNK I 141 -68.80 19.85 0.73
C UNK I 141 -69.89 19.79 -0.34
N UNK I 142 -70.14 20.92 -0.99
CA UNK I 142 -71.43 21.13 -1.63
C UNK I 142 -71.59 20.38 -2.95
N UNK I 143 -70.78 20.71 -3.96
CA UNK I 143 -71.06 20.23 -5.31
C UNK I 143 -70.62 18.78 -5.50
N UNK I 144 -70.96 18.24 -6.68
CA UNK I 144 -70.54 16.91 -7.15
C UNK I 144 -71.02 15.77 -6.24
N UNK I 145 -72.35 15.57 -6.26
CA UNK I 145 -73.06 14.82 -5.23
C UNK I 145 -72.75 13.32 -5.20
N UNK I 146 -71.78 12.95 -4.38
CA UNK I 146 -71.77 11.64 -3.74
C UNK I 146 -72.75 11.67 -2.57
N UNK I 147 -72.89 10.56 -1.85
CA UNK I 147 -73.80 10.59 -0.71
C UNK I 147 -73.31 9.66 0.37
N UNK I 148 -73.13 10.17 1.58
CA UNK I 148 -72.47 9.42 2.64
C UNK I 148 -73.39 8.38 3.22
N UNK I 149 -72.79 7.41 3.90
CA UNK I 149 -73.50 6.44 4.74
C UNK I 149 -72.58 6.14 5.90
N UNK I 150 -72.97 6.52 7.11
CA UNK I 150 -72.02 6.70 8.19
C UNK I 150 -72.27 5.70 9.31
N UNK I 151 -71.29 4.84 9.58
CA UNK I 151 -71.38 3.95 10.73
C UNK I 151 -71.03 4.75 11.98
N UNK I 152 -72.02 5.47 12.49
CA UNK I 152 -71.77 6.40 13.58
C UNK I 152 -71.54 5.67 14.89
N UNK I 153 -70.57 6.14 15.65
CA UNK I 153 -70.26 5.55 16.94
C UNK I 153 -69.96 6.68 17.91
N UNK I 154 -71.00 7.16 18.59
CA UNK I 154 -71.03 8.45 19.27
C UNK I 154 -69.89 8.60 20.25
N UNK I 155 -69.38 9.83 20.36
CA UNK I 155 -68.19 10.11 21.13
C UNK I 155 -68.46 9.86 22.60
N UNK I 156 -67.60 9.09 23.25
CA UNK I 156 -67.86 8.60 24.60
C UNK I 156 -67.42 9.60 25.64
N UNK I 157 -67.43 10.88 25.30
CA UNK I 157 -67.47 11.94 26.29
C UNK I 157 -68.89 12.02 26.86
N UNK I 158 -69.14 13.06 27.63
CA UNK I 158 -70.31 13.04 28.50
C UNK I 158 -71.59 13.36 27.76
N UNK I 159 -72.62 13.64 28.55
CA UNK I 159 -74.00 13.77 28.12
C UNK I 159 -74.29 15.12 27.51
N UNK I 160 -75.58 15.47 27.50
CA UNK I 160 -75.99 16.85 27.44
C UNK I 160 -75.19 17.65 28.45
N UNK I 161 -74.39 18.58 27.93
CA UNK I 161 -73.50 19.40 28.75
C UNK I 161 -74.30 20.26 29.70
N UNK I 162 -73.80 20.39 30.92
CA UNK I 162 -74.63 20.69 32.07
C UNK I 162 -75.33 22.03 32.08
N UNK I 163 -74.61 23.11 32.34
CA UNK I 163 -75.32 24.38 32.47
C UNK I 163 -74.59 25.60 31.95
N UNK I 164 -73.33 25.50 31.54
CA UNK I 164 -72.58 26.71 31.23
C UNK I 164 -71.45 26.45 30.25
N UNK I 165 -90.54 12.07 14.83
CA UNK I 165 -89.18 11.61 14.69
C UNK I 165 -88.32 12.14 15.80
N UNK I 166 -88.53 11.62 17.00
CA UNK I 166 -87.83 12.09 18.19
C UNK I 166 -86.36 11.69 18.07
N UNK I 167 -85.53 12.63 17.67
CA UNK I 167 -84.13 12.31 17.43
C UNK I 167 -83.36 12.08 18.73
N UNK I 168 -83.88 12.55 19.87
CA UNK I 168 -83.37 12.28 21.21
C UNK I 168 -81.93 12.76 21.37
N UNK I 169 -81.80 14.09 21.39
CA UNK I 169 -80.54 14.81 21.57
C UNK I 169 -79.54 14.53 20.47
N UNK I 170 -80.01 14.09 19.33
CA UNK I 170 -79.46 14.49 18.06
C UNK I 170 -80.18 15.71 17.54
N UNK I 171 -81.31 16.05 18.16
CA UNK I 171 -82.00 17.30 17.88
C UNK I 171 -81.10 18.48 18.19
N UNK I 172 -80.29 18.36 19.24
CA UNK I 172 -79.34 19.41 19.52
C UNK I 172 -78.26 19.49 18.45
N UNK I 173 -77.88 18.35 17.86
CA UNK I 173 -76.89 18.40 16.79
C UNK I 173 -77.44 19.09 15.58
N UNK I 174 -78.66 18.72 15.17
CA UNK I 174 -79.31 19.38 14.05
C UNK I 174 -79.66 20.82 14.37
N UNK I 175 -79.68 21.19 15.64
CA UNK I 175 -79.78 22.60 15.96
C UNK I 175 -78.45 23.29 15.70
N UNK I 176 -77.41 22.88 16.42
CA UNK I 176 -76.20 23.66 16.49
C UNK I 176 -75.42 23.63 15.20
N UNK I 177 -75.61 22.61 14.37
CA UNK I 177 -75.06 22.70 13.02
C UNK I 177 -75.78 23.80 12.24
N UNK I 178 -77.09 23.79 12.27
CA UNK I 178 -77.86 24.78 11.54
C UNK I 178 -78.00 26.08 12.29
N UNK I 179 -77.22 26.29 13.31
CA UNK I 179 -77.08 27.62 13.88
C UNK I 179 -75.70 28.17 13.70
N UNK I 180 -74.69 27.32 13.72
CA UNK I 180 -73.34 27.79 13.43
C UNK I 180 -73.21 28.16 11.97
N UNK I 181 -73.90 27.45 11.09
CA UNK I 181 -73.83 27.76 9.68
C UNK I 181 -74.85 28.79 9.27
N UNK I 182 -75.42 29.52 10.22
CA UNK I 182 -76.34 30.59 9.86
C UNK I 182 -75.60 31.73 9.22
N UNK I 183 -76.23 32.36 8.25
CA UNK I 183 -75.66 33.55 7.63
C UNK I 183 -75.99 34.74 8.51
N UNK I 184 -74.98 35.58 8.75
CA UNK I 184 -75.05 36.73 9.66
C UNK I 184 -75.52 36.30 11.05
N UNK I 185 -74.63 35.55 11.71
CA UNK I 185 -74.85 35.15 13.08
C UNK I 185 -75.09 36.36 13.96
N UNK I 186 -75.93 36.17 14.98
CA UNK I 186 -76.63 37.24 15.69
C UNK I 186 -77.41 38.12 14.71
N UNK I 187 -78.41 37.49 14.11
CA UNK I 187 -79.47 38.17 13.40
C UNK I 187 -80.77 38.22 14.20
N UNK I 188 -80.90 37.41 15.24
CA UNK I 188 -81.95 37.38 16.26
C UNK I 188 -83.32 36.95 15.74
N UNK I 189 -83.48 36.76 14.45
CA UNK I 189 -84.71 36.21 13.92
C UNK I 189 -84.44 34.99 13.07
N UNK I 190 -83.19 34.71 12.77
CA UNK I 190 -82.83 33.42 12.23
C UNK I 190 -82.49 32.44 13.32
N UNK I 191 -82.06 32.95 14.46
CA UNK I 191 -81.82 32.09 15.60
C UNK I 191 -83.12 31.43 16.05
N UNK I 192 -84.22 32.19 16.01
CA UNK I 192 -85.50 31.59 16.32
C UNK I 192 -86.00 30.68 15.23
N UNK I 193 -85.47 30.78 14.03
CA UNK I 193 -85.76 29.77 13.03
C UNK I 193 -84.92 28.54 13.24
N UNK I 194 -83.76 28.66 13.87
CA UNK I 194 -82.92 27.51 14.13
C UNK I 194 -83.43 26.72 15.32
N UNK I 195 -83.56 27.39 16.46
CA UNK I 195 -84.00 26.74 17.69
C UNK I 195 -85.51 26.57 17.71
N UNK I 196 -86.03 25.89 16.70
CA UNK I 196 -87.46 25.85 16.44
C UNK I 196 -88.09 24.53 16.78
N UNK I 197 -87.34 23.61 17.39
CA UNK I 197 -87.94 22.42 17.95
C UNK I 197 -87.33 22.04 19.28
N UNK I 198 -86.38 22.80 19.79
CA UNK I 198 -85.79 22.48 21.07
C UNK I 198 -86.73 22.86 22.19
N UNK I 199 -86.74 22.06 23.24
CA UNK I 199 -87.48 22.42 24.42
C UNK I 199 -86.76 23.52 25.17
N UNK I 200 -87.46 24.12 26.13
CA UNK I 200 -86.99 25.32 26.80
C UNK I 200 -85.72 25.10 27.63
N UNK I 201 -85.51 23.89 28.10
CA UNK I 201 -84.22 23.59 28.71
C UNK I 201 -83.12 23.54 27.66
N UNK I 202 -83.44 23.00 26.50
CA UNK I 202 -82.42 22.80 25.48
C UNK I 202 -81.97 24.11 24.88
N UNK I 203 -82.84 25.12 24.89
CA UNK I 203 -82.49 26.42 24.35
C UNK I 203 -81.36 27.04 25.13
N UNK I 204 -81.25 26.72 26.41
CA UNK I 204 -80.19 27.25 27.24
C UNK I 204 -78.84 26.77 26.77
N UNK I 205 -78.66 25.45 26.68
CA UNK I 205 -77.38 24.91 26.28
C UNK I 205 -77.03 25.27 24.85
N UNK I 206 -78.03 25.33 23.96
CA UNK I 206 -77.74 25.68 22.58
C UNK I 206 -77.33 27.13 22.45
N UNK I 207 -78.09 28.05 23.05
CA UNK I 207 -77.76 29.46 22.96
C UNK I 207 -76.48 29.79 23.72
N UNK I 208 -76.21 29.08 24.80
CA UNK I 208 -74.99 29.36 25.55
C UNK I 208 -73.77 28.85 24.82
N UNK I 209 -73.89 27.67 24.19
CA UNK I 209 -72.78 27.18 23.39
C UNK I 209 -72.53 28.09 22.20
N UNK I 210 -73.60 28.66 21.63
CA UNK I 210 -73.42 29.65 20.57
C UNK I 210 -72.73 30.89 21.09
N UNK I 211 -73.06 31.32 22.31
CA UNK I 211 -72.49 32.54 22.85
C UNK I 211 -71.00 32.35 23.13
N UNK I 212 -70.66 31.27 23.84
CA UNK I 212 -69.26 31.01 24.13
C UNK I 212 -68.49 30.69 22.87
N UNK I 213 -69.13 30.10 21.88
CA UNK I 213 -68.41 29.79 20.65
C UNK I 213 -68.12 31.03 19.85
N UNK I 214 -69.07 31.96 19.77
CA UNK I 214 -68.79 33.18 19.04
C UNK I 214 -67.80 34.05 19.79
N UNK I 215 -67.82 34.01 21.12
CA UNK I 215 -66.82 34.74 21.86
C UNK I 215 -65.45 34.11 21.73
N UNK I 216 -65.39 32.80 21.52
CA UNK I 216 -64.11 32.19 21.20
C UNK I 216 -63.68 32.57 19.79
N UNK I 217 -64.63 32.65 18.87
CA UNK I 217 -64.28 32.91 17.48
C UNK I 217 -63.79 34.32 17.28
N UNK I 218 -64.34 35.29 18.02
CA UNK I 218 -63.83 36.65 17.91
C UNK I 218 -62.41 36.73 18.44
N UNK I 219 -62.12 36.01 19.51
CA UNK I 219 -60.77 35.99 20.02
C UNK I 219 -59.83 35.33 19.02
N UNK I 220 -60.29 34.28 18.35
CA UNK I 220 -59.43 33.59 17.41
C UNK I 220 -59.16 34.45 16.19
N UNK I 221 -60.19 35.08 15.65
CA UNK I 221 -60.00 35.87 14.47
C UNK I 221 -59.28 37.16 14.76
N UNK I 222 -59.31 37.64 15.99
CA UNK I 222 -58.47 38.80 16.23
C UNK I 222 -57.04 38.39 16.49
N UNK I 223 -56.82 37.29 17.20
CA UNK I 223 -55.47 36.89 17.49
C UNK I 223 -54.77 36.31 16.27
N UNK I 224 -55.52 35.90 15.24
CA UNK I 224 -54.87 35.53 14.00
C UNK I 224 -54.35 36.78 13.30
N UNK I 225 -55.24 37.72 13.05
CA UNK I 225 -54.89 38.90 12.29
C UNK I 225 -54.29 39.99 13.13
N UNK I 226 -53.78 39.68 14.32
CA UNK I 226 -53.15 40.74 15.11
C UNK I 226 -51.85 41.17 14.49
N UNK I 227 -50.99 40.23 14.17
CA UNK I 227 -49.70 40.53 13.57
C UNK I 227 -49.84 40.35 12.06
N UNK I 228 -50.55 41.30 11.42
CA UNK I 228 -50.98 41.03 10.06
C UNK I 228 -50.87 42.16 9.05
N UNK I 229 -50.17 43.24 9.34
CA UNK I 229 -49.85 44.34 8.42
C UNK I 229 -51.05 45.08 7.90
N UNK I 230 -52.18 44.85 8.44
CA UNK I 230 -53.31 45.73 8.31
C UNK I 230 -53.89 46.07 9.66
N UNK I 231 -53.91 45.12 10.58
CA UNK I 231 -54.19 45.42 11.96
C UNK I 231 -52.92 45.61 12.74
N UNK I 232 -51.78 45.65 12.06
CA UNK I 232 -50.58 46.22 12.66
C UNK I 232 -50.31 47.59 12.07
N UNK I 233 -51.18 48.06 11.23
CA UNK I 233 -50.97 49.36 10.62
C UNK I 233 -52.07 50.33 10.95
N UNK I 234 -53.32 49.89 10.95
CA UNK I 234 -54.39 50.80 11.30
C UNK I 234 -54.43 51.06 12.79
N UNK I 235 -53.85 50.18 13.59
CA UNK I 235 -53.72 50.37 15.03
C UNK I 235 -52.32 50.80 15.36
N UNK I 236 -51.79 51.72 14.56
CA UNK I 236 -50.39 51.89 14.16
C UNK I 236 -49.39 51.68 15.27
N UNK I 237 -48.52 50.70 15.09
CA UNK I 237 -47.51 50.40 16.08
C UNK I 237 -46.34 51.34 15.87
N UNK I 238 -45.25 51.06 16.56
CA UNK I 238 -44.04 51.82 16.29
C UNK I 238 -43.47 51.46 14.93
N UNK I 239 -43.21 50.17 14.72
CA UNK I 239 -42.78 49.65 13.43
C UNK I 239 -43.99 49.19 12.64
N UNK I 240 -43.80 48.93 11.34
CA UNK I 240 -44.96 48.59 10.53
C UNK I 240 -44.77 47.53 9.46
N UNK I 241 -43.63 46.82 9.42
CA UNK I 241 -43.45 45.58 8.67
C UNK I 241 -43.65 45.77 7.16
N UNK I 242 -42.69 46.44 6.51
CA UNK I 242 -42.92 47.00 5.18
C UNK I 242 -41.89 46.61 4.12
N UNK I 243 -41.20 45.50 4.27
CA UNK I 243 -40.36 45.02 3.18
C UNK I 243 -40.56 43.54 2.99
N UNK I 244 -41.83 43.14 2.93
CA UNK I 244 -42.18 41.73 2.95
C UNK I 244 -41.76 41.03 1.68
N UNK I 245 -41.82 41.70 0.54
CA UNK I 245 -41.87 41.02 -0.76
C UNK I 245 -40.68 41.42 -1.62
N UNK I 246 -39.67 40.56 -1.72
CA UNK I 246 -38.55 40.78 -2.65
C UNK I 246 -37.96 39.43 -3.04
N UNK I 247 -38.38 38.87 -4.17
CA UNK I 247 -38.05 37.49 -4.51
C UNK I 247 -38.16 37.25 -6.02
N UNK I 248 -38.22 35.98 -6.40
CA UNK I 248 -38.01 35.54 -7.77
C UNK I 248 -39.30 35.14 -8.46
N UNK I 249 -39.44 35.56 -9.72
CA UNK I 249 -40.55 35.14 -10.55
C UNK I 249 -40.09 34.03 -11.46
N UNK I 250 -39.97 32.83 -10.90
CA UNK I 250 -39.55 31.69 -11.67
C UNK I 250 -40.48 30.53 -11.37
N UNK I 251 -40.51 29.57 -12.28
CA UNK I 251 -41.56 28.56 -12.29
C UNK I 251 -41.43 27.60 -11.13
N UNK I 252 -42.53 27.39 -10.42
CA UNK I 252 -42.62 26.24 -9.54
C UNK I 252 -42.70 24.99 -10.39
N UNK I 253 -41.97 23.96 -10.00
CA UNK I 253 -41.78 22.82 -10.88
C UNK I 253 -43.00 21.93 -10.89
N UNK I 254 -43.63 21.80 -12.05
CA UNK I 254 -44.81 20.96 -12.18
C UNK I 254 -44.42 19.50 -12.08
N UNK I 255 -45.36 18.68 -11.63
CA UNK I 255 -45.18 17.24 -11.56
C UNK I 255 -46.43 16.61 -12.16
N UNK I 256 -46.43 16.45 -13.47
CA UNK I 256 -47.60 15.94 -14.14
C UNK I 256 -47.77 14.45 -13.88
N UNK I 257 -48.96 14.03 -13.46
CA UNK I 257 -49.08 12.71 -12.85
C UNK I 257 -49.19 11.61 -13.89
N UNK I 258 -50.34 11.52 -14.58
CA UNK I 258 -50.67 10.35 -15.40
C UNK I 258 -51.92 10.59 -16.21
N UNK I 259 -52.50 9.52 -16.73
CA UNK I 259 -53.93 9.49 -17.06
C UNK I 259 -54.77 9.03 -15.88
N UNK I 260 -54.24 9.13 -14.67
CA UNK I 260 -55.00 8.94 -13.45
C UNK I 260 -55.76 10.17 -13.04
N UNK I 261 -55.66 11.27 -13.78
CA UNK I 261 -56.49 12.43 -13.51
C UNK I 261 -57.76 12.24 -14.32
N UNK I 262 -58.86 11.90 -13.64
CA UNK I 262 -60.06 11.52 -14.35
C UNK I 262 -60.73 12.73 -14.98
N UNK I 263 -61.41 12.47 -16.09
CA UNK I 263 -62.06 13.52 -16.85
C UNK I 263 -63.38 13.88 -16.17
N UNK I 264 -64.24 14.60 -16.87
CA UNK I 264 -65.51 15.02 -16.31
C UNK I 264 -66.68 14.53 -17.15
N UNK I 265 -66.54 13.36 -17.76
CA UNK I 265 -67.61 12.86 -18.62
C UNK I 265 -68.73 12.25 -17.79
N UNK I 266 -68.43 11.14 -17.12
CA UNK I 266 -69.37 10.45 -16.25
C UNK I 266 -68.54 9.56 -15.34
N UNK I 267 -69.18 8.56 -14.75
CA UNK I 267 -68.51 7.75 -13.74
C UNK I 267 -67.99 6.43 -14.28
N UNK I 268 -68.88 5.63 -14.88
CA UNK I 268 -68.76 4.21 -15.25
C UNK I 268 -68.80 3.29 -14.04
N UNK I 269 -68.80 3.86 -12.83
CA UNK I 269 -69.27 3.23 -11.59
C UNK I 269 -68.58 1.92 -11.24
N UNK I 270 -67.32 1.73 -11.67
CA UNK I 270 -66.42 0.67 -11.24
C UNK I 270 -66.99 -0.73 -11.51
N UNK I 271 -67.12 -1.04 -12.80
CA UNK I 271 -67.69 -2.30 -13.23
C UNK I 271 -66.74 -3.44 -12.88
N UNK I 272 -67.20 -4.34 -12.02
CA UNK I 272 -66.46 -5.55 -11.70
C UNK I 272 -67.16 -6.76 -12.29
N UNK I 273 -66.46 -7.90 -12.25
CA UNK I 273 -66.99 -9.14 -12.74
C UNK I 273 -68.16 -9.61 -11.87
N UNK I 274 -68.96 -10.51 -12.42
CA UNK I 274 -70.14 -11.00 -11.71
C UNK I 274 -69.73 -12.01 -10.65
N UNK I 275 -70.44 -11.95 -9.51
CA UNK I 275 -70.07 -12.77 -8.37
C UNK I 275 -70.28 -14.25 -8.65
N UNK I 276 -71.25 -14.59 -9.47
CA UNK I 276 -71.42 -15.98 -9.87
C UNK I 276 -70.25 -16.46 -10.69
N UNK I 277 -69.76 -15.61 -11.58
CA UNK I 277 -68.57 -15.93 -12.34
C UNK I 277 -67.38 -16.09 -11.42
N UNK I 278 -67.31 -15.26 -10.38
CA UNK I 278 -66.21 -15.34 -9.44
C UNK I 278 -66.25 -16.64 -8.66
N UNK I 279 -67.44 -17.03 -8.18
CA UNK I 279 -67.54 -18.25 -7.38
C UNK I 279 -67.28 -19.48 -8.21
N UNK I 280 -67.73 -19.47 -9.46
CA UNK I 280 -67.45 -20.59 -10.33
C UNK I 280 -65.97 -20.69 -10.62
N UNK I 281 -65.33 -19.55 -10.93
CA UNK I 281 -63.92 -19.56 -11.25
C UNK I 281 -63.06 -19.85 -10.04
N UNK I 282 -63.57 -19.64 -8.84
CA UNK I 282 -62.79 -19.98 -7.66
C UNK I 282 -62.94 -21.44 -7.30
N UNK I 283 -64.19 -21.92 -7.27
CA UNK I 283 -64.44 -23.30 -6.90
C UNK I 283 -63.85 -24.26 -7.91
N UNK I 284 -63.94 -23.92 -9.20
CA UNK I 284 -63.35 -24.77 -10.22
C UNK I 284 -61.84 -24.78 -10.11
N UNK I 285 -61.24 -23.64 -9.81
CA UNK I 285 -59.78 -23.58 -9.75
C UNK I 285 -59.25 -24.36 -8.57
N UNK I 286 -59.86 -24.17 -7.41
CA UNK I 286 -59.41 -24.89 -6.23
C UNK I 286 -59.68 -26.38 -6.38
N UNK I 287 -60.82 -26.75 -6.95
CA UNK I 287 -61.15 -28.15 -7.10
C UNK I 287 -60.25 -28.83 -8.11
N UNK I 288 -59.91 -28.13 -9.18
CA UNK I 288 -59.03 -28.72 -10.19
C UNK I 288 -57.62 -28.86 -9.65
N UNK I 289 -57.18 -27.91 -8.81
CA UNK I 289 -55.89 -28.06 -8.18
C UNK I 289 -55.90 -29.23 -7.19
N UNK I 290 -57.02 -29.41 -6.49
CA UNK I 290 -57.14 -30.52 -5.56
C UNK I 290 -57.10 -31.86 -6.29
N UNK I 291 -57.94 -32.00 -7.32
CA UNK I 291 -58.01 -33.25 -8.06
C UNK I 291 -56.76 -33.46 -8.90
N UNK I 292 -56.01 -32.41 -9.20
CA UNK I 292 -54.72 -32.60 -9.85
C UNK I 292 -53.68 -33.09 -8.88
N UNK I 293 -53.72 -32.64 -7.63
CA UNK I 293 -52.88 -33.24 -6.61
C UNK I 293 -53.24 -34.70 -6.40
N UNK I 294 -54.55 -35.00 -6.41
CA UNK I 294 -55.01 -36.38 -6.29
C UNK I 294 -54.64 -37.21 -7.51
N UNK I 295 -54.57 -36.59 -8.68
CA UNK I 295 -54.22 -37.31 -9.88
C UNK I 295 -52.73 -37.59 -9.96
N UNK I 296 -51.91 -36.61 -9.58
CA UNK I 296 -50.48 -36.84 -9.47
C UNK I 296 -50.19 -37.89 -8.41
N UNK I 297 -50.99 -37.92 -7.36
CA UNK I 297 -50.90 -38.99 -6.38
C UNK I 297 -51.45 -40.30 -6.91
N UNK I 298 -52.35 -40.26 -7.89
CA UNK I 298 -52.96 -41.48 -8.41
C UNK I 298 -52.00 -42.32 -9.23
N UNK I 299 -50.82 -41.80 -9.53
CA UNK I 299 -49.76 -42.61 -10.10
C UNK I 299 -49.14 -43.47 -9.02
N UNK J 1 40.73 -19.03 36.99
CA UNK J 1 41.11 -18.64 38.33
C UNK J 1 41.13 -19.84 39.24
N UNK J 2 42.29 -20.44 39.47
CA UNK J 2 43.53 -20.12 38.76
C UNK J 2 43.92 -21.34 38.00
N UNK J 3 42.92 -22.20 37.81
CA UNK J 3 43.02 -23.38 36.98
C UNK J 3 42.37 -23.20 35.63
N UNK J 4 41.55 -22.16 35.47
CA UNK J 4 40.87 -21.91 34.21
C UNK J 4 41.62 -20.92 33.35
N UNK J 5 42.88 -21.17 33.10
CA UNK J 5 43.55 -20.52 31.99
C UNK J 5 43.50 -21.50 30.81
N UNK J 6 44.19 -21.20 29.71
CA UNK J 6 44.12 -22.12 28.59
C UNK J 6 45.45 -22.11 27.84
N UNK J 7 46.32 -23.01 28.20
CA UNK J 7 47.49 -23.26 27.37
C UNK J 7 47.04 -23.92 26.09
N UNK J 8 47.74 -23.61 25.01
CA UNK J 8 47.50 -24.27 23.73
C UNK J 8 48.56 -25.34 23.58
N UNK J 9 48.21 -26.56 23.95
CA UNK J 9 49.17 -27.66 23.91
C UNK J 9 49.48 -28.02 22.48
N UNK J 10 50.73 -27.85 22.06
CA UNK J 10 51.15 -28.30 20.74
C UNK J 10 51.47 -29.76 20.81
N UNK J 11 50.71 -30.58 20.08
CA UNK J 11 50.56 -31.98 20.46
C UNK J 11 51.85 -32.75 20.26
N UNK J 12 52.14 -33.63 21.20
CA UNK J 12 53.32 -34.47 21.25
C UNK J 12 52.89 -35.92 21.15
N UNK J 13 53.82 -36.83 21.38
CA UNK J 13 53.51 -38.25 21.17
C UNK J 13 52.66 -38.87 22.26
N UNK J 14 52.06 -38.07 23.13
CA UNK J 14 50.91 -38.51 23.92
C UNK J 14 49.62 -38.07 23.25
N UNK J 15 49.61 -38.04 21.92
CA UNK J 15 48.41 -37.84 21.14
C UNK J 15 48.18 -38.96 20.15
N UNK J 16 48.61 -40.17 20.48
CA UNK J 16 48.51 -41.28 19.56
C UNK J 16 47.07 -41.74 19.45
N UNK J 17 46.60 -41.97 18.25
CA UNK J 17 45.21 -42.39 18.15
C UNK J 17 45.02 -43.23 16.92
N UNK J 18 44.06 -44.13 16.99
CA UNK J 18 43.69 -44.88 15.81
C UNK J 18 43.00 -43.95 14.83
N UNK J 19 43.22 -44.17 13.54
CA UNK J 19 42.42 -43.56 12.50
C UNK J 19 41.71 -44.72 11.83
N UNK J 20 40.40 -44.68 11.78
CA UNK J 20 39.65 -45.73 11.15
C UNK J 20 39.10 -45.17 9.85
N UNK J 21 39.57 -45.69 8.74
CA UNK J 21 39.20 -45.19 7.42
C UNK J 21 38.50 -46.31 6.71
N UNK J 22 37.20 -46.19 6.53
CA UNK J 22 36.50 -47.23 5.79
C UNK J 22 36.64 -46.95 4.32
N UNK J 23 36.85 -47.99 3.54
CA UNK J 23 37.57 -47.79 2.30
C UNK J 23 36.81 -48.03 1.03
N UNK J 24 35.71 -48.77 1.06
CA UNK J 24 35.08 -49.47 -0.07
C UNK J 24 35.95 -50.55 -0.66
N UNK J 25 37.06 -50.89 -0.04
CA UNK J 25 37.73 -52.14 -0.33
C UNK J 25 38.35 -52.75 0.91
N UNK J 26 38.20 -52.13 2.07
CA UNK J 26 38.75 -52.58 3.34
C UNK J 26 38.15 -51.71 4.43
N UNK J 27 38.60 -51.93 5.66
CA UNK J 27 38.36 -51.00 6.76
C UNK J 27 39.73 -50.81 7.36
N UNK J 28 40.51 -49.90 6.82
CA UNK J 28 41.88 -49.77 7.26
C UNK J 28 41.88 -49.07 8.61
N UNK J 29 42.69 -49.56 9.53
CA UNK J 29 42.81 -48.96 10.85
C UNK J 29 44.29 -48.68 11.08
N UNK J 30 44.67 -47.42 11.04
CA UNK J 30 46.06 -46.99 11.03
C UNK J 30 46.33 -46.18 12.28
N UNK J 31 47.29 -46.59 13.09
CA UNK J 31 47.59 -45.87 14.32
C UNK J 31 48.50 -44.71 14.00
N UNK J 32 48.01 -43.49 14.17
CA UNK J 32 48.82 -42.32 13.93
C UNK J 32 49.60 -41.99 15.20
N UNK J 33 50.91 -41.85 15.06
CA UNK J 33 51.80 -41.48 16.17
C UNK J 33 52.74 -40.40 15.69
N UNK J 34 52.78 -39.27 16.39
CA UNK J 34 53.68 -38.17 16.01
C UNK J 34 55.11 -38.57 16.31
N UNK J 35 56.06 -37.82 15.76
CA UNK J 35 57.43 -38.32 15.74
C UNK J 35 58.39 -37.33 16.36
N UNK J 36 58.08 -36.86 17.55
CA UNK J 36 58.80 -35.74 18.14
C UNK J 36 59.99 -36.24 18.92
N UNK J 37 61.10 -36.48 18.22
CA UNK J 37 62.39 -36.88 18.80
C UNK J 37 62.26 -38.11 19.70
N UNK J 38 61.47 -39.09 19.25
CA UNK J 38 61.29 -40.31 20.00
C UNK J 38 62.58 -41.05 19.93
N UNK J 39 62.86 -41.55 18.79
CA UNK J 39 64.25 -41.51 18.40
C UNK J 39 64.38 -40.97 17.00
N UNK J 40 63.48 -41.38 16.10
CA UNK J 40 63.42 -40.93 14.71
C UNK J 40 62.22 -41.51 14.01
N UNK J 41 61.63 -40.75 13.08
CA UNK J 41 61.30 -41.11 11.69
C UNK J 41 60.41 -40.01 11.16
N UNK J 42 59.99 -40.08 9.90
CA UNK J 42 58.83 -39.31 9.47
C UNK J 42 58.14 -40.10 8.39
N UNK J 43 57.18 -39.46 7.72
CA UNK J 43 56.49 -40.10 6.59
C UNK J 43 55.86 -39.00 5.76
N UNK J 44 56.33 -38.81 4.54
CA UNK J 44 55.71 -37.82 3.68
C UNK J 44 54.63 -38.46 2.82
N UNK J 45 54.97 -39.49 2.08
CA UNK J 45 53.99 -40.26 1.33
C UNK J 45 54.11 -41.71 1.76
N UNK J 46 53.17 -42.18 2.56
CA UNK J 46 53.13 -43.59 2.92
C UNK J 46 52.16 -44.21 1.96
N UNK J 47 52.69 -44.83 0.91
CA UNK J 47 51.86 -45.53 -0.04
C UNK J 47 51.65 -46.95 0.45
N UNK J 48 50.41 -47.30 0.77
CA UNK J 48 50.12 -48.63 1.26
C UNK J 48 49.98 -49.53 0.06
N UNK J 49 51.03 -50.29 -0.25
CA UNK J 49 50.96 -51.25 -1.32
C UNK J 49 50.22 -52.49 -0.84
N UNK J 50 49.20 -52.89 -1.56
CA UNK J 50 48.31 -53.96 -1.15
C UNK J 50 48.84 -55.25 -1.76
N UNK J 51 49.63 -55.99 -0.98
CA UNK J 51 50.32 -57.15 -1.50
C UNK J 51 49.35 -58.28 -1.81
N UNK J 52 48.56 -58.69 -0.83
CA UNK J 52 47.66 -59.81 -1.03
C UNK J 52 46.50 -59.50 -1.96
N UNK J 53 46.31 -58.24 -2.34
CA UNK J 53 45.31 -57.93 -3.33
C UNK J 53 45.70 -58.46 -4.69
N UNK J 54 47.00 -58.41 -5.00
CA UNK J 54 47.43 -58.83 -6.31
C UNK J 54 47.31 -60.33 -6.50
N UNK J 55 47.37 -61.11 -5.43
CA UNK J 55 47.15 -62.54 -5.58
C UNK J 55 45.68 -62.84 -5.84
N UNK J 56 44.78 -62.08 -5.22
CA UNK J 56 43.37 -62.23 -5.56
C UNK J 56 43.06 -61.68 -6.94
N UNK J 57 43.94 -60.86 -7.48
CA UNK J 57 43.80 -60.54 -8.90
C UNK J 57 44.32 -61.68 -9.75
N UNK J 58 45.39 -62.33 -9.30
CA UNK J 58 46.06 -63.32 -10.12
C UNK J 58 45.24 -64.59 -10.24
N UNK J 59 44.54 -64.98 -9.18
CA UNK J 59 43.68 -66.15 -9.28
C UNK J 59 42.51 -65.87 -10.22
N UNK J 60 41.95 -64.68 -10.15
CA UNK J 60 40.86 -64.35 -11.06
C UNK J 60 41.35 -64.11 -12.47
N UNK J 61 42.64 -63.91 -12.67
CA UNK J 61 43.17 -63.91 -14.01
C UNK J 61 43.48 -65.31 -14.51
N UNK J 62 43.85 -66.22 -13.61
CA UNK J 62 44.17 -67.58 -14.01
C UNK J 62 42.92 -68.36 -14.34
N UNK J 63 41.86 -68.21 -13.55
CA UNK J 63 40.63 -68.94 -13.84
C UNK J 63 39.91 -68.37 -15.04
N UNK J 64 40.16 -67.11 -15.40
CA UNK J 64 39.56 -66.55 -16.59
C UNK J 64 40.45 -66.65 -17.82
N UNK J 65 41.73 -66.99 -17.64
CA UNK J 65 42.54 -67.36 -18.79
C UNK J 65 42.32 -68.81 -19.20
N UNK J 66 41.85 -69.64 -18.27
CA UNK J 66 41.43 -71.00 -18.60
C UNK J 66 39.94 -71.07 -18.90
N UNK J 67 39.10 -70.70 -17.95
CA UNK J 67 37.67 -70.77 -18.15
C UNK J 67 37.08 -69.39 -18.42
N UNK J 68 24.00 -25.47 61.62
CA UNK J 68 25.18 -26.13 61.08
C UNK J 68 25.21 -25.95 59.58
N UNK J 69 24.09 -25.48 59.03
CA UNK J 69 23.97 -25.37 57.58
C UNK J 69 24.83 -24.25 57.03
N UNK J 70 25.21 -23.28 57.85
CA UNK J 70 26.26 -22.36 57.50
C UNK J 70 27.57 -22.76 58.13
N UNK J 71 27.64 -23.95 58.71
CA UNK J 71 28.88 -24.47 59.26
C UNK J 71 29.36 -25.68 58.49
N UNK J 72 28.53 -26.72 58.39
CA UNK J 72 28.98 -27.97 57.81
C UNK J 72 29.21 -27.84 56.33
N UNK J 73 28.37 -27.07 55.65
CA UNK J 73 28.58 -26.83 54.24
C UNK J 73 29.87 -26.08 54.00
N UNK J 74 30.22 -25.16 54.90
CA UNK J 74 31.46 -24.41 54.74
C UNK J 74 32.67 -25.28 55.00
N UNK J 75 32.58 -26.16 55.99
CA UNK J 75 33.69 -27.06 56.26
C UNK J 75 33.87 -28.06 55.14
N UNK J 76 32.75 -28.54 54.57
CA UNK J 76 32.86 -29.47 53.46
C UNK J 76 33.34 -28.76 52.22
N UNK J 77 33.01 -27.48 52.07
CA UNK J 77 33.49 -26.73 50.91
C UNK J 77 34.99 -26.53 50.98
N UNK J 78 35.48 -26.16 52.16
CA UNK J 78 36.92 -26.00 52.32
C UNK J 78 37.64 -27.34 52.23
N UNK J 79 37.03 -28.42 52.73
CA UNK J 79 37.69 -29.71 52.61
C UNK J 79 37.64 -30.22 51.19
N UNK J 80 36.62 -29.83 50.45
CA UNK J 80 36.54 -30.22 49.04
C UNK J 80 37.61 -29.51 48.24
N UNK J 81 37.69 -28.19 48.37
CA UNK J 81 38.73 -27.47 47.66
C UNK J 81 40.11 -27.77 48.19
N UNK J 82 40.20 -28.28 49.42
CA UNK J 82 41.48 -28.66 49.99
C UNK J 82 41.95 -30.01 49.50
N UNK J 83 41.05 -30.97 49.34
CA UNK J 83 41.46 -32.20 48.71
C UNK J 83 41.56 -32.05 47.21
N UNK J 84 40.87 -31.07 46.64
CA UNK J 84 40.92 -30.87 45.21
C UNK J 84 42.23 -30.27 44.74
N UNK J 85 42.99 -29.66 45.64
CA UNK J 85 44.41 -29.46 45.38
C UNK J 85 45.18 -30.69 45.84
N UNK J 86 44.97 -31.78 45.11
CA UNK J 86 45.60 -33.04 45.42
C UNK J 86 47.07 -32.97 45.08
N UNK J 87 47.39 -32.85 43.79
CA UNK J 87 48.73 -32.57 43.30
C UNK J 87 48.68 -32.18 41.84
N UNK J 88 49.24 -31.02 41.49
CA UNK J 88 49.33 -30.52 40.11
C UNK J 88 47.94 -30.40 39.49
N UNK J 89 47.18 -29.44 40.00
CA UNK J 89 45.81 -29.22 39.55
C UNK J 89 45.77 -28.90 38.06
N UNK J 90 44.65 -29.20 37.43
CA UNK J 90 44.59 -29.30 35.98
C UNK J 90 44.22 -27.97 35.34
N UNK J 91 44.91 -27.61 34.27
CA UNK J 91 44.57 -26.46 33.45
C UNK J 91 43.83 -26.91 32.20
N UNK J 92 42.70 -26.28 31.90
CA UNK J 92 41.91 -26.69 30.74
C UNK J 92 42.57 -26.19 29.47
N UNK J 93 42.82 -27.09 28.52
CA UNK J 93 43.66 -26.81 27.35
C UNK J 93 42.86 -26.67 26.06
N UNK J 94 43.57 -26.47 24.95
CA UNK J 94 42.97 -26.37 23.61
C UNK J 94 44.04 -26.70 22.59
N UNK J 95 43.81 -27.72 21.76
CA UNK J 95 44.90 -28.45 21.14
C UNK J 95 45.49 -27.72 19.92
N UNK J 96 46.36 -28.41 19.18
CA UNK J 96 46.97 -27.91 17.96
C UNK J 96 47.46 -29.09 17.14
N UNK J 97 47.08 -29.13 15.86
CA UNK J 97 47.07 -30.35 15.07
C UNK J 97 48.45 -30.81 14.62
N UNK J 98 48.61 -32.12 14.47
CA UNK J 98 49.48 -32.70 13.47
C UNK J 98 48.59 -33.01 12.29
N UNK J 99 49.16 -33.43 11.17
CA UNK J 99 48.38 -33.37 9.96
C UNK J 99 48.40 -34.70 9.20
N UNK J 100 47.36 -34.95 8.40
CA UNK J 100 47.39 -36.07 7.45
C UNK J 100 46.38 -35.90 6.33
N UNK J 101 46.78 -35.83 5.08
CA UNK J 101 45.81 -35.92 4.00
C UNK J 101 45.71 -37.39 3.60
N UNK J 102 44.67 -38.08 4.06
CA UNK J 102 44.48 -39.43 3.62
C UNK J 102 43.91 -39.35 2.22
N UNK J 103 44.73 -39.63 1.22
CA UNK J 103 44.42 -39.21 -0.14
C UNK J 103 44.32 -40.40 -1.05
N UNK J 104 43.19 -41.07 -0.99
CA UNK J 104 42.78 -41.97 -2.04
C UNK J 104 41.80 -41.31 -2.97
N UNK J 105 40.91 -40.50 -2.40
CA UNK J 105 40.22 -39.50 -3.18
C UNK J 105 40.56 -38.10 -2.68
N UNK J 106 40.11 -37.75 -1.48
CA UNK J 106 40.60 -36.63 -0.68
C UNK J 106 39.93 -36.76 0.68
N UNK J 107 40.68 -36.82 1.78
CA UNK J 107 40.07 -36.58 3.08
C UNK J 107 41.16 -35.97 3.94
N UNK J 108 40.95 -34.75 4.38
CA UNK J 108 42.01 -34.02 5.05
C UNK J 108 41.77 -34.11 6.54
N UNK J 109 42.40 -35.04 7.21
CA UNK J 109 42.24 -35.20 8.64
C UNK J 109 43.44 -34.58 9.33
N UNK J 110 43.26 -33.42 9.91
CA UNK J 110 44.26 -32.92 10.84
C UNK J 110 43.92 -33.48 12.20
N UNK J 111 44.83 -34.25 12.80
CA UNK J 111 44.56 -34.92 14.07
C UNK J 111 44.58 -33.89 15.19
N UNK J 112 43.59 -33.00 15.15
CA UNK J 112 43.54 -31.79 15.96
C UNK J 112 42.71 -32.01 17.20
N UNK J 113 41.54 -32.49 17.03
CA UNK J 113 40.67 -32.74 18.12
C UNK J 113 41.06 -33.98 18.92
N UNK J 114 42.23 -34.60 18.73
CA UNK J 114 42.53 -35.99 19.08
C UNK J 114 41.42 -36.90 18.57
N UNK J 115 40.88 -36.54 17.41
CA UNK J 115 39.73 -37.18 16.81
C UNK J 115 40.20 -38.45 16.12
N UNK J 116 39.30 -39.17 15.49
CA UNK J 116 39.78 -40.41 14.95
C UNK J 116 39.21 -40.85 13.61
N UNK J 117 38.09 -40.37 13.13
CA UNK J 117 37.33 -41.19 12.20
C UNK J 117 37.31 -40.62 10.79
N UNK J 118 37.24 -41.51 9.80
CA UNK J 118 36.90 -41.11 8.43
C UNK J 118 36.18 -42.30 7.82
N UNK J 119 34.87 -42.22 7.77
CA UNK J 119 34.05 -43.36 7.39
C UNK J 119 33.66 -43.21 5.93
N UNK J 120 33.99 -44.22 5.14
CA UNK J 120 33.61 -44.39 3.73
C UNK J 120 34.26 -43.37 2.80
N UNK J 121 35.55 -43.11 2.97
CA UNK J 121 36.35 -42.61 1.86
C UNK J 121 36.41 -43.72 0.82
N UNK J 122 36.34 -43.34 -0.44
CA UNK J 122 36.10 -44.32 -1.50
C UNK J 122 37.38 -44.62 -2.25
N UNK J 123 38.05 -45.71 -1.88
CA UNK J 123 39.30 -46.08 -2.53
C UNK J 123 38.97 -46.74 -3.86
N UNK J 124 38.78 -45.93 -4.89
CA UNK J 124 38.67 -46.48 -6.24
C UNK J 124 39.98 -47.08 -6.69
N UNK J 125 41.02 -46.27 -6.76
CA UNK J 125 42.37 -46.76 -6.80
C UNK J 125 42.79 -47.11 -5.38
N UNK J 126 44.05 -47.42 -5.17
CA UNK J 126 44.42 -47.79 -3.81
C UNK J 126 44.66 -46.54 -2.99
N UNK J 127 44.62 -46.70 -1.68
CA UNK J 127 44.80 -45.59 -0.78
C UNK J 127 46.29 -45.39 -0.54
N UNK J 128 46.72 -44.15 -0.57
CA UNK J 128 48.06 -43.77 -0.18
C UNK J 128 47.91 -42.63 0.80
N UNK J 129 48.23 -42.83 2.05
CA UNK J 129 48.05 -41.74 3.00
C UNK J 129 49.27 -40.85 2.91
N UNK J 130 49.08 -39.54 2.80
CA UNK J 130 50.21 -38.65 2.68
C UNK J 130 50.19 -37.71 3.87
N UNK J 131 51.10 -37.89 4.81
CA UNK J 131 51.17 -36.93 5.91
C UNK J 131 51.89 -35.69 5.41
N UNK J 132 51.45 -34.52 5.87
CA UNK J 132 51.91 -33.31 5.19
C UNK J 132 53.26 -32.79 5.67
N UNK J 133 53.35 -32.27 6.89
CA UNK J 133 54.55 -31.47 7.13
C UNK J 133 55.32 -31.66 8.43
N UNK J 134 54.61 -31.60 9.55
CA UNK J 134 55.19 -31.46 10.89
C UNK J 134 55.22 -32.78 11.62
N UNK J 135 55.56 -33.81 10.86
CA UNK J 135 56.03 -35.12 11.29
C UNK J 135 55.05 -36.01 11.99
N UNK J 136 54.02 -36.46 11.29
CA UNK J 136 53.32 -37.63 11.79
C UNK J 136 54.10 -38.89 11.40
N UNK J 137 53.58 -40.04 11.82
CA UNK J 137 54.00 -41.32 11.29
C UNK J 137 52.81 -42.24 11.44
N UNK J 138 52.24 -42.67 10.33
CA UNK J 138 51.21 -43.68 10.39
C UNK J 138 51.88 -45.03 10.50
N UNK J 139 51.46 -45.84 11.45
CA UNK J 139 51.99 -47.21 11.57
C UNK J 139 50.77 -48.09 11.68
N UNK J 140 50.42 -48.77 10.59
CA UNK J 140 49.16 -49.49 10.48
C UNK J 140 49.08 -50.62 11.49
N UNK J 141 47.87 -50.93 11.94
CA UNK J 141 47.67 -51.87 13.03
C UNK J 141 47.77 -53.30 12.52
N UNK J 142 47.34 -54.26 13.32
CA UNK J 142 47.84 -55.62 13.19
C UNK J 142 47.22 -56.38 12.02
N UNK J 143 45.92 -56.62 12.05
CA UNK J 143 45.32 -57.57 11.10
C UNK J 143 45.12 -56.94 9.72
N UNK J 144 44.71 -57.79 8.78
CA UNK J 144 44.32 -57.43 7.40
C UNK J 144 45.47 -56.79 6.63
N UNK J 145 46.47 -57.62 6.31
CA UNK J 145 47.80 -57.16 5.91
C UNK J 145 47.86 -56.49 4.55
N UNK J 146 47.74 -55.16 4.56
CA UNK J 146 48.37 -54.31 3.57
C UNK J 146 49.85 -54.20 3.91
N UNK J 147 50.62 -53.46 3.12
CA UNK J 147 52.04 -53.31 3.47
C UNK J 147 52.54 -51.95 3.01
N UNK J 148 53.11 -51.19 3.93
CA UNK J 148 53.44 -49.80 3.65
C UNK J 148 54.69 -49.70 2.80
N UNK J 149 54.86 -48.54 2.18
CA UNK J 149 56.10 -48.15 1.51
C UNK J 149 56.23 -46.65 1.71
N UNK J 150 57.24 -46.22 2.44
CA UNK J 150 57.22 -44.91 3.08
C UNK J 150 58.30 -44.01 2.51
N UNK J 151 57.91 -42.91 1.89
CA UNK J 151 58.89 -41.91 1.44
C UNK J 151 59.31 -41.09 2.65
N UNK J 152 60.24 -41.63 3.42
CA UNK J 152 60.60 -41.03 4.68
C UNK J 152 61.41 -39.76 4.48
N UNK J 153 61.12 -38.74 5.26
CA UNK J 153 61.84 -37.47 5.19
C UNK J 153 62.04 -36.98 6.60
N UNK J 154 63.18 -37.37 7.19
CA UNK J 154 63.41 -37.33 8.63
C UNK J 154 63.17 -35.95 9.21
N UNK J 155 62.67 -35.93 10.45
CA UNK J 155 62.24 -34.69 11.06
C UNK J 155 63.44 -33.81 11.33
N UNK J 156 63.37 -32.55 10.90
CA UNK J 156 64.53 -31.66 10.90
C UNK J 156 64.72 -30.98 12.22
N UNK J 157 64.27 -31.60 13.30
CA UNK J 157 64.76 -31.30 14.63
C UNK J 157 66.15 -31.90 14.79
N UNK J 158 66.67 -31.87 16.00
CA UNK J 158 68.10 -32.05 16.19
C UNK J 158 68.50 -33.52 16.13
N UNK J 159 69.73 -33.77 16.57
CA UNK J 159 70.44 -35.02 16.42
C UNK J 159 70.02 -36.04 17.46
N UNK J 160 70.89 -37.02 17.66
CA UNK J 160 70.92 -37.77 18.90
C UNK J 160 70.85 -36.81 20.07
N UNK J 161 69.76 -36.91 20.83
CA UNK J 161 69.49 -36.01 21.94
C UNK J 161 70.56 -36.18 23.00
N UNK J 162 70.95 -35.06 23.59
CA UNK J 162 72.28 -34.93 24.20
C UNK J 162 72.55 -35.82 25.40
N UNK J 163 71.99 -35.49 26.56
CA UNK J 163 72.38 -36.28 27.73
C UNK J 163 71.29 -36.52 28.75
N UNK J 164 70.11 -35.93 28.62
CA UNK J 164 69.15 -36.00 29.71
C UNK J 164 67.73 -35.81 29.21
N UNK J 165 74.27 -54.53 8.83
CA UNK J 165 73.23 -53.56 8.45
C UNK J 165 73.25 -52.40 9.42
N UNK J 166 74.27 -51.58 9.32
CA UNK J 166 74.44 -50.46 10.24
C UNK J 166 73.36 -49.43 9.94
N UNK J 167 72.32 -49.44 10.75
CA UNK J 167 71.19 -48.55 10.50
C UNK J 167 71.51 -47.09 10.79
N UNK J 168 72.55 -46.83 11.59
CA UNK J 168 73.10 -45.49 11.84
C UNK J 168 72.06 -44.57 12.47
N UNK J 169 71.74 -44.89 13.73
CA UNK J 169 70.80 -44.14 14.57
C UNK J 169 69.40 -44.12 14.02
N UNK J 170 69.08 -45.07 13.16
CA UNK J 170 67.77 -45.69 13.15
C UNK J 170 67.76 -46.89 14.05
N UNK J 171 68.93 -47.34 14.49
CA UNK J 171 69.02 -48.37 15.50
C UNK J 171 68.36 -47.93 16.77
N UNK J 172 68.47 -46.65 17.09
CA UNK J 172 67.76 -46.15 18.26
C UNK J 172 66.27 -46.16 18.05
N UNK J 173 65.80 -45.97 16.81
CA UNK J 173 64.37 -46.02 16.57
C UNK J 173 63.85 -47.44 16.75
N UNK J 174 64.55 -48.40 16.16
CA UNK J 174 64.18 -49.80 16.34
C UNK J 174 64.40 -50.27 17.75
N UNK J 175 65.18 -49.54 18.53
CA UNK J 175 65.20 -49.83 19.96
C UNK J 175 63.94 -49.33 20.62
N UNK J 176 63.72 -48.02 20.58
CA UNK J 176 62.73 -47.40 21.44
C UNK J 176 61.32 -47.74 21.03
N UNK J 177 61.09 -48.11 19.77
CA UNK J 177 59.81 -48.68 19.44
C UNK J 177 59.63 -50.02 20.14
N UNK J 178 60.62 -50.89 20.02
CA UNK J 178 60.53 -52.20 20.63
C UNK J 178 60.89 -52.19 22.09
N UNK J 179 60.95 -51.04 22.71
CA UNK J 179 61.00 -50.98 24.16
C UNK J 179 59.74 -50.35 24.73
N UNK J 180 59.16 -49.38 24.02
CA UNK J 180 57.90 -48.83 24.47
C UNK J 180 56.79 -49.84 24.34
N UNK J 181 56.84 -50.67 23.31
CA UNK J 181 55.82 -51.68 23.10
C UNK J 181 56.12 -52.96 23.84
N UNK J 182 57.03 -52.93 24.80
CA UNK J 182 57.31 -54.12 25.59
C UNK J 182 56.12 -54.41 26.50
N UNK J 183 55.85 -55.68 26.70
CA UNK J 183 54.82 -56.08 27.65
C UNK J 183 55.42 -56.09 29.04
N UNK J 184 54.69 -55.50 29.99
CA UNK J 184 55.13 -55.30 31.38
C UNK J 184 56.46 -54.54 31.41
N UNK J 185 56.36 -53.28 31.02
CA UNK J 185 57.50 -52.36 31.10
C UNK J 185 58.03 -52.32 32.51
N UNK J 186 59.35 -52.14 32.62
CA UNK J 186 60.14 -52.45 33.82
C UNK J 186 59.93 -53.91 34.23
N UNK J 187 60.38 -54.79 33.33
CA UNK J 187 60.58 -56.18 33.65
C UNK J 187 62.05 -56.55 33.85
N UNK J 188 62.96 -55.67 33.44
CA UNK J 188 64.41 -55.68 33.69
C UNK J 188 65.15 -56.81 32.99
N UNK J 189 64.46 -57.73 32.34
CA UNK J 189 65.13 -58.75 31.55
C UNK J 189 64.59 -58.76 30.14
N UNK J 190 63.52 -58.02 29.88
CA UNK J 190 63.12 -57.75 28.51
C UNK J 190 63.76 -56.49 28.00
N UNK J 191 64.10 -55.58 28.91
CA UNK J 191 64.83 -54.39 28.53
C UNK J 191 66.18 -54.76 27.97
N UNK J 192 66.83 -55.76 28.56
CA UNK J 192 68.09 -56.21 28.00
C UNK J 192 67.90 -57.00 26.73
N UNK J 193 66.70 -57.49 26.46
CA UNK J 193 66.44 -58.03 25.15
C UNK J 193 66.19 -56.95 24.13
N UNK J 194 65.73 -55.78 24.57
CA UNK J 194 65.47 -54.69 23.64
C UNK J 194 66.76 -53.98 23.28
N UNK J 195 67.48 -53.52 24.28
CA UNK J 195 68.72 -52.78 24.06
C UNK J 195 69.89 -53.73 23.79
N UNK J 196 69.73 -54.55 22.77
CA UNK J 196 70.62 -55.67 22.51
C UNK J 196 71.53 -55.45 21.33
N UNK J 197 71.54 -54.25 20.77
CA UNK J 197 72.56 -53.91 19.80
C UNK J 197 73.04 -52.48 19.94
N UNK J 198 72.55 -51.75 20.93
CA UNK J 198 73.00 -50.38 21.12
C UNK J 198 74.35 -50.38 21.78
N UNK J 199 75.18 -49.43 21.40
CA UNK J 199 76.44 -49.24 22.09
C UNK J 199 76.20 -48.58 23.44
N UNK J 200 77.24 -48.60 24.26
CA UNK J 200 77.12 -48.21 25.66
C UNK J 200 76.76 -46.74 25.85
N UNK J 201 77.13 -45.89 24.90
CA UNK J 201 76.64 -44.53 24.93
C UNK J 201 75.16 -44.48 24.62
N UNK J 202 74.72 -45.32 23.68
CA UNK J 202 73.34 -45.26 23.23
C UNK J 202 72.38 -45.77 24.29
N UNK J 203 72.85 -46.66 25.15
CA UNK J 203 72.02 -47.19 26.21
C UNK J 203 71.58 -46.10 27.17
N UNK J 204 72.40 -45.06 27.31
CA UNK J 204 72.06 -43.96 28.20
C UNK J 204 70.84 -43.20 27.69
N UNK J 205 70.89 -42.75 26.44
CA UNK J 205 69.77 -41.98 25.91
C UNK J 205 68.53 -42.82 25.77
N UNK J 206 68.67 -44.11 25.44
CA UNK J 206 67.48 -44.96 25.31
C UNK J 206 66.84 -45.22 26.66
N UNK J 207 67.64 -45.62 27.66
CA UNK J 207 67.09 -45.90 28.98
C UNK J 207 66.58 -44.63 29.65
N UNK J 208 67.21 -43.49 29.39
CA UNK J 208 66.76 -42.26 30.01
C UNK J 208 65.47 -41.78 29.38
N UNK J 209 65.34 -41.92 28.06
CA UNK J 209 64.09 -41.56 27.42
C UNK J 209 62.98 -42.48 27.87
N UNK J 210 63.29 -43.75 28.12
CA UNK J 210 62.30 -44.66 28.68
C UNK J 210 61.91 -44.22 30.09
N UNK J 211 62.87 -43.76 30.88
CA UNK J 211 62.59 -43.38 32.25
C UNK J 211 61.73 -42.15 32.31
N UNK J 212 62.10 -41.11 31.57
CA UNK J 212 61.31 -39.89 31.54
C UNK J 212 59.98 -40.12 30.88
N UNK J 213 59.91 -41.04 29.92
CA UNK J 213 58.63 -41.27 29.27
C UNK J 213 57.67 -42.02 30.18
N UNK J 214 58.16 -42.99 30.93
CA UNK J 214 57.26 -43.68 31.84
C UNK J 214 56.87 -42.79 33.00
N UNK J 215 57.76 -41.89 33.42
CA UNK J 215 57.38 -40.94 34.44
C UNK J 215 56.39 -39.93 33.93
N UNK J 216 56.44 -39.61 32.64
CA UNK J 216 55.40 -38.78 32.07
C UNK J 216 54.10 -39.55 31.97
N UNK J 217 54.18 -40.83 31.65
CA UNK J 217 52.98 -41.62 31.43
C UNK J 217 52.24 -41.87 32.73
N UNK J 218 52.95 -42.04 33.83
CA UNK J 218 52.27 -42.19 35.11
C UNK J 218 51.55 -40.91 35.49
N UNK J 219 52.15 -39.77 35.21
CA UNK J 219 51.50 -38.50 35.48
C UNK J 219 50.28 -38.35 34.61
N UNK J 220 50.36 -38.78 33.36
CA UNK J 220 49.22 -38.62 32.46
C UNK J 220 48.09 -39.53 32.86
N UNK J 221 48.39 -40.79 33.16
CA UNK J 221 47.32 -41.70 33.52
C UNK J 221 46.76 -41.42 34.88
N UNK J 222 47.50 -40.77 35.76
CA UNK J 222 46.85 -40.40 36.99
C UNK J 222 46.02 -39.14 36.83
N UNK J 223 46.52 -38.18 36.06
CA UNK J 223 45.78 -36.94 35.90
C UNK J 223 44.58 -37.12 34.99
N UNK J 224 44.52 -38.18 34.19
CA UNK J 224 43.31 -38.47 33.47
C UNK J 224 42.25 -38.98 34.43
N UNK J 225 42.58 -40.03 35.15
CA UNK J 225 41.61 -40.68 36.02
C UNK J 225 41.52 -40.05 37.39
N UNK J 226 41.98 -38.81 37.55
CA UNK J 226 41.85 -38.20 38.87
C UNK J 226 40.40 -37.86 39.16
N UNK J 227 39.72 -37.21 38.24
CA UNK J 227 38.34 -36.85 38.42
C UNK J 227 37.49 -37.91 37.73
N UNK J 228 37.41 -39.10 38.33
CA UNK J 228 36.90 -40.23 37.57
C UNK J 228 35.97 -41.18 38.28
N UNK J 229 35.45 -40.85 39.46
CA UNK J 229 34.41 -41.60 40.19
C UNK J 229 34.83 -42.99 40.60
N UNK J 230 36.06 -43.31 40.47
CA UNK J 230 36.65 -44.44 41.15
C UNK J 230 37.90 -44.01 41.89
N UNK J 231 38.68 -43.11 41.33
CA UNK J 231 39.73 -42.46 42.07
C UNK J 231 39.27 -41.14 42.61
N UNK J 232 37.99 -40.85 42.52
CA UNK J 232 37.38 -39.83 43.35
C UNK J 232 36.56 -40.47 44.44
N UNK J 233 36.57 -41.76 44.52
CA UNK J 233 35.79 -42.43 45.55
C UNK J 233 36.64 -43.25 46.47
N UNK J 234 37.64 -43.95 45.96
CA UNK J 234 38.51 -44.72 46.84
C UNK J 234 39.46 -43.83 47.60
N UNK J 235 39.71 -42.63 47.10
CA UNK J 235 40.52 -41.62 47.77
C UNK J 235 39.63 -40.58 48.42
N UNK J 236 38.54 -41.07 49.04
CA UNK J 236 37.23 -40.45 49.18
C UNK J 236 37.25 -38.96 49.47
N UNK J 237 36.68 -38.19 48.56
CA UNK J 237 36.63 -36.75 48.70
C UNK J 237 35.46 -36.41 49.60
N UNK J 238 35.15 -35.12 49.68
CA UNK J 238 33.95 -34.74 50.40
C UNK J 238 32.71 -35.15 49.63
N UNK J 239 32.61 -34.72 48.39
CA UNK J 239 31.54 -35.13 47.49
C UNK J 239 31.99 -36.34 46.67
N UNK J 240 31.05 -37.00 46.00
CA UNK J 240 31.44 -38.22 45.31
C UNK J 240 30.78 -38.48 43.95
N UNK J 241 30.04 -37.53 43.38
CA UNK J 241 29.64 -37.53 41.97
C UNK J 241 28.77 -38.73 41.61
N UNK J 242 27.52 -38.74 42.10
CA UNK J 242 26.72 -39.97 42.13
C UNK J 242 25.34 -39.86 41.49
N UNK J 243 25.12 -38.95 40.57
CA UNK J 243 23.88 -38.98 39.81
C UNK J 243 24.17 -38.78 38.35
N UNK J 244 25.13 -39.54 37.84
CA UNK J 244 25.65 -39.33 36.50
C UNK J 244 24.63 -39.69 35.43
N UNK J 245 23.81 -40.70 35.67
CA UNK J 245 23.12 -41.40 34.58
C UNK J 245 21.61 -41.31 34.75
N UNK J 246 20.95 -40.42 34.00
CA UNK J 246 19.49 -40.37 33.98
C UNK J 246 19.04 -39.82 32.63
N UNK J 247 18.71 -40.69 31.68
CA UNK J 247 18.49 -40.26 30.30
C UNK J 247 17.62 -41.28 29.54
N UNK J 248 17.64 -41.19 28.21
CA UNK J 248 16.67 -41.83 27.35
C UNK J 248 17.23 -43.03 26.61
N UNK J 249 16.45 -44.10 26.57
CA UNK J 249 16.79 -45.28 25.80
C UNK J 249 16.06 -45.24 24.48
N UNK J 250 16.55 -44.40 23.57
CA UNK J 250 15.93 -44.29 22.26
C UNK J 250 17.02 -44.35 21.21
N UNK J 251 16.61 -44.68 19.99
CA UNK J 251 17.56 -45.08 18.96
C UNK J 251 18.39 -43.92 18.48
N UNK J 252 19.70 -44.10 18.44
CA UNK J 252 20.54 -43.21 17.66
C UNK J 252 20.27 -43.46 16.20
N UNK J 253 20.17 -42.39 15.42
CA UNK J 253 19.64 -42.50 14.07
C UNK J 253 20.70 -43.03 13.13
N UNK J 254 20.44 -44.21 12.56
CA UNK J 254 21.36 -44.82 11.62
C UNK J 254 21.40 -44.04 10.33
N UNK J 255 22.53 -44.11 9.65
CA UNK J 255 22.70 -43.50 8.33
C UNK J 255 23.33 -44.55 7.44
N UNK J 256 22.50 -45.37 6.83
CA UNK J 256 23.03 -46.46 6.01
C UNK J 256 23.58 -45.92 4.70
N UNK J 257 24.81 -46.31 4.36
CA UNK J 257 25.52 -45.58 3.33
C UNK J 257 25.12 -46.01 1.92
N UNK J 258 25.53 -47.21 1.51
CA UNK J 258 25.44 -47.62 0.11
C UNK J 258 25.79 -49.08 -0.06
N UNK J 259 26.07 -49.50 -1.30
CA UNK J 259 26.91 -50.65 -1.55
C UNK J 259 28.38 -50.28 -1.65
N UNK J 260 28.76 -49.14 -1.08
CA UNK J 260 30.16 -48.77 -0.91
C UNK J 260 30.77 -49.39 0.33
N UNK J 261 30.02 -50.15 1.10
CA UNK J 261 30.60 -50.90 2.20
C UNK J 261 31.05 -52.22 1.64
N UNK J 262 32.35 -52.40 1.47
CA UNK J 262 32.85 -53.57 0.76
C UNK J 262 32.71 -54.81 1.61
N UNK J 263 32.53 -55.94 0.93
CA UNK J 263 32.34 -57.23 1.59
C UNK J 263 33.69 -57.76 2.05
N UNK J 264 33.74 -59.04 2.41
CA UNK J 264 34.97 -59.63 2.89
C UNK J 264 35.37 -60.83 2.04
N UNK J 265 35.07 -60.80 0.75
CA UNK J 265 35.39 -61.93 -0.11
C UNK J 265 36.87 -61.93 -0.48
N UNK J 266 37.27 -60.94 -1.25
CA UNK J 266 38.65 -60.77 -1.69
C UNK J 266 38.79 -59.32 -2.12
N UNK J 267 39.82 -59.03 -2.91
CA UNK J 267 40.13 -57.66 -3.25
C UNK J 267 39.63 -57.26 -4.63
N UNK J 268 40.03 -58.01 -5.67
CA UNK J 268 39.96 -57.75 -7.12
C UNK J 268 40.94 -56.67 -7.55
N UNK J 269 41.62 -56.03 -6.61
CA UNK J 269 42.89 -55.31 -6.79
C UNK J 269 42.84 -54.21 -7.84
N UNK J 270 41.67 -53.60 -8.06
CA UNK J 270 41.47 -52.36 -8.83
C UNK J 270 41.96 -52.51 -10.28
N UNK J 271 41.27 -53.35 -11.02
CA UNK J 271 41.62 -53.63 -12.40
C UNK J 271 41.36 -52.41 -13.27
N UNK J 272 42.41 -51.86 -13.85
CA UNK J 272 42.28 -50.77 -14.80
C UNK J 272 42.63 -51.26 -16.20
N UNK J 273 42.34 -50.41 -17.18
CA UNK J 273 42.64 -50.71 -18.57
C UNK J 273 44.14 -50.75 -18.80
N UNK J 274 44.53 -51.40 -19.90
CA UNK J 274 45.95 -51.54 -20.21
C UNK J 274 46.53 -50.25 -20.74
N UNK J 275 47.77 -49.98 -20.36
CA UNK J 275 48.40 -48.70 -20.69
C UNK J 275 48.63 -48.56 -22.19
N UNK J 276 48.85 -49.67 -22.87
CA UNK J 276 48.99 -49.62 -24.32
C UNK J 276 47.66 -49.24 -24.96
N UNK J 277 46.57 -49.78 -24.44
CA UNK J 277 45.25 -49.39 -24.90
C UNK J 277 45.00 -47.92 -24.63
N UNK J 278 45.48 -47.44 -23.49
CA UNK J 278 45.31 -46.03 -23.13
C UNK J 278 46.07 -45.14 -24.09
N UNK J 279 47.32 -45.48 -24.40
CA UNK J 279 48.14 -44.64 -25.25
C UNK J 279 47.62 -44.63 -26.66
N UNK J 280 47.14 -45.78 -27.12
CA UNK J 280 46.56 -45.84 -28.46
C UNK J 280 45.29 -45.01 -28.52
N UNK J 281 44.43 -45.15 -27.52
CA UNK J 281 43.18 -44.41 -27.52
C UNK J 281 43.38 -42.92 -27.30
N UNK J 282 44.51 -42.52 -26.73
CA UNK J 282 44.76 -41.10 -26.57
C UNK J 282 45.36 -40.51 -27.83
N UNK J 283 46.38 -41.18 -28.36
CA UNK J 283 47.05 -40.66 -29.55
C UNK J 283 46.13 -40.65 -30.74
N UNK J 284 45.29 -41.67 -30.88
CA UNK J 284 44.34 -41.71 -31.98
C UNK J 284 43.31 -40.62 -31.82
N UNK J 285 42.85 -40.37 -30.59
CA UNK J 285 41.80 -39.37 -30.40
C UNK J 285 42.32 -37.98 -30.68
N UNK J 286 43.50 -37.66 -30.14
CA UNK J 286 44.07 -36.34 -30.37
C UNK J 286 44.43 -36.15 -31.83
N UNK J 287 44.96 -37.19 -32.47
CA UNK J 287 45.34 -37.08 -33.86
C UNK J 287 44.14 -36.94 -34.77
N UNK J 288 43.07 -37.66 -34.46
CA UNK J 288 41.87 -37.56 -35.29
C UNK J 288 41.22 -36.21 -35.11
N UNK J 289 41.26 -35.65 -33.90
CA UNK J 289 40.76 -34.30 -33.71
C UNK J 289 41.61 -33.28 -34.45
N UNK J 290 42.93 -33.51 -34.48
CA UNK J 290 43.82 -32.61 -35.21
C UNK J 290 43.55 -32.67 -36.70
N UNK J 291 43.52 -33.87 -37.26
CA UNK J 291 43.30 -34.03 -38.69
C UNK J 291 41.87 -33.70 -39.08
N UNK J 292 40.94 -33.72 -38.14
CA UNK J 292 39.60 -33.24 -38.42
C UNK J 292 39.55 -31.73 -38.46
N UNK J 293 40.32 -31.06 -37.61
CA UNK J 293 40.47 -29.61 -37.74
C UNK J 293 41.13 -29.27 -39.07
N UNK J 294 42.13 -30.05 -39.46
CA UNK J 294 42.80 -29.85 -40.75
C UNK J 294 41.88 -30.17 -41.92
N UNK J 295 40.96 -31.11 -41.74
CA UNK J 295 40.04 -31.46 -42.80
C UNK J 295 38.94 -30.42 -42.96
N UNK J 296 38.42 -29.92 -41.84
CA UNK J 296 37.47 -28.82 -41.90
C UNK J 296 38.12 -27.58 -42.48
N UNK J 297 39.42 -27.40 -42.22
CA UNK J 297 40.17 -26.35 -42.87
C UNK J 297 40.47 -26.66 -44.33
N UNK J 298 40.47 -27.94 -44.71
CA UNK J 298 40.80 -28.32 -46.07
C UNK J 298 39.70 -27.98 -47.06
N UNK J 299 38.54 -27.54 -46.58
CA UNK J 299 37.54 -26.96 -47.44
C UNK J 299 37.94 -25.55 -47.82
N UNK K 1 25.71 -25.17 45.69
CA UNK K 1 25.95 -24.74 47.05
C UNK K 1 25.45 -25.79 48.01
N UNK K 2 26.32 -26.67 48.51
CA UNK K 2 27.69 -26.78 48.07
C UNK K 2 27.83 -28.15 47.47
N UNK K 3 26.68 -28.71 47.13
CA UNK K 3 26.57 -29.96 46.41
C UNK K 3 26.26 -29.76 44.95
N UNK K 4 25.84 -28.57 44.56
CA UNK K 4 25.49 -28.29 43.17
C UNK K 4 26.65 -27.65 42.43
N UNK K 5 27.81 -28.27 42.47
CA UNK K 5 28.82 -27.97 41.48
C UNK K 5 28.70 -29.02 40.39
N UNK K 6 29.63 -29.07 39.44
CA UNK K 6 29.50 -30.07 38.38
C UNK K 6 30.89 -30.51 37.91
N UNK K 7 31.37 -31.59 38.51
CA UNK K 7 32.54 -32.24 37.96
C UNK K 7 32.15 -32.89 36.65
N UNK K 8 33.09 -32.93 35.72
CA UNK K 8 32.91 -33.64 34.47
C UNK K 8 33.60 -34.98 34.61
N UNK K 9 32.84 -36.00 34.97
CA UNK K 9 33.42 -37.32 35.20
C UNK K 9 33.87 -37.92 33.89
N UNK K 10 35.16 -38.16 33.73
CA UNK K 10 35.66 -38.86 32.55
C UNK K 10 35.50 -40.34 32.79
N UNK K 11 34.68 -40.99 31.97
CA UNK K 11 34.05 -42.23 32.38
C UNK K 11 35.07 -43.35 32.50
N UNK K 12 34.91 -44.16 33.53
CA UNK K 12 35.75 -45.28 33.89
C UNK K 12 34.93 -46.56 33.78
N UNK K 13 35.48 -47.67 34.25
CA UNK K 13 34.81 -48.95 34.06
C UNK K 13 33.63 -49.17 34.99
N UNK K 14 33.15 -48.14 35.67
CA UNK K 14 31.80 -48.13 36.22
C UNK K 14 30.84 -47.43 35.27
N UNK K 15 31.08 -47.57 33.97
CA UNK K 15 30.16 -47.12 32.95
C UNK K 15 29.79 -48.25 32.01
N UNK K 16 29.76 -49.48 32.49
CA UNK K 16 29.51 -50.62 31.63
C UNK K 16 28.05 -50.66 31.26
N UNK K 17 27.76 -50.89 29.99
CA UNK K 17 26.34 -50.91 29.63
C UNK K 17 26.13 -51.80 28.44
N UNK K 18 24.95 -52.39 28.36
CA UNK K 18 24.60 -53.12 27.18
C UNK K 18 24.41 -52.17 26.02
N UNK K 19 24.78 -52.59 24.84
CA UNK K 19 24.40 -51.91 23.61
C UNK K 19 23.52 -52.89 22.88
N UNK K 20 22.31 -52.49 22.55
CA UNK K 20 21.40 -53.36 21.84
C UNK K 20 21.29 -52.83 20.43
N UNK K 21 21.78 -53.58 19.47
CA UNK K 21 21.83 -53.16 18.08
C UNK K 21 20.95 -54.12 17.31
N UNK K 22 19.81 -53.65 16.85
CA UNK K 22 18.97 -54.53 16.04
C UNK K 22 19.47 -54.49 14.62
N UNK K 23 19.49 -55.62 13.96
CA UNK K 23 20.45 -55.78 12.89
C UNK K 23 19.90 -55.94 11.51
N UNK K 24 18.64 -56.34 11.35
CA UNK K 24 18.04 -56.97 10.16
C UNK K 24 18.65 -58.30 9.83
N UNK K 25 19.46 -58.87 10.69
CA UNK K 25 19.77 -60.28 10.62
C UNK K 25 19.94 -60.89 12.00
N UNK K 26 19.77 -60.11 13.06
CA UNK K 26 19.93 -60.56 14.44
C UNK K 26 19.43 -59.43 15.33
N UNK K 27 19.56 -59.62 16.63
CA UNK K 27 19.42 -58.53 17.60
C UNK K 27 20.65 -58.66 18.46
N UNK K 28 21.75 -58.08 18.04
CA UNK K 28 22.99 -58.30 18.75
C UNK K 28 22.96 -57.47 20.02
N UNK K 29 23.40 -58.05 21.12
CA UNK K 29 23.46 -57.36 22.41
C UNK K 29 24.88 -57.48 22.92
N UNK K 30 25.62 -56.39 22.88
CA UNK K 30 27.05 -56.38 23.14
C UNK K 30 27.32 -55.53 24.36
N UNK K 31 27.94 -56.09 25.38
CA UNK K 31 28.23 -55.35 26.60
C UNK K 31 29.48 -54.54 26.40
N UNK K 32 29.36 -53.22 26.41
CA UNK K 32 30.51 -52.36 26.28
C UNK K 32 31.12 -52.12 27.65
N UNK K 33 32.41 -52.37 27.78
CA UNK K 33 33.14 -52.14 29.02
C UNK K 33 34.44 -51.43 28.68
N UNK K 34 34.70 -50.28 29.30
CA UNK K 34 35.92 -49.54 29.07
C UNK K 34 37.10 -50.27 29.68
N UNK K 35 38.31 -49.90 29.29
CA UNK K 35 39.44 -50.76 29.59
C UNK K 35 40.53 -50.02 30.34
N UNK K 36 40.16 -49.35 31.40
CA UNK K 36 41.07 -48.41 32.06
C UNK K 36 41.89 -49.13 33.10
N UNK K 37 42.98 -49.75 32.66
CA UNK K 37 43.97 -50.43 33.52
C UNK K 37 43.31 -51.45 34.46
N UNK K 38 42.36 -52.22 33.89
CA UNK K 38 41.68 -53.24 34.67
C UNK K 38 42.69 -54.33 34.91
N UNK K 39 43.01 -55.01 33.89
CA UNK K 39 44.39 -55.41 33.80
C UNK K 39 44.93 -55.09 32.42
N UNK K 40 44.13 -55.34 31.38
CA UNK K 40 44.46 -55.05 29.99
C UNK K 40 43.29 -55.36 29.09
N UNK K 41 43.13 -54.58 28.01
CA UNK K 41 42.97 -54.99 26.62
C UNK K 41 42.57 -53.76 25.84
N UNK K 42 42.38 -53.85 24.54
CA UNK K 42 41.60 -52.86 23.82
C UNK K 42 40.91 -53.53 22.66
N UNK K 43 40.33 -52.73 21.77
CA UNK K 43 39.70 -53.28 20.58
C UNK K 43 39.58 -52.15 19.57
N UNK K 44 40.31 -52.24 18.46
CA UNK K 44 40.18 -51.23 17.43
C UNK K 44 39.13 -51.65 16.41
N UNK K 45 39.28 -52.82 15.81
CA UNK K 45 38.26 -53.35 14.91
C UNK K 45 37.86 -54.72 15.44
N UNK K 46 36.70 -54.81 16.07
CA UNK K 46 36.17 -56.09 16.50
C UNK K 46 35.25 -56.53 15.39
N UNK K 47 35.75 -57.39 14.52
CA UNK K 47 34.92 -57.94 13.45
C UNK K 47 34.22 -59.17 13.97
N UNK K 48 32.90 -59.11 14.04
CA UNK K 48 32.14 -60.24 14.56
C UNK K 48 31.95 -61.20 13.40
N UNK K 49 32.77 -62.25 13.36
CA UNK K 49 32.61 -63.29 12.36
C UNK K 49 31.46 -64.20 12.76
N UNK K 50 30.51 -64.37 11.85
CA UNK K 50 29.29 -65.09 12.14
C UNK K 50 29.51 -66.54 11.73
N UNK K 51 29.88 -67.38 12.71
CA UNK K 51 30.28 -68.75 12.40
C UNK K 51 29.09 -69.59 11.97
N UNK K 52 28.04 -69.63 12.78
CA UNK K 52 26.89 -70.47 12.47
C UNK K 52 26.08 -69.95 11.30
N UNK K 53 26.35 -68.75 10.81
CA UNK K 53 25.68 -68.29 9.61
C UNK K 53 26.15 -69.07 8.40
N UNK K 54 27.42 -69.42 8.37
CA UNK K 54 27.94 -70.09 7.20
C UNK K 54 27.41 -71.51 7.08
N UNK K 55 27.05 -72.14 8.20
CA UNK K 55 26.43 -73.45 8.09
C UNK K 55 25.02 -73.36 7.54
N UNK K 56 24.28 -72.32 7.91
CA UNK K 56 22.98 -72.10 7.30
C UNK K 56 23.10 -71.66 5.86
N UNK K 57 24.27 -71.18 5.45
CA UNK K 57 24.50 -71.01 4.03
C UNK K 57 24.81 -72.34 3.38
N UNK K 58 25.53 -73.21 4.08
CA UNK K 58 26.00 -74.43 3.47
C UNK K 58 24.88 -75.44 3.26
N UNK K 59 23.92 -75.48 4.18
CA UNK K 59 22.78 -76.36 3.96
C UNK K 59 21.93 -75.89 2.79
N UNK K 60 21.74 -74.58 2.67
CA UNK K 60 21.00 -74.06 1.54
C UNK K 60 21.78 -74.14 0.25
N UNK K 61 23.09 -74.35 0.31
CA UNK K 61 23.83 -74.65 -0.90
C UNK K 61 23.79 -76.12 -1.23
N UNK K 62 23.70 -76.99 -0.21
CA UNK K 62 23.67 -78.43 -0.46
C UNK K 62 22.32 -78.85 -1.00
N UNK K 63 21.23 -78.33 -0.45
CA UNK K 63 19.91 -78.69 -0.95
C UNK K 63 19.63 -78.10 -2.32
N UNK K 64 20.30 -77.02 -2.69
CA UNK K 64 20.12 -76.45 -4.01
C UNK K 64 21.15 -76.93 -5.01
N UNK K 65 22.20 -77.60 -4.56
CA UNK K 65 23.07 -78.32 -5.48
C UNK K 65 22.51 -79.69 -5.84
N UNK K 66 21.64 -80.25 -4.98
CA UNK K 66 20.90 -81.46 -5.30
C UNK K 66 19.55 -81.14 -5.91
N UNK K 67 18.70 -80.44 -5.18
CA UNK K 67 17.38 -80.12 -5.67
C UNK K 67 17.28 -78.67 -6.13
N UNK K 68 3.65 -23.66 66.62
CA UNK K 68 4.65 -24.68 66.39
C UNK K 68 5.00 -24.70 64.91
N UNK K 69 4.19 -24.01 64.11
CA UNK K 69 4.38 -24.04 62.67
C UNK K 69 5.62 -23.27 62.24
N UNK K 70 6.12 -22.37 63.07
CA UNK K 70 7.44 -21.83 62.88
C UNK K 70 8.44 -22.50 63.80
N UNK K 71 8.04 -23.58 64.45
CA UNK K 71 8.95 -24.36 65.28
C UNK K 71 9.17 -25.74 64.70
N UNK K 72 8.10 -26.51 64.49
CA UNK K 72 8.25 -27.90 64.10
C UNK K 72 8.78 -28.02 62.69
N UNK K 73 8.35 -27.11 61.80
CA UNK K 73 8.87 -27.13 60.45
C UNK K 73 10.35 -26.80 60.45
N UNK K 74 10.79 -25.92 61.33
CA UNK K 74 12.20 -25.57 61.40
C UNK K 74 13.03 -26.72 61.95
N UNK K 75 12.50 -27.40 62.96
CA UNK K 75 13.22 -28.54 63.52
C UNK K 75 13.28 -29.68 62.51
N UNK K 76 12.21 -29.88 61.76
CA UNK K 76 12.22 -30.93 60.75
C UNK K 76 13.11 -30.54 59.59
N UNK K 77 13.21 -29.25 59.30
CA UNK K 77 14.10 -28.82 58.23
C UNK K 77 15.55 -29.03 58.60
N UNK K 78 15.91 -28.67 59.83
CA UNK K 78 17.28 -28.91 60.28
C UNK K 78 17.56 -30.39 60.41
N UNK K 79 16.59 -31.19 60.84
CA UNK K 79 16.84 -32.63 60.94
C UNK K 79 16.89 -33.27 59.58
N UNK K 80 16.19 -32.70 58.61
CA UNK K 80 16.25 -33.21 57.25
C UNK K 80 17.60 -32.93 56.65
N UNK K 81 18.06 -31.68 56.72
CA UNK K 81 19.38 -31.37 56.18
C UNK K 81 20.49 -31.99 57.02
N UNK K 82 20.21 -32.34 58.26
CA UNK K 82 21.17 -33.01 59.11
C UNK K 82 21.30 -34.48 58.81
N UNK K 83 20.20 -35.16 58.52
CA UNK K 83 20.33 -36.52 58.07
C UNK K 83 20.74 -36.58 56.62
N UNK K 84 20.49 -35.52 55.86
CA UNK K 84 20.86 -35.51 54.46
C UNK K 84 22.34 -35.37 54.25
N UNK K 85 23.08 -34.90 55.24
CA UNK K 85 24.52 -35.14 55.27
C UNK K 85 24.79 -36.47 55.95
N UNK K 86 24.39 -37.53 55.26
CA UNK K 86 24.55 -38.89 55.77
C UNK K 86 26.01 -39.27 55.74
N UNK K 87 26.58 -39.39 54.54
CA UNK K 87 28.01 -39.56 54.33
C UNK K 87 28.35 -39.36 52.87
N UNK K 88 29.28 -38.44 52.58
CA UNK K 88 29.77 -38.15 51.23
C UNK K 88 28.61 -37.73 50.31
N UNK K 89 28.10 -36.54 50.60
CA UNK K 89 26.97 -36.00 49.86
C UNK K 89 27.29 -35.87 48.38
N UNK K 90 26.26 -35.91 47.54
CA UNK K 90 26.44 -36.15 46.12
C UNK K 90 26.61 -34.86 45.34
N UNK K 91 27.56 -34.84 44.41
CA UNK K 91 27.74 -33.74 43.47
C UNK K 91 27.13 -34.11 42.13
N UNK K 92 26.32 -33.23 41.57
CA UNK K 92 25.68 -33.53 40.30
C UNK K 92 26.67 -33.39 39.16
N UNK K 93 26.81 -34.44 38.34
CA UNK K 93 27.89 -34.55 37.36
C UNK K 93 27.41 -34.34 35.92
N UNK K 94 28.34 -34.49 34.98
CA UNK K 94 28.06 -34.37 33.54
C UNK K 94 29.14 -35.12 32.78
N UNK K 95 28.78 -36.12 31.99
CA UNK K 95 29.69 -37.20 31.65
C UNK K 95 30.68 -36.82 30.54
N UNK K 96 31.42 -37.81 30.04
CA UNK K 96 32.37 -37.64 28.95
C UNK K 96 32.62 -39.00 28.31
N UNK K 97 32.49 -39.09 26.99
CA UNK K 97 32.25 -40.34 26.30
C UNK K 97 33.50 -41.21 26.17
N UNK K 98 33.27 -42.52 26.13
CA UNK K 98 34.09 -43.44 25.37
C UNK K 98 33.39 -43.62 24.06
N UNK K 99 33.99 -44.32 23.11
CA UNK K 99 33.50 -44.19 21.75
C UNK K 99 33.27 -45.54 21.11
N UNK K 100 32.37 -45.60 20.11
CA UNK K 100 32.22 -46.77 19.27
C UNK K 100 31.53 -46.46 17.96
N UNK K 101 32.16 -46.67 16.81
CA UNK K 101 31.42 -46.61 15.55
C UNK K 101 30.96 -48.02 15.24
N UNK K 102 29.70 -48.32 15.52
CA UNK K 102 29.18 -49.62 15.12
C UNK K 102 28.93 -49.54 13.63
N UNK K 103 29.79 -50.15 12.84
CA UNK K 103 29.88 -49.83 11.42
C UNK K 103 29.61 -51.05 10.59
N UNK K 104 28.33 -51.36 10.44
CA UNK K 104 27.86 -52.23 9.39
C UNK K 104 27.32 -51.44 8.25
N UNK K 105 26.62 -50.35 8.56
CA UNK K 105 26.41 -49.28 7.59
C UNK K 105 27.06 -47.99 8.08
N UNK K 106 26.53 -47.39 9.13
CA UNK K 106 27.17 -46.37 9.95
C UNK K 106 26.27 -46.14 11.14
N UNK K 107 26.75 -46.29 12.37
CA UNK K 107 26.01 -45.73 13.50
C UNK K 107 27.05 -45.34 14.53
N UNK K 108 27.15 -44.08 14.85
CA UNK K 108 28.23 -43.60 15.67
C UNK K 108 27.71 -43.43 17.08
N UNK K 109 27.90 -44.42 17.93
CA UNK K 109 27.44 -44.37 19.30
C UNK K 109 28.63 -44.02 20.18
N UNK K 110 28.70 -42.80 20.65
CA UNK K 110 29.62 -42.49 21.74
C UNK K 110 28.89 -42.77 23.03
N UNK K 111 29.40 -43.69 23.85
CA UNK K 111 28.71 -44.11 25.07
C UNK K 111 28.84 -42.98 26.11
N UNK K 112 28.18 -41.87 25.80
CA UNK K 112 28.35 -40.61 26.51
C UNK K 112 27.28 -40.43 27.56
N UNK K 113 26.08 -40.58 27.17
CA UNK K 113 24.99 -40.45 28.08
C UNK K 113 24.83 -41.64 29.01
N UNK K 114 25.79 -42.58 29.11
CA UNK K 114 25.58 -43.95 29.60
C UNK K 114 24.36 -44.57 28.92
N UNK K 115 24.17 -44.21 27.66
CA UNK K 115 23.02 -44.56 26.87
C UNK K 115 23.20 -45.99 26.37
N UNK K 116 22.25 -46.50 25.60
CA UNK K 116 22.43 -47.88 25.24
C UNK K 116 22.02 -48.30 23.85
N UNK K 117 21.18 -47.58 23.13
CA UNK K 117 20.40 -48.25 22.11
C UNK K 117 20.81 -47.88 20.70
N UNK K 118 20.66 -48.81 19.77
CA UNK K 118 20.72 -48.51 18.34
C UNK K 118 19.79 -49.51 17.66
N UNK K 119 18.59 -49.06 17.33
CA UNK K 119 17.56 -49.96 16.86
C UNK K 119 17.50 -49.89 15.35
N UNK K 120 17.66 -51.04 14.70
CA UNK K 120 17.51 -51.26 13.26
C UNK K 120 18.58 -50.58 12.42
N UNK K 121 19.84 -50.68 12.85
CA UNK K 121 20.94 -50.57 11.90
C UNK K 121 20.85 -51.75 10.96
N UNK K 122 21.13 -51.53 9.69
CA UNK K 122 20.80 -52.52 8.66
C UNK K 122 22.05 -53.26 8.22
N UNK K 123 22.28 -54.44 8.79
CA UNK K 123 23.46 -55.23 8.43
C UNK K 123 23.20 -55.92 7.11
N UNK K 124 23.45 -55.21 6.01
CA UNK K 124 23.41 -55.86 4.71
C UNK K 124 24.55 -56.86 4.58
N UNK K 125 25.77 -56.37 4.68
CA UNK K 125 26.91 -57.24 4.94
C UNK K 125 26.94 -57.52 6.45
N UNK K 126 27.99 -58.15 6.94
CA UNK K 126 27.97 -58.43 8.35
C UNK K 126 28.43 -57.22 9.14
N UNK K 127 28.10 -57.21 10.41
CA UNK K 127 28.44 -56.10 11.26
C UNK K 127 29.84 -56.29 11.80
N UNK K 128 30.63 -55.23 11.77
CA UNK K 128 31.93 -55.21 12.42
C UNK K 128 31.96 -53.96 13.27
N UNK K 129 31.96 -54.10 14.58
CA UNK K 129 31.96 -52.90 15.40
C UNK K 129 33.38 -52.39 15.51
N UNK K 130 33.61 -51.11 15.29
CA UNK K 130 34.97 -50.60 15.35
C UNK K 130 35.02 -49.55 16.45
N UNK K 131 35.63 -49.86 17.57
CA UNK K 131 35.79 -48.85 18.59
C UNK K 131 36.92 -47.92 18.19
N UNK K 132 36.79 -46.63 18.48
CA UNK K 132 37.70 -45.69 17.84
C UNK K 132 39.02 -45.53 18.55
N UNK K 133 39.05 -44.90 19.74
CA UNK K 133 40.37 -44.45 20.18
C UNK K 133 40.80 -44.69 21.61
N UNK K 134 39.94 -44.31 22.55
CA UNK K 134 40.28 -44.18 23.98
C UNK K 134 39.78 -45.36 24.77
N UNK K 135 39.93 -46.53 24.15
CA UNK K 135 39.91 -47.85 24.75
C UNK K 135 38.58 -48.34 25.29
N UNK K 136 37.62 -48.56 24.42
CA UNK K 136 36.52 -49.42 24.83
C UNK K 136 36.93 -50.88 24.70
N UNK K 137 36.03 -51.78 25.06
CA UNK K 137 36.14 -53.19 24.70
C UNK K 137 34.72 -53.71 24.66
N UNK K 138 34.26 -54.08 23.48
CA UNK K 138 32.98 -54.74 23.40
C UNK K 138 33.18 -56.21 23.71
N UNK K 139 32.38 -56.76 24.60
CA UNK K 139 32.44 -58.18 24.91
C UNK K 139 31.01 -58.68 24.82
N UNK K 140 30.68 -59.36 23.72
CA UNK K 140 29.31 -59.70 23.40
C UNK K 140 28.71 -60.63 24.43
N UNK K 141 27.40 -60.53 24.64
CA UNK K 141 26.73 -61.24 25.72
C UNK K 141 26.49 -62.68 25.33
N UNK K 142 25.66 -63.38 26.09
CA UNK K 142 25.74 -64.83 26.13
C UNK K 142 25.15 -65.53 24.91
N UNK K 143 23.84 -65.39 24.68
CA UNK K 143 23.17 -66.23 23.70
C UNK K 143 23.43 -65.75 22.26
N UNK K 144 22.96 -66.55 21.30
CA UNK K 144 22.95 -66.26 19.86
C UNK K 144 24.37 -66.06 19.30
N UNK K 145 25.11 -67.17 19.26
CA UNK K 145 26.57 -67.17 19.12
C UNK K 145 27.07 -66.69 17.76
N UNK K 146 27.35 -65.40 17.67
CA UNK K 146 28.38 -64.90 16.78
C UNK K 146 29.74 -65.15 17.41
N UNK K 147 30.83 -64.77 16.75
CA UNK K 147 32.13 -64.98 17.38
C UNK K 147 33.09 -63.88 16.96
N UNK K 148 33.69 -63.20 17.93
CA UNK K 148 34.46 -62.01 17.65
C UNK K 148 35.82 -62.37 17.07
N UNK K 149 36.45 -61.38 16.42
CA UNK K 149 37.84 -61.44 16.01
C UNK K 149 38.38 -60.03 16.14
N UNK K 150 39.32 -59.81 17.05
CA UNK K 150 39.58 -58.48 17.58
C UNK K 150 40.96 -58.00 17.19
N UNK K 151 41.04 -56.91 16.44
CA UNK K 151 42.33 -56.30 16.15
C UNK K 151 42.75 -55.49 17.37
N UNK K 152 43.32 -56.17 18.34
CA UNK K 152 43.61 -55.54 19.62
C UNK K 152 44.79 -54.60 19.51
N UNK K 153 44.68 -53.45 20.15
CA UNK K 153 45.74 -52.45 20.15
C UNK K 153 45.82 -51.88 21.55
N UNK K 154 46.66 -52.49 22.39
CA UNK K 154 46.64 -52.35 23.83
C UNK K 154 46.72 -50.90 24.28
N UNK K 155 46.03 -50.60 25.37
CA UNK K 155 45.89 -49.21 25.81
C UNK K 155 47.23 -48.69 26.27
N UNK K 156 47.62 -47.52 25.76
CA UNK K 156 48.96 -47.00 25.94
C UNK K 156 49.10 -46.25 27.23
N UNK K 157 48.31 -46.59 28.23
CA UNK K 157 48.61 -46.27 29.61
C UNK K 157 49.71 -47.22 30.10
N UNK K 158 49.98 -47.20 31.38
CA UNK K 158 51.23 -47.75 31.87
C UNK K 158 51.19 -49.27 31.99
N UNK K 159 52.17 -49.79 32.68
CA UNK K 159 52.49 -51.21 32.77
C UNK K 159 51.61 -51.94 33.75
N UNK K 160 52.10 -53.09 34.19
CA UNK K 160 51.67 -53.66 35.46
C UNK K 160 51.68 -52.58 36.52
N UNK K 161 50.49 -52.29 37.04
CA UNK K 161 50.30 -51.23 38.03
C UNK K 161 51.07 -51.56 39.29
N UNK K 162 51.66 -50.54 39.89
CA UNK K 162 52.83 -50.72 40.74
C UNK K 162 52.60 -51.49 42.03
N UNK K 163 51.97 -50.89 43.02
CA UNK K 163 51.88 -51.60 44.29
C UNK K 163 50.60 -51.41 45.08
N UNK K 164 49.70 -50.52 44.67
CA UNK K 164 48.58 -50.20 45.53
C UNK K 164 47.39 -49.68 44.74
N UNK K 165 51.61 -71.76 27.32
CA UNK K 165 51.00 -70.60 26.69
C UNK K 165 51.18 -69.38 27.56
N UNK K 166 52.41 -68.90 27.64
CA UNK K 166 52.74 -67.77 28.49
C UNK K 166 52.09 -66.52 27.92
N UNK K 167 50.96 -66.13 28.49
CA UNK K 167 50.21 -65.01 27.96
C UNK K 167 50.90 -63.67 28.23
N UNK K 168 51.82 -63.62 29.20
CA UNK K 168 52.68 -62.47 29.48
C UNK K 168 51.86 -61.22 29.83
N UNK K 169 51.25 -61.28 31.01
CA UNK K 169 50.44 -60.21 31.59
C UNK K 169 49.23 -59.85 30.75
N UNK K 170 48.80 -60.78 29.91
CA UNK K 170 47.40 -61.00 29.66
C UNK K 170 46.85 -62.04 30.60
N UNK K 171 47.74 -62.74 31.30
CA UNK K 171 47.34 -63.63 32.37
C UNK K 171 46.62 -62.87 33.45
N UNK K 172 47.04 -61.64 33.72
CA UNK K 172 46.33 -60.82 34.67
C UNK K 172 44.95 -60.45 34.15
N UNK K 173 44.80 -60.27 32.85
CA UNK K 173 43.48 -59.96 32.31
C UNK K 173 42.55 -61.13 32.46
N UNK K 174 43.02 -62.33 32.09
CA UNK K 174 42.23 -63.52 32.26
C UNK K 174 42.03 -63.87 33.72
N UNK K 175 42.83 -63.30 34.61
CA UNK K 175 42.51 -63.41 36.02
C UNK K 175 41.36 -62.50 36.38
N UNK K 176 41.55 -61.20 36.21
CA UNK K 176 40.65 -60.22 36.80
C UNK K 176 39.30 -60.20 36.12
N UNK K 177 39.21 -60.63 34.88
CA UNK K 177 37.89 -60.86 34.31
C UNK K 177 37.20 -62.00 35.04
N UNK K 178 37.89 -63.12 35.19
CA UNK K 178 37.30 -64.27 35.84
C UNK K 178 37.38 -64.20 37.34
N UNK K 179 37.66 -63.04 37.89
CA UNK K 179 37.45 -62.83 39.30
C UNK K 179 36.38 -61.80 39.57
N UNK K 180 36.25 -60.80 38.70
CA UNK K 180 35.15 -59.87 38.83
C UNK K 180 33.83 -60.53 38.53
N UNK K 181 33.82 -61.46 37.59
CA UNK K 181 32.59 -62.15 37.24
C UNK K 181 32.35 -63.37 38.09
N UNK K 182 33.05 -63.49 39.22
CA UNK K 182 32.79 -64.60 40.12
C UNK K 182 31.44 -64.43 40.78
N UNK K 183 30.77 -65.54 41.01
CA UNK K 183 29.52 -65.52 41.73
C UNK K 183 29.81 -65.54 43.21
N UNK K 184 29.14 -64.66 43.96
CA UNK K 184 29.36 -64.42 45.39
C UNK K 184 30.82 -64.07 45.66
N UNK K 185 31.19 -62.88 45.18
CA UNK K 185 32.50 -62.33 45.44
C UNK K 185 32.76 -62.26 46.93
N UNK K 186 34.03 -62.45 47.30
CA UNK K 186 34.46 -62.83 48.64
C UNK K 186 33.74 -64.11 49.09
N UNK K 187 34.06 -65.18 48.37
CA UNK K 187 33.79 -66.54 48.80
C UNK K 187 35.00 -67.26 49.33
N UNK K 188 36.20 -66.73 49.07
CA UNK K 188 37.51 -67.13 49.60
C UNK K 188 37.99 -68.50 49.15
N UNK K 189 37.20 -69.27 48.43
CA UNK K 189 37.66 -70.50 47.85
C UNK K 189 37.40 -70.53 46.37
N UNK K 190 36.67 -69.56 45.84
CA UNK K 190 36.63 -69.36 44.41
C UNK K 190 37.70 -68.39 43.97
N UNK K 191 38.12 -67.51 44.88
CA UNK K 191 39.23 -66.63 44.58
C UNK K 191 40.49 -67.42 44.34
N UNK K 192 40.70 -68.49 45.10
CA UNK K 192 41.84 -69.35 44.86
C UNK K 192 41.66 -70.20 43.62
N UNK K 193 40.44 -70.35 43.14
CA UNK K 193 40.27 -70.96 41.83
C UNK K 193 40.53 -69.98 40.72
N UNK K 194 40.37 -68.68 40.98
CA UNK K 194 40.63 -67.67 39.96
C UNK K 194 42.12 -67.41 39.84
N UNK K 195 42.76 -67.05 40.94
CA UNK K 195 44.18 -66.72 40.94
C UNK K 195 45.03 -67.98 40.98
N UNK K 196 44.82 -68.84 39.98
CA UNK K 196 45.36 -70.19 40.00
C UNK K 196 46.50 -70.38 39.03
N UNK K 197 46.96 -69.31 38.40
CA UNK K 197 48.20 -69.39 37.64
C UNK K 197 49.05 -68.15 37.80
N UNK K 198 48.64 -67.19 38.61
CA UNK K 198 49.43 -66.00 38.81
C UNK K 198 50.59 -66.30 39.75
N UNK K 199 51.72 -65.67 39.48
CA UNK K 199 52.83 -65.77 40.40
C UNK K 199 52.55 -64.91 41.63
N UNK K 200 53.37 -65.12 42.66
CA UNK K 200 53.11 -64.55 43.98
C UNK K 200 53.19 -63.02 43.99
N UNK K 201 53.96 -62.44 43.09
CA UNK K 201 53.90 -60.99 42.94
C UNK K 201 52.58 -60.57 42.33
N UNK K 202 52.09 -61.35 41.37
CA UNK K 202 50.90 -60.96 40.64
C UNK K 202 49.66 -61.05 41.49
N UNK K 203 49.68 -61.92 42.49
CA UNK K 203 48.54 -62.08 43.39
C UNK K 203 48.29 -60.80 44.17
N UNK K 204 49.33 -60.03 44.41
CA UNK K 204 49.19 -58.77 45.13
C UNK K 204 48.37 -57.78 44.34
N UNK K 205 48.77 -57.50 43.10
CA UNK K 205 48.06 -56.52 42.31
C UNK K 205 46.65 -56.99 41.97
N UNK K 206 46.47 -58.29 41.75
CA UNK K 206 45.13 -58.78 41.42
C UNK K 206 44.21 -58.69 42.63
N UNK K 207 44.65 -59.17 43.79
CA UNK K 207 43.82 -59.12 44.98
C UNK K 207 43.59 -57.70 45.45
N UNK K 208 44.57 -56.83 45.26
CA UNK K 208 44.41 -55.45 45.69
C UNK K 208 43.45 -54.71 44.79
N UNK K 209 43.54 -54.95 43.48
CA UNK K 209 42.59 -54.34 42.57
C UNK K 209 41.19 -54.85 42.83
N UNK K 210 41.06 -56.12 43.23
CA UNK K 210 39.76 -56.62 43.62
C UNK K 210 39.26 -55.94 44.88
N UNK K 211 40.16 -55.69 45.82
CA UNK K 211 39.75 -55.08 47.08
C UNK K 211 39.30 -53.65 46.89
N UNK K 212 40.11 -52.86 46.18
CA UNK K 212 39.74 -51.48 45.93
C UNK K 212 38.53 -51.40 45.00
N UNK K 213 38.36 -52.36 44.11
CA UNK K 213 37.22 -52.31 43.22
C UNK K 213 35.94 -52.63 43.95
N UNK K 214 35.97 -53.61 44.85
CA UNK K 214 34.76 -53.90 45.59
C UNK K 214 34.44 -52.81 46.59
N UNK K 215 35.47 -52.16 47.12
CA UNK K 215 35.21 -51.02 47.99
C UNK K 215 34.69 -49.84 47.22
N UNK K 216 35.07 -49.70 45.96
CA UNK K 216 34.43 -48.69 45.13
C UNK K 216 33.00 -49.07 44.81
N UNK K 217 32.75 -50.36 44.59
CA UNK K 217 31.44 -50.78 44.17
C UNK K 217 30.43 -50.66 45.29
N UNK K 218 30.85 -50.89 46.54
CA UNK K 218 29.93 -50.70 47.65
C UNK K 218 29.56 -49.23 47.80
N UNK K 219 30.53 -48.35 47.58
CA UNK K 219 30.24 -46.93 47.63
C UNK K 219 29.30 -46.53 46.52
N UNK K 220 29.48 -47.12 45.34
CA UNK K 220 28.63 -46.76 44.22
C UNK K 220 27.22 -47.26 44.42
N UNK K 221 27.07 -48.49 44.86
CA UNK K 221 25.74 -49.03 45.03
C UNK K 221 25.04 -48.43 46.23
N UNK K 222 25.77 -47.92 47.20
CA UNK K 222 25.05 -47.24 48.25
C UNK K 222 24.69 -45.83 47.83
N UNK K 223 25.58 -45.14 47.14
CA UNK K 223 25.29 -43.77 46.74
C UNK K 223 24.27 -43.72 45.63
N UNK K 224 24.05 -44.80 44.89
CA UNK K 224 22.94 -44.82 43.95
C UNK K 224 21.63 -44.89 44.71
N UNK K 225 21.49 -45.90 45.54
CA UNK K 225 20.24 -46.15 46.22
C UNK K 225 20.09 -45.37 47.50
N UNK K 226 20.86 -44.29 47.68
CA UNK K 226 20.69 -43.51 48.90
C UNK K 226 19.37 -42.75 48.87
N UNK K 227 19.11 -42.05 47.79
CA UNK K 227 17.88 -41.29 47.66
C UNK K 227 16.89 -42.15 46.87
N UNK K 228 16.36 -43.18 47.50
CA UNK K 228 15.67 -44.21 46.72
C UNK K 228 14.39 -44.78 47.29
N UNK K 229 13.79 -44.17 48.31
CA UNK K 229 12.46 -44.50 48.85
C UNK K 229 12.36 -45.89 49.42
N UNK K 230 13.44 -46.56 49.57
CA UNK K 230 13.53 -47.71 50.42
C UNK K 230 14.69 -47.57 51.38
N UNK K 231 15.80 -47.01 50.93
CA UNK K 231 16.84 -46.59 51.84
C UNK K 231 16.70 -45.14 52.20
N UNK K 232 15.61 -44.51 51.81
CA UNK K 232 15.20 -43.27 52.44
C UNK K 232 14.03 -43.52 53.38
N UNK K 233 13.64 -44.75 53.54
CA UNK K 233 12.52 -45.05 54.41
C UNK K 233 12.91 -45.96 55.54
N UNK K 234 13.74 -46.96 55.29
CA UNK K 234 14.16 -47.83 56.38
C UNK K 234 15.17 -47.16 57.27
N UNK K 235 15.86 -46.15 56.76
CA UNK K 235 16.79 -45.34 57.53
C UNK K 235 16.15 -44.02 57.90
N UNK K 236 14.88 -44.10 58.32
CA UNK K 236 13.81 -43.13 58.14
C UNK K 236 14.22 -41.68 58.34
N UNK K 237 14.08 -40.89 57.28
CA UNK K 237 14.43 -39.50 57.33
C UNK K 237 13.29 -38.73 57.94
N UNK K 238 13.37 -37.41 57.88
CA UNK K 238 12.23 -36.63 58.30
C UNK K 238 11.08 -36.76 57.32
N UNK K 239 11.35 -36.46 56.06
CA UNK K 239 10.38 -36.67 54.99
C UNK K 239 10.59 -38.04 54.35
N UNK K 240 9.63 -38.49 53.53
CA UNK K 240 9.75 -39.85 53.01
C UNK K 240 9.31 -40.05 51.57
N UNK K 241 9.01 -39.01 50.80
CA UNK K 241 8.88 -39.07 49.34
C UNK K 241 7.77 -40.02 48.88
N UNK K 242 6.52 -39.60 49.10
CA UNK K 242 5.39 -40.55 49.03
C UNK K 242 4.25 -40.13 48.12
N UNK K 243 4.48 -39.32 47.11
CA UNK K 243 3.44 -39.08 46.13
C UNK K 243 4.05 -39.14 44.74
N UNK K 244 4.80 -40.20 44.50
CA UNK K 244 5.60 -40.31 43.28
C UNK K 244 4.73 -40.48 42.05
N UNK K 245 3.62 -41.19 42.16
CA UNK K 245 2.97 -41.79 41.00
C UNK K 245 1.54 -41.26 40.84
N UNK K 246 1.34 -40.33 39.92
CA UNK K 246 -0.02 -39.87 39.59
C UNK K 246 -0.03 -39.36 38.15
N UNK K 247 -0.43 -40.22 37.21
CA UNK K 247 -0.26 -39.90 35.79
C UNK K 247 -1.23 -40.73 34.93
N UNK K 248 -0.95 -40.81 33.64
CA UNK K 248 -1.89 -41.24 32.62
C UNK K 248 -1.60 -42.63 32.10
N UNK K 249 -2.64 -43.44 31.95
CA UNK K 249 -2.53 -44.75 31.35
C UNK K 249 -2.97 -44.66 29.89
N UNK K 250 -2.09 -44.11 29.07
CA UNK K 250 -2.39 -43.99 27.65
C UNK K 250 -1.21 -44.47 26.86
N UNK K 251 -1.46 -44.82 25.60
CA UNK K 251 -0.51 -45.58 24.82
C UNK K 251 0.71 -44.77 24.45
N UNK K 252 1.89 -45.32 24.69
CA UNK K 252 3.08 -44.81 24.07
C UNK K 252 3.02 -45.14 22.58
N UNK K 253 3.38 -44.18 21.75
CA UNK K 253 3.11 -44.30 20.32
C UNK K 253 4.10 -45.23 19.66
N UNK K 254 3.62 -46.33 19.12
CA UNK K 254 4.47 -47.28 18.43
C UNK K 254 4.97 -46.70 17.13
N UNK K 255 6.13 -47.17 16.70
CA UNK K 255 6.71 -46.79 15.42
C UNK K 255 7.15 -48.07 14.74
N UNK K 256 6.24 -48.70 14.02
CA UNK K 256 6.55 -49.98 13.40
C UNK K 256 7.47 -49.78 12.21
N UNK K 257 8.56 -50.53 12.16
CA UNK K 257 9.65 -50.16 11.25
C UNK K 257 9.40 -50.62 9.82
N UNK K 258 9.50 -51.93 9.57
CA UNK K 258 9.54 -52.46 8.21
C UNK K 258 9.46 -53.98 8.21
N UNK K 259 9.82 -54.59 7.08
CA UNK K 259 10.31 -55.96 7.08
C UNK K 259 11.82 -56.03 7.27
N UNK K 260 12.41 -54.98 7.83
CA UNK K 260 13.80 -55.00 8.27
C UNK K 260 13.96 -55.62 9.64
N UNK K 261 12.89 -56.05 10.29
CA UNK K 261 13.01 -56.79 11.53
C UNK K 261 13.13 -58.25 11.14
N UNK K 262 14.34 -58.80 11.26
CA UNK K 262 14.57 -60.14 10.76
C UNK K 262 13.91 -61.19 11.62
N UNK K 263 13.54 -62.30 11.00
CA UNK K 263 12.85 -63.38 11.67
C UNK K 263 13.88 -64.21 12.44
N UNK K 264 13.47 -65.39 12.87
CA UNK K 264 14.36 -66.26 13.64
C UNK K 264 14.52 -67.61 12.96
N UNK K 265 14.49 -67.64 11.64
CA UNK K 265 14.60 -68.92 10.93
C UNK K 265 16.05 -69.39 10.88
N UNK K 266 16.88 -68.64 10.15
CA UNK K 266 18.30 -68.91 10.00
C UNK K 266 18.95 -67.63 9.52
N UNK K 267 20.14 -67.74 8.95
CA UNK K 267 20.90 -66.56 8.60
C UNK K 267 20.80 -66.21 7.12
N UNK K 268 21.14 -67.16 6.24
CA UNK K 268 21.41 -67.06 4.80
C UNK K 268 22.73 -66.36 4.52
N UNK K 269 23.39 -65.83 5.54
CA UNK K 269 24.83 -65.52 5.57
C UNK K 269 25.31 -64.58 4.47
N UNK K 270 24.43 -63.70 3.99
CA UNK K 270 24.76 -62.56 3.11
C UNK K 270 25.44 -63.00 1.81
N UNK K 271 24.66 -63.70 1.00
CA UNK K 271 25.17 -64.24 -0.26
C UNK K 271 25.45 -63.10 -1.24
N UNK K 272 26.70 -62.94 -1.62
CA UNK K 272 27.09 -61.99 -2.64
C UNK K 272 27.52 -62.71 -3.90
N UNK K 273 27.68 -61.93 -4.97
CA UNK K 273 28.11 -62.47 -6.25
C UNK K 273 29.56 -62.97 -6.16
N UNK K 274 29.92 -63.81 -7.11
CA UNK K 274 31.26 -64.40 -7.10
C UNK K 274 32.29 -63.39 -7.59
N UNK K 275 33.47 -63.43 -6.97
CA UNK K 275 34.50 -62.43 -7.24
C UNK K 275 35.02 -62.54 -8.66
N UNK K 276 35.03 -63.74 -9.21
CA UNK K 276 35.43 -63.90 -10.61
C UNK K 276 34.42 -63.24 -11.53
N UNK K 277 33.14 -63.38 -11.21
CA UNK K 277 32.11 -62.70 -11.96
C UNK K 277 32.27 -61.20 -11.83
N UNK K 278 32.66 -60.74 -10.65
CA UNK K 278 32.85 -59.31 -10.43
C UNK K 278 34.00 -58.78 -11.25
N UNK K 279 35.12 -59.51 -11.27
CA UNK K 279 36.31 -59.04 -11.98
C UNK K 279 36.08 -59.05 -13.47
N UNK K 280 35.36 -60.06 -13.95
CA UNK K 280 35.05 -60.11 -15.37
C UNK K 280 34.12 -58.97 -15.75
N UNK K 281 33.09 -58.74 -14.94
CA UNK K 281 32.14 -57.68 -15.25
C UNK K 281 32.73 -56.30 -15.09
N UNK K 282 33.80 -56.17 -14.31
CA UNK K 282 34.43 -54.87 -14.19
C UNK K 282 35.41 -54.62 -15.32
N UNK K 283 36.26 -55.61 -15.61
CA UNK K 283 37.25 -55.45 -16.65
C UNK K 283 36.61 -55.32 -18.01
N UNK K 284 35.55 -56.08 -18.25
CA UNK K 284 34.85 -55.97 -19.51
C UNK K 284 34.17 -54.63 -19.65
N UNK K 285 33.60 -54.11 -18.56
CA UNK K 285 32.89 -52.84 -18.65
C UNK K 285 33.85 -51.70 -18.89
N UNK K 286 34.94 -51.67 -18.15
CA UNK K 286 35.90 -50.59 -18.34
C UNK K 286 36.57 -50.69 -19.70
N UNK K 287 36.86 -51.91 -20.15
CA UNK K 287 37.52 -52.07 -21.42
C UNK K 287 36.60 -51.71 -22.57
N UNK K 288 35.32 -52.05 -22.46
CA UNK K 288 34.39 -51.72 -23.52
C UNK K 288 34.13 -50.23 -23.57
N UNK K 289 34.13 -49.57 -22.40
CA UNK K 289 34.02 -48.12 -22.40
C UNK K 289 35.26 -47.48 -23.01
N UNK K 290 36.43 -48.07 -22.76
CA UNK K 290 37.67 -47.56 -23.33
C UNK K 290 37.68 -47.70 -24.84
N UNK K 291 37.38 -48.91 -25.31
CA UNK K 291 37.39 -49.17 -26.75
C UNK K 291 36.23 -48.49 -27.45
N UNK K 292 35.17 -48.14 -26.73
CA UNK K 292 34.12 -47.34 -27.32
C UNK K 292 34.54 -45.89 -27.45
N UNK K 293 35.30 -45.37 -26.49
CA UNK K 293 35.89 -44.05 -26.69
C UNK K 293 36.85 -44.07 -27.86
N UNK K 294 37.64 -45.15 -27.99
CA UNK K 294 38.54 -45.29 -29.12
C UNK K 294 37.81 -45.48 -30.42
N UNK K 295 36.62 -46.08 -30.39
CA UNK K 295 35.86 -46.29 -31.60
C UNK K 295 35.17 -45.01 -32.05
N UNK K 296 34.62 -44.26 -31.09
CA UNK K 296 34.08 -42.94 -31.42
C UNK K 296 35.17 -42.03 -31.92
N UNK K 297 36.38 -42.18 -31.41
CA UNK K 297 37.52 -41.47 -31.95
C UNK K 297 37.97 -42.02 -33.29
N UNK K 298 37.67 -43.30 -33.58
CA UNK K 298 38.11 -43.91 -34.82
C UNK K 298 37.37 -43.38 -36.03
N UNK K 299 36.32 -42.59 -35.84
CA UNK K 299 35.71 -41.86 -36.93
C UNK K 299 36.58 -40.67 -37.28
N UNK L 1 8.24 -25.78 51.51
CA UNK L 1 8.34 -25.28 52.87
C UNK L 1 7.38 -26.01 53.77
N UNK L 2 7.84 -27.03 54.49
CA UNK L 2 9.18 -27.59 54.34
C UNK L 2 9.00 -29.00 53.88
N UNK L 3 7.82 -29.25 53.33
CA UNK L 3 7.47 -30.50 52.69
C UNK L 3 7.52 -30.39 51.18
N UNK L 4 7.54 -29.18 50.64
CA UNK L 4 7.55 -28.98 49.20
C UNK L 4 8.96 -28.78 48.68
N UNK L 5 9.85 -29.71 48.99
CA UNK L 5 11.07 -29.83 48.22
C UNK L 5 10.84 -30.92 47.19
N UNK L 6 11.87 -31.35 46.46
CA UNK L 6 11.64 -32.38 45.46
C UNK L 6 12.89 -33.25 45.32
N UNK L 7 12.91 -34.34 46.07
CA UNK L 7 13.90 -35.35 45.81
C UNK L 7 13.59 -36.03 44.50
N UNK L 8 14.62 -36.43 43.79
CA UNK L 8 14.47 -37.20 42.57
C UNK L 8 14.69 -38.66 42.93
N UNK L 9 13.61 -39.38 43.19
CA UNK L 9 13.71 -40.77 43.63
C UNK L 9 14.19 -41.62 42.46
N UNK L 10 15.36 -42.23 42.58
CA UNK L 10 15.83 -43.18 41.58
C UNK L 10 15.20 -44.52 41.87
N UNK L 11 14.38 -45.00 40.93
CA UNK L 11 13.34 -45.96 41.28
C UNK L 11 13.94 -47.29 41.68
N UNK L 12 13.35 -47.90 42.71
CA UNK L 12 13.75 -49.16 43.29
C UNK L 12 12.61 -50.15 43.10
N UNK L 13 12.71 -51.31 43.74
CA UNK L 13 11.73 -52.37 43.49
C UNK L 13 10.39 -52.14 44.16
N UNK L 14 10.12 -50.93 44.67
CA UNK L 14 8.77 -50.49 44.92
C UNK L 14 8.24 -49.66 43.76
N UNK L 15 8.66 -50.01 42.54
CA UNK L 15 8.13 -49.44 41.32
C UNK L 15 7.61 -50.53 40.40
N UNK L 16 7.13 -51.64 40.94
CA UNK L 16 6.70 -52.75 40.11
C UNK L 16 5.39 -52.42 39.45
N UNK L 17 5.28 -52.71 38.16
CA UNK L 17 4.02 -52.38 37.53
C UNK L 17 3.77 -53.30 36.37
N UNK L 18 2.50 -53.53 36.09
CA UNK L 18 2.16 -54.29 34.90
C UNK L 18 2.48 -53.45 33.68
N UNK L 19 2.93 -54.10 32.61
CA UNK L 19 2.99 -53.50 31.30
C UNK L 19 2.00 -54.27 30.46
N UNK L 20 1.05 -53.59 29.87
CA UNK L 20 0.07 -54.23 29.03
C UNK L 20 0.37 -53.86 27.61
N UNK L 21 0.78 -54.83 26.81
CA UNK L 21 1.20 -54.61 25.44
C UNK L 21 0.24 -55.37 24.57
N UNK L 22 -0.61 -54.66 23.85
CA UNK L 22 -1.51 -55.37 22.94
C UNK L 22 -0.77 -55.63 21.65
N UNK L 23 -0.97 -56.79 21.09
CA UNK L 23 0.08 -57.34 20.25
C UNK L 23 -0.24 -57.50 18.79
N UNK L 24 -1.51 -57.55 18.39
CA UNK L 24 -2.04 -58.11 17.16
C UNK L 24 -1.83 -59.60 17.03
N UNK L 25 -1.38 -60.26 18.08
CA UNK L 25 -1.50 -61.70 18.17
C UNK L 25 -1.77 -62.17 19.58
N UNK L 26 -1.89 -61.26 20.53
CA UNK L 26 -2.13 -61.55 21.94
C UNK L 26 -2.42 -60.24 22.64
N UNK L 27 -2.60 -60.30 23.95
CA UNK L 27 -2.57 -59.11 24.80
C UNK L 27 -1.62 -59.48 25.90
N UNK L 28 -0.34 -59.29 25.68
CA UNK L 28 0.63 -59.75 26.65
C UNK L 28 0.62 -58.80 27.84
N UNK L 29 0.66 -59.35 29.04
CA UNK L 29 0.69 -58.56 30.26
C UNK L 29 1.88 -59.01 31.07
N UNK L 30 2.92 -58.19 31.12
CA UNK L 30 4.22 -58.55 31.66
C UNK L 30 4.49 -57.67 32.86
N UNK L 31 4.73 -58.27 34.02
CA UNK L 31 4.99 -57.48 35.23
C UNK L 31 6.46 -57.09 35.25
N UNK L 32 6.73 -55.80 35.14
CA UNK L 32 8.10 -55.33 35.20
C UNK L 32 8.48 -55.10 36.64
N UNK L 33 9.60 -55.69 37.07
CA UNK L 33 10.12 -55.53 38.42
C UNK L 33 11.61 -55.26 38.31
N UNK L 34 12.09 -54.17 38.91
CA UNK L 34 13.51 -53.83 38.88
C UNK L 34 14.28 -54.79 39.76
N UNK L 35 15.58 -54.83 39.62
CA UNK L 35 16.34 -55.93 40.20
C UNK L 35 17.44 -55.45 41.10
N UNK L 36 17.11 -54.57 42.03
CA UNK L 36 18.12 -53.85 42.81
C UNK L 36 18.48 -54.65 44.04
N UNK L 37 19.40 -55.61 43.88
CA UNK L 37 19.96 -56.42 44.96
C UNK L 37 18.87 -57.10 45.79
N UNK L 38 17.85 -57.62 45.11
CA UNK L 38 16.77 -58.32 45.78
C UNK L 38 17.34 -59.61 46.29
N UNK L 39 17.63 -60.47 45.40
CA UNK L 39 18.82 -61.25 45.62
C UNK L 39 19.66 -61.26 44.37
N UNK L 40 19.03 -61.40 43.20
CA UNK L 40 19.68 -61.38 41.89
C UNK L 40 18.65 -61.45 40.80
N UNK L 41 18.93 -60.79 39.66
CA UNK L 41 18.91 -61.31 38.28
C UNK L 41 19.04 -60.10 37.37
N UNK L 42 19.07 -60.30 36.06
CA UNK L 42 18.77 -59.21 35.14
C UNK L 42 18.14 -59.80 33.91
N UNK L 43 18.00 -58.98 32.87
CA UNK L 43 17.46 -59.47 31.60
C UNK L 43 17.87 -58.48 30.53
N UNK L 44 18.72 -58.91 29.60
CA UNK L 44 19.09 -58.04 28.51
C UNK L 44 18.17 -58.25 27.31
N UNK L 45 18.06 -59.48 26.84
CA UNK L 45 17.11 -59.81 25.79
C UNK L 45 16.23 -60.93 26.30
N UNK L 46 15.00 -60.61 26.67
CA UNK L 46 14.05 -61.64 27.06
C UNK L 46 13.25 -61.93 25.81
N UNK L 47 13.63 -63.00 25.11
CA UNK L 47 12.88 -63.40 23.93
C UNK L 47 11.76 -64.32 24.37
N UNK L 48 10.53 -63.90 24.17
CA UNK L 48 9.38 -64.68 24.57
C UNK L 48 9.12 -65.69 23.47
N UNK L 49 9.58 -66.92 23.66
CA UNK L 49 9.30 -67.97 22.71
C UNK L 49 7.88 -68.47 22.92
N UNK L 50 7.10 -68.48 21.85
CA UNK L 50 5.68 -68.79 21.92
C UNK L 50 5.53 -70.28 21.66
N UNK L 51 5.46 -71.06 22.73
CA UNK L 51 5.48 -72.51 22.59
C UNK L 51 4.19 -73.03 21.99
N UNK L 52 3.05 -72.67 22.56
CA UNK L 52 1.78 -73.18 22.06
C UNK L 52 1.38 -72.61 20.72
N UNK L 53 2.08 -71.60 20.23
CA UNK L 53 1.81 -71.11 18.90
C UNK L 53 2.22 -72.13 17.86
N UNK L 54 3.32 -72.83 18.11
CA UNK L 54 3.82 -73.75 17.12
C UNK L 54 2.93 -74.97 16.98
N UNK L 55 2.19 -75.34 18.03
CA UNK L 55 1.23 -76.42 17.87
C UNK L 55 0.04 -76.00 17.03
N UNK L 56 -0.40 -74.75 17.18
CA UNK L 56 -1.44 -74.26 16.31
C UNK L 56 -0.94 -74.04 14.90
N UNK L 57 0.37 -73.96 14.72
CA UNK L 57 0.90 -74.04 13.36
C UNK L 57 0.90 -75.46 12.87
N UNK L 58 1.20 -76.41 13.76
CA UNK L 58 1.38 -77.79 13.34
C UNK L 58 0.07 -78.44 12.96
N UNK L 59 -1.01 -78.11 13.65
CA UNK L 59 -2.31 -78.64 13.26
C UNK L 59 -2.74 -78.10 11.91
N UNK L 60 -2.51 -76.82 11.67
CA UNK L 60 -2.85 -76.25 10.38
C UNK L 60 -1.90 -76.70 9.29
N UNK L 61 -0.74 -77.25 9.63
CA UNK L 61 0.07 -77.90 8.63
C UNK L 61 -0.35 -79.33 8.39
N UNK L 62 -0.87 -80.01 9.41
CA UNK L 62 -1.30 -81.39 9.25
C UNK L 62 -2.59 -81.49 8.46
N UNK L 63 -3.55 -80.60 8.75
CA UNK L 63 -4.79 -80.65 8.00
C UNK L 63 -4.64 -80.17 6.58
N UNK L 64 -3.62 -79.38 6.29
CA UNK L 64 -3.38 -78.94 4.93
C UNK L 64 -2.38 -79.81 4.20
N UNK L 65 -1.68 -80.69 4.90
CA UNK L 65 -0.91 -81.73 4.21
C UNK L 65 -1.79 -82.91 3.83
N UNK L 66 -2.91 -83.10 4.52
CA UNK L 66 -3.91 -84.08 4.13
C UNK L 66 -4.98 -83.47 3.24
N UNK L 67 -5.69 -82.47 3.73
CA UNK L 67 -6.76 -81.85 2.95
C UNK L 67 -6.32 -80.50 2.40
N UNK L 68 -15.77 -15.62 67.27
CA UNK L 68 -15.09 -16.92 67.30
C UNK L 68 -14.50 -17.20 65.94
N UNK L 69 -14.90 -16.41 64.95
CA UNK L 69 -14.47 -16.66 63.58
C UNK L 69 -13.01 -16.35 63.38
N UNK L 70 -12.43 -15.52 64.23
CA UNK L 70 -10.98 -15.41 64.29
C UNK L 70 -10.42 -16.21 65.44
N UNK L 71 -11.24 -17.05 66.06
CA UNK L 71 -10.77 -17.95 67.10
C UNK L 71 -10.87 -19.40 66.67
N UNK L 72 -12.06 -19.85 66.28
CA UNK L 72 -12.27 -21.26 66.01
C UNK L 72 -11.56 -21.70 64.76
N UNK L 73 -11.53 -20.82 63.75
CA UNK L 73 -10.80 -21.14 62.54
C UNK L 73 -9.31 -21.25 62.82
N UNK L 74 -8.80 -20.42 63.73
CA UNK L 74 -7.37 -20.48 64.06
C UNK L 74 -7.05 -21.74 64.84
N UNK L 75 -7.93 -22.12 65.75
CA UNK L 75 -7.70 -23.34 66.52
C UNK L 75 -7.80 -24.56 65.62
N UNK L 76 -8.74 -24.56 64.67
CA UNK L 76 -8.85 -25.67 63.76
C UNK L 76 -7.69 -25.69 62.79
N UNK L 77 -7.15 -24.52 62.45
CA UNK L 77 -6.00 -24.48 61.56
C UNK L 77 -4.78 -25.05 62.24
N UNK L 78 -4.55 -24.67 63.49
CA UNK L 78 -3.43 -25.22 64.22
C UNK L 78 -3.63 -26.70 64.51
N UNK L 79 -4.86 -27.14 64.77
CA UNK L 79 -5.08 -28.56 65.00
C UNK L 79 -4.96 -29.35 63.72
N UNK L 80 -5.28 -28.73 62.61
CA UNK L 80 -5.13 -29.39 61.31
C UNK L 80 -3.67 -29.58 60.99
N UNK L 81 -2.88 -28.51 61.08
CA UNK L 81 -1.46 -28.65 60.82
C UNK L 81 -0.76 -29.45 61.90
N UNK L 82 -1.35 -29.56 63.08
CA UNK L 82 -0.80 -30.36 64.14
C UNK L 82 -1.06 -31.84 63.96
N UNK L 83 -2.25 -32.20 63.49
CA UNK L 83 -2.45 -33.60 63.17
C UNK L 83 -1.82 -33.94 61.83
N UNK L 84 -1.60 -32.95 60.98
CA UNK L 84 -1.00 -33.21 59.69
C UNK L 84 0.47 -33.52 59.78
N UNK L 85 1.12 -33.17 60.88
CA UNK L 85 2.40 -33.79 61.22
C UNK L 85 2.12 -35.06 62.03
N UNK L 86 1.56 -36.04 61.33
CA UNK L 86 1.21 -37.31 61.94
C UNK L 86 2.46 -38.09 62.24
N UNK L 87 3.18 -38.51 61.20
CA UNK L 87 4.51 -39.10 61.30
C UNK L 87 5.15 -39.17 59.93
N UNK L 88 6.36 -38.61 59.78
CA UNK L 88 7.14 -38.63 58.54
C UNK L 88 6.36 -38.00 57.39
N UNK L 89 6.18 -36.69 57.49
CA UNK L 89 5.41 -35.94 56.50
C UNK L 89 6.02 -36.08 55.11
N UNK L 90 5.19 -35.93 54.09
CA UNK L 90 5.55 -36.38 52.75
C UNK L 90 6.24 -35.29 51.95
N UNK L 91 7.30 -35.66 51.23
CA UNK L 91 7.97 -34.77 50.28
C UNK L 91 7.53 -35.11 48.87
N UNK L 92 7.14 -34.11 48.10
CA UNK L 92 6.67 -34.37 46.74
C UNK L 92 7.86 -34.66 45.83
N UNK L 93 7.82 -35.78 45.13
CA UNK L 93 8.98 -36.31 44.41
C UNK L 93 8.84 -36.15 42.89
N UNK L 94 9.85 -36.66 42.16
CA UNK L 94 9.88 -36.64 40.70
C UNK L 94 10.81 -37.76 40.23
N UNK L 95 10.31 -38.69 39.43
CA UNK L 95 10.90 -40.02 39.36
C UNK L 95 12.14 -40.06 38.46
N UNK L 96 12.63 -41.28 38.19
CA UNK L 96 13.77 -41.52 37.30
C UNK L 96 13.70 -42.96 36.83
N UNK L 97 13.80 -43.16 35.51
CA UNK L 97 13.33 -44.37 34.86
C UNK L 97 14.25 -45.58 35.04
N UNK L 98 13.65 -46.76 35.04
CA UNK L 98 14.29 -47.95 34.52
C UNK L 98 13.81 -48.09 33.11
N UNK L 99 14.34 -49.04 32.35
CA UNK L 99 14.17 -48.93 30.91
C UNK L 99 13.66 -50.23 30.32
N UNK L 100 12.98 -50.14 29.16
CA UNK L 100 12.64 -51.32 28.38
C UNK L 100 12.32 -50.99 26.93
N UNK L 101 13.06 -51.50 25.96
CA UNK L 101 12.61 -51.38 24.58
C UNK L 101 11.80 -52.63 24.26
N UNK L 102 10.49 -52.53 24.29
CA UNK L 102 9.69 -53.67 23.87
C UNK L 102 9.75 -53.70 22.36
N UNK L 103 10.52 -54.62 21.80
CA UNK L 103 10.95 -54.51 20.42
C UNK L 103 10.47 -55.69 19.62
N UNK L 104 9.22 -55.64 19.23
CA UNK L 104 8.71 -56.47 18.16
C UNK L 104 8.65 -55.69 16.88
N UNK L 105 8.27 -54.42 16.98
CA UNK L 105 8.57 -53.47 15.92
C UNK L 105 9.46 -52.37 16.45
N UNK L 106 8.97 -51.51 17.33
CA UNK L 106 9.73 -50.62 18.20
C UNK L 106 8.72 -50.01 19.17
N UNK L 107 8.91 -50.13 20.48
CA UNK L 107 8.19 -49.26 21.40
C UNK L 107 9.09 -49.07 22.59
N UNK L 108 9.50 -47.86 22.85
CA UNK L 108 10.50 -47.61 23.85
C UNK L 108 9.82 -47.13 25.11
N UNK L 109 9.55 -48.03 26.03
CA UNK L 109 8.88 -47.68 27.27
C UNK L 109 9.93 -47.58 28.36
N UNK L 110 10.29 -46.38 28.76
CA UNK L 110 11.04 -46.23 29.98
C UNK L 110 10.03 -46.13 31.12
N UNK L 111 10.09 -47.05 32.08
CA UNK L 111 9.10 -47.11 33.15
C UNK L 111 9.37 -45.96 34.12
N UNK L 112 9.15 -44.75 33.62
CA UNK L 112 9.55 -43.51 34.27
C UNK L 112 8.42 -42.91 35.06
N UNK L 113 7.31 -42.76 34.44
CA UNK L 113 6.17 -42.22 35.09
C UNK L 113 5.50 -43.20 36.04
N UNK L 114 6.09 -44.35 36.40
CA UNK L 114 5.40 -45.54 36.91
C UNK L 114 4.19 -45.85 36.04
N UNK L 115 4.35 -45.62 34.74
CA UNK L 115 3.31 -45.72 33.74
C UNK L 115 3.14 -47.19 33.39
N UNK L 116 2.24 -47.49 32.48
CA UNK L 116 2.06 -48.90 32.25
C UNK L 116 1.79 -49.34 30.83
N UNK L 117 1.36 -48.51 29.90
CA UNK L 117 0.61 -49.06 28.78
C UNK L 117 1.36 -48.99 27.46
N UNK L 118 1.11 -49.95 26.58
CA UNK L 118 1.51 -49.85 25.18
C UNK L 118 0.46 -50.61 24.39
N UNK L 119 -0.46 -49.90 23.79
CA UNK L 119 -1.62 -50.51 23.17
C UNK L 119 -1.38 -50.61 21.67
N UNK L 120 -1.45 -51.82 21.14
CA UNK L 120 -1.40 -52.16 19.71
C UNK L 120 -0.03 -51.93 19.09
N UNK L 121 1.05 -52.31 19.77
CA UNK L 121 2.27 -52.63 19.06
C UNK L 121 2.01 -53.85 18.19
N UNK L 122 2.55 -53.86 17.00
CA UNK L 122 2.15 -54.84 15.99
C UNK L 122 3.18 -55.94 15.87
N UNK L 123 2.93 -57.07 16.54
CA UNK L 123 3.86 -58.19 16.49
C UNK L 123 3.65 -58.93 15.18
N UNK L 124 4.30 -58.46 14.12
CA UNK L 124 4.31 -59.22 12.88
C UNK L 124 5.10 -60.51 13.05
N UNK L 125 6.37 -60.39 13.37
CA UNK L 125 7.12 -61.50 13.93
C UNK L 125 6.80 -61.59 15.42
N UNK L 126 7.50 -62.43 16.15
CA UNK L 126 7.14 -62.53 17.54
C UNK L 126 7.79 -61.40 18.33
N UNK L 127 7.26 -61.15 19.51
CA UNK L 127 7.76 -60.08 20.35
C UNK L 127 8.91 -60.61 21.17
N UNK L 128 9.97 -59.82 21.25
CA UNK L 128 11.08 -60.09 22.14
C UNK L 128 11.32 -58.80 22.91
N UNK L 129 11.06 -58.78 24.19
CA UNK L 129 11.26 -57.55 24.92
C UNK L 129 12.72 -57.45 25.30
N UNK L 130 13.36 -56.32 25.04
CA UNK L 130 14.77 -56.20 25.35
C UNK L 130 14.93 -55.10 26.38
N UNK L 131 15.22 -55.43 27.62
CA UNK L 131 15.49 -54.38 28.59
C UNK L 131 16.89 -53.87 28.38
N UNK L 132 17.10 -52.58 28.55
CA UNK L 132 18.35 -52.00 28.05
C UNK L 132 19.52 -52.13 29.02
N UNK L 133 19.51 -51.41 30.15
CA UNK L 133 20.80 -51.31 30.82
C UNK L 133 20.87 -51.48 32.32
N UNK L 134 20.02 -50.77 33.05
CA UNK L 134 20.12 -50.57 34.50
C UNK L 134 19.14 -51.46 35.25
N UNK L 135 19.05 -52.68 34.74
CA UNK L 135 18.53 -53.86 35.40
C UNK L 135 17.04 -53.89 35.67
N UNK L 136 16.22 -53.94 34.64
CA UNK L 136 14.87 -54.40 34.87
C UNK L 136 14.84 -55.91 34.91
N UNK L 137 13.67 -56.48 35.13
CA UNK L 137 13.41 -57.89 34.89
C UNK L 137 11.93 -57.99 34.58
N UNK L 138 11.59 -58.36 33.36
CA UNK L 138 10.21 -58.63 33.05
C UNK L 138 9.91 -60.05 33.48
N UNK L 139 8.82 -60.24 34.22
CA UNK L 139 8.40 -61.58 34.62
C UNK L 139 6.93 -61.66 34.27
N UNK L 140 6.62 -62.34 33.16
CA UNK L 140 5.29 -62.32 32.59
C UNK L 140 4.27 -62.91 33.53
N UNK L 141 3.02 -62.42 33.45
CA UNK L 141 1.99 -62.79 34.41
C UNK L 141 1.41 -64.14 34.06
N UNK L 142 0.27 -64.47 34.67
CA UNK L 142 -0.10 -65.87 34.83
C UNK L 142 -0.63 -66.52 33.54
N UNK L 143 -1.77 -66.04 33.04
CA UNK L 143 -2.47 -66.78 31.99
C UNK L 143 -1.83 -66.56 30.62
N UNK L 144 -2.34 -67.29 29.63
CA UNK L 144 -2.00 -67.19 28.20
C UNK L 144 -0.50 -67.47 27.94
N UNK L 145 -0.14 -68.75 28.12
CA UNK L 145 1.26 -69.17 28.28
C UNK L 145 2.12 -69.02 27.03
N UNK L 146 2.79 -67.87 26.93
CA UNK L 146 4.06 -67.78 26.24
C UNK L 146 5.14 -68.34 27.16
N UNK L 147 6.40 -68.36 26.73
CA UNK L 147 7.44 -68.86 27.61
C UNK L 147 8.74 -68.14 27.34
N UNK L 148 9.33 -67.55 28.38
CA UNK L 148 10.47 -66.65 28.19
C UNK L 148 11.73 -67.45 27.92
N UNK L 149 12.73 -66.76 27.36
CA UNK L 149 14.10 -67.26 27.25
C UNK L 149 15.00 -66.05 27.41
N UNK L 150 15.78 -66.00 28.48
CA UNK L 150 16.32 -64.75 28.96
C UNK L 150 17.84 -64.73 28.85
N UNK L 151 18.37 -63.80 28.07
CA UNK L 151 19.82 -63.61 28.02
C UNK L 151 20.23 -62.81 29.24
N UNK L 152 20.39 -63.52 30.36
CA UNK L 152 20.62 -62.84 31.63
C UNK L 152 22.02 -62.28 31.70
N UNK L 153 22.15 -61.09 32.24
CA UNK L 153 23.45 -60.44 32.40
C UNK L 153 23.44 -59.74 33.74
N UNK L 154 23.89 -60.47 34.77
CA UNK L 154 23.64 -60.15 36.18
C UNK L 154 24.08 -58.75 36.53
N UNK L 155 23.32 -58.12 37.44
CA UNK L 155 23.52 -56.73 37.76
C UNK L 155 24.85 -56.55 38.46
N UNK L 156 25.66 -55.60 37.96
CA UNK L 156 27.05 -55.46 38.40
C UNK L 156 27.17 -54.63 39.64
N UNK L 157 26.14 -54.62 40.47
CA UNK L 157 26.27 -54.25 41.86
C UNK L 157 26.93 -55.40 42.62
N UNK L 158 26.96 -55.29 43.93
CA UNK L 158 27.87 -56.11 44.71
C UNK L 158 27.35 -57.53 44.90
N UNK L 159 27.99 -58.23 45.82
CA UNK L 159 27.85 -59.65 46.06
C UNK L 159 26.62 -59.99 46.87
N UNK L 160 26.66 -61.17 47.47
CA UNK L 160 25.85 -61.44 48.64
C UNK L 160 25.99 -60.29 49.62
N UNK L 161 24.88 -59.61 49.87
CA UNK L 161 24.85 -58.44 50.72
C UNK L 161 25.22 -58.81 52.14
N UNK L 162 25.99 -57.93 52.78
CA UNK L 162 26.87 -58.33 53.87
C UNK L 162 26.20 -58.85 55.13
N UNK L 163 25.59 -57.98 55.93
CA UNK L 163 25.07 -58.48 57.19
C UNK L 163 23.79 -57.85 57.68
N UNK L 164 23.29 -56.80 57.04
CA UNK L 164 22.17 -56.07 57.63
C UNK L 164 21.36 -55.34 56.58
N UNK L 165 21.84 -79.62 41.78
CA UNK L 165 21.73 -78.42 40.97
C UNK L 165 22.11 -77.21 41.79
N UNK L 166 23.40 -77.08 42.09
CA UNK L 166 23.89 -76.00 42.93
C UNK L 166 23.75 -74.69 42.16
N UNK L 167 22.72 -73.94 42.45
CA UNK L 167 22.45 -72.72 41.71
C UNK L 167 23.44 -71.61 42.04
N UNK L 168 24.14 -71.70 43.18
CA UNK L 168 25.24 -70.82 43.56
C UNK L 168 24.79 -69.36 43.64
N UNK L 169 23.99 -69.10 44.67
CA UNK L 169 23.44 -67.78 45.01
C UNK L 169 22.56 -67.21 43.92
N UNK L 170 22.04 -68.07 43.06
CA UNK L 170 20.71 -67.90 42.54
C UNK L 170 19.70 -68.63 43.41
N UNK L 171 20.21 -69.47 44.32
CA UNK L 171 19.36 -70.08 45.33
C UNK L 171 18.72 -69.02 46.20
N UNK L 172 19.45 -67.94 46.47
CA UNK L 172 18.85 -66.85 47.20
C UNK L 172 17.77 -66.16 46.39
N UNK L 173 17.91 -66.10 45.06
CA UNK L 173 16.87 -65.50 44.24
C UNK L 173 15.62 -66.34 44.28
N UNK L 174 15.77 -67.65 44.07
CA UNK L 174 14.63 -68.54 44.16
C UNK L 174 14.07 -68.64 45.57
N UNK L 175 14.84 -68.23 46.56
CA UNK L 175 14.25 -68.07 47.88
C UNK L 175 13.38 -66.83 47.93
N UNK L 176 13.99 -65.67 47.73
CA UNK L 176 13.32 -64.42 48.06
C UNK L 176 12.20 -64.09 47.12
N UNK L 177 12.20 -64.64 45.91
CA UNK L 177 11.00 -64.54 45.10
C UNK L 177 9.88 -65.35 45.72
N UNK L 178 10.16 -66.59 46.08
CA UNK L 178 9.14 -67.44 46.67
C UNK L 178 8.97 -67.21 48.15
N UNK L 179 9.48 -66.13 48.67
CA UNK L 179 9.09 -65.70 50.00
C UNK L 179 8.35 -64.39 49.97
N UNK L 180 8.69 -63.51 49.03
CA UNK L 180 7.91 -62.28 48.89
C UNK L 180 6.53 -62.58 48.35
N UNK L 181 6.42 -63.58 47.49
CA UNK L 181 5.12 -63.94 46.93
C UNK L 181 4.38 -64.93 47.79
N UNK L 182 4.78 -65.09 49.05
CA UNK L 182 4.06 -65.98 49.94
C UNK L 182 2.71 -65.36 50.29
N UNK L 183 1.71 -66.20 50.44
CA UNK L 183 0.41 -65.74 50.88
C UNK L 183 0.42 -65.66 52.38
N UNK L 184 -0.08 -64.54 52.92
CA UNK L 184 -0.07 -64.22 54.35
C UNK L 184 1.36 -64.26 54.90
N UNK L 185 2.15 -63.29 54.43
CA UNK L 185 3.50 -63.10 54.93
C UNK L 185 3.49 -62.94 56.44
N UNK L 186 4.55 -63.43 57.07
CA UNK L 186 4.59 -63.75 58.49
C UNK L 186 3.47 -64.72 58.85
N UNK L 187 3.58 -65.91 58.28
CA UNK L 187 2.83 -67.06 58.72
C UNK L 187 3.67 -68.04 59.54
N UNK L 188 4.98 -67.91 59.50
CA UNK L 188 5.99 -68.58 60.32
C UNK L 188 6.12 -70.08 60.06
N UNK L 189 5.27 -70.66 59.23
CA UNK L 189 5.44 -72.05 58.85
C UNK L 189 5.45 -72.18 57.35
N UNK L 190 5.15 -71.11 56.62
CA UNK L 190 5.44 -71.08 55.21
C UNK L 190 6.81 -70.50 54.94
N UNK L 191 7.31 -69.68 55.86
CA UNK L 191 8.66 -69.19 55.74
C UNK L 191 9.65 -70.34 55.83
N UNK L 192 9.38 -71.32 56.68
CA UNK L 192 10.24 -72.48 56.72
C UNK L 192 10.04 -73.39 55.53
N UNK L 193 8.94 -73.26 54.81
CA UNK L 193 8.83 -73.93 53.54
C UNK L 193 9.58 -73.21 52.45
N UNK L 194 9.77 -71.90 52.60
CA UNK L 194 10.49 -71.13 51.59
C UNK L 194 11.98 -71.32 51.76
N UNK L 195 12.49 -71.02 52.96
CA UNK L 195 13.93 -71.10 53.22
C UNK L 195 14.34 -72.55 53.52
N UNK L 196 14.06 -73.42 52.56
CA UNK L 196 14.16 -74.86 52.76
C UNK L 196 15.35 -75.47 52.06
N UNK L 197 16.22 -74.67 51.49
CA UNK L 197 17.49 -75.17 51.00
C UNK L 197 18.64 -74.21 51.26
N UNK L 198 18.38 -73.08 51.91
CA UNK L 198 19.45 -72.15 52.19
C UNK L 198 20.27 -72.66 53.37
N UNK L 199 21.57 -72.40 53.31
CA UNK L 199 22.41 -72.70 54.45
C UNK L 199 22.19 -71.67 55.54
N UNK L 200 22.71 -71.97 56.72
CA UNK L 200 22.40 -71.19 57.92
C UNK L 200 22.92 -69.76 57.86
N UNK L 201 23.98 -69.52 57.11
CA UNK L 201 24.39 -68.15 56.86
C UNK L 201 23.40 -67.45 55.97
N UNK L 202 22.87 -68.17 54.97
CA UNK L 202 22.02 -67.55 53.98
C UNK L 202 20.66 -67.19 54.57
N UNK L 203 20.24 -67.91 55.60
CA UNK L 203 18.96 -67.62 56.25
C UNK L 203 18.97 -66.24 56.88
N UNK L 204 20.14 -65.78 57.30
CA UNK L 204 20.25 -64.45 57.89
C UNK L 204 19.92 -63.37 56.88
N UNK L 205 20.60 -63.37 55.74
CA UNK L 205 20.38 -62.33 54.76
C UNK L 205 18.99 -62.42 54.17
N UNK L 206 18.46 -63.63 53.99
CA UNK L 206 17.12 -63.76 53.43
C UNK L 206 16.05 -63.27 54.40
N UNK L 207 16.12 -63.72 55.66
CA UNK L 207 15.13 -63.30 56.64
C UNK L 207 15.28 -61.82 56.97
N UNK L 208 16.49 -61.29 56.94
CA UNK L 208 16.66 -59.87 57.24
C UNK L 208 16.16 -59.00 56.11
N UNK L 209 16.40 -59.42 54.87
CA UNK L 209 15.86 -58.68 53.74
C UNK L 209 14.34 -58.73 53.73
N UNK L 210 13.78 -59.86 54.17
CA UNK L 210 12.33 -59.93 54.31
C UNK L 210 11.85 -58.99 55.40
N UNK L 211 12.60 -58.89 56.50
CA UNK L 211 12.16 -58.04 57.61
C UNK L 211 12.21 -56.58 57.22
N UNK L 212 13.33 -56.14 56.66
CA UNK L 212 13.44 -54.75 56.25
C UNK L 212 12.51 -54.44 55.10
N UNK L 213 12.21 -55.42 54.25
CA UNK L 213 11.33 -55.16 53.14
C UNK L 213 9.89 -55.02 53.61
N UNK L 214 9.46 -55.85 54.54
CA UNK L 214 8.10 -55.70 55.03
C UNK L 214 7.96 -54.44 55.88
N UNK L 215 9.02 -54.05 56.58
CA UNK L 215 8.96 -52.80 57.30
C UNK L 215 8.97 -51.61 56.36
N UNK L 216 9.59 -51.74 55.20
CA UNK L 216 9.46 -50.69 54.20
C UNK L 216 8.06 -50.69 53.61
N UNK L 217 7.48 -51.88 53.43
CA UNK L 217 6.18 -51.97 52.77
C UNK L 217 5.08 -51.42 53.65
N UNK L 218 5.17 -51.61 54.96
CA UNK L 218 4.17 -51.03 55.85
C UNK L 218 4.24 -49.52 55.83
N UNK L 219 5.46 -48.98 55.76
CA UNK L 219 5.60 -47.54 55.67
C UNK L 219 5.04 -47.03 54.36
N UNK L 220 5.24 -47.78 53.27
CA UNK L 220 4.77 -47.33 51.98
C UNK L 220 3.26 -47.37 51.92
N UNK L 221 2.66 -48.46 52.39
CA UNK L 221 1.22 -48.57 52.32
C UNK L 221 0.54 -47.67 53.31
N UNK L 222 1.20 -47.27 54.38
CA UNK L 222 0.54 -46.30 55.20
C UNK L 222 0.69 -44.90 54.63
N UNK L 223 1.86 -44.58 54.10
CA UNK L 223 2.06 -43.25 53.58
C UNK L 223 1.34 -43.03 52.27
N UNK L 224 0.94 -44.10 51.58
CA UNK L 224 0.07 -43.91 50.43
C UNK L 224 -1.32 -43.52 50.89
N UNK L 225 -1.91 -44.35 51.74
CA UNK L 225 -3.28 -44.14 52.16
C UNK L 225 -3.40 -43.20 53.34
N UNK L 226 -2.40 -42.37 53.60
CA UNK L 226 -2.56 -41.44 54.71
C UNK L 226 -3.55 -40.36 54.36
N UNK L 227 -3.39 -39.74 53.20
CA UNK L 227 -4.29 -38.68 52.77
C UNK L 227 -5.32 -39.31 51.85
N UNK L 228 -6.25 -40.08 52.43
CA UNK L 228 -7.06 -40.95 51.58
C UNK L 228 -8.54 -41.05 51.89
N UNK L 229 -9.10 -40.20 52.73
CA UNK L 229 -10.54 -40.06 53.00
C UNK L 229 -11.16 -41.30 53.62
N UNK L 230 -10.37 -42.21 54.03
CA UNK L 230 -10.78 -43.24 54.96
C UNK L 230 -9.83 -43.32 56.13
N UNK L 231 -8.55 -43.15 55.89
CA UNK L 231 -7.60 -42.94 56.96
C UNK L 231 -7.36 -41.48 57.20
N UNK L 232 -8.13 -40.62 56.56
CA UNK L 232 -8.26 -39.25 57.01
C UNK L 232 -9.59 -39.04 57.69
N UNK L 233 -10.36 -40.08 57.84
CA UNK L 233 -11.65 -39.95 58.49
C UNK L 233 -11.77 -40.79 59.72
N UNK L 234 -11.25 -42.01 59.71
CA UNK L 234 -11.32 -42.82 60.91
C UNK L 234 -10.32 -42.37 61.95
N UNK L 235 -9.29 -41.65 61.53
CA UNK L 235 -8.31 -41.06 62.43
C UNK L 235 -8.59 -39.58 62.59
N UNK L 236 -9.87 -39.25 62.74
CA UNK L 236 -10.55 -38.04 62.27
C UNK L 236 -9.76 -36.76 62.46
N UNK L 237 -9.47 -36.10 61.36
CA UNK L 237 -8.73 -34.86 61.39
C UNK L 237 -9.69 -33.73 61.71
N UNK L 238 -9.21 -32.51 61.58
CA UNK L 238 -10.11 -31.38 61.72
C UNK L 238 -11.04 -31.30 60.52
N UNK L 239 -10.49 -31.25 59.32
CA UNK L 239 -11.26 -31.30 58.09
C UNK L 239 -11.35 -32.74 57.61
N UNK L 240 -12.24 -32.99 56.64
CA UNK L 240 -12.44 -34.37 56.23
C UNK L 240 -12.65 -34.63 54.74
N UNK L 241 -12.49 -33.64 53.87
CA UNK L 241 -12.35 -33.83 52.42
C UNK L 241 -13.59 -34.47 51.79
N UNK L 242 -14.68 -33.71 51.71
CA UNK L 242 -16.01 -34.29 51.48
C UNK L 242 -16.79 -33.69 50.32
N UNK L 243 -16.15 -33.10 49.34
CA UNK L 243 -16.87 -32.70 48.14
C UNK L 243 -16.08 -33.09 46.92
N UNK L 244 -15.63 -34.34 46.90
CA UNK L 244 -14.71 -34.82 45.89
C UNK L 244 -15.34 -34.88 44.51
N UNK L 245 -16.62 -35.23 44.43
CA UNK L 245 -17.20 -35.75 43.21
C UNK L 245 -18.34 -34.87 42.73
N UNK L 246 -18.09 -34.02 41.72
CA UNK L 246 -19.17 -33.24 41.10
C UNK L 246 -18.76 -32.94 39.65
N UNK L 247 -19.22 -33.74 38.70
CA UNK L 247 -18.71 -33.66 37.33
C UNK L 247 -19.72 -34.28 36.34
N UNK L 248 -19.24 -34.59 35.14
CA UNK L 248 -20.07 -34.85 33.98
C UNK L 248 -20.12 -36.33 33.62
N UNK L 249 -21.30 -36.82 33.30
CA UNK L 249 -21.49 -38.17 32.81
C UNK L 249 -21.61 -38.12 31.30
N UNK L 250 -20.48 -37.95 30.64
CA UNK L 250 -20.46 -37.91 29.20
C UNK L 250 -19.35 -38.81 28.69
N UNK L 251 -19.47 -39.22 27.43
CA UNK L 251 -18.66 -40.31 26.92
C UNK L 251 -17.22 -39.92 26.76
N UNK L 252 -16.32 -40.75 27.26
CA UNK L 252 -14.93 -40.67 26.88
C UNK L 252 -14.81 -41.14 25.43
N UNK L 253 -14.03 -40.43 24.64
CA UNK L 253 -14.08 -40.63 23.20
C UNK L 253 -13.29 -41.88 22.82
N UNK L 254 -14.00 -42.85 22.25
CA UNK L 254 -13.36 -44.09 21.82
C UNK L 254 -12.48 -43.83 20.61
N UNK L 255 -11.46 -44.65 20.47
CA UNK L 255 -10.56 -44.60 19.31
C UNK L 255 -10.40 -46.02 18.81
N UNK L 256 -11.32 -46.46 17.96
CA UNK L 256 -11.30 -47.84 17.50
C UNK L 256 -10.17 -48.05 16.52
N UNK L 257 -9.36 -49.08 16.73
CA UNK L 257 -8.07 -49.14 16.05
C UNK L 257 -8.18 -49.69 14.63
N UNK L 258 -8.44 -50.98 14.50
CA UNK L 258 -8.30 -51.66 13.21
C UNK L 258 -8.83 -53.08 13.28
N UNK L 259 -8.47 -53.90 12.30
CA UNK L 259 -8.43 -55.35 12.47
C UNK L 259 -7.07 -55.81 12.98
N UNK L 260 -6.30 -54.92 13.59
CA UNK L 260 -5.09 -55.28 14.31
C UNK L 260 -5.37 -55.74 15.72
N UNK L 261 -6.62 -55.77 16.15
CA UNK L 261 -6.96 -56.37 17.43
C UNK L 261 -7.21 -57.84 17.17
N UNK L 262 -6.28 -58.69 17.57
CA UNK L 262 -6.35 -60.09 17.20
C UNK L 262 -7.44 -60.81 17.98
N UNK L 263 -8.01 -61.82 17.35
CA UNK L 263 -9.11 -62.58 17.94
C UNK L 263 -8.54 -63.57 18.94
N UNK L 264 -9.35 -64.53 19.36
CA UNK L 264 -8.92 -65.51 20.34
C UNK L 264 -9.04 -66.93 19.80
N UNK L 265 -8.84 -67.10 18.49
CA UNK L 265 -8.99 -68.43 17.91
C UNK L 265 -7.76 -69.29 18.19
N UNK L 266 -6.64 -68.91 17.60
CA UNK L 266 -5.37 -69.58 17.77
C UNK L 266 -4.28 -68.60 17.35
N UNK L 267 -3.10 -69.11 17.07
CA UNK L 267 -1.96 -68.25 16.80
C UNK L 267 -1.68 -68.05 15.31
N UNK L 268 -1.49 -69.15 14.58
CA UNK L 268 -0.94 -69.31 13.23
C UNK L 268 0.55 -69.05 13.18
N UNK L 269 1.14 -68.61 14.29
CA UNK L 269 2.58 -68.72 14.60
C UNK L 269 3.51 -68.09 13.57
N UNK L 270 3.04 -67.06 12.86
CA UNK L 270 3.84 -66.17 12.00
C UNK L 270 4.58 -66.94 10.91
N UNK L 271 3.80 -67.48 9.99
CA UNK L 271 4.33 -68.29 8.90
C UNK L 271 5.12 -67.40 7.94
N UNK L 272 6.41 -67.64 7.81
CA UNK L 272 7.24 -66.96 6.84
C UNK L 272 7.65 -67.93 5.74
N UNK L 273 8.22 -67.37 4.68
CA UNK L 273 8.70 -68.15 3.57
C UNK L 273 9.89 -69.02 3.98
N UNK L 274 10.16 -70.04 3.19
CA UNK L 274 11.23 -70.96 3.50
C UNK L 274 12.59 -70.35 3.18
N UNK L 275 13.57 -70.66 4.03
CA UNK L 275 14.87 -70.02 3.92
C UNK L 275 15.60 -70.45 2.66
N UNK L 276 15.34 -71.67 2.19
CA UNK L 276 15.93 -72.09 0.92
C UNK L 276 15.35 -71.28 -0.24
N UNK L 277 14.04 -71.03 -0.18
CA UNK L 277 13.41 -70.17 -1.17
C UNK L 277 13.99 -68.77 -1.11
N UNK L 278 14.28 -68.30 0.10
CA UNK L 278 14.84 -66.97 0.27
C UNK L 278 16.23 -66.89 -0.32
N UNK L 279 17.07 -67.90 -0.05
CA UNK L 279 18.45 -67.86 -0.54
C UNK L 279 18.50 -68.00 -2.04
N UNK L 280 17.61 -68.82 -2.60
CA UNK L 280 17.55 -68.94 -4.04
C UNK L 280 17.11 -67.64 -4.68
N UNK L 281 16.06 -67.03 -4.12
CA UNK L 281 15.54 -65.80 -4.67
C UNK L 281 16.49 -64.63 -4.46
N UNK L 282 17.39 -64.72 -3.50
CA UNK L 282 18.34 -63.63 -3.33
C UNK L 282 19.53 -63.81 -4.25
N UNK L 283 20.09 -65.02 -4.29
CA UNK L 283 21.26 -65.28 -5.11
C UNK L 283 20.93 -65.13 -6.58
N UNK L 284 19.76 -65.59 -6.99
CA UNK L 284 19.36 -65.44 -8.38
C UNK L 284 19.16 -63.99 -8.73
N UNK L 285 18.58 -63.21 -7.82
CA UNK L 285 18.31 -61.80 -8.13
C UNK L 285 19.60 -61.01 -8.24
N UNK L 286 20.49 -61.20 -7.29
CA UNK L 286 21.75 -60.48 -7.33
C UNK L 286 22.60 -60.92 -8.51
N UNK L 287 22.59 -62.22 -8.82
CA UNK L 287 23.39 -62.70 -9.93
C UNK L 287 22.84 -62.24 -11.25
N UNK L 288 21.51 -62.19 -11.39
CA UNK L 288 20.93 -61.73 -12.63
C UNK L 288 21.16 -60.25 -12.83
N UNK L 289 21.14 -59.48 -11.74
CA UNK L 289 21.47 -58.07 -11.84
C UNK L 289 22.94 -57.88 -12.22
N UNK L 290 23.82 -58.74 -11.69
CA UNK L 290 25.23 -58.67 -12.02
C UNK L 290 25.46 -58.99 -13.48
N UNK L 291 24.91 -60.12 -13.94
CA UNK L 291 25.10 -60.54 -15.32
C UNK L 291 24.35 -59.65 -16.29
N UNK L 292 23.32 -58.93 -15.82
CA UNK L 292 22.69 -57.94 -16.66
C UNK L 292 23.53 -56.69 -16.80
N UNK L 293 24.24 -56.30 -15.74
CA UNK L 293 25.22 -55.24 -15.88
C UNK L 293 26.33 -55.66 -16.83
N UNK L 294 26.76 -56.92 -16.73
CA UNK L 294 27.77 -57.45 -17.62
C UNK L 294 27.26 -57.58 -19.05
N UNK L 295 25.97 -57.83 -19.22
CA UNK L 295 25.41 -57.94 -20.56
C UNK L 295 25.23 -56.59 -21.20
N UNK L 296 24.77 -55.60 -20.44
CA UNK L 296 24.71 -54.24 -20.94
C UNK L 296 26.10 -53.73 -21.27
N UNK L 297 27.09 -54.15 -20.50
CA UNK L 297 28.47 -53.86 -20.83
C UNK L 297 28.97 -54.68 -22.02
N UNK L 298 28.36 -55.83 -22.28
CA UNK L 298 28.82 -56.70 -23.37
C UNK L 298 28.50 -56.12 -24.74
N UNK L 299 27.72 -55.04 -24.81
CA UNK L 299 27.56 -54.31 -26.05
C UNK L 299 28.80 -53.46 -26.30
N UNK M 1 -9.35 -20.77 53.57
CA UNK M 1 -9.35 -20.17 54.88
C UNK M 1 -10.64 -20.49 55.61
N UNK M 2 -10.64 -21.50 56.46
CA UNK M 2 -9.53 -22.43 56.64
C UNK M 2 -10.04 -23.78 56.23
N UNK M 3 -11.12 -23.74 55.47
CA UNK M 3 -11.69 -24.90 54.83
C UNK M 3 -11.35 -24.99 53.37
N UNK M 4 -10.87 -23.92 52.77
CA UNK M 4 -10.53 -23.90 51.35
C UNK M 4 -9.06 -24.17 51.13
N UNK M 5 -8.55 -25.26 51.68
CA UNK M 5 -7.30 -25.81 51.19
C UNK M 5 -7.67 -26.92 50.20
N UNK M 6 -6.69 -27.69 49.73
CA UNK M 6 -7.03 -28.73 48.77
C UNK M 6 -6.11 -29.92 48.94
N UNK M 7 -6.54 -30.87 49.74
CA UNK M 7 -5.87 -32.15 49.76
C UNK M 7 -6.13 -32.87 48.45
N UNK M 8 -5.15 -33.62 48.00
CA UNK M 8 -5.30 -34.47 46.83
C UNK M 8 -5.60 -35.87 47.30
N UNK M 9 -6.87 -36.22 47.37
CA UNK M 9 -7.27 -37.52 47.90
C UNK M 9 -6.87 -38.60 46.91
N UNK M 10 -5.98 -39.49 47.32
CA UNK M 10 -5.64 -40.65 46.50
C UNK M 10 -6.69 -41.71 46.72
N UNK M 11 -7.42 -42.06 45.67
CA UNK M 11 -8.75 -42.63 45.84
C UNK M 11 -8.66 -44.02 46.44
N UNK M 12 -9.58 -44.31 47.35
CA UNK M 12 -9.70 -45.57 48.08
C UNK M 12 -11.02 -46.21 47.71
N UNK M 13 -11.40 -47.26 48.43
CA UNK M 13 -12.58 -48.02 48.04
C UNK M 13 -13.88 -47.34 48.41
N UNK M 14 -13.87 -46.07 48.77
CA UNK M 14 -15.06 -45.22 48.70
C UNK M 14 -15.08 -44.43 47.42
N UNK M 15 -14.57 -45.02 46.34
CA UNK M 15 -14.69 -44.48 45.00
C UNK M 15 -15.32 -45.48 44.06
N UNK M 16 -16.20 -46.33 44.55
CA UNK M 16 -16.78 -47.36 43.72
C UNK M 16 -17.80 -46.76 42.77
N UNK M 17 -17.75 -47.16 41.52
CA UNK M 17 -18.71 -46.56 40.61
C UNK M 17 -19.02 -47.51 39.49
N UNK M 18 -20.22 -47.41 38.95
CA UNK M 18 -20.55 -48.16 37.77
C UNK M 18 -19.78 -47.61 36.59
N UNK M 19 -19.36 -48.48 35.68
CA UNK M 19 -18.88 -48.07 34.38
C UNK M 19 -19.88 -48.63 33.41
N UNK M 20 -20.46 -47.78 32.59
CA UNK M 20 -21.42 -48.22 31.60
C UNK M 20 -20.76 -48.11 30.25
N UNK M 21 -20.52 -49.26 29.62
CA UNK M 21 -19.82 -49.32 28.36
C UNK M 21 -20.78 -49.89 27.34
N UNK M 22 -21.24 -49.05 26.43
CA UNK M 22 -22.12 -49.56 25.39
C UNK M 22 -21.28 -50.18 24.30
N UNK M 23 -21.71 -51.31 23.78
CA UNK M 23 -20.74 -52.22 23.22
C UNK M 23 -20.82 -52.45 21.73
N UNK M 24 -21.95 -52.18 21.08
CA UNK M 24 -22.39 -52.71 19.79
C UNK M 24 -22.61 -54.22 19.82
N UNK M 25 -22.58 -54.85 20.96
CA UNK M 25 -23.14 -56.18 21.11
C UNK M 25 -23.80 -56.37 22.46
N UNK M 26 -23.81 -55.36 23.31
CA UNK M 26 -24.39 -55.41 24.65
C UNK M 26 -24.38 -53.99 25.19
N UNK M 27 -24.80 -53.85 26.44
CA UNK M 27 -24.58 -52.62 27.20
C UNK M 27 -24.00 -53.11 28.51
N UNK M 28 -22.70 -53.31 28.55
CA UNK M 28 -22.11 -53.91 29.72
C UNK M 28 -22.06 -52.87 30.82
N UNK M 29 -22.40 -53.26 32.03
CA UNK M 29 -22.36 -52.36 33.18
C UNK M 29 -21.52 -53.04 34.25
N UNK M 30 -20.31 -52.54 34.46
CA UNK M 30 -19.31 -53.19 35.29
C UNK M 30 -19.00 -52.28 36.47
N UNK M 31 -19.18 -52.79 37.69
CA UNK M 31 -18.91 -51.97 38.87
C UNK M 31 -17.44 -52.01 39.17
N UNK M 32 -16.77 -50.88 39.05
CA UNK M 32 -15.36 -50.80 39.36
C UNK M 32 -15.19 -50.52 40.85
N UNK M 33 -14.40 -51.34 41.52
CA UNK M 33 -14.11 -51.18 42.95
C UNK M 33 -12.61 -51.35 43.14
N UNK M 34 -11.95 -50.37 43.75
CA UNK M 34 -10.52 -50.46 44.00
C UNK M 34 -10.25 -51.49 45.08
N UNK M 35 -9.01 -51.90 45.22
CA UNK M 35 -8.73 -53.10 46.00
C UNK M 35 -7.72 -52.84 47.10
N UNK M 36 -7.94 -51.79 47.88
CA UNK M 36 -6.92 -51.32 48.80
C UNK M 36 -7.04 -52.03 50.13
N UNK M 37 -6.44 -53.21 50.22
CA UNK M 37 -6.36 -54.02 51.45
C UNK M 37 -7.73 -54.27 52.07
N UNK M 38 -8.72 -54.56 51.21
CA UNK M 38 -10.06 -54.83 51.68
C UNK M 38 -10.00 -56.16 52.37
N UNK M 39 -9.83 -57.17 51.63
CA UNK M 39 -8.99 -58.22 52.13
C UNK M 39 -7.98 -58.62 51.09
N UNK M 40 -8.40 -58.71 49.82
CA UNK M 40 -7.55 -59.03 48.68
C UNK M 40 -8.32 -58.94 47.40
N UNK M 41 -7.66 -58.52 46.32
CA UNK M 41 -7.58 -59.17 44.99
C UNK M 41 -6.94 -58.17 44.06
N UNK M 42 -6.73 -58.52 42.80
CA UNK M 42 -6.51 -57.51 41.78
C UNK M 42 -7.06 -58.04 40.47
N UNK M 43 -6.76 -57.34 39.38
CA UNK M 43 -7.17 -57.80 38.06
C UNK M 43 -6.30 -57.11 37.04
N UNK M 44 -5.45 -57.86 36.34
CA UNK M 44 -4.65 -57.26 35.30
C UNK M 44 -5.36 -57.35 33.96
N UNK M 45 -5.74 -58.54 33.53
CA UNK M 45 -6.54 -58.71 32.32
C UNK M 45 -7.79 -59.46 32.72
N UNK M 46 -8.92 -58.78 32.79
CA UNK M 46 -10.19 -59.44 33.04
C UNK M 46 -10.79 -59.64 31.67
N UNK M 47 -10.64 -60.85 31.13
CA UNK M 47 -11.24 -61.17 29.85
C UNK M 47 -12.65 -61.67 30.10
N UNK M 48 -13.63 -60.94 29.61
CA UNK M 48 -15.02 -61.31 29.81
C UNK M 48 -15.35 -62.34 28.75
N UNK M 49 -15.34 -63.61 29.10
CA UNK M 49 -15.74 -64.66 28.18
C UNK M 49 -17.25 -64.70 28.11
N UNK M 50 -17.79 -64.62 26.90
CA UNK M 50 -19.22 -64.51 26.69
C UNK M 50 -19.76 -65.91 26.50
N UNK M 51 -20.26 -66.50 27.57
CA UNK M 51 -20.66 -67.91 27.53
C UNK M 51 -21.91 -68.11 26.69
N UNK M 52 -22.97 -67.38 27.00
CA UNK M 52 -24.22 -67.57 26.28
C UNK M 52 -24.18 -67.07 24.85
N UNK M 53 -23.13 -66.36 24.46
CA UNK M 53 -22.99 -65.98 23.07
C UNK M 53 -22.72 -67.19 22.21
N UNK M 54 -21.95 -68.14 22.72
CA UNK M 54 -21.58 -69.27 21.91
C UNK M 54 -22.76 -70.19 21.66
N UNK M 55 -23.75 -70.21 22.55
CA UNK M 55 -24.94 -71.00 22.27
C UNK M 55 -25.78 -70.36 21.17
N UNK M 56 -25.84 -69.04 21.15
CA UNK M 56 -26.51 -68.37 20.04
C UNK M 56 -25.70 -68.47 18.77
N UNK M 57 -24.43 -68.78 18.86
CA UNK M 57 -23.72 -69.16 17.65
C UNK M 57 -24.05 -70.58 17.25
N UNK M 58 -24.22 -71.46 18.24
CA UNK M 58 -24.38 -72.88 17.95
C UNK M 58 -25.74 -73.17 17.33
N UNK M 59 -26.77 -72.47 17.77
CA UNK M 59 -28.08 -72.66 17.15
C UNK M 59 -28.08 -72.17 15.72
N UNK M 60 -27.43 -71.06 15.45
CA UNK M 60 -27.34 -70.57 14.09
C UNK M 60 -26.39 -71.39 13.24
N UNK M 61 -25.53 -72.20 13.86
CA UNK M 61 -24.78 -73.17 13.08
C UNK M 61 -25.56 -74.44 12.85
N UNK M 62 -26.43 -74.81 13.77
CA UNK M 62 -27.21 -76.03 13.61
C UNK M 62 -28.32 -75.85 12.58
N UNK M 63 -29.00 -74.72 12.60
CA UNK M 63 -30.05 -74.49 11.63
C UNK M 63 -29.50 -74.24 10.23
N UNK M 64 -28.25 -73.80 10.12
CA UNK M 64 -27.65 -73.61 8.82
C UNK M 64 -26.85 -74.82 8.36
N UNK M 65 -26.57 -75.78 9.25
CA UNK M 65 -26.05 -77.06 8.80
C UNK M 65 -27.14 -77.98 8.32
N UNK M 66 -28.38 -77.76 8.76
CA UNK M 66 -29.54 -78.46 8.23
C UNK M 66 -30.19 -77.68 7.09
N UNK M 67 -30.65 -76.47 7.37
CA UNK M 67 -31.32 -75.68 6.35
C UNK M 67 -30.41 -74.58 5.82
N UNK M 68 -31.66 -2.49 63.32
CA UNK M 68 -31.42 -3.89 63.57
C UNK M 68 -30.71 -4.50 62.39
N UNK M 69 -30.67 -3.75 61.29
CA UNK M 69 -30.09 -4.27 60.06
C UNK M 69 -28.58 -4.40 60.14
N UNK M 70 -27.95 -3.68 61.06
CA UNK M 70 -26.57 -3.97 61.41
C UNK M 70 -26.50 -4.77 62.69
N UNK M 71 -27.64 -5.26 63.18
CA UNK M 71 -27.65 -6.13 64.34
C UNK M 71 -28.10 -7.53 63.98
N UNK M 72 -29.28 -7.67 63.38
CA UNK M 72 -29.85 -8.98 63.17
C UNK M 72 -29.08 -9.74 62.11
N UNK M 73 -28.61 -9.04 61.08
CA UNK M 73 -27.80 -9.68 60.08
C UNK M 73 -26.49 -10.18 60.67
N UNK M 74 -25.93 -9.43 61.62
CA UNK M 74 -24.68 -9.85 62.24
C UNK M 74 -24.89 -11.04 63.14
N UNK M 75 -26.00 -11.06 63.88
CA UNK M 75 -26.29 -12.19 64.74
C UNK M 75 -26.58 -13.44 63.91
N UNK M 76 -27.28 -13.27 62.79
CA UNK M 76 -27.55 -14.41 61.94
C UNK M 76 -26.30 -14.87 61.24
N UNK M 77 -25.39 -13.95 60.94
CA UNK M 77 -24.13 -14.34 60.32
C UNK M 77 -23.28 -15.15 61.27
N UNK M 78 -23.18 -14.70 62.52
CA UNK M 78 -22.42 -15.46 63.50
C UNK M 78 -23.11 -16.78 63.83
N UNK M 79 -24.44 -16.82 63.85
CA UNK M 79 -25.11 -18.08 64.12
C UNK M 79 -25.01 -19.01 62.94
N UNK M 80 -24.92 -18.46 61.73
CA UNK M 80 -24.74 -19.29 60.56
C UNK M 80 -23.37 -19.91 60.55
N UNK M 81 -22.33 -19.11 60.74
CA UNK M 81 -20.99 -19.68 60.80
C UNK M 81 -20.77 -20.50 62.04
N UNK M 82 -21.58 -20.30 63.08
CA UNK M 82 -21.49 -21.10 64.28
C UNK M 82 -22.16 -22.45 64.14
N UNK M 83 -23.28 -22.53 63.45
CA UNK M 83 -23.83 -23.82 63.17
C UNK M 83 -23.10 -24.49 62.02
N UNK M 84 -22.45 -23.72 61.17
CA UNK M 84 -21.72 -24.29 60.05
C UNK M 84 -20.45 -24.98 60.48
N UNK M 85 -19.94 -24.70 61.67
CA UNK M 85 -18.99 -25.61 62.29
C UNK M 85 -19.77 -26.64 63.10
N UNK M 86 -20.47 -27.50 62.36
CA UNK M 86 -21.30 -28.54 62.96
C UNK M 86 -20.41 -29.61 63.56
N UNK M 87 -19.67 -30.32 62.72
CA UNK M 87 -18.63 -31.25 63.12
C UNK M 87 -17.79 -31.66 61.92
N UNK M 88 -16.47 -31.48 62.00
CA UNK M 88 -15.51 -31.86 60.96
C UNK M 88 -15.85 -31.18 59.64
N UNK M 89 -15.64 -29.88 59.62
CA UNK M 89 -15.95 -29.06 58.45
C UNK M 89 -15.17 -29.53 57.23
N UNK M 90 -15.71 -29.28 56.05
CA UNK M 90 -15.28 -29.97 54.84
C UNK M 90 -14.15 -29.21 54.14
N UNK M 91 -13.14 -29.95 53.69
CA UNK M 91 -12.08 -29.40 52.85
C UNK M 91 -12.33 -29.77 51.39
N UNK M 92 -12.25 -28.80 50.50
CA UNK M 92 -12.52 -29.08 49.10
C UNK M 92 -11.33 -29.78 48.47
N UNK M 93 -11.58 -30.93 47.84
CA UNK M 93 -10.52 -31.85 47.41
C UNK M 93 -10.32 -31.84 45.90
N UNK M 94 -9.39 -32.69 45.42
CA UNK M 94 -9.10 -32.86 44.00
C UNK M 94 -8.47 -34.23 43.81
N UNK M 95 -9.07 -35.08 42.98
CA UNK M 95 -8.91 -36.51 43.11
C UNK M 95 -7.60 -37.01 42.49
N UNK M 96 -7.45 -38.33 42.40
CA UNK M 96 -6.30 -39.00 41.79
C UNK M 96 -6.70 -40.41 41.39
N UNK M 97 -6.43 -40.79 40.15
CA UNK M 97 -7.11 -41.88 39.48
C UNK M 97 -6.64 -43.25 39.92
N UNK M 98 -7.56 -44.22 39.87
CA UNK M 98 -7.22 -45.60 39.57
C UNK M 98 -7.46 -45.76 38.09
N UNK M 99 -7.11 -46.89 37.52
CA UNK M 99 -6.97 -46.92 36.08
C UNK M 99 -7.73 -48.09 35.46
N UNK M 100 -8.14 -47.95 34.19
CA UNK M 100 -8.66 -49.08 33.43
C UNK M 100 -8.59 -48.83 31.92
N UNK M 101 -7.87 -49.63 31.16
CA UNK M 101 -8.01 -49.56 29.71
C UNK M 101 -9.07 -50.57 29.31
N UNK M 102 -10.28 -50.10 29.04
CA UNK M 102 -11.30 -51.00 28.53
C UNK M 102 -10.97 -51.23 27.08
N UNK M 103 -10.43 -52.38 26.76
CA UNK M 103 -9.74 -52.56 25.49
C UNK M 103 -10.39 -53.65 24.68
N UNK M 104 -11.48 -53.30 24.04
CA UNK M 104 -12.01 -54.06 22.93
C UNK M 104 -11.61 -53.45 21.62
N UNK M 105 -11.60 -52.13 21.56
CA UNK M 105 -10.84 -51.43 20.54
C UNK M 105 -9.76 -50.57 21.17
N UNK M 106 -10.14 -49.50 21.89
CA UNK M 106 -9.32 -48.78 22.84
C UNK M 106 -10.25 -47.80 23.54
N UNK M 107 -10.35 -47.82 24.86
CA UNK M 107 -10.94 -46.67 25.55
C UNK M 107 -10.25 -46.61 26.90
N UNK M 108 -9.56 -45.53 27.16
CA UNK M 108 -8.71 -45.46 28.33
C UNK M 108 -9.45 -44.66 29.39
N UNK M 109 -10.15 -45.34 30.28
CA UNK M 109 -10.88 -44.67 31.34
C UNK M 109 -10.07 -44.74 32.62
N UNK M 110 -9.46 -43.66 33.01
CA UNK M 110 -8.92 -43.57 34.35
C UNK M 110 -10.04 -43.06 35.23
N UNK M 111 -10.44 -43.84 36.24
CA UNK M 111 -11.58 -43.49 37.10
C UNK M 111 -11.16 -42.35 38.02
N UNK M 112 -10.91 -41.20 37.42
CA UNK M 112 -10.28 -40.06 38.06
C UNK M 112 -11.31 -39.08 38.56
N UNK M 113 -12.20 -38.69 37.71
CA UNK M 113 -13.22 -37.78 38.09
C UNK M 113 -14.32 -38.42 38.93
N UNK M 114 -14.17 -39.64 39.46
CA UNK M 114 -15.26 -40.51 39.89
C UNK M 114 -16.33 -40.57 38.80
N UNK M 115 -15.87 -40.55 37.55
CA UNK M 115 -16.70 -40.47 36.38
C UNK M 115 -17.23 -41.87 36.08
N UNK M 116 -18.00 -42.00 35.02
CA UNK M 116 -18.54 -43.32 34.84
C UNK M 116 -18.67 -43.84 33.43
N UNK M 117 -18.66 -43.04 32.39
CA UNK M 117 -19.31 -43.47 31.17
C UNK M 117 -18.35 -43.78 30.03
N UNK M 118 -18.72 -44.72 29.17
CA UNK M 118 -18.05 -44.90 27.89
C UNK M 118 -19.12 -45.43 26.94
N UNK M 119 -19.65 -44.56 26.11
CA UNK M 119 -20.81 -44.89 25.31
C UNK M 119 -20.34 -45.23 23.91
N UNK M 120 -20.68 -46.43 23.44
CA UNK M 120 -20.47 -46.93 22.08
C UNK M 120 -19.00 -47.16 21.74
N UNK M 121 -18.24 -47.76 22.65
CA UNK M 121 -17.06 -48.49 22.24
C UNK M 121 -17.51 -49.68 21.41
N UNK M 122 -16.79 -49.99 20.36
CA UNK M 122 -17.28 -50.91 19.35
C UNK M 122 -16.62 -52.28 19.51
N UNK M 123 -17.30 -53.20 20.17
CA UNK M 123 -16.76 -54.54 20.38
C UNK M 123 -16.95 -55.34 19.11
N UNK M 124 -16.00 -55.19 18.19
CA UNK M 124 -16.00 -56.07 17.02
C UNK M 124 -15.68 -57.50 17.43
N UNK M 125 -14.50 -57.70 18.00
CA UNK M 125 -14.23 -58.90 18.77
C UNK M 125 -14.84 -58.73 20.15
N UNK M 126 -14.57 -59.64 21.06
CA UNK M 126 -15.19 -59.47 22.36
C UNK M 126 -14.39 -58.48 23.19
N UNK M 127 -15.02 -57.96 24.21
CA UNK M 127 -14.38 -56.99 25.08
C UNK M 127 -13.61 -57.71 26.15
N UNK M 128 -12.40 -57.24 26.41
CA UNK M 128 -11.60 -57.71 27.52
C UNK M 128 -11.13 -56.47 28.24
N UNK M 129 -11.61 -56.21 29.45
CA UNK M 129 -11.19 -55.01 30.12
C UNK M 129 -9.86 -55.28 30.79
N UNK M 130 -8.87 -54.42 30.61
CA UNK M 130 -7.57 -54.67 31.21
C UNK M 130 -7.27 -53.54 32.17
N UNK M 131 -7.33 -53.80 33.46
CA UNK M 131 -6.95 -52.76 34.40
C UNK M 131 -5.43 -52.69 34.46
N UNK M 132 -4.89 -51.49 34.59
CA UNK M 132 -3.46 -51.36 34.34
C UNK M 132 -2.58 -51.70 35.54
N UNK M 133 -2.58 -50.88 36.59
CA UNK M 133 -1.46 -51.07 37.52
C UNK M 133 -1.71 -51.07 39.00
N UNK M 134 -2.44 -50.06 39.49
CA UNK M 134 -2.54 -49.73 40.92
C UNK M 134 -3.86 -50.21 41.50
N UNK M 135 -4.22 -51.42 41.05
CA UNK M 135 -5.19 -52.31 41.65
C UNK M 135 -6.64 -51.89 41.61
N UNK M 136 -7.23 -51.82 40.44
CA UNK M 136 -8.67 -51.86 40.40
C UNK M 136 -9.16 -53.28 40.53
N UNK M 137 -10.47 -53.46 40.53
CA UNK M 137 -11.09 -54.77 40.33
C UNK M 137 -12.45 -54.48 39.72
N UNK M 138 -12.66 -54.88 38.48
CA UNK M 138 -13.97 -54.79 37.90
C UNK M 138 -14.76 -56.00 38.35
N UNK M 139 -15.97 -55.79 38.85
CA UNK M 139 -16.84 -56.90 39.24
C UNK M 139 -18.17 -56.61 38.59
N UNK M 140 -18.47 -57.30 37.49
CA UNK M 140 -19.61 -56.96 36.64
C UNK M 140 -20.92 -57.14 37.38
N UNK M 141 -21.91 -56.33 37.01
CA UNK M 141 -23.16 -56.27 37.75
C UNK M 141 -24.05 -57.44 37.38
N UNK M 142 -25.32 -57.36 37.76
CA UNK M 142 -26.12 -58.58 37.91
C UNK M 142 -26.58 -59.19 36.59
N UNK M 143 -27.41 -58.47 35.83
CA UNK M 143 -28.09 -59.10 34.70
C UNK M 143 -27.18 -59.23 33.48
N UNK M 144 -27.70 -59.91 32.46
CA UNK M 144 -27.08 -60.08 31.13
C UNK M 144 -25.73 -60.79 31.20
N UNK M 145 -25.80 -62.08 31.53
CA UNK M 145 -24.65 -62.86 32.00
C UNK M 145 -23.57 -63.11 30.96
N UNK M 146 -22.58 -62.23 30.92
CA UNK M 146 -21.24 -62.58 30.52
C UNK M 146 -20.56 -63.30 31.68
N UNK M 147 -19.30 -63.72 31.51
CA UNK M 147 -18.64 -64.39 32.63
C UNK M 147 -17.15 -64.10 32.58
N UNK M 148 -16.62 -63.57 33.68
CA UNK M 148 -15.26 -63.08 33.69
C UNK M 148 -14.26 -64.22 33.74
N UNK M 149 -13.01 -63.91 33.37
CA UNK M 149 -11.87 -64.79 33.58
C UNK M 149 -10.69 -63.87 33.84
N UNK M 150 -10.13 -63.92 35.04
CA UNK M 150 -9.34 -62.82 35.56
C UNK M 150 -7.90 -63.23 35.76
N UNK M 151 -6.97 -62.60 35.05
CA UNK M 151 -5.55 -62.83 35.30
C UNK M 151 -5.15 -62.04 36.53
N UNK M 152 -5.42 -62.62 37.70
CA UNK M 152 -5.23 -61.91 38.94
C UNK M 152 -3.76 -61.76 39.28
N UNK M 153 -3.39 -60.58 39.76
CA UNK M 153 -2.01 -60.31 40.15
C UNK M 153 -2.05 -59.49 41.42
N UNK M 154 -2.03 -60.18 42.57
CA UNK M 154 -2.43 -59.65 43.86
C UNK M 154 -1.65 -58.39 44.22
N UNK M 155 -2.34 -57.48 44.90
CA UNK M 155 -1.80 -56.17 45.18
C UNK M 155 -0.62 -56.29 46.12
N UNK M 156 0.50 -55.68 45.76
CA UNK M 156 1.76 -55.89 46.46
C UNK M 156 1.90 -54.98 47.65
N UNK M 157 0.79 -54.58 48.24
CA UNK M 157 0.77 -54.10 49.60
C UNK M 157 0.90 -55.28 50.55
N UNK M 158 0.72 -55.04 51.83
CA UNK M 158 1.18 -55.98 52.83
C UNK M 158 0.24 -57.17 52.99
N UNK M 159 0.47 -57.90 54.06
CA UNK M 159 -0.14 -59.19 54.35
C UNK M 159 -1.54 -59.07 54.91
N UNK M 160 -1.96 -60.13 55.57
CA UNK M 160 -3.01 -60.02 56.57
C UNK M 160 -2.71 -58.85 57.48
N UNK M 161 -3.60 -57.87 57.44
CA UNK M 161 -3.44 -56.63 58.20
C UNK M 161 -3.45 -56.94 59.69
N UNK M 162 -2.60 -56.24 60.43
CA UNK M 162 -2.09 -56.74 61.70
C UNK M 162 -3.11 -56.89 62.81
N UNK M 163 -3.55 -55.80 63.42
CA UNK M 163 -4.43 -55.99 64.57
C UNK M 163 -5.52 -54.95 64.74
N UNK M 164 -5.56 -53.90 63.96
CA UNK M 164 -6.49 -52.81 64.25
C UNK M 164 -6.84 -52.02 63.01
N UNK M 165 -10.96 -77.02 50.11
CA UNK M 165 -10.55 -75.94 49.22
C UNK M 165 -9.99 -74.79 50.03
N UNK M 166 -8.80 -75.01 50.58
CA UNK M 166 -8.17 -74.01 51.43
C UNK M 166 -7.77 -72.83 50.57
N UNK M 167 -8.57 -71.78 50.60
CA UNK M 167 -8.31 -70.63 49.76
C UNK M 167 -7.11 -69.82 50.22
N UNK M 168 -6.70 -69.96 51.48
CA UNK M 168 -5.47 -69.38 52.03
C UNK M 168 -5.47 -67.87 51.93
N UNK M 169 -6.34 -67.26 52.74
CA UNK M 169 -6.51 -65.82 52.90
C UNK M 169 -6.96 -65.15 51.60
N UNK M 170 -7.55 -65.92 50.71
CA UNK M 170 -8.66 -65.46 49.91
C UNK M 170 -9.97 -65.76 50.60
N UNK M 171 -9.92 -66.59 51.64
CA UNK M 171 -11.07 -66.82 52.49
C UNK M 171 -11.52 -65.53 53.13
N UNK M 172 -10.56 -64.67 53.48
CA UNK M 172 -10.93 -63.37 54.01
C UNK M 172 -11.59 -62.51 52.95
N UNK M 173 -11.20 -62.66 51.68
CA UNK M 173 -11.84 -61.88 50.64
C UNK M 173 -13.27 -62.32 50.45
N UNK M 174 -13.49 -63.63 50.37
CA UNK M 174 -14.84 -64.16 50.27
C UNK M 174 -15.64 -63.93 51.53
N UNK M 175 -14.98 -63.63 52.63
CA UNK M 175 -15.73 -63.16 53.79
C UNK M 175 -16.18 -61.74 53.58
N UNK M 176 -15.23 -60.82 53.44
CA UNK M 176 -15.54 -59.41 53.56
C UNK M 176 -16.32 -58.88 52.38
N UNK M 177 -16.26 -59.55 51.23
CA UNK M 177 -17.20 -59.22 50.18
C UNK M 177 -18.61 -59.60 50.60
N UNK M 178 -18.79 -60.81 51.09
CA UNK M 178 -20.10 -61.27 51.50
C UNK M 178 -20.46 -60.83 52.88
N UNK M 179 -19.76 -59.88 53.45
CA UNK M 179 -20.23 -59.20 54.64
C UNK M 179 -20.53 -57.75 54.37
N UNK M 180 -19.78 -57.12 53.47
CA UNK M 180 -20.12 -55.75 53.09
C UNK M 180 -21.40 -55.70 52.30
N UNK M 181 -21.65 -56.73 51.49
CA UNK M 181 -22.86 -56.76 50.70
C UNK M 181 -24.01 -57.39 51.44
N UNK M 182 -23.92 -57.52 52.77
CA UNK M 182 -25.02 -58.05 53.54
C UNK M 182 -26.15 -57.05 53.56
N UNK M 183 -27.37 -57.56 53.54
CA UNK M 183 -28.54 -56.69 53.67
C UNK M 183 -28.77 -56.44 55.14
N UNK M 184 -29.01 -55.17 55.49
CA UNK M 184 -29.16 -54.70 56.87
C UNK M 184 -27.94 -55.08 57.71
N UNK M 185 -26.83 -54.43 57.37
CA UNK M 185 -25.60 -54.57 58.12
C UNK M 185 -25.83 -54.24 59.58
N UNK M 186 -25.10 -54.92 60.45
CA UNK M 186 -25.41 -55.07 61.87
C UNK M 186 -26.83 -55.63 62.04
N UNK M 187 -26.97 -56.88 61.58
CA UNK M 187 -28.10 -57.71 61.92
C UNK M 187 -27.77 -58.77 62.95
N UNK M 188 -26.47 -59.03 63.18
CA UNK M 188 -25.88 -59.87 64.23
C UNK M 188 -26.17 -61.35 64.10
N UNK M 189 -26.98 -61.77 63.15
CA UNK M 189 -27.17 -63.17 62.88
C UNK M 189 -26.92 -63.48 61.43
N UNK M 190 -26.76 -62.47 60.60
CA UNK M 190 -26.22 -62.68 59.27
C UNK M 190 -24.71 -62.56 59.26
N UNK M 191 -24.17 -61.80 60.22
CA UNK M 191 -22.74 -61.73 60.36
C UNK M 191 -22.16 -63.09 60.71
N UNK M 192 -22.87 -63.84 61.54
CA UNK M 192 -22.43 -65.19 61.83
C UNK M 192 -22.66 -66.14 60.68
N UNK M 193 -23.52 -65.79 59.75
CA UNK M 193 -23.59 -66.55 58.53
C UNK M 193 -22.47 -66.20 57.58
N UNK M 194 -21.94 -64.99 57.68
CA UNK M 194 -20.84 -64.58 56.80
C UNK M 194 -19.52 -65.16 57.30
N UNK M 195 -19.18 -64.88 58.54
CA UNK M 195 -17.92 -65.33 59.12
C UNK M 195 -18.01 -66.78 59.58
N UNK M 196 -18.36 -67.66 58.63
CA UNK M 196 -18.73 -69.03 58.93
C UNK M 196 -17.67 -70.03 58.54
N UNK M 197 -16.52 -69.57 58.12
CA UNK M 197 -15.39 -70.47 57.94
C UNK M 197 -14.08 -69.85 58.37
N UNK M 198 -14.10 -68.63 58.88
CA UNK M 198 -12.87 -68.01 59.33
C UNK M 198 -12.47 -68.57 60.68
N UNK M 199 -11.16 -68.71 60.87
CA UNK M 199 -10.68 -69.09 62.18
C UNK M 199 -10.78 -67.92 63.13
N UNK M 200 -10.59 -68.22 64.42
CA UNK M 200 -10.87 -67.25 65.47
C UNK M 200 -9.93 -66.04 65.44
N UNK M 201 -8.73 -66.21 64.91
CA UNK M 201 -7.89 -65.04 64.68
C UNK M 201 -8.46 -64.20 63.56
N UNK M 202 -8.98 -64.86 62.52
CA UNK M 202 -9.42 -64.13 61.33
C UNK M 202 -10.67 -63.34 61.61
N UNK M 203 -11.49 -63.78 62.56
CA UNK M 203 -12.70 -63.08 62.91
C UNK M 203 -12.41 -61.69 63.45
N UNK M 204 -11.24 -61.52 64.07
CA UNK M 204 -10.86 -60.23 64.59
C UNK M 204 -10.66 -59.22 63.48
N UNK M 205 -9.81 -59.55 62.51
CA UNK M 205 -9.53 -58.61 61.44
C UNK M 205 -10.75 -58.37 60.58
N UNK M 206 -11.57 -59.41 60.37
CA UNK M 206 -12.76 -59.21 59.54
C UNK M 206 -13.78 -58.33 60.24
N UNK M 207 -14.09 -58.63 61.51
CA UNK M 207 -15.06 -57.83 62.23
C UNK M 207 -14.56 -56.42 62.50
N UNK M 208 -13.26 -56.27 62.69
CA UNK M 208 -12.72 -54.93 62.94
C UNK M 208 -12.72 -54.09 61.68
N UNK M 209 -12.40 -54.71 60.54
CA UNK M 209 -12.47 -53.98 59.29
C UNK M 209 -13.91 -53.61 58.97
N UNK M 210 -14.87 -54.47 59.34
CA UNK M 210 -16.27 -54.11 59.18
C UNK M 210 -16.63 -52.95 60.09
N UNK M 211 -16.10 -52.93 61.30
CA UNK M 211 -16.45 -51.88 62.25
C UNK M 211 -15.90 -50.54 61.81
N UNK M 212 -14.62 -50.50 61.46
CA UNK M 212 -14.03 -49.27 61.00
C UNK M 212 -14.60 -48.85 59.66
N UNK M 213 -15.00 -49.80 58.83
CA UNK M 213 -15.56 -49.42 57.54
C UNK M 213 -16.95 -48.83 57.69
N UNK M 214 -17.77 -49.39 58.56
CA UNK M 214 -19.08 -48.81 58.75
C UNK M 214 -19.00 -47.48 59.47
N UNK M 215 -18.01 -47.32 60.35
CA UNK M 215 -17.83 -46.02 60.97
C UNK M 215 -17.29 -45.00 59.99
N UNK M 216 -16.54 -45.43 58.99
CA UNK M 216 -16.17 -44.52 57.92
C UNK M 216 -17.37 -44.20 57.05
N UNK M 217 -18.23 -45.18 56.82
CA UNK M 217 -19.34 -44.97 55.92
C UNK M 217 -20.39 -44.05 56.51
N UNK M 218 -20.59 -44.10 57.82
CA UNK M 218 -21.52 -43.16 58.44
C UNK M 218 -20.99 -41.74 58.35
N UNK M 219 -19.68 -41.58 58.51
CA UNK M 219 -19.09 -40.26 58.36
C UNK M 219 -19.22 -39.78 56.93
N UNK M 220 -19.06 -40.67 55.97
CA UNK M 220 -19.15 -40.26 54.57
C UNK M 220 -20.56 -39.89 54.20
N UNK M 221 -21.53 -40.70 54.61
CA UNK M 221 -22.90 -40.41 54.23
C UNK M 221 -23.45 -39.24 55.00
N UNK M 222 -22.91 -38.92 56.16
CA UNK M 222 -23.39 -37.70 56.77
C UNK M 222 -22.72 -36.48 56.17
N UNK M 223 -21.43 -36.57 55.88
CA UNK M 223 -20.74 -35.42 55.33
C UNK M 223 -21.12 -35.17 53.89
N UNK M 224 -21.69 -36.14 53.19
CA UNK M 224 -22.23 -35.86 51.88
C UNK M 224 -23.50 -35.05 52.02
N UNK M 225 -24.45 -35.56 52.77
CA UNK M 225 -25.76 -34.94 52.88
C UNK M 225 -25.81 -33.87 53.94
N UNK M 226 -24.67 -33.33 54.36
CA UNK M 226 -24.74 -32.27 55.36
C UNK M 226 -25.27 -30.99 54.75
N UNK M 227 -24.73 -30.58 53.62
CA UNK M 227 -25.18 -29.38 52.95
C UNK M 227 -26.17 -29.79 51.86
N UNK M 228 -27.37 -30.20 52.27
CA UNK M 228 -28.23 -30.90 51.34
C UNK M 228 -29.71 -30.55 51.34
N UNK M 229 -30.13 -29.47 51.98
CA UNK M 229 -31.49 -28.91 51.94
C UNK M 229 -32.55 -29.83 52.49
N UNK M 230 -32.16 -30.88 53.11
CA UNK M 230 -33.03 -31.64 53.99
C UNK M 230 -32.37 -31.84 55.33
N UNK M 231 -31.07 -32.07 55.36
CA UNK M 231 -30.33 -32.01 56.59
C UNK M 231 -29.71 -30.66 56.79
N UNK M 232 -30.05 -29.69 55.95
CA UNK M 232 -29.85 -28.30 56.28
C UNK M 232 -31.15 -27.65 56.66
N UNK M 233 -32.21 -28.40 56.70
CA UNK M 233 -33.49 -27.84 57.04
C UNK M 233 -34.08 -28.46 58.29
N UNK M 234 -33.96 -29.76 58.45
CA UNK M 234 -34.49 -30.38 59.66
C UNK M 234 -33.61 -30.11 60.85
N UNK M 235 -32.35 -29.77 60.62
CA UNK M 235 -31.42 -29.37 61.67
C UNK M 235 -31.26 -27.87 61.68
N UNK M 236 -32.40 -27.18 61.53
CA UNK M 236 -32.58 -25.88 60.87
C UNK M 236 -31.50 -24.86 61.14
N UNK M 237 -30.83 -24.44 60.08
CA UNK M 237 -29.77 -23.47 60.20
C UNK M 237 -30.38 -22.09 60.24
N UNK M 238 -29.54 -21.08 60.14
CA UNK M 238 -30.07 -19.73 60.02
C UNK M 238 -30.70 -19.54 58.66
N UNK M 239 -29.95 -19.78 57.60
CA UNK M 239 -30.46 -19.76 56.24
C UNK M 239 -30.89 -21.16 55.83
N UNK M 240 -31.62 -21.28 54.71
CA UNK M 240 -32.15 -22.57 54.35
C UNK M 240 -32.16 -22.93 52.87
N UNK M 241 -31.54 -22.14 52.00
CA UNK M 241 -31.21 -22.53 50.62
C UNK M 241 -32.45 -22.87 49.79
N UNK M 242 -33.23 -21.83 49.44
CA UNK M 242 -34.60 -22.05 48.96
C UNK M 242 -34.94 -21.40 47.64
N UNK M 243 -33.99 -21.13 46.78
CA UNK M 243 -34.32 -20.68 45.44
C UNK M 243 -33.47 -21.42 44.43
N UNK M 244 -33.43 -22.74 44.58
CA UNK M 244 -32.51 -23.58 43.82
C UNK M 244 -32.88 -23.62 42.34
N UNK M 245 -34.17 -23.61 42.02
CA UNK M 245 -34.63 -24.08 40.73
C UNK M 245 -35.36 -22.97 39.97
N UNK M 246 -34.69 -22.36 38.99
CA UNK M 246 -35.34 -21.39 38.11
C UNK M 246 -34.61 -21.38 36.77
N UNK M 247 -35.11 -22.14 35.79
CA UNK M 247 -34.36 -22.37 34.55
C UNK M 247 -35.30 -22.78 33.42
N UNK M 248 -34.73 -23.35 32.36
CA UNK M 248 -35.38 -23.51 31.07
C UNK M 248 -35.79 -24.95 30.79
N UNK M 249 -37.00 -25.11 30.27
CA UNK M 249 -37.48 -26.41 29.83
C UNK M 249 -37.31 -26.51 28.33
N UNK M 250 -36.07 -26.74 27.91
CA UNK M 250 -35.78 -26.88 26.49
C UNK M 250 -34.92 -28.10 26.29
N UNK M 251 -34.92 -28.61 25.06
CA UNK M 251 -34.40 -29.94 24.79
C UNK M 251 -32.90 -29.99 24.91
N UNK M 252 -32.41 -30.97 25.65
CA UNK M 252 -31.00 -31.34 25.55
C UNK M 252 -30.78 -31.99 24.20
N UNK M 253 -29.69 -31.62 23.55
CA UNK M 253 -29.53 -31.98 22.15
C UNK M 253 -29.10 -33.43 22.01
N UNK M 254 -29.94 -34.23 21.36
CA UNK M 254 -29.63 -35.63 21.15
C UNK M 254 -28.51 -35.78 20.13
N UNK M 255 -27.77 -36.87 20.26
CA UNK M 255 -26.72 -37.20 19.32
C UNK M 255 -26.90 -38.66 18.95
N UNK M 256 -27.74 -38.93 17.96
CA UNK M 256 -28.04 -40.29 17.59
C UNK M 256 -26.86 -40.92 16.88
N UNK M 257 -26.46 -42.12 17.32
CA UNK M 257 -25.14 -42.61 16.93
C UNK M 257 -25.15 -43.26 15.55
N UNK M 258 -25.75 -44.45 15.44
CA UNK M 258 -25.60 -45.28 14.25
C UNK M 258 -26.53 -46.48 14.30
N UNK M 259 -26.27 -47.48 13.46
CA UNK M 259 -26.69 -48.85 13.72
C UNK M 259 -25.65 -49.61 14.54
N UNK M 260 -24.77 -48.90 15.24
CA UNK M 260 -23.87 -49.50 16.21
C UNK M 260 -24.54 -49.70 17.56
N UNK M 261 -25.80 -49.32 17.72
CA UNK M 261 -26.52 -49.65 18.93
C UNK M 261 -27.15 -51.00 18.71
N UNK M 262 -26.60 -52.02 19.35
CA UNK M 262 -27.03 -53.38 19.06
C UNK M 262 -28.40 -53.66 19.63
N UNK M 263 -29.13 -54.54 18.95
CA UNK M 263 -30.49 -54.89 19.34
C UNK M 263 -30.44 -55.87 20.51
N UNK M 264 -31.56 -56.51 20.80
CA UNK M 264 -31.63 -57.45 21.91
C UNK M 264 -32.07 -58.83 21.44
N UNK M 265 -31.70 -59.21 20.22
CA UNK M 265 -32.13 -60.50 19.70
C UNK M 265 -31.28 -61.63 20.27
N UNK M 266 -30.00 -61.66 19.91
CA UNK M 266 -29.05 -62.63 20.38
C UNK M 266 -27.67 -62.06 20.14
N UNK M 267 -26.66 -62.90 20.14
CA UNK M 267 -25.29 -62.43 20.06
C UNK M 267 -24.69 -62.50 18.66
N UNK M 268 -24.71 -63.69 18.05
CA UNK M 268 -24.01 -64.16 16.86
C UNK M 268 -22.51 -64.34 17.10
N UNK M 269 -22.03 -63.95 18.28
CA UNK M 269 -20.78 -64.42 18.90
C UNK M 269 -19.53 -64.21 18.05
N UNK M 270 -19.53 -63.18 17.20
CA UNK M 270 -18.36 -62.67 16.48
C UNK M 270 -17.69 -63.73 15.61
N UNK M 271 -18.42 -64.14 14.58
CA UNK M 271 -17.96 -65.18 13.67
C UNK M 271 -16.79 -64.67 12.84
N UNK M 272 -15.63 -65.28 13.02
CA UNK M 272 -14.47 -64.98 12.20
C UNK M 272 -14.17 -66.14 11.27
N UNK M 273 -13.27 -65.90 10.32
CA UNK M 273 -12.85 -66.91 9.38
C UNK M 273 -12.08 -68.03 10.08
N UNK M 274 -11.98 -69.16 9.42
CA UNK M 274 -11.31 -70.31 10.01
C UNK M 274 -9.81 -70.14 9.94
N UNK M 275 -9.13 -70.62 11.00
CA UNK M 275 -7.70 -70.39 11.13
C UNK M 275 -6.93 -71.14 10.06
N UNK M 276 -7.44 -72.29 9.62
CA UNK M 276 -6.79 -73.01 8.54
C UNK M 276 -6.88 -72.22 7.24
N UNK M 277 -8.03 -71.60 7.01
CA UNK M 277 -8.17 -70.73 5.85
C UNK M 277 -7.24 -69.54 5.96
N UNK M 278 -7.05 -69.03 7.18
CA UNK M 278 -6.15 -67.90 7.38
C UNK M 278 -4.72 -68.29 7.08
N UNK M 279 -4.28 -69.46 7.57
CA UNK M 279 -2.89 -69.87 7.40
C UNK M 279 -2.61 -70.19 5.94
N UNK M 280 -3.58 -70.78 5.26
CA UNK M 280 -3.40 -71.05 3.85
C UNK M 280 -3.33 -69.77 3.06
N UNK M 281 -4.22 -68.82 3.35
CA UNK M 281 -4.24 -67.57 2.62
C UNK M 281 -3.04 -66.69 2.95
N UNK M 282 -2.40 -66.92 4.08
CA UNK M 282 -1.21 -66.14 4.39
C UNK M 282 0.02 -66.75 3.75
N UNK M 283 0.18 -68.07 3.91
CA UNK M 283 1.35 -68.73 3.37
C UNK M 283 1.36 -68.68 1.86
N UNK M 284 0.20 -68.83 1.24
CA UNK M 284 0.12 -68.74 -0.22
C UNK M 284 0.43 -67.33 -0.68
N UNK M 285 -0.04 -66.32 0.04
CA UNK M 285 0.18 -64.95 -0.40
C UNK M 285 1.64 -64.58 -0.29
N UNK M 286 2.25 -64.90 0.84
CA UNK M 286 3.66 -64.56 1.01
C UNK M 286 4.53 -65.36 0.06
N UNK M 287 4.19 -66.64 -0.16
CA UNK M 287 5.00 -67.46 -1.05
C UNK M 287 4.86 -67.01 -2.49
N UNK M 288 3.66 -66.60 -2.90
CA UNK M 288 3.48 -66.16 -4.26
C UNK M 288 4.16 -64.83 -4.49
N UNK M 289 4.18 -63.96 -3.48
CA UNK M 289 4.94 -62.73 -3.59
C UNK M 289 6.44 -63.01 -3.67
N UNK M 290 6.90 -64.00 -2.91
CA UNK M 290 8.30 -64.38 -2.94
C UNK M 290 8.70 -64.93 -4.31
N UNK M 291 7.93 -65.90 -4.80
CA UNK M 291 8.23 -66.52 -6.08
C UNK M 291 7.96 -65.57 -7.23
N UNK M 292 7.14 -64.54 -7.03
CA UNK M 292 6.99 -63.52 -8.06
C UNK M 292 8.19 -62.59 -8.08
N UNK M 293 8.77 -62.29 -6.92
CA UNK M 293 10.04 -61.57 -6.91
C UNK M 293 11.12 -62.40 -7.58
N UNK M 294 11.12 -63.71 -7.31
CA UNK M 294 12.09 -64.60 -7.95
C UNK M 294 11.83 -64.74 -9.43
N UNK M 295 10.57 -64.62 -9.86
CA UNK M 295 10.25 -64.74 -11.27
C UNK M 295 10.60 -63.48 -12.03
N UNK M 296 10.34 -62.31 -11.44
CA UNK M 296 10.78 -61.06 -12.03
C UNK M 296 12.30 -61.01 -12.08
N UNK M 297 12.95 -61.61 -11.10
CA UNK M 297 14.39 -61.75 -11.16
C UNK M 297 14.83 -62.81 -12.15
N UNK M 298 13.96 -63.77 -12.47
CA UNK M 298 14.33 -64.84 -13.39
C UNK M 298 14.45 -64.37 -14.83
N UNK M 299 14.06 -63.15 -15.12
CA UNK M 299 14.36 -62.55 -16.41
C UNK M 299 15.82 -62.12 -16.43
N UNK N 1 -24.66 -10.77 51.56
CA UNK N 1 -24.73 -10.04 52.82
C UNK N 1 -26.16 -9.89 53.28
N UNK N 2 -26.62 -10.76 54.17
CA UNK N 2 -25.90 -11.93 54.63
C UNK N 2 -26.69 -13.12 54.20
N UNK N 3 -27.56 -12.87 53.23
CA UNK N 3 -28.34 -13.90 52.57
C UNK N 3 -27.78 -14.25 51.20
N UNK N 4 -26.90 -13.43 50.67
CA UNK N 4 -26.32 -13.68 49.35
C UNK N 4 -24.99 -14.38 49.46
N UNK N 5 -24.93 -15.50 50.16
CA UNK N 5 -23.85 -16.43 49.97
C UNK N 5 -24.32 -17.50 49.00
N UNK N 6 -23.56 -18.56 48.79
CA UNK N 6 -24.03 -19.58 47.84
C UNK N 6 -23.54 -20.95 48.28
N UNK N 7 -24.38 -21.64 49.02
CA UNK N 7 -24.13 -23.04 49.27
C UNK N 7 -24.36 -23.81 47.97
N UNK N 8 -23.59 -24.85 47.79
CA UNK N 8 -23.76 -25.75 46.66
C UNK N 8 -24.56 -26.95 47.15
N UNK N 9 -25.87 -26.92 46.97
CA UNK N 9 -26.72 -27.97 47.48
C UNK N 9 -26.49 -29.24 46.67
N UNK N 10 -26.01 -30.29 47.31
CA UNK N 10 -25.87 -31.58 46.64
C UNK N 10 -27.21 -32.27 46.71
N UNK N 11 -27.82 -32.52 45.55
CA UNK N 11 -29.27 -32.68 45.48
C UNK N 11 -29.72 -33.95 46.16
N UNK N 12 -30.82 -33.86 46.88
CA UNK N 12 -31.43 -34.93 47.64
C UNK N 12 -32.81 -35.22 47.05
N UNK N 13 -33.60 -36.03 47.74
CA UNK N 13 -34.87 -36.47 47.16
C UNK N 13 -35.96 -35.40 47.20
N UNK N 14 -35.62 -34.16 47.48
CA UNK N 14 -36.47 -33.02 47.12
C UNK N 14 -36.02 -32.41 45.81
N UNK N 15 -35.53 -33.25 44.89
CA UNK N 15 -35.23 -32.86 43.53
C UNK N 15 -35.95 -33.74 42.54
N UNK N 16 -37.12 -34.25 42.90
CA UNK N 16 -37.83 -35.18 42.02
C UNK N 16 -38.42 -34.43 40.86
N UNK N 17 -38.27 -34.97 39.66
CA UNK N 17 -38.83 -34.23 38.53
C UNK N 17 -39.20 -35.19 37.43
N UNK N 18 -40.19 -34.82 36.65
CA UNK N 18 -40.51 -35.58 35.48
C UNK N 18 -39.41 -35.41 34.46
N UNK N 19 -39.12 -36.46 33.71
CA UNK N 19 -38.32 -36.38 32.51
C UNK N 19 -39.25 -36.73 31.38
N UNK N 20 -39.38 -35.86 30.42
CA UNK N 20 -40.23 -36.13 29.28
C UNK N 20 -39.34 -36.38 28.09
N UNK N 21 -39.35 -37.61 27.59
CA UNK N 21 -38.47 -38.02 26.51
C UNK N 21 -39.36 -38.40 25.36
N UNK N 22 -39.37 -37.59 24.32
CA UNK N 22 -40.17 -37.95 23.15
C UNK N 22 -39.36 -38.90 22.30
N UNK N 23 -40.02 -39.92 21.77
CA UNK N 23 -39.27 -41.13 21.48
C UNK N 23 -39.15 -41.50 20.03
N UNK N 24 -40.02 -41.01 19.14
CA UNK N 24 -40.35 -41.55 17.83
C UNK N 24 -41.01 -42.91 17.89
N UNK N 25 -41.39 -43.38 19.06
CA UNK N 25 -42.34 -44.47 19.17
C UNK N 25 -43.24 -44.31 20.36
N UNK N 26 -43.11 -43.24 21.13
CA UNK N 26 -43.91 -42.97 22.31
C UNK N 26 -43.57 -41.56 22.75
N UNK N 27 -44.15 -41.15 23.88
CA UNK N 27 -43.72 -39.95 24.59
C UNK N 27 -43.56 -40.43 26.02
N UNK N 28 -42.41 -40.98 26.34
CA UNK N 28 -42.25 -41.57 27.65
C UNK N 28 -42.08 -40.46 28.67
N UNK N 29 -42.74 -40.59 29.80
CA UNK N 29 -42.64 -39.62 30.87
C UNK N 29 -42.26 -40.37 32.14
N UNK N 30 -41.01 -40.21 32.57
CA UNK N 30 -40.41 -41.01 33.62
C UNK N 30 -40.06 -40.10 34.79
N UNK N 31 -40.59 -40.38 35.96
CA UNK N 31 -40.33 -39.53 37.12
C UNK N 31 -39.00 -39.96 37.73
N UNK N 32 -38.02 -39.08 37.68
CA UNK N 32 -36.73 -39.36 38.28
C UNK N 32 -36.76 -38.96 39.75
N UNK N 33 -36.38 -39.90 40.62
CA UNK N 33 -36.32 -39.65 42.05
C UNK N 33 -35.01 -40.21 42.57
N UNK N 34 -34.21 -39.40 43.24
CA UNK N 34 -32.94 -39.84 43.79
C UNK N 34 -33.19 -40.78 44.96
N UNK N 35 -32.17 -41.50 45.38
CA UNK N 35 -32.42 -42.63 46.28
C UNK N 35 -31.59 -42.53 47.53
N UNK N 36 -31.62 -41.39 48.19
CA UNK N 36 -30.69 -41.10 49.27
C UNK N 36 -31.27 -41.59 50.59
N UNK N 37 -31.07 -42.88 50.88
CA UNK N 37 -31.45 -43.53 52.14
C UNK N 37 -32.93 -43.29 52.47
N UNK N 38 -33.78 -43.40 51.45
CA UNK N 38 -35.22 -43.22 51.65
C UNK N 38 -35.69 -44.42 52.42
N UNK N 39 -35.69 -45.52 51.78
CA UNK N 39 -35.30 -46.70 52.52
C UNK N 39 -34.29 -47.49 51.73
N UNK N 40 -34.48 -47.60 50.42
CA UNK N 40 -33.57 -48.28 49.50
C UNK N 40 -34.04 -48.13 48.08
N UNK N 41 -33.10 -48.05 47.13
CA UNK N 41 -32.98 -48.85 45.90
C UNK N 41 -31.91 -48.19 45.06
N UNK N 42 -31.59 -48.74 43.89
CA UNK N 42 -30.89 -47.95 42.88
C UNK N 42 -31.33 -48.46 41.52
N UNK N 43 -30.64 -48.01 40.48
CA UNK N 43 -30.94 -48.49 39.14
C UNK N 43 -29.71 -48.19 38.28
N UNK N 44 -29.03 -49.23 37.82
CA UNK N 44 -27.90 -49.02 36.93
C UNK N 44 -28.35 -49.06 35.48
N UNK N 45 -28.98 -50.14 35.06
CA UNK N 45 -29.57 -50.22 33.73
C UNK N 45 -31.04 -50.55 33.89
N UNK N 46 -31.91 -49.56 33.69
CA UNK N 46 -33.34 -49.80 33.71
C UNK N 46 -33.71 -49.99 32.26
N UNK N 47 -33.83 -51.23 31.83
CA UNK N 47 -34.26 -51.53 30.48
C UNK N 47 -35.77 -51.58 30.46
N UNK N 48 -36.39 -50.66 29.73
CA UNK N 48 -37.84 -50.61 29.66
C UNK N 48 -38.27 -51.61 28.61
N UNK N 49 -38.70 -52.80 29.04
CA UNK N 49 -39.22 -53.78 28.12
C UNK N 49 -40.64 -53.41 27.74
N UNK N 50 -40.90 -53.32 26.45
CA UNK N 50 -42.17 -52.84 25.93
C UNK N 50 -43.05 -54.04 25.71
N UNK N 51 -43.90 -54.34 26.69
CA UNK N 51 -44.68 -55.57 26.66
C UNK N 51 -45.76 -55.51 25.60
N UNK N 52 -46.60 -54.48 25.63
CA UNK N 52 -47.69 -54.40 24.68
C UNK N 52 -47.25 -54.11 23.27
N UNK N 53 -45.98 -53.77 23.06
CA UNK N 53 -45.49 -53.61 21.71
C UNK N 53 -45.44 -54.94 20.99
N UNK N 54 -45.10 -55.99 21.72
CA UNK N 54 -44.94 -57.29 21.07
C UNK N 54 -46.27 -57.86 20.63
N UNK N 55 -47.37 -57.50 21.30
CA UNK N 55 -48.66 -57.94 20.82
C UNK N 55 -49.07 -57.22 19.54
N UNK N 56 -48.72 -55.94 19.42
CA UNK N 56 -48.95 -55.25 18.17
C UNK N 56 -48.00 -55.73 17.09
N UNK N 57 -46.92 -56.38 17.47
CA UNK N 57 -46.14 -57.09 16.46
C UNK N 57 -46.80 -58.39 16.09
N UNK N 58 -47.40 -59.06 17.06
CA UNK N 58 -47.93 -60.40 16.83
C UNK N 58 -49.17 -60.37 15.98
N UNK N 59 -50.01 -59.36 16.14
CA UNK N 59 -51.18 -59.24 15.28
C UNK N 59 -50.77 -58.96 13.84
N UNK N 60 -49.79 -58.11 13.66
CA UNK N 60 -49.31 -57.83 12.32
C UNK N 60 -48.51 -58.98 11.74
N UNK N 61 -48.06 -59.92 12.56
CA UNK N 61 -47.51 -61.14 12.03
C UNK N 61 -48.58 -62.16 11.70
N UNK N 62 -49.68 -62.16 12.45
CA UNK N 62 -50.75 -63.12 12.21
C UNK N 62 -51.53 -62.76 10.96
N UNK N 63 -51.84 -61.48 10.77
CA UNK N 63 -52.58 -61.09 9.58
C UNK N 63 -51.73 -61.19 8.33
N UNK N 64 -50.42 -61.13 8.45
CA UNK N 64 -49.55 -61.27 7.29
C UNK N 64 -49.08 -62.70 7.08
N UNK N 65 -49.27 -63.57 8.07
CA UNK N 65 -49.08 -65.00 7.82
C UNK N 65 -50.31 -65.63 7.16
N UNK N 66 -51.48 -65.02 7.33
CA UNK N 66 -52.68 -65.43 6.62
C UNK N 66 -52.84 -64.63 5.32
N UNK N 67 -52.97 -63.31 5.42
CA UNK N 67 -53.17 -62.49 4.24
C UNK N 67 -51.90 -61.77 3.85
N UNK N 68 -41.86 14.09 55.32
CA UNK N 68 -42.10 12.70 55.71
C UNK N 68 -41.40 11.79 54.74
N UNK N 69 -40.94 12.37 53.63
CA UNK N 69 -40.33 11.56 52.57
C UNK N 69 -38.97 11.02 52.99
N UNK N 70 -38.33 11.63 53.96
CA UNK N 70 -37.19 11.02 54.61
C UNK N 70 -37.59 10.40 55.93
N UNK N 71 -38.89 10.30 56.19
CA UNK N 71 -39.37 9.62 57.38
C UNK N 71 -40.14 8.36 57.03
N UNK N 72 -41.19 8.49 56.20
CA UNK N 72 -42.08 7.37 55.95
C UNK N 72 -41.40 6.31 55.12
N UNK N 73 -40.55 6.72 54.19
CA UNK N 73 -39.80 5.75 53.40
C UNK N 73 -38.84 4.98 54.28
N UNK N 74 -38.26 5.66 55.27
CA UNK N 74 -37.33 4.98 56.17
C UNK N 74 -38.04 4.01 57.08
N UNK N 75 -39.22 4.40 57.57
CA UNK N 75 -39.99 3.50 58.41
C UNK N 75 -40.48 2.30 57.63
N UNK N 76 -40.89 2.52 56.37
CA UNK N 76 -41.33 1.41 55.57
C UNK N 76 -40.16 0.55 55.16
N UNK N 77 -38.98 1.12 55.01
CA UNK N 77 -37.82 0.33 54.69
C UNK N 77 -37.42 -0.57 55.84
N UNK N 78 -37.43 -0.02 57.05
CA UNK N 78 -37.13 -0.85 58.21
C UNK N 78 -38.22 -1.86 58.47
N UNK N 79 -39.49 -1.52 58.22
CA UNK N 79 -40.55 -2.50 58.42
C UNK N 79 -40.52 -3.56 57.34
N UNK N 80 -40.04 -3.21 56.16
CA UNK N 80 -39.90 -4.19 55.09
C UNK N 80 -38.81 -5.17 55.42
N UNK N 81 -37.63 -4.68 55.75
CA UNK N 81 -36.55 -5.58 56.13
C UNK N 81 -36.82 -6.29 57.44
N UNK N 82 -37.71 -5.75 58.27
CA UNK N 82 -38.08 -6.39 59.51
C UNK N 82 -39.08 -7.50 59.31
N UNK N 83 -40.04 -7.33 58.42
CA UNK N 83 -40.90 -8.46 58.11
C UNK N 83 -40.20 -9.43 57.18
N UNK N 84 -39.20 -8.97 56.44
CA UNK N 84 -38.49 -9.85 55.54
C UNK N 84 -37.59 -10.82 56.24
N UNK N 85 -37.23 -10.56 57.50
CA UNK N 85 -36.73 -11.61 58.37
C UNK N 85 -37.92 -12.28 59.05
N UNK N 86 -38.70 -12.99 58.24
CA UNK N 86 -39.89 -13.68 58.72
C UNK N 86 -39.49 -14.87 59.56
N UNK N 87 -38.86 -15.87 58.93
CA UNK N 87 -38.24 -16.99 59.60
C UNK N 87 -37.36 -17.76 58.63
N UNK N 88 -36.07 -17.95 58.97
CA UNK N 88 -35.11 -18.71 58.18
C UNK N 88 -34.98 -18.13 56.77
N UNK N 89 -34.40 -16.95 56.71
CA UNK N 89 -34.23 -16.22 55.46
C UNK N 89 -33.41 -17.03 54.47
N UNK N 90 -33.63 -16.78 53.18
CA UNK N 90 -33.22 -17.70 52.13
C UNK N 90 -31.81 -17.39 51.64
N UNK N 91 -30.99 -18.42 51.45
CA UNK N 91 -29.68 -18.31 50.82
C UNK N 91 -29.76 -18.76 49.37
N UNK N 92 -29.25 -17.96 48.45
CA UNK N 92 -29.32 -18.32 47.05
C UNK N 92 -28.31 -19.40 46.73
N UNK N 93 -28.77 -20.49 46.13
CA UNK N 93 -27.98 -21.72 45.99
C UNK N 93 -27.50 -21.95 44.54
N UNK N 94 -26.82 -23.08 44.33
CA UNK N 94 -26.32 -23.49 43.01
C UNK N 94 -26.13 -25.01 43.03
N UNK N 95 -26.79 -25.73 42.15
CA UNK N 95 -27.09 -27.14 42.40
C UNK N 95 -25.90 -28.05 42.11
N UNK N 96 -26.14 -29.36 42.13
CA UNK N 96 -25.15 -30.39 41.81
C UNK N 96 -25.88 -31.67 41.42
N UNK N 97 -25.51 -32.25 40.29
CA UNK N 97 -26.36 -33.18 39.56
C UNK N 97 -26.42 -34.57 40.18
N UNK N 98 -27.55 -35.23 39.99
CA UNK N 98 -27.59 -36.67 39.85
C UNK N 98 -27.59 -36.95 38.37
N UNK N 99 -27.50 -38.19 37.96
CA UNK N 99 -27.11 -38.42 36.58
C UNK N 99 -28.07 -39.39 35.88
N UNK N 100 -28.17 -39.29 34.55
CA UNK N 100 -28.87 -40.32 33.77
C UNK N 100 -28.46 -40.29 32.30
N UNK N 101 -27.89 -41.35 31.76
CA UNK N 101 -27.72 -41.41 30.31
C UNK N 101 -28.96 -42.11 29.75
N UNK N 102 -29.90 -41.36 29.21
CA UNK N 102 -31.04 -42.00 28.56
C UNK N 102 -30.53 -42.48 27.22
N UNK N 103 -30.32 -43.77 27.09
CA UNK N 103 -29.49 -44.27 26.01
C UNK N 103 -30.27 -45.23 25.15
N UNK N 104 -31.07 -44.66 24.27
CA UNK N 104 -31.60 -45.38 23.14
C UNK N 104 -30.80 -45.07 21.90
N UNK N 105 -30.39 -43.82 21.76
CA UNK N 105 -29.29 -43.49 20.88
C UNK N 105 -28.13 -42.89 21.67
N UNK N 106 -28.29 -41.70 22.22
CA UNK N 106 -27.49 -41.11 23.28
C UNK N 106 -28.18 -39.83 23.71
N UNK N 107 -28.52 -39.66 24.98
CA UNK N 107 -28.85 -38.32 25.46
C UNK N 107 -28.44 -38.29 26.92
N UNK N 108 -27.51 -37.44 27.25
CA UNK N 108 -26.91 -37.47 28.57
C UNK N 108 -27.55 -36.38 29.40
N UNK N 109 -28.57 -36.72 30.17
CA UNK N 109 -29.24 -35.74 31.00
C UNK N 109 -28.74 -35.89 32.42
N UNK N 110 -27.91 -34.98 32.86
CA UNK N 110 -27.63 -34.89 34.28
C UNK N 110 -28.69 -33.99 34.89
N UNK N 111 -29.48 -34.50 35.83
CA UNK N 111 -30.59 -33.73 36.40
C UNK N 111 -30.02 -32.67 37.33
N UNK N 112 -29.34 -31.70 36.72
CA UNK N 112 -28.52 -30.73 37.40
C UNK N 112 -29.28 -29.44 37.62
N UNK N 113 -29.84 -28.93 36.59
CA UNK N 113 -30.59 -27.72 36.67
C UNK N 113 -31.96 -27.92 37.31
N UNK N 114 -32.29 -29.07 37.95
CA UNK N 114 -33.66 -29.53 38.18
C UNK N 114 -34.48 -29.43 36.91
N UNK N 115 -33.81 -29.68 35.78
CA UNK N 115 -34.35 -29.51 34.45
C UNK N 115 -35.21 -30.72 34.14
N UNK N 116 -35.78 -30.77 32.95
CA UNK N 116 -36.66 -31.88 32.74
C UNK N 116 -36.68 -32.52 31.37
N UNK N 117 -36.23 -31.88 30.30
CA UNK N 117 -36.75 -32.26 29.01
C UNK N 117 -35.74 -32.96 28.12
N UNK N 118 -36.21 -33.84 27.26
CA UNK N 118 -35.42 -34.36 26.15
C UNK N 118 -36.39 -34.68 25.04
N UNK N 119 -36.49 -33.80 24.07
CA UNK N 119 -37.52 -33.89 23.07
C UNK N 119 -36.93 -34.51 21.81
N UNK N 120 -37.53 -35.60 21.36
CA UNK N 120 -37.24 -36.31 20.10
C UNK N 120 -35.87 -36.99 20.09
N UNK N 121 -35.50 -37.65 21.18
CA UNK N 121 -34.54 -38.74 21.06
C UNK N 121 -35.16 -39.83 20.24
N UNK N 122 -34.38 -40.46 19.38
CA UNK N 122 -34.95 -41.33 18.34
C UNK N 122 -34.76 -42.79 18.72
N UNK N 123 -35.80 -43.39 19.28
CA UNK N 123 -35.73 -44.80 19.68
C UNK N 123 -35.92 -45.66 18.45
N UNK N 124 -34.82 -45.90 17.74
CA UNK N 124 -34.86 -46.87 16.65
C UNK N 124 -35.07 -48.27 17.21
N UNK N 125 -34.14 -48.73 18.02
CA UNK N 125 -34.38 -49.86 18.89
C UNK N 125 -35.15 -49.36 20.11
N UNK N 126 -35.33 -50.19 21.12
CA UNK N 126 -36.09 -49.69 22.24
C UNK N 126 -35.20 -48.89 23.16
N UNK N 127 -35.82 -48.08 24.00
CA UNK N 127 -35.09 -47.23 24.91
C UNK N 127 -34.78 -48.01 26.16
N UNK N 128 -33.55 -47.88 26.63
CA UNK N 128 -33.14 -48.42 27.92
C UNK N 128 -32.46 -47.27 28.65
N UNK N 129 -33.06 -46.76 29.70
CA UNK N 129 -32.41 -45.65 30.38
C UNK N 129 -31.38 -46.21 31.32
N UNK N 130 -30.16 -45.69 31.30
CA UNK N 130 -29.12 -46.22 32.17
C UNK N 130 -28.68 -45.11 33.11
N UNK N 131 -29.04 -45.18 34.37
CA UNK N 131 -28.55 -44.19 35.31
C UNK N 131 -27.12 -44.55 35.67
N UNK N 132 -26.27 -43.54 35.85
CA UNK N 132 -24.84 -43.85 35.89
C UNK N 132 -24.34 -44.29 37.26
N UNK N 133 -24.28 -43.37 38.24
CA UNK N 133 -23.46 -43.74 39.38
C UNK N 133 -23.97 -43.51 40.78
N UNK N 134 -24.43 -42.29 41.04
CA UNK N 134 -24.69 -41.77 42.39
C UNK N 134 -26.18 -41.79 42.71
N UNK N 135 -26.80 -42.88 42.28
CA UNK N 135 -28.08 -43.39 42.72
C UNK N 135 -29.30 -42.58 42.35
N UNK N 136 -29.63 -42.50 41.08
CA UNK N 136 -30.98 -42.12 40.75
C UNK N 136 -31.89 -43.34 40.85
N UNK N 137 -33.17 -43.14 40.60
CA UNK N 137 -34.10 -44.23 40.35
C UNK N 137 -35.18 -43.65 39.46
N UNK N 138 -35.26 -44.11 38.23
CA UNK N 138 -36.37 -43.73 37.38
C UNK N 138 -37.55 -44.60 37.73
N UNK N 139 -38.71 -44.01 37.97
CA UNK N 139 -39.92 -44.77 38.21
C UNK N 139 -40.97 -44.19 37.28
N UNK N 140 -41.26 -44.90 36.20
CA UNK N 140 -42.06 -44.36 35.10
C UNK N 140 -43.48 -44.06 35.58
N UNK N 141 -44.11 -43.06 34.95
CA UNK N 141 -45.39 -42.56 35.42
C UNK N 141 -46.51 -43.47 34.93
N UNK N 142 -47.74 -43.00 35.03
CA UNK N 142 -48.88 -43.91 35.09
C UNK N 142 -49.26 -44.52 33.74
N UNK N 143 -49.68 -43.71 32.78
CA UNK N 143 -50.31 -44.23 31.58
C UNK N 143 -49.26 -44.76 30.59
N UNK N 144 -49.77 -45.39 29.51
CA UNK N 144 -49.01 -45.88 28.36
C UNK N 144 -47.96 -46.94 28.76
N UNK N 145 -48.47 -48.11 29.14
CA UNK N 145 -47.71 -49.10 29.88
C UNK N 145 -46.59 -49.78 29.11
N UNK N 146 -45.39 -49.22 29.23
CA UNK N 146 -44.17 -49.98 29.13
C UNK N 146 -43.96 -50.73 30.45
N UNK N 147 -42.89 -51.50 30.58
CA UNK N 147 -42.66 -52.18 31.84
C UNK N 147 -41.18 -52.33 32.10
N UNK N 148 -40.72 -51.86 33.24
CA UNK N 148 -39.29 -51.76 33.50
C UNK N 148 -38.71 -53.12 33.84
N UNK N 149 -37.38 -53.22 33.70
CA UNK N 149 -36.61 -54.35 34.20
C UNK N 149 -35.27 -53.78 34.65
N UNK N 150 -35.00 -53.84 35.95
CA UNK N 150 -34.01 -52.96 36.54
C UNK N 150 -32.83 -53.73 37.07
N UNK N 151 -31.64 -53.47 36.53
CA UNK N 151 -30.42 -54.07 37.08
C UNK N 151 -30.03 -53.28 38.32
N UNK N 152 -30.66 -53.62 39.44
CA UNK N 152 -30.50 -52.84 40.65
C UNK N 152 -29.14 -53.07 41.27
N UNK N 153 -28.52 -52.00 41.75
CA UNK N 153 -27.22 -52.09 42.40
C UNK N 153 -27.25 -51.14 43.59
N UNK N 154 -27.64 -51.67 44.74
CA UNK N 154 -28.09 -50.90 45.89
C UNK N 154 -27.06 -49.87 46.33
N UNK N 155 -27.55 -48.73 46.80
CA UNK N 155 -26.69 -47.59 47.10
C UNK N 155 -25.80 -47.94 48.27
N UNK N 156 -24.50 -47.71 48.12
CA UNK N 156 -23.51 -48.18 49.07
C UNK N 156 -23.32 -47.22 50.21
N UNK N 157 -24.34 -46.44 50.53
CA UNK N 157 -24.46 -45.81 51.83
C UNK N 157 -24.87 -46.88 52.86
N UNK N 158 -25.20 -46.44 54.06
CA UNK N 158 -25.23 -47.35 55.18
C UNK N 158 -26.50 -48.20 55.21
N UNK N 159 -26.70 -48.83 56.35
CA UNK N 159 -27.70 -49.85 56.58
C UNK N 159 -29.08 -49.28 56.83
N UNK N 160 -29.92 -50.08 57.45
CA UNK N 160 -31.05 -49.57 58.21
C UNK N 160 -30.59 -48.43 59.09
N UNK N 161 -31.12 -47.25 58.80
CA UNK N 161 -30.73 -46.03 59.51
C UNK N 161 -31.11 -46.13 60.97
N UNK N 162 -30.22 -45.61 61.82
CA UNK N 162 -30.12 -46.08 63.20
C UNK N 162 -31.33 -45.81 64.08
N UNK N 163 -31.53 -44.58 64.52
CA UNK N 163 -32.62 -44.37 65.48
C UNK N 163 -33.36 -43.06 65.35
N UNK N 164 -32.94 -42.13 64.51
CA UNK N 164 -33.53 -40.81 64.54
C UNK N 164 -33.40 -40.10 63.21
N UNK N 165 -42.42 -64.28 51.28
CA UNK N 165 -41.56 -63.47 50.43
C UNK N 165 -40.83 -62.44 51.27
N UNK N 166 -39.89 -62.91 52.06
CA UNK N 166 -39.14 -62.04 52.97
C UNK N 166 -38.26 -61.13 52.15
N UNK N 167 -38.70 -59.90 51.94
CA UNK N 167 -37.97 -58.99 51.09
C UNK N 167 -36.68 -58.49 51.74
N UNK N 168 -36.56 -58.60 53.07
CA UNK N 168 -35.34 -58.33 53.83
C UNK N 168 -34.86 -56.89 53.65
N UNK N 169 -35.64 -55.98 54.22
CA UNK N 169 -35.40 -54.54 54.24
C UNK N 169 -35.39 -53.93 52.86
N UNK N 170 -36.01 -54.61 51.90
CA UNK N 170 -36.76 -53.94 50.86
C UNK N 170 -38.21 -53.79 51.28
N UNK N 171 -38.60 -54.47 52.35
CA UNK N 171 -39.90 -54.25 52.95
C UNK N 171 -40.04 -52.82 53.42
N UNK N 172 -38.96 -52.23 53.90
CA UNK N 172 -39.01 -50.83 54.27
C UNK N 172 -39.18 -49.96 53.03
N UNK N 173 -38.62 -50.35 51.90
CA UNK N 173 -38.81 -49.56 50.69
C UNK N 173 -40.24 -49.60 50.24
N UNK N 174 -40.82 -50.80 50.19
CA UNK N 174 -42.23 -50.93 49.84
C UNK N 174 -43.13 -50.34 50.89
N UNK N 175 -42.63 -50.10 52.09
CA UNK N 175 -43.40 -49.31 53.03
C UNK N 175 -43.36 -47.84 52.65
N UNK N 176 -42.17 -47.26 52.65
CA UNK N 176 -42.05 -45.81 52.61
C UNK N 176 -42.42 -45.23 51.27
N UNK N 177 -42.35 -46.03 50.21
CA UNK N 177 -42.95 -45.57 48.97
C UNK N 177 -44.45 -45.48 49.12
N UNK N 178 -45.07 -46.53 49.61
CA UNK N 178 -46.51 -46.55 49.77
C UNK N 178 -46.97 -45.86 51.03
N UNK N 179 -46.13 -45.09 51.67
CA UNK N 179 -46.58 -44.17 52.68
C UNK N 179 -46.38 -42.73 52.27
N UNK N 180 -45.32 -42.44 51.51
CA UNK N 180 -45.16 -41.10 50.99
C UNK N 180 -46.21 -40.79 49.96
N UNK N 181 -46.60 -41.78 49.17
CA UNK N 181 -47.60 -41.57 48.15
C UNK N 181 -49.01 -41.77 48.67
N UNK N 182 -49.19 -41.76 49.99
CA UNK N 182 -50.53 -41.85 50.54
C UNK N 182 -51.29 -40.58 50.27
N UNK N 183 -52.57 -40.71 50.02
CA UNK N 183 -53.44 -39.55 49.85
C UNK N 183 -53.85 -39.07 51.24
N UNK N 184 -53.76 -37.76 51.45
CA UNK N 184 -54.00 -37.10 52.73
C UNK N 184 -53.12 -37.71 53.83
N UNK N 185 -51.82 -37.44 53.69
CA UNK N 185 -50.84 -37.83 54.69
C UNK N 185 -51.24 -37.27 56.04
N UNK N 186 -50.91 -38.03 57.08
CA UNK N 186 -51.51 -37.92 58.41
C UNK N 186 -53.03 -38.03 58.32
N UNK N 187 -53.46 -39.22 57.92
CA UNK N 187 -54.83 -39.66 58.06
C UNK N 187 -55.01 -40.64 59.20
N UNK N 188 -53.93 -41.22 59.71
CA UNK N 188 -53.81 -42.05 60.91
C UNK N 188 -54.50 -43.41 60.81
N UNK N 189 -55.21 -43.69 59.74
CA UNK N 189 -55.76 -45.01 59.53
C UNK N 189 -55.36 -45.54 58.18
N UNK N 190 -54.75 -44.73 57.34
CA UNK N 190 -54.07 -45.23 56.17
C UNK N 190 -52.63 -45.54 56.47
N UNK N 191 -52.06 -44.87 57.46
CA UNK N 191 -50.72 -45.18 57.91
C UNK N 191 -50.66 -46.59 58.45
N UNK N 192 -51.69 -47.01 59.16
CA UNK N 192 -51.74 -48.39 59.62
C UNK N 192 -52.03 -49.36 58.50
N UNK N 193 -52.56 -48.90 57.39
CA UNK N 193 -52.64 -49.76 56.23
C UNK N 193 -51.31 -49.85 55.51
N UNK N 194 -50.46 -48.83 55.65
CA UNK N 194 -49.15 -48.86 55.00
C UNK N 194 -48.19 -49.71 55.79
N UNK N 195 -48.01 -49.40 57.07
CA UNK N 195 -47.06 -50.11 57.91
C UNK N 195 -47.67 -51.43 58.42
N UNK N 196 -48.08 -52.26 57.48
CA UNK N 196 -48.90 -53.43 57.79
C UNK N 196 -48.14 -54.73 57.69
N UNK N 197 -46.83 -54.67 57.48
CA UNK N 197 -46.02 -55.86 57.60
C UNK N 197 -44.68 -55.59 58.26
N UNK N 198 -44.43 -54.36 58.68
CA UNK N 198 -43.18 -54.06 59.33
C UNK N 198 -43.21 -54.56 60.77
N UNK N 199 -42.07 -55.02 61.24
CA UNK N 199 -41.95 -55.37 62.64
C UNK N 199 -41.87 -54.12 63.48
N UNK N 200 -42.03 -54.29 64.79
CA UNK N 200 -42.19 -53.17 65.71
C UNK N 200 -40.95 -52.28 65.79
N UNK N 201 -39.77 -52.85 65.53
CA UNK N 201 -38.59 -52.00 65.41
C UNK N 201 -38.66 -51.18 64.15
N UNK N 202 -39.15 -51.77 63.06
CA UNK N 202 -39.14 -51.11 61.77
C UNK N 202 -40.14 -49.96 61.72
N UNK N 203 -41.19 -50.05 62.53
CA UNK N 203 -42.19 -48.99 62.57
C UNK N 203 -41.59 -47.68 63.06
N UNK N 204 -40.57 -47.79 63.90
CA UNK N 204 -39.91 -46.59 64.41
C UNK N 204 -39.21 -45.83 63.31
N UNK N 205 -38.35 -46.50 62.56
CA UNK N 205 -37.61 -45.80 61.51
C UNK N 205 -38.52 -45.34 60.40
N UNK N 206 -39.57 -46.11 60.09
CA UNK N 206 -40.47 -45.70 59.03
C UNK N 206 -41.29 -44.48 59.44
N UNK N 207 -41.90 -44.52 60.63
CA UNK N 207 -42.71 -43.40 61.10
C UNK N 207 -41.86 -42.18 61.37
N UNK N 208 -40.62 -42.37 61.81
CA UNK N 208 -39.77 -41.23 62.09
C UNK N 208 -39.30 -40.58 60.81
N UNK N 209 -38.97 -41.39 59.80
CA UNK N 209 -38.59 -40.82 58.52
C UNK N 209 -39.77 -40.10 57.89
N UNK N 210 -40.98 -40.62 58.10
CA UNK N 210 -42.15 -39.89 57.64
C UNK N 210 -42.32 -38.58 58.37
N UNK N 211 -42.04 -38.57 59.67
CA UNK N 211 -42.22 -37.36 60.46
C UNK N 211 -41.23 -36.28 60.05
N UNK N 212 -39.96 -36.65 59.98
CA UNK N 212 -38.94 -35.70 59.57
C UNK N 212 -39.11 -35.29 58.13
N UNK N 213 -39.62 -36.18 57.29
CA UNK N 213 -39.79 -35.83 55.90
C UNK N 213 -40.94 -34.86 55.71
N UNK N 214 -42.05 -35.05 56.43
CA UNK N 214 -43.13 -34.10 56.30
C UNK N 214 -42.78 -32.77 56.94
N UNK N 215 -41.97 -32.79 58.00
CA UNK N 215 -41.52 -31.54 58.56
C UNK N 215 -40.54 -30.83 57.65
N UNK N 216 -39.79 -31.58 56.86
CA UNK N 216 -38.97 -30.94 55.84
C UNK N 216 -39.84 -30.39 54.72
N UNK N 217 -40.90 -31.12 54.39
CA UNK N 217 -41.72 -30.72 53.25
C UNK N 217 -42.52 -29.48 53.56
N UNK N 218 -42.96 -29.31 54.80
CA UNK N 218 -43.66 -28.08 55.15
C UNK N 218 -42.73 -26.89 55.08
N UNK N 219 -41.48 -27.07 55.50
CA UNK N 219 -40.51 -26.01 55.40
C UNK N 219 -40.23 -25.67 53.96
N UNK N 220 -40.17 -26.70 53.10
CA UNK N 220 -39.88 -26.45 51.70
C UNK N 220 -41.02 -25.74 51.01
N UNK N 221 -42.24 -26.19 51.25
CA UNK N 221 -43.37 -25.57 50.59
C UNK N 221 -43.69 -24.20 51.15
N UNK N 222 -43.28 -23.92 52.38
CA UNK N 222 -43.48 -22.55 52.80
C UNK N 222 -42.38 -21.65 52.28
N UNK N 223 -41.14 -22.13 52.27
CA UNK N 223 -40.06 -21.30 51.80
C UNK N 223 -40.07 -21.13 50.30
N UNK N 224 -40.77 -21.98 49.56
CA UNK N 224 -40.97 -21.71 48.15
C UNK N 224 -41.93 -20.56 47.97
N UNK N 225 -43.11 -20.70 48.54
CA UNK N 225 -44.16 -19.72 48.34
C UNK N 225 -44.09 -18.56 49.30
N UNK N 226 -42.94 -18.32 49.92
CA UNK N 226 -42.85 -17.17 50.81
C UNK N 226 -42.87 -15.88 50.02
N UNK N 227 -42.04 -15.78 49.01
CA UNK N 227 -41.97 -14.58 48.18
C UNK N 227 -42.82 -14.83 46.94
N UNK N 228 -44.15 -14.82 47.12
CA UNK N 228 -45.00 -15.36 46.07
C UNK N 228 -46.27 -14.61 45.75
N UNK N 229 -46.46 -13.38 46.22
CA UNK N 229 -47.56 -12.48 45.86
C UNK N 229 -48.93 -13.00 46.23
N UNK N 230 -48.99 -14.02 46.98
CA UNK N 230 -50.19 -14.39 47.70
C UNK N 230 -49.88 -14.62 49.16
N UNK N 231 -48.73 -15.20 49.47
CA UNK N 231 -48.24 -15.20 50.83
C UNK N 231 -47.29 -14.06 51.07
N UNK N 232 -47.17 -13.15 50.11
CA UNK N 232 -46.62 -11.84 50.41
C UNK N 232 -47.71 -10.81 50.46
N UNK N 233 -48.94 -11.23 50.34
CA UNK N 233 -50.03 -10.28 50.37
C UNK N 233 -51.00 -10.56 51.50
N UNK N 234 -51.32 -11.82 51.75
CA UNK N 234 -52.20 -12.12 52.86
C UNK N 234 -51.52 -11.95 54.19
N UNK N 235 -50.19 -12.02 54.21
CA UNK N 235 -49.39 -11.77 55.40
C UNK N 235 -48.79 -10.39 55.35
N UNK N 236 -49.62 -9.43 54.93
CA UNK N 236 -49.29 -8.22 54.17
C UNK N 236 -48.01 -7.51 54.60
N UNK N 237 -47.07 -7.44 53.68
CA UNK N 237 -45.81 -6.80 53.95
C UNK N 237 -45.97 -5.30 53.78
N UNK N 238 -44.87 -4.59 53.79
CA UNK N 238 -44.93 -3.18 53.49
C UNK N 238 -45.23 -2.97 52.01
N UNK N 239 -44.40 -3.54 51.15
CA UNK N 239 -44.62 -3.54 49.72
C UNK N 239 -45.38 -4.81 49.31
N UNK N 240 -45.89 -4.84 48.07
CA UNK N 240 -46.71 -5.98 47.70
C UNK N 240 -46.56 -6.49 46.27
N UNK N 241 -45.59 -6.02 45.49
CA UNK N 241 -45.14 -6.64 44.24
C UNK N 241 -46.25 -6.72 43.19
N UNK N 242 -46.61 -5.55 42.62
CA UNK N 242 -47.87 -5.43 41.89
C UNK N 242 -47.76 -4.87 40.49
N UNK N 243 -46.62 -4.99 39.83
CA UNK N 243 -46.56 -4.63 38.42
C UNK N 243 -45.80 -5.69 37.66
N UNK N 244 -46.19 -6.94 37.90
CA UNK N 244 -45.44 -8.08 37.40
C UNK N 244 -45.54 -8.19 35.89
N UNK N 245 -46.68 -7.86 35.30
CA UNK N 245 -47.03 -8.32 33.96
C UNK N 245 -47.24 -7.17 33.01
N UNK N 246 -46.24 -6.88 32.16
CA UNK N 246 -46.41 -5.88 31.10
C UNK N 246 -45.47 -6.24 29.95
N UNK N 247 -46.00 -6.94 28.93
CA UNK N 247 -45.14 -7.52 27.89
C UNK N 247 -45.94 -7.77 26.61
N UNK N 248 -45.38 -8.61 25.74
CA UNK N 248 -45.80 -8.73 24.35
C UNK N 248 -46.57 -10.02 24.08
N UNK N 249 -47.65 -9.90 23.32
CA UNK N 249 -48.42 -11.04 22.88
C UNK N 249 -48.01 -11.37 21.45
N UNK N 250 -46.85 -11.99 21.31
CA UNK N 250 -46.37 -12.37 20.00
C UNK N 250 -45.89 -13.80 20.06
N UNK N 251 -45.82 -14.44 18.90
CA UNK N 251 -45.68 -15.88 18.81
C UNK N 251 -44.30 -16.33 19.25
N UNK N 252 -44.28 -17.32 20.14
CA UNK N 252 -43.05 -18.08 20.35
C UNK N 252 -42.79 -18.92 19.12
N UNK N 253 -41.55 -18.95 18.69
CA UNK N 253 -41.24 -19.50 17.37
C UNK N 253 -41.25 -21.03 17.41
N UNK N 254 -42.17 -21.63 16.67
CA UNK N 254 -42.26 -23.07 16.60
C UNK N 254 -41.07 -23.65 15.86
N UNK N 255 -40.73 -24.88 16.20
CA UNK N 255 -39.67 -25.61 15.52
C UNK N 255 -40.22 -27.00 15.21
N UNK N 256 -40.89 -27.13 14.08
CA UNK N 256 -41.52 -28.38 13.74
C UNK N 256 -40.48 -29.41 13.33
N UNK N 257 -40.54 -30.60 13.92
CA UNK N 257 -39.39 -31.49 13.84
C UNK N 257 -39.34 -32.26 12.53
N UNK N 258 -40.23 -33.24 12.37
CA UNK N 258 -40.12 -34.23 11.29
C UNK N 258 -41.37 -35.09 11.23
N UNK N 259 -41.26 -36.22 10.52
CA UNK N 259 -42.12 -37.37 10.77
C UNK N 259 -41.53 -38.30 11.82
N UNK N 260 -40.61 -37.79 12.65
CA UNK N 260 -40.13 -38.49 13.82
C UNK N 260 -41.06 -38.33 15.01
N UNK N 261 -42.14 -37.61 14.88
CA UNK N 261 -43.14 -37.57 15.94
C UNK N 261 -44.10 -38.70 15.67
N UNK N 262 -44.01 -39.76 16.47
CA UNK N 262 -44.77 -40.96 16.18
C UNK N 262 -46.24 -40.77 16.47
N UNK N 263 -47.06 -41.49 15.72
CA UNK N 263 -48.51 -41.39 15.83
C UNK N 263 -48.97 -42.21 17.04
N UNK N 264 -50.25 -42.45 17.13
CA UNK N 264 -50.81 -43.20 18.25
C UNK N 264 -51.55 -44.45 17.79
N UNK N 265 -51.10 -45.05 16.70
CA UNK N 265 -51.79 -46.23 16.17
C UNK N 265 -51.44 -47.47 16.98
N UNK N 266 -50.18 -47.89 16.89
CA UNK N 266 -49.67 -49.04 17.61
C UNK N 266 -48.16 -48.91 17.64
N UNK N 267 -47.47 -50.00 17.89
CA UNK N 267 -46.03 -49.95 18.08
C UNK N 267 -45.24 -50.34 16.84
N UNK N 268 -45.51 -51.55 16.32
CA UNK N 268 -44.76 -52.33 15.32
C UNK N 268 -43.46 -52.90 15.88
N UNK N 269 -43.11 -52.52 17.11
CA UNK N 269 -42.19 -53.25 18.00
C UNK N 269 -40.80 -53.50 17.42
N UNK N 270 -40.35 -52.63 16.52
CA UNK N 270 -38.95 -52.54 16.04
C UNK N 270 -38.49 -53.86 15.39
N UNK N 271 -39.12 -54.16 14.25
CA UNK N 271 -38.83 -55.39 13.53
C UNK N 271 -37.43 -55.33 12.94
N UNK N 272 -36.56 -56.22 13.38
CA UNK N 272 -35.23 -56.36 12.81
C UNK N 272 -35.14 -57.67 12.04
N UNK N 273 -34.05 -57.79 11.27
CA UNK N 273 -33.78 -58.99 10.50
C UNK N 273 -33.52 -60.17 11.42
N UNK N 274 -33.66 -61.37 10.86
CA UNK N 274 -33.48 -62.59 11.65
C UNK N 274 -32.01 -62.87 11.89
N UNK N 275 -31.71 -63.37 13.09
CA UNK N 275 -30.33 -63.55 13.50
C UNK N 275 -29.63 -64.61 12.67
N UNK N 276 -30.38 -65.61 12.20
CA UNK N 276 -29.79 -66.61 11.32
C UNK N 276 -29.40 -65.98 9.99
N UNK N 277 -30.25 -65.09 9.48
CA UNK N 277 -29.92 -64.36 8.27
C UNK N 277 -28.69 -63.49 8.50
N UNK N 278 -28.59 -62.90 9.70
CA UNK N 278 -27.45 -62.06 10.01
C UNK N 278 -26.16 -62.87 10.04
N UNK N 279 -26.20 -64.04 10.69
CA UNK N 279 -24.99 -64.85 10.83
C UNK N 279 -24.55 -65.41 9.49
N UNK N 280 -25.52 -65.78 8.66
CA UNK N 280 -25.18 -66.26 7.33
C UNK N 280 -24.58 -65.14 6.49
N UNK N 281 -25.19 -63.96 6.54
CA UNK N 281 -24.70 -62.85 5.75
C UNK N 281 -23.38 -62.32 6.26
N UNK N 282 -23.04 -62.57 7.52
CA UNK N 282 -21.75 -62.13 8.02
C UNK N 282 -20.67 -63.14 7.69
N UNK N 283 -20.94 -64.42 7.95
CA UNK N 283 -19.95 -65.45 7.70
C UNK N 283 -19.64 -65.58 6.23
N UNK N 284 -20.67 -65.47 5.39
CA UNK N 284 -20.45 -65.53 3.96
C UNK N 284 -19.65 -64.35 3.48
N UNK N 285 -19.93 -63.16 4.02
CA UNK N 285 -19.22 -61.97 3.55
C UNK N 285 -17.76 -62.00 3.95
N UNK N 286 -17.49 -62.34 5.20
CA UNK N 286 -16.11 -62.41 5.64
C UNK N 286 -15.36 -63.53 4.94
N UNK N 287 -16.02 -64.67 4.74
CA UNK N 287 -15.35 -65.78 4.08
C UNK N 287 -15.08 -65.49 2.62
N UNK N 288 -16.01 -64.81 1.95
CA UNK N 288 -15.79 -64.50 0.54
C UNK N 288 -14.72 -63.46 0.38
N UNK N 289 -14.62 -62.52 1.33
CA UNK N 289 -13.52 -61.57 1.29
C UNK N 289 -12.20 -62.26 1.55
N UNK N 290 -12.19 -63.26 2.45
CA UNK N 290 -10.98 -64.01 2.73
C UNK N 290 -10.53 -64.80 1.51
N UNK N 291 -11.46 -65.57 0.93
CA UNK N 291 -11.12 -66.40 -0.22
C UNK N 291 -10.88 -65.56 -1.45
N UNK N 292 -11.38 -64.33 -1.50
CA UNK N 292 -11.02 -63.43 -2.59
C UNK N 292 -9.62 -62.88 -2.42
N UNK N 293 -9.20 -62.62 -1.18
CA UNK N 293 -7.80 -62.29 -0.96
C UNK N 293 -6.92 -63.47 -1.34
N UNK N 294 -7.35 -64.68 -0.99
CA UNK N 294 -6.61 -65.88 -1.36
C UNK N 294 -6.62 -66.12 -2.86
N UNK N 295 -7.68 -65.71 -3.54
CA UNK N 295 -7.76 -65.90 -4.98
C UNK N 295 -6.91 -64.88 -5.71
N UNK N 296 -6.93 -63.63 -5.27
CA UNK N 296 -6.03 -62.64 -5.81
C UNK N 296 -4.58 -63.02 -5.57
N UNK N 297 -4.32 -63.65 -4.43
CA UNK N 297 -3.01 -64.21 -4.17
C UNK N 297 -2.73 -65.45 -5.00
N UNK N 298 -3.77 -66.16 -5.43
CA UNK N 298 -3.59 -67.40 -6.19
C UNK N 298 -3.07 -67.16 -7.59
N UNK N 299 -3.02 -65.91 -8.03
CA UNK N 299 -2.32 -65.58 -9.27
C UNK N 299 -0.82 -65.58 -9.02
N UNK O 1 -35.71 2.87 45.85
CA UNK O 1 -35.77 3.73 47.02
C UNK O 1 -37.16 4.32 47.15
N UNK O 2 -38.01 3.74 47.98
CA UNK O 2 -37.76 2.47 48.65
C UNK O 2 -38.78 1.51 48.14
N UNK O 3 -39.35 1.88 47.00
CA UNK O 3 -40.27 1.05 46.25
C UNK O 3 -39.60 0.38 45.06
N UNK O 4 -38.43 0.85 44.67
CA UNK O 4 -37.72 0.30 43.52
C UNK O 4 -36.70 -0.74 43.94
N UNK O 5 -37.11 -1.72 44.70
CA UNK O 5 -36.34 -2.94 44.81
C UNK O 5 -36.94 -3.94 43.82
N UNK O 6 -36.50 -5.20 43.84
CA UNK O 6 -37.07 -6.14 42.88
C UNK O 6 -37.10 -7.54 43.49
N UNK O 7 -38.23 -7.86 44.08
CA UNK O 7 -38.47 -9.24 44.44
C UNK O 7 -38.66 -10.05 43.18
N UNK O 8 -38.22 -11.29 43.22
CA UNK O 8 -38.46 -12.23 42.14
C UNK O 8 -39.64 -13.09 42.53
N UNK O 9 -40.82 -12.71 42.08
CA UNK O 9 -42.04 -13.42 42.46
C UNK O 9 -42.06 -14.78 41.79
N UNK O 10 -42.03 -15.85 42.58
CA UNK O 10 -42.17 -17.19 42.04
C UNK O 10 -43.66 -17.46 41.86
N UNK O 11 -44.08 -17.67 40.62
CA UNK O 11 -45.47 -17.41 40.26
C UNK O 11 -46.40 -18.43 40.91
N UNK O 12 -47.53 -17.94 41.37
CA UNK O 12 -48.56 -18.70 42.05
C UNK O 12 -49.83 -18.66 41.21
N UNK O 13 -50.94 -19.12 41.76
CA UNK O 13 -52.15 -19.24 40.96
C UNK O 13 -52.86 -17.93 40.71
N UNK O 14 -52.23 -16.80 40.97
CA UNK O 14 -52.61 -15.53 40.38
C UNK O 14 -51.77 -15.24 39.16
N UNK O 15 -51.39 -16.27 38.42
CA UNK O 15 -50.75 -16.15 37.12
C UNK O 15 -51.51 -16.91 36.06
N UNK O 16 -52.83 -17.02 36.19
CA UNK O 16 -53.61 -17.79 35.25
C UNK O 16 -53.73 -17.06 33.94
N UNK O 17 -53.53 -17.76 32.83
CA UNK O 17 -53.63 -17.03 31.58
C UNK O 17 -54.07 -17.97 30.49
N UNK O 18 -54.74 -17.42 29.50
CA UNK O 18 -55.05 -18.21 28.32
C UNK O 18 -53.78 -18.48 27.55
N UNK O 19 -53.70 -19.65 26.94
CA UNK O 19 -52.70 -19.93 25.93
C UNK O 19 -53.47 -20.14 24.67
N UNK O 20 -53.16 -19.39 23.63
CA UNK O 20 -53.84 -19.53 22.36
C UNK O 20 -52.86 -20.17 21.40
N UNK O 21 -53.14 -21.39 20.99
CA UNK O 21 -52.25 -22.16 20.14
C UNK O 21 -52.98 -22.40 18.85
N UNK O 22 -52.57 -21.75 17.79
CA UNK O 22 -53.21 -22.02 16.51
C UNK O 22 -52.58 -23.25 15.90
N UNK O 23 -53.40 -24.10 15.30
CA UNK O 23 -53.01 -25.49 15.24
C UNK O 23 -52.76 -26.06 13.87
N UNK O 24 -53.24 -25.44 12.80
CA UNK O 24 -53.49 -26.02 11.48
C UNK O 24 -54.52 -27.12 11.49
N UNK O 25 -55.23 -27.33 12.58
CA UNK O 25 -56.46 -28.09 12.54
C UNK O 25 -57.48 -27.54 13.51
N UNK O 26 -57.17 -26.47 14.23
CA UNK O 26 -58.05 -25.84 15.21
C UNK O 26 -57.40 -24.54 15.62
N UNK O 27 -58.02 -23.85 16.57
CA UNK O 27 -57.39 -22.75 17.29
C UNK O 27 -57.65 -23.08 18.75
N UNK O 28 -56.79 -23.88 19.33
CA UNK O 28 -57.05 -24.36 20.68
C UNK O 28 -56.75 -23.22 21.64
N UNK O 29 -57.62 -23.03 22.62
CA UNK O 29 -57.42 -22.00 23.63
C UNK O 29 -57.51 -22.68 24.99
N UNK O 30 -56.38 -22.82 25.65
CA UNK O 30 -56.25 -23.62 26.86
C UNK O 30 -55.86 -22.71 28.01
N UNK O 31 -56.66 -22.69 29.07
CA UNK O 31 -56.36 -21.83 30.21
C UNK O 31 -55.36 -22.53 31.10
N UNK O 32 -54.16 -21.97 31.20
CA UNK O 32 -53.15 -22.54 32.08
C UNK O 32 -53.32 -21.97 33.47
N UNK O 33 -53.41 -22.86 34.47
CA UNK O 33 -53.54 -22.48 35.86
C UNK O 33 -52.57 -23.32 36.66
N UNK O 34 -51.70 -22.69 37.44
CA UNK O 34 -50.74 -23.41 38.27
C UNK O 34 -51.47 -24.09 39.42
N UNK O 35 -50.81 -25.02 40.09
CA UNK O 35 -51.54 -25.91 40.98
C UNK O 35 -50.97 -25.91 42.37
N UNK O 36 -50.77 -24.73 42.94
CA UNK O 36 -50.01 -24.60 44.17
C UNK O 36 -50.94 -24.74 45.36
N UNK O 37 -51.19 -25.99 45.76
CA UNK O 37 -51.97 -26.35 46.95
C UNK O 37 -53.34 -25.67 46.95
N UNK O 38 -54.00 -25.65 45.79
CA UNK O 38 -55.32 -25.06 45.67
C UNK O 38 -56.25 -25.98 46.40
N UNK O 39 -56.48 -27.09 45.84
CA UNK O 39 -56.60 -28.24 46.71
C UNK O 39 -55.75 -29.37 46.20
N UNK O 40 -55.72 -29.58 44.89
CA UNK O 40 -54.90 -30.59 44.22
C UNK O 40 -55.04 -30.49 42.71
N UNK O 41 -53.96 -30.79 41.99
CA UNK O 41 -53.86 -31.73 40.86
C UNK O 41 -52.50 -31.50 40.23
N UNK O 42 -52.17 -32.25 39.19
CA UNK O 42 -51.10 -31.82 38.30
C UNK O 42 -51.40 -32.34 36.91
N UNK O 43 -50.44 -32.23 36.01
CA UNK O 43 -50.61 -32.76 34.66
C UNK O 43 -49.22 -32.92 34.06
N UNK O 44 -48.81 -34.16 33.82
CA UNK O 44 -47.53 -34.38 33.17
C UNK O 44 -47.69 -34.46 31.66
N UNK O 45 -48.54 -35.36 31.18
CA UNK O 45 -48.87 -35.43 29.77
C UNK O 45 -50.38 -35.30 29.63
N UNK O 46 -50.85 -34.15 29.20
CA UNK O 46 -52.27 -33.98 28.94
C UNK O 46 -52.42 -34.22 27.46
N UNK O 47 -52.82 -35.43 27.10
CA UNK O 47 -53.06 -35.74 25.70
C UNK O 47 -54.49 -35.37 25.37
N UNK O 48 -54.66 -34.41 24.48
CA UNK O 48 -56.00 -33.96 24.10
C UNK O 48 -56.50 -34.92 23.05
N UNK O 49 -57.33 -35.87 23.44
CA UNK O 49 -57.95 -36.77 22.50
C UNK O 49 -59.11 -36.06 21.81
N UNK O 50 -59.09 -36.05 20.49
CA UNK O 50 -60.04 -35.31 19.69
C UNK O 50 -61.19 -36.23 19.36
N UNK O 51 -62.25 -36.16 20.16
CA UNK O 51 -63.34 -37.10 20.04
C UNK O 51 -64.14 -36.87 18.78
N UNK O 52 -64.63 -35.66 18.57
CA UNK O 52 -65.46 -35.38 17.41
C UNK O 52 -64.70 -35.40 16.10
N UNK O 53 -63.37 -35.46 16.15
CA UNK O 53 -62.60 -35.60 14.92
C UNK O 53 -62.83 -36.97 14.31
N UNK O 54 -62.96 -37.98 15.16
CA UNK O 54 -63.08 -39.34 14.63
C UNK O 54 -64.43 -39.55 13.96
N UNK O 55 -65.46 -38.82 14.36
CA UNK O 55 -66.72 -38.93 13.65
C UNK O 55 -66.65 -38.29 12.27
N UNK O 56 -65.93 -37.18 12.15
CA UNK O 56 -65.70 -36.61 10.84
C UNK O 56 -64.76 -37.47 10.02
N UNK O 57 -64.00 -38.34 10.65
CA UNK O 57 -63.31 -39.35 9.87
C UNK O 57 -64.25 -40.45 9.45
N UNK O 58 -65.19 -40.80 10.31
CA UNK O 58 -66.05 -41.96 10.06
C UNK O 58 -67.05 -41.68 8.96
N UNK O 59 -67.57 -40.46 8.89
CA UNK O 59 -68.47 -40.13 7.80
C UNK O 59 -67.74 -40.13 6.46
N UNK O 60 -66.52 -39.63 6.43
CA UNK O 60 -65.75 -39.66 5.21
C UNK O 60 -65.24 -41.05 4.88
N UNK O 61 -65.26 -41.97 5.83
CA UNK O 61 -65.00 -43.35 5.50
C UNK O 61 -66.25 -44.06 5.02
N UNK O 62 -67.41 -43.66 5.52
CA UNK O 62 -68.66 -44.30 5.12
C UNK O 62 -69.06 -43.89 3.71
N UNK O 63 -68.93 -42.61 3.39
CA UNK O 63 -69.29 -42.17 2.05
C UNK O 63 -68.30 -42.64 1.01
N UNK O 64 -67.07 -42.94 1.40
CA UNK O 64 -66.09 -43.46 0.45
C UNK O 64 -66.04 -44.98 0.44
N UNK O 65 -66.66 -45.64 1.41
CA UNK O 65 -66.86 -47.08 1.29
C UNK O 65 -68.08 -47.41 0.44
N UNK O 66 -69.03 -46.49 0.32
CA UNK O 66 -70.14 -46.62 -0.61
C UNK O 66 -69.83 -45.97 -1.95
N UNK O 67 -69.57 -44.67 -1.95
CA UNK O 67 -69.29 -43.97 -3.19
C UNK O 67 -67.81 -43.69 -3.36
N UNK O 68 -45.05 31.82 44.46
CA UNK O 68 -45.76 30.62 44.85
C UNK O 68 -45.20 29.43 44.11
N UNK O 69 -44.40 29.72 43.09
CA UNK O 69 -43.88 28.65 42.24
C UNK O 69 -42.85 27.81 42.96
N UNK O 70 -42.23 28.33 44.01
CA UNK O 70 -41.47 27.50 44.91
C UNK O 70 -42.27 27.17 46.15
N UNK O 71 -43.57 27.48 46.15
CA UNK O 71 -44.44 27.11 47.25
C UNK O 71 -45.47 26.09 46.81
N UNK O 72 -46.26 26.41 45.78
CA UNK O 72 -47.38 25.56 45.42
C UNK O 72 -46.91 24.26 44.81
N UNK O 73 -45.83 24.31 44.05
CA UNK O 73 -45.28 23.08 43.50
C UNK O 73 -44.76 22.19 44.61
N UNK O 74 -44.20 22.77 45.66
CA UNK O 74 -43.69 21.97 46.76
C UNK O 74 -44.82 21.36 47.57
N UNK O 75 -45.89 22.12 47.77
CA UNK O 75 -47.03 21.58 48.49
C UNK O 75 -47.72 20.49 47.69
N UNK O 76 -47.80 20.66 46.37
CA UNK O 76 -48.39 19.63 45.55
C UNK O 76 -47.49 18.43 45.46
N UNK O 77 -46.18 18.63 45.52
CA UNK O 77 -45.27 17.50 45.50
C UNK O 77 -45.39 16.67 46.76
N UNK O 78 -45.44 17.34 47.91
CA UNK O 78 -45.62 16.62 49.15
C UNK O 78 -46.99 15.98 49.24
N UNK O 79 -48.03 16.63 48.70
CA UNK O 79 -49.35 16.01 48.75
C UNK O 79 -49.44 14.87 47.76
N UNK O 80 -48.68 14.93 46.68
CA UNK O 80 -48.66 13.84 45.73
C UNK O 80 -47.98 12.63 46.33
N UNK O 81 -46.79 12.81 46.88
CA UNK O 81 -46.11 11.68 47.51
C UNK O 81 -46.81 11.25 48.79
N UNK O 82 -47.63 12.11 49.38
CA UNK O 82 -48.40 11.76 50.55
C UNK O 82 -49.64 10.95 50.22
N UNK O 83 -50.32 11.27 49.13
CA UNK O 83 -51.40 10.41 48.72
C UNK O 83 -50.88 9.19 48.02
N UNK O 84 -49.67 9.24 47.47
CA UNK O 84 -49.11 8.09 46.79
C UNK O 84 -48.67 7.01 47.73
N UNK O 85 -48.49 7.31 49.01
CA UNK O 85 -48.51 6.26 50.03
C UNK O 85 -49.93 6.05 50.49
N UNK O 86 -50.73 5.49 49.58
CA UNK O 86 -52.13 5.22 49.83
C UNK O 86 -52.27 4.08 50.80
N UNK O 87 -51.86 2.88 50.39
CA UNK O 87 -51.74 1.71 51.25
C UNK O 87 -50.98 0.62 50.53
N UNK O 88 -49.89 0.11 51.13
CA UNK O 88 -49.07 -0.98 50.60
C UNK O 88 -48.52 -0.63 49.22
N UNK O 89 -47.60 0.33 49.22
CA UNK O 89 -47.01 0.83 47.98
C UNK O 89 -46.31 -0.29 47.23
N UNK O 90 -46.20 -0.15 45.92
CA UNK O 90 -45.89 -1.27 45.04
C UNK O 90 -44.39 -1.41 44.82
N UNK O 91 -43.91 -2.65 44.88
CA UNK O 91 -42.53 -2.99 44.53
C UNK O 91 -42.47 -3.57 43.12
N UNK O 92 -41.58 -3.06 42.29
CA UNK O 92 -41.49 -3.54 40.92
C UNK O 92 -40.83 -4.90 40.88
N UNK O 93 -41.47 -5.89 40.26
CA UNK O 93 -41.07 -7.29 40.36
C UNK O 93 -40.43 -7.81 39.07
N UNK O 94 -40.09 -9.10 39.07
CA UNK O 94 -39.52 -9.79 37.92
C UNK O 94 -39.78 -11.29 38.07
N UNK O 95 -40.47 -11.89 37.11
CA UNK O 95 -41.20 -13.12 37.38
C UNK O 95 -40.32 -14.36 37.39
N UNK O 96 -40.94 -15.54 37.44
CA UNK O 96 -40.26 -16.83 37.39
C UNK O 96 -41.25 -17.89 36.95
N UNK O 97 -40.88 -18.69 35.95
CA UNK O 97 -41.82 -19.42 35.12
C UNK O 97 -42.39 -20.65 35.79
N UNK O 98 -43.62 -20.99 35.41
CA UNK O 98 -44.08 -22.37 35.35
C UNK O 98 -43.89 -22.79 33.92
N UNK O 99 -44.10 -24.06 33.61
CA UNK O 99 -43.56 -24.55 32.36
C UNK O 99 -44.61 -25.29 31.55
N UNK O 100 -44.44 -25.33 30.22
CA UNK O 100 -45.25 -26.19 29.37
C UNK O 100 -44.59 -26.45 28.02
N UNK O 101 -44.28 -27.69 27.66
CA UNK O 101 -43.89 -27.96 26.28
C UNK O 101 -45.15 -28.35 25.53
N UNK O 102 -45.71 -27.43 24.77
CA UNK O 102 -46.84 -27.79 23.93
C UNK O 102 -46.27 -28.55 22.76
N UNK O 103 -46.43 -29.87 22.75
CA UNK O 103 -45.61 -30.71 21.89
C UNK O 103 -46.47 -31.49 20.94
N UNK O 104 -46.90 -30.83 19.88
CA UNK O 104 -47.40 -31.50 18.71
C UNK O 104 -46.33 -31.58 17.66
N UNK O 105 -45.55 -30.51 17.53
CA UNK O 105 -44.25 -30.62 16.89
C UNK O 105 -43.14 -30.28 17.86
N UNK O 106 -43.03 -29.03 18.29
CA UNK O 106 -42.29 -28.58 19.46
C UNK O 106 -42.65 -27.12 19.66
N UNK O 107 -43.14 -26.71 20.81
CA UNK O 107 -43.13 -25.29 21.15
C UNK O 107 -43.00 -25.20 22.64
N UNK O 108 -41.93 -24.61 23.11
CA UNK O 108 -41.63 -24.65 24.52
C UNK O 108 -42.04 -23.33 25.14
N UNK O 109 -43.24 -23.28 25.70
CA UNK O 109 -43.73 -22.06 26.30
C UNK O 109 -43.57 -22.18 27.81
N UNK O 110 -42.60 -21.49 28.37
CA UNK O 110 -42.57 -21.32 29.81
C UNK O 110 -43.39 -20.09 30.12
N UNK O 111 -44.45 -20.24 30.91
CA UNK O 111 -45.38 -19.14 31.19
C UNK O 111 -44.70 -18.16 32.14
N UNK O 112 -43.66 -17.52 31.63
CA UNK O 112 -42.71 -16.73 32.42
C UNK O 112 -43.09 -15.26 32.39
N UNK O 113 -43.26 -14.74 31.24
CA UNK O 113 -43.62 -13.38 31.10
C UNK O 113 -45.08 -13.10 31.44
N UNK O 114 -45.85 -14.02 32.06
CA UNK O 114 -47.32 -14.05 32.04
C UNK O 114 -47.82 -13.87 30.60
N UNK O 115 -47.07 -14.44 29.67
CA UNK O 115 -47.28 -14.27 28.25
C UNK O 115 -48.39 -15.23 27.83
N UNK O 116 -48.72 -15.25 26.55
CA UNK O 116 -49.84 -16.09 26.23
C UNK O 116 -49.80 -16.85 24.92
N UNK O 117 -49.00 -16.50 23.94
CA UNK O 117 -49.36 -16.87 22.58
C UNK O 117 -48.46 -17.91 21.98
N UNK O 118 -49.02 -18.74 21.09
CA UNK O 118 -48.22 -19.57 20.21
C UNK O 118 -49.03 -19.74 18.93
N UNK O 119 -48.68 -18.98 17.92
CA UNK O 119 -49.50 -18.90 16.72
C UNK O 119 -48.90 -19.80 15.66
N UNK O 120 -49.70 -20.74 15.17
CA UNK O 120 -49.41 -21.63 14.04
C UNK O 120 -48.33 -22.67 14.35
N UNK O 121 -48.38 -23.28 15.52
CA UNK O 121 -47.78 -24.59 15.69
C UNK O 121 -48.55 -25.56 14.81
N UNK O 122 -47.86 -26.48 14.18
CA UNK O 122 -48.44 -27.27 13.10
C UNK O 122 -48.79 -28.67 13.59
N UNK O 123 -50.04 -28.89 13.97
CA UNK O 123 -50.46 -30.19 14.45
C UNK O 123 -50.67 -31.10 13.26
N UNK O 124 -49.59 -31.73 12.80
CA UNK O 124 -49.73 -32.77 11.79
C UNK O 124 -50.44 -33.98 12.38
N UNK O 125 -49.85 -34.58 13.39
CA UNK O 125 -50.58 -35.49 14.26
C UNK O 125 -51.36 -34.65 15.27
N UNK O 126 -51.96 -35.27 16.26
CA UNK O 126 -52.73 -34.46 17.16
C UNK O 126 -51.82 -33.82 18.20
N UNK O 127 -52.32 -32.78 18.84
CA UNK O 127 -51.54 -32.08 19.83
C UNK O 127 -51.70 -32.76 21.17
N UNK O 128 -50.61 -32.92 21.87
CA UNK O 128 -50.63 -33.40 23.25
C UNK O 128 -49.77 -32.42 24.03
N UNK O 129 -50.37 -31.63 24.91
CA UNK O 129 -49.56 -30.67 25.63
C UNK O 129 -48.92 -31.39 26.81
N UNK O 130 -47.62 -31.22 27.01
CA UNK O 130 -46.97 -31.93 28.10
C UNK O 130 -46.39 -30.89 29.04
N UNK O 131 -46.99 -30.71 30.21
CA UNK O 131 -46.39 -29.79 31.16
C UNK O 131 -45.23 -30.49 31.84
N UNK O 132 -44.16 -29.75 32.12
CA UNK O 132 -42.92 -30.44 32.48
C UNK O 132 -42.83 -30.82 33.95
N UNK O 133 -42.68 -29.86 34.86
CA UNK O 133 -42.23 -30.32 36.18
C UNK O 133 -42.89 -29.78 37.42
N UNK O 134 -43.01 -28.45 37.51
CA UNK O 134 -43.34 -27.72 38.74
C UNK O 134 -44.80 -27.29 38.74
N UNK O 135 -45.63 -28.21 38.26
CA UNK O 135 -47.06 -28.29 38.45
C UNK O 135 -47.90 -27.22 37.79
N UNK O 136 -47.93 -27.19 36.48
CA UNK O 136 -49.04 -26.50 35.84
C UNK O 136 -50.27 -27.38 35.83
N UNK O 137 -51.37 -26.86 35.30
CA UNK O 137 -52.51 -27.67 34.92
C UNK O 137 -53.20 -26.91 33.80
N UNK O 138 -53.19 -27.48 32.61
CA UNK O 138 -53.96 -26.91 31.53
C UNK O 138 -55.40 -27.37 31.68
N UNK O 139 -56.33 -26.44 31.62
CA UNK O 139 -57.75 -26.80 31.67
C UNK O 139 -58.39 -26.06 30.51
N UNK O 140 -58.67 -26.78 29.43
CA UNK O 140 -59.07 -26.17 28.16
C UNK O 140 -60.39 -25.43 28.30
N UNK O 141 -60.56 -24.38 27.51
CA UNK O 141 -61.71 -23.49 27.67
C UNK O 141 -62.93 -24.10 27.01
N UNK O 142 -63.97 -23.29 26.82
CA UNK O 142 -65.32 -23.84 26.70
C UNK O 142 -65.61 -24.46 25.34
N UNK O 143 -65.58 -23.68 24.26
CA UNK O 143 -66.10 -24.15 22.99
C UNK O 143 -65.12 -25.06 22.28
N UNK O 144 -65.58 -25.64 21.16
CA UNK O 144 -64.81 -26.46 20.22
C UNK O 144 -64.22 -27.72 20.89
N UNK O 145 -65.11 -28.64 21.22
CA UNK O 145 -64.84 -29.72 22.17
C UNK O 145 -63.84 -30.76 21.68
N UNK O 146 -62.57 -30.56 22.02
CA UNK O 146 -61.64 -31.64 22.23
C UNK O 146 -61.90 -32.25 23.60
N UNK O 147 -61.15 -33.27 23.99
CA UNK O 147 -61.37 -33.83 25.32
C UNK O 147 -60.08 -34.37 25.89
N UNK O 148 -59.71 -33.91 27.07
CA UNK O 148 -58.40 -34.19 27.61
C UNK O 148 -58.31 -35.61 28.14
N UNK O 149 -57.08 -36.10 28.30
CA UNK O 149 -56.78 -37.33 29.01
C UNK O 149 -55.45 -37.11 29.69
N UNK O 150 -55.44 -37.09 31.01
CA UNK O 150 -54.37 -36.45 31.76
C UNK O 150 -53.58 -37.47 32.57
N UNK O 151 -52.29 -37.61 32.27
CA UNK O 151 -51.43 -38.46 33.10
C UNK O 151 -51.05 -37.68 34.34
N UNK O 152 -51.95 -37.68 35.32
CA UNK O 152 -51.78 -36.84 36.49
C UNK O 152 -50.70 -37.37 37.40
N UNK O 153 -49.88 -36.48 37.93
CA UNK O 153 -48.81 -36.84 38.84
C UNK O 153 -48.76 -35.80 39.93
N UNK O 154 -49.49 -36.05 41.01
CA UNK O 154 -49.89 -35.05 42.00
C UNK O 154 -48.70 -34.32 42.58
N UNK O 155 -48.90 -33.04 42.86
CA UNK O 155 -47.81 -32.17 43.27
C UNK O 155 -47.29 -32.60 44.62
N UNK O 156 -45.98 -32.77 44.73
CA UNK O 156 -45.37 -33.37 45.89
C UNK O 156 -45.11 -32.38 46.98
N UNK O 157 -45.90 -31.32 47.04
CA UNK O 157 -46.06 -30.53 48.24
C UNK O 157 -46.94 -31.31 49.22
N UNK O 158 -47.34 -30.66 50.29
CA UNK O 158 -47.84 -31.39 51.44
C UNK O 158 -49.28 -31.82 51.26
N UNK O 159 -49.88 -32.24 52.37
CA UNK O 159 -51.16 -32.90 52.45
C UNK O 159 -52.32 -31.94 52.37
N UNK O 160 -53.47 -32.40 52.85
CA UNK O 160 -54.51 -31.50 53.31
C UNK O 160 -53.90 -30.44 54.20
N UNK O 161 -53.97 -29.19 53.75
CA UNK O 161 -53.38 -28.06 54.44
C UNK O 161 -54.03 -27.88 55.80
N UNK O 162 -53.20 -27.54 56.79
CA UNK O 162 -53.50 -27.85 58.17
C UNK O 162 -54.71 -27.15 58.78
N UNK O 163 -54.61 -25.87 59.08
CA UNK O 163 -55.73 -25.25 59.77
C UNK O 163 -56.01 -23.81 59.42
N UNK O 164 -55.20 -23.14 58.63
CA UNK O 164 -55.36 -21.71 58.46
C UNK O 164 -54.78 -21.22 57.14
N UNK O 165 -68.31 -43.13 45.06
CA UNK O 165 -67.11 -42.71 44.37
C UNK O 165 -66.26 -41.83 45.28
N UNK O 166 -65.66 -42.45 46.28
CA UNK O 166 -64.87 -41.73 47.26
C UNK O 166 -63.61 -41.20 46.59
N UNK O 167 -63.63 -39.93 46.22
CA UNK O 167 -62.51 -39.37 45.50
C UNK O 167 -61.27 -39.18 46.37
N UNK O 168 -61.44 -39.17 47.69
CA UNK O 168 -60.35 -39.15 48.68
C UNK O 168 -59.45 -37.94 48.51
N UNK O 169 -60.01 -36.78 48.85
CA UNK O 169 -59.34 -35.47 48.84
C UNK O 169 -58.90 -35.06 47.45
N UNK O 170 -59.52 -35.64 46.43
CA UNK O 170 -59.83 -34.92 45.22
C UNK O 170 -61.21 -34.32 45.32
N UNK O 171 -61.97 -34.73 46.33
CA UNK O 171 -63.24 -34.09 46.62
C UNK O 171 -63.03 -32.64 46.96
N UNK O 172 -61.93 -32.32 47.63
CA UNK O 172 -61.62 -30.93 47.88
C UNK O 172 -61.30 -30.19 46.60
N UNK O 173 -60.69 -30.87 45.63
CA UNK O 173 -60.40 -30.20 44.36
C UNK O 173 -61.68 -29.89 43.62
N UNK O 174 -62.57 -30.87 43.53
CA UNK O 174 -63.86 -30.64 42.91
C UNK O 174 -64.73 -29.70 43.71
N UNK O 175 -64.40 -29.47 44.96
CA UNK O 175 -65.05 -28.39 45.68
C UNK O 175 -64.51 -27.05 45.22
N UNK O 176 -63.22 -26.83 45.45
CA UNK O 176 -62.66 -25.49 45.35
C UNK O 176 -62.60 -24.99 43.93
N UNK O 177 -62.57 -25.89 42.94
CA UNK O 177 -62.78 -25.44 41.58
C UNK O 177 -64.18 -24.91 41.40
N UNK O 178 -65.17 -25.67 41.83
CA UNK O 178 -66.55 -25.27 41.69
C UNK O 178 -67.01 -24.34 42.78
N UNK O 179 -66.10 -23.76 43.52
CA UNK O 179 -66.43 -22.64 44.37
C UNK O 179 -65.75 -21.37 43.92
N UNK O 180 -64.53 -21.49 43.39
CA UNK O 180 -63.88 -20.31 42.83
C UNK O 180 -64.58 -19.86 41.58
N UNK O 181 -65.10 -20.78 40.79
CA UNK O 181 -65.80 -20.42 39.58
C UNK O 181 -67.26 -20.14 39.80
N UNK O 182 -67.67 -19.93 41.04
CA UNK O 182 -69.05 -19.58 41.32
C UNK O 182 -69.33 -18.18 40.81
N UNK O 183 -70.54 -17.97 40.32
CA UNK O 183 -70.96 -16.65 39.91
C UNK O 183 -71.45 -15.91 41.13
N UNK O 184 -71.01 -14.66 41.29
CA UNK O 184 -71.28 -13.81 42.45
C UNK O 184 -70.83 -14.51 43.74
N UNK O 185 -69.51 -14.64 43.85
CA UNK O 185 -68.90 -15.17 45.06
C UNK O 185 -69.33 -14.37 46.26
N UNK O 186 -69.45 -15.05 47.39
CA UNK O 186 -70.22 -14.62 48.56
C UNK O 186 -71.66 -14.31 48.16
N UNK O 187 -72.34 -15.37 47.74
CA UNK O 187 -73.78 -15.39 47.63
C UNK O 187 -74.47 -16.14 48.77
N UNK O 188 -73.71 -16.93 49.53
CA UNK O 188 -74.07 -17.62 50.77
C UNK O 188 -75.10 -18.73 50.60
N UNK O 189 -75.66 -18.92 49.43
CA UNK O 189 -76.53 -20.05 49.18
C UNK O 189 -76.07 -20.83 47.98
N UNK O 190 -75.10 -20.32 47.25
CA UNK O 190 -74.40 -21.13 46.28
C UNK O 190 -73.19 -21.80 46.88
N UNK O 191 -72.64 -21.19 47.93
CA UNK O 191 -71.57 -21.82 48.66
C UNK O 191 -72.02 -23.13 49.29
N UNK O 192 -73.25 -23.15 49.80
CA UNK O 192 -73.79 -24.39 50.32
C UNK O 192 -74.15 -25.36 49.22
N UNK O 193 -74.31 -24.90 48.00
CA UNK O 193 -74.42 -25.84 46.90
C UNK O 193 -73.08 -26.38 46.48
N UNK O 194 -72.00 -25.64 46.73
CA UNK O 194 -70.67 -26.11 46.38
C UNK O 194 -70.16 -27.10 47.40
N UNK O 195 -70.13 -26.70 48.66
CA UNK O 195 -69.62 -27.55 49.73
C UNK O 195 -70.67 -28.56 50.18
N UNK O 196 -71.14 -29.36 49.23
CA UNK O 196 -72.31 -30.20 49.42
C UNK O 196 -71.96 -31.66 49.55
N UNK O 197 -70.68 -32.01 49.63
CA UNK O 197 -70.30 -33.35 49.98
C UNK O 197 -69.09 -33.39 50.89
N UNK O 198 -68.55 -32.24 51.28
CA UNK O 198 -67.41 -32.24 52.16
C UNK O 198 -67.85 -32.52 53.57
N UNK O 199 -67.01 -33.24 54.31
CA UNK O 199 -67.27 -33.44 55.72
C UNK O 199 -66.96 -32.16 56.48
N UNK O 200 -67.39 -32.13 57.74
CA UNK O 200 -67.38 -30.91 58.53
C UNK O 200 -65.96 -30.41 58.82
N UNK O 201 -64.98 -31.30 58.86
CA UNK O 201 -63.61 -30.84 58.92
C UNK O 201 -63.20 -30.18 57.62
N UNK O 202 -63.64 -30.74 56.50
CA UNK O 202 -63.19 -30.27 55.21
C UNK O 202 -63.77 -28.90 54.89
N UNK O 203 -64.94 -28.59 55.45
CA UNK O 203 -65.56 -27.29 55.22
C UNK O 203 -64.70 -26.17 55.75
N UNK O 204 -63.92 -26.45 56.79
CA UNK O 204 -63.04 -25.44 57.36
C UNK O 204 -61.96 -25.03 56.37
N UNK O 205 -61.21 -26.00 55.86
CA UNK O 205 -60.12 -25.68 54.96
C UNK O 205 -60.64 -25.10 53.65
N UNK O 206 -61.79 -25.59 53.18
CA UNK O 206 -62.32 -25.06 51.93
C UNK O 206 -62.80 -23.63 52.08
N UNK O 207 -63.60 -23.36 53.12
CA UNK O 207 -64.11 -22.01 53.34
C UNK O 207 -62.99 -21.05 53.72
N UNK O 208 -61.97 -21.53 54.42
CA UNK O 208 -60.88 -20.64 54.79
C UNK O 208 -60.00 -20.31 53.61
N UNK O 209 -59.76 -21.29 52.74
CA UNK O 209 -59.01 -21.01 51.52
C UNK O 209 -59.78 -20.07 50.63
N UNK O 210 -61.11 -20.19 50.61
CA UNK O 210 -61.91 -19.23 49.87
C UNK O 210 -61.81 -17.85 50.47
N UNK O 211 -61.77 -17.75 51.80
CA UNK O 211 -61.72 -16.45 52.46
C UNK O 211 -60.40 -15.77 52.20
N UNK O 212 -59.30 -16.49 52.43
CA UNK O 212 -57.99 -15.90 52.18
C UNK O 212 -57.77 -15.65 50.71
N UNK O 213 -58.36 -16.44 49.84
CA UNK O 213 -58.16 -16.22 48.43
C UNK O 213 -58.91 -15.00 47.94
N UNK O 214 -60.13 -14.79 48.43
CA UNK O 214 -60.84 -13.60 48.02
C UNK O 214 -60.24 -12.35 48.64
N UNK O 215 -59.68 -12.47 49.84
CA UNK O 215 -58.98 -11.34 50.41
C UNK O 215 -57.68 -11.05 49.68
N UNK O 216 -57.05 -12.07 49.11
CA UNK O 216 -55.92 -11.81 48.25
C UNK O 216 -56.37 -11.17 46.95
N UNK O 217 -57.51 -11.61 46.43
CA UNK O 217 -57.95 -11.13 45.13
C UNK O 217 -58.39 -9.69 45.19
N UNK O 218 -58.99 -9.25 46.30
CA UNK O 218 -59.33 -7.85 46.42
C UNK O 218 -58.09 -6.99 46.48
N UNK O 219 -57.05 -7.47 47.17
CA UNK O 219 -55.81 -6.72 47.20
C UNK O 219 -55.18 -6.67 45.83
N UNK O 220 -55.28 -7.75 45.06
CA UNK O 220 -54.67 -7.77 43.74
C UNK O 220 -55.41 -6.85 42.79
N UNK O 221 -56.73 -6.91 42.81
CA UNK O 221 -57.47 -6.08 41.88
C UNK O 221 -57.47 -4.62 42.29
N UNK O 222 -57.23 -4.32 43.55
CA UNK O 222 -57.08 -2.91 43.85
C UNK O 222 -55.69 -2.43 43.50
N UNK O 223 -54.67 -3.24 43.78
CA UNK O 223 -53.32 -2.81 43.50
C UNK O 223 -53.01 -2.81 42.03
N UNK O 224 -53.78 -3.51 41.21
CA UNK O 224 -53.63 -3.37 39.78
C UNK O 224 -54.16 -2.03 39.33
N UNK O 225 -55.41 -1.75 39.64
CA UNK O 225 -56.06 -0.56 39.17
C UNK O 225 -55.81 0.64 40.06
N UNK O 226 -54.78 0.63 40.89
CA UNK O 226 -54.52 1.80 41.70
C UNK O 226 -54.01 2.95 40.86
N UNK O 227 -53.01 2.69 40.03
CA UNK O 227 -52.44 3.70 39.18
C UNK O 227 -53.09 3.57 37.80
N UNK O 228 -54.36 3.96 37.69
CA UNK O 228 -55.13 3.56 36.53
C UNK O 228 -56.03 4.60 35.90
N UNK O 229 -55.93 5.88 36.24
CA UNK O 229 -56.63 7.00 35.62
C UNK O 229 -58.13 6.95 35.72
N UNK O 230 -58.63 6.07 36.50
CA UNK O 230 -59.99 6.14 36.98
C UNK O 230 -60.04 6.01 38.49
N UNK O 231 -59.19 5.18 39.06
CA UNK O 231 -58.98 5.19 40.49
C UNK O 231 -57.79 6.04 40.85
N UNK O 232 -57.23 6.76 39.89
CA UNK O 232 -56.38 7.88 40.20
C UNK O 232 -57.11 9.19 39.98
N UNK O 233 -58.35 9.11 39.61
CA UNK O 233 -59.11 10.33 39.36
C UNK O 233 -60.30 10.46 40.28
N UNK O 234 -61.01 9.38 40.55
CA UNK O 234 -62.14 9.48 41.46
C UNK O 234 -61.68 9.61 42.89
N UNK O 235 -60.47 9.18 43.19
CA UNK O 235 -59.86 9.32 44.50
C UNK O 235 -58.88 10.47 44.50
N UNK O 236 -59.29 11.57 43.86
CA UNK O 236 -58.48 12.52 43.11
C UNK O 236 -57.15 12.90 43.74
N UNK O 237 -56.07 12.59 43.04
CA UNK O 237 -54.75 12.88 43.54
C UNK O 237 -54.43 14.33 43.24
N UNK O 238 -53.19 14.70 43.45
CA UNK O 238 -52.77 16.03 43.05
C UNK O 238 -52.72 16.14 41.53
N UNK O 239 -51.95 15.25 40.90
CA UNK O 239 -51.91 15.14 39.45
C UNK O 239 -52.91 14.11 38.98
N UNK O 240 -53.18 14.08 37.66
CA UNK O 240 -54.22 13.18 37.19
C UNK O 240 -53.97 12.47 35.86
N UNK O 241 -52.78 12.57 35.27
CA UNK O 241 -52.32 11.69 34.19
C UNK O 241 -53.20 11.81 32.94
N UNK O 242 -53.08 12.95 32.24
CA UNK O 242 -54.09 13.34 31.26
C UNK O 242 -53.56 13.68 29.87
N UNK O 243 -52.42 13.17 29.47
CA UNK O 243 -52.00 13.32 28.09
C UNK O 243 -51.46 12.00 27.56
N UNK O 244 -52.24 10.96 27.79
CA UNK O 244 -51.80 9.60 27.53
C UNK O 244 -51.64 9.34 26.04
N UNK O 245 -52.50 9.91 25.21
CA UNK O 245 -52.72 9.40 23.87
C UNK O 245 -52.40 10.45 22.81
N UNK O 246 -51.23 10.34 22.17
CA UNK O 246 -50.89 11.22 21.04
C UNK O 246 -49.92 10.47 20.14
N UNK O 247 -50.43 9.85 19.08
CA UNK O 247 -49.61 8.93 18.28
C UNK O 247 -50.20 8.75 16.88
N UNK O 248 -49.77 7.69 16.19
CA UNK O 248 -49.95 7.54 14.75
C UNK O 248 -51.00 6.50 14.41
N UNK O 249 -51.84 6.83 13.45
CA UNK O 249 -52.83 5.89 12.91
C UNK O 249 -52.29 5.29 11.63
N UNK O 250 -51.36 4.37 11.77
CA UNK O 250 -50.78 3.71 10.61
C UNK O 250 -50.77 2.21 10.85
N UNK O 251 -50.69 1.46 9.77
CA UNK O 251 -50.97 0.04 9.80
C UNK O 251 -49.90 -0.73 10.55
N UNK O 252 -50.33 -1.58 11.47
CA UNK O 252 -49.45 -2.61 11.99
C UNK O 252 -49.23 -3.63 10.88
N UNK O 253 -48.00 -4.07 10.72
CA UNK O 253 -47.64 -4.83 9.53
C UNK O 253 -48.11 -6.28 9.66
N UNK O 254 -49.00 -6.68 8.78
CA UNK O 254 -49.51 -8.04 8.78
C UNK O 254 -48.44 -9.01 8.34
N UNK O 255 -48.55 -10.24 8.82
CA UNK O 255 -47.66 -11.32 8.42
C UNK O 255 -48.53 -12.51 8.09
N UNK O 256 -48.98 -12.57 6.85
CA UNK O 256 -49.90 -13.64 6.47
C UNK O 256 -49.16 -14.96 6.34
N UNK O 257 -49.67 -16.01 6.98
CA UNK O 257 -48.84 -17.19 7.19
C UNK O 257 -48.80 -18.10 5.98
N UNK O 258 -49.90 -18.79 5.69
CA UNK O 258 -49.90 -19.88 4.71
C UNK O 258 -51.30 -20.37 4.43
N UNK O 259 -51.42 -21.56 3.83
CA UNK O 259 -52.61 -22.37 3.98
C UNK O 259 -52.52 -23.31 5.18
N UNK O 260 -51.67 -22.98 6.15
CA UNK O 260 -51.64 -23.64 7.43
C UNK O 260 -52.67 -23.10 8.39
N UNK O 261 -53.45 -22.11 8.00
CA UNK O 261 -54.56 -21.66 8.82
C UNK O 261 -55.75 -22.51 8.43
N UNK O 262 -56.13 -23.44 9.29
CA UNK O 262 -57.15 -24.42 8.92
C UNK O 262 -58.52 -23.79 8.88
N UNK O 263 -59.36 -24.33 8.02
CA UNK O 263 -60.71 -23.81 7.83
C UNK O 263 -61.61 -24.32 8.95
N UNK O 264 -62.91 -24.18 8.79
CA UNK O 264 -63.84 -24.60 9.82
C UNK O 264 -64.84 -25.63 9.29
N UNK O 265 -64.40 -26.47 8.35
CA UNK O 265 -65.30 -27.45 7.77
C UNK O 265 -65.49 -28.64 8.70
N UNK O 266 -64.44 -29.41 8.90
CA UNK O 266 -64.42 -30.56 9.78
C UNK O 266 -62.97 -30.85 10.10
N UNK O 267 -62.69 -32.06 10.57
CA UNK O 267 -61.36 -32.39 11.04
C UNK O 267 -60.52 -33.14 10.03
N UNK O 268 -61.04 -34.27 9.53
CA UNK O 268 -60.39 -35.35 8.76
C UNK O 268 -59.44 -36.18 9.61
N UNK O 269 -59.22 -35.78 10.87
CA UNK O 269 -58.74 -36.63 11.97
C UNK O 269 -57.41 -37.33 11.70
N UNK O 270 -56.55 -36.72 10.87
CA UNK O 270 -55.14 -37.10 10.68
C UNK O 270 -54.98 -38.55 10.22
N UNK O 271 -55.45 -38.80 9.01
CA UNK O 271 -55.42 -40.14 8.43
C UNK O 271 -53.99 -40.54 8.14
N UNK O 272 -53.52 -41.58 8.80
CA UNK O 272 -52.21 -42.16 8.53
C UNK O 272 -52.38 -43.52 7.87
N UNK O 273 -51.25 -44.03 7.37
CA UNK O 273 -51.23 -45.34 6.74
C UNK O 273 -51.50 -46.44 7.76
N UNK O 274 -51.89 -47.61 7.26
CA UNK O 274 -52.23 -48.72 8.14
C UNK O 274 -50.97 -49.36 8.70
N UNK O 275 -51.06 -49.79 9.96
CA UNK O 275 -49.89 -50.30 10.65
C UNK O 275 -49.41 -51.61 10.05
N UNK O 276 -50.32 -52.40 9.50
CA UNK O 276 -49.91 -53.61 8.83
C UNK O 276 -49.11 -53.29 7.57
N UNK O 277 -49.55 -52.27 6.85
CA UNK O 277 -48.80 -51.81 5.69
C UNK O 277 -47.44 -51.30 6.12
N UNK O 278 -47.39 -50.63 7.27
CA UNK O 278 -46.12 -50.12 7.76
C UNK O 278 -45.16 -51.24 8.11
N UNK O 279 -45.66 -52.27 8.80
CA UNK O 279 -44.80 -53.36 9.24
C UNK O 279 -44.32 -54.17 8.05
N UNK O 280 -45.19 -54.35 7.06
CA UNK O 280 -44.77 -55.06 5.86
C UNK O 280 -43.72 -54.27 5.11
N UNK O 281 -43.95 -52.96 4.95
CA UNK O 281 -43.01 -52.14 4.22
C UNK O 281 -41.70 -51.94 4.97
N UNK O 282 -41.70 -52.13 6.28
CA UNK O 282 -40.44 -52.01 7.00
C UNK O 282 -39.67 -53.31 6.97
N UNK O 283 -40.36 -54.42 7.25
CA UNK O 283 -39.69 -55.71 7.28
C UNK O 283 -39.17 -56.10 5.92
N UNK O 284 -39.94 -55.80 4.87
CA UNK O 284 -39.51 -56.11 3.52
C UNK O 284 -38.31 -55.25 3.15
N UNK O 285 -38.31 -53.98 3.55
CA UNK O 285 -37.21 -53.10 3.16
C UNK O 285 -35.94 -53.50 3.85
N UNK O 286 -36.00 -53.75 5.15
CA UNK O 286 -34.80 -54.14 5.88
C UNK O 286 -34.30 -55.50 5.42
N UNK O 287 -35.23 -56.43 5.15
CA UNK O 287 -34.82 -57.76 4.72
C UNK O 287 -34.22 -57.73 3.33
N UNK O 288 -34.76 -56.91 2.44
CA UNK O 288 -34.21 -56.84 1.10
C UNK O 288 -32.87 -56.16 1.11
N UNK O 289 -32.67 -55.18 1.99
CA UNK O 289 -31.34 -54.59 2.13
C UNK O 289 -30.35 -55.60 2.70
N UNK O 290 -30.82 -56.43 3.63
CA UNK O 290 -29.96 -57.46 4.20
C UNK O 290 -29.56 -58.48 3.16
N UNK O 291 -30.54 -59.02 2.44
CA UNK O 291 -30.26 -60.04 1.44
C UNK O 291 -29.57 -59.46 0.23
N UNK O 292 -29.66 -58.15 0.01
CA UNK O 292 -28.86 -57.53 -1.02
C UNK O 292 -27.41 -57.38 -0.61
N UNK O 293 -27.16 -57.09 0.67
CA UNK O 293 -25.79 -57.15 1.16
C UNK O 293 -25.25 -58.57 1.05
N UNK O 294 -26.08 -59.57 1.37
CA UNK O 294 -25.67 -60.96 1.23
C UNK O 294 -25.49 -61.35 -0.22
N UNK O 295 -26.23 -60.75 -1.13
CA UNK O 295 -26.10 -61.08 -2.53
C UNK O 295 -24.87 -60.44 -3.15
N UNK O 296 -24.59 -59.19 -2.78
CA UNK O 296 -23.36 -58.56 -3.19
C UNK O 296 -22.16 -59.30 -2.62
N UNK O 297 -22.31 -59.84 -1.42
CA UNK O 297 -21.29 -60.71 -0.87
C UNK O 297 -21.26 -62.07 -1.53
N UNK O 298 -22.37 -62.51 -2.14
CA UNK O 298 -22.43 -63.82 -2.76
C UNK O 298 -21.61 -63.90 -4.04
N UNK O 299 -21.11 -62.79 -4.53
CA UNK O 299 -20.14 -62.80 -5.61
C UNK O 299 -18.78 -63.21 -5.05
N UNK P 1 -40.91 18.19 37.13
CA UNK P 1 -40.93 19.17 38.19
C UNK P 1 -42.06 20.14 38.01
N UNK P 2 -43.19 19.93 38.68
CA UNK P 2 -43.46 18.73 39.46
C UNK P 2 -44.62 18.05 38.81
N UNK P 3 -44.82 18.41 37.55
CA UNK P 3 -45.79 17.79 36.68
C UNK P 3 -45.15 16.83 35.69
N UNK P 4 -43.84 16.91 35.53
CA UNK P 4 -43.15 16.04 34.59
C UNK P 4 -42.57 14.82 35.27
N UNK P 5 -43.39 14.09 35.99
CA UNK P 5 -43.05 12.72 36.33
C UNK P 5 -43.74 11.83 35.30
N UNK P 6 -43.71 10.51 35.48
CA UNK P 6 -44.34 9.65 34.49
C UNK P 6 -44.91 8.41 35.16
N UNK P 7 -46.17 8.48 35.52
CA UNK P 7 -46.87 7.28 35.91
C UNK P 7 -47.07 6.41 34.69
N UNK P 8 -47.04 5.11 34.89
CA UNK P 8 -47.34 4.15 33.84
C UNK P 8 -48.78 3.72 34.03
N UNK P 9 -49.70 4.36 33.32
CA UNK P 9 -51.11 4.07 33.49
C UNK P 9 -51.42 2.71 32.90
N UNK P 10 -51.85 1.77 33.74
CA UNK P 10 -52.30 0.48 33.27
C UNK P 10 -53.73 0.60 32.80
N UNK P 11 -53.97 0.39 31.52
CA UNK P 11 -55.12 0.97 30.86
C UNK P 11 -56.41 0.35 31.36
N UNK P 12 -57.41 1.19 31.54
CA UNK P 12 -58.73 0.84 32.04
C UNK P 12 -59.75 1.14 30.95
N UNK P 13 -61.03 1.07 31.28
CA UNK P 13 -62.06 1.20 30.26
C UNK P 13 -62.28 2.62 29.78
N UNK P 14 -61.39 3.56 30.11
CA UNK P 14 -61.27 4.81 29.37
C UNK P 14 -60.17 4.70 28.33
N UNK P 15 -60.00 3.52 27.76
CA UNK P 15 -59.12 3.30 26.62
C UNK P 15 -59.87 2.67 25.47
N UNK P 16 -61.15 2.95 25.32
CA UNK P 16 -61.95 2.31 24.29
C UNK P 16 -61.60 2.90 22.95
N UNK P 17 -61.43 2.04 21.95
CA UNK P 17 -61.07 2.61 20.65
C UNK P 17 -61.57 1.71 19.56
N UNK P 18 -61.86 2.30 18.42
CA UNK P 18 -62.17 1.51 17.25
C UNK P 18 -60.92 0.81 16.78
N UNK P 19 -61.08 -0.40 16.28
CA UNK P 19 -60.04 -1.08 15.52
C UNK P 19 -60.60 -1.22 14.13
N UNK P 20 -59.90 -0.71 13.15
CA UNK P 20 -60.35 -0.81 11.77
C UNK P 20 -59.45 -1.80 11.08
N UNK P 21 -60.00 -2.93 10.68
CA UNK P 21 -59.25 -4.02 10.10
C UNK P 21 -59.77 -4.20 8.69
N UNK P 22 -58.99 -3.82 7.70
CA UNK P 22 -59.44 -4.04 6.33
C UNK P 22 -59.11 -5.47 5.95
N UNK P 23 -60.03 -6.12 5.25
CA UNK P 23 -60.07 -7.56 5.35
C UNK P 23 -59.75 -8.33 4.11
N UNK P 24 -59.84 -7.73 2.92
CA UNK P 24 -60.00 -8.38 1.60
C UNK P 24 -61.29 -9.13 1.46
N UNK P 25 -62.21 -9.00 2.40
CA UNK P 25 -63.59 -9.37 2.15
C UNK P 25 -64.56 -8.45 2.85
N UNK P 26 -64.08 -7.44 3.55
CA UNK P 26 -64.90 -6.47 4.28
C UNK P 26 -63.97 -5.36 4.75
N UNK P 27 -64.52 -4.43 5.50
CA UNK P 27 -63.72 -3.47 6.27
C UNK P 27 -64.32 -3.54 7.66
N UNK P 28 -63.87 -4.48 8.46
CA UNK P 28 -64.50 -4.69 9.74
C UNK P 28 -64.06 -3.59 10.68
N UNK P 29 -64.98 -3.04 11.45
CA UNK P 29 -64.68 -2.00 12.41
C UNK P 29 -65.21 -2.44 13.76
N UNK P 30 -64.31 -2.83 14.66
CA UNK P 30 -64.66 -3.49 15.90
C UNK P 30 -64.23 -2.59 17.05
N UNK P 31 -65.16 -2.22 17.92
CA UNK P 31 -64.82 -1.34 19.04
C UNK P 31 -64.26 -2.19 20.16
N UNK P 32 -63.00 -1.98 20.49
CA UNK P 32 -62.36 -2.71 21.57
C UNK P 32 -62.63 -1.95 22.86
N UNK P 33 -63.15 -2.66 23.87
CA UNK P 33 -63.40 -2.09 25.18
C UNK P 33 -62.90 -3.07 26.22
N UNK P 34 -62.03 -2.62 27.13
CA UNK P 34 -61.51 -3.49 28.18
C UNK P 34 -62.60 -3.78 29.19
N UNK P 35 -62.38 -4.78 30.04
CA UNK P 35 -63.49 -5.32 30.80
C UNK P 35 -63.20 -5.31 32.29
N UNK P 36 -62.78 -4.18 32.80
CA UNK P 36 -62.25 -4.11 34.16
C UNK P 36 -63.37 -3.85 35.14
N UNK P 37 -64.05 -4.92 35.56
CA UNK P 37 -65.12 -4.89 36.57
C UNK P 37 -66.19 -3.87 36.25
N UNK P 38 -66.58 -3.80 34.98
CA UNK P 38 -67.62 -2.89 34.55
C UNK P 38 -68.91 -3.41 35.11
N UNK P 39 -69.34 -4.47 34.59
CA UNK P 39 -69.97 -5.43 35.48
C UNK P 39 -69.41 -6.80 35.24
N UNK P 40 -69.20 -7.17 33.96
CA UNK P 40 -68.63 -8.43 33.54
C UNK P 40 -68.45 -8.48 32.05
N UNK P 41 -67.41 -9.15 31.59
CA UNK P 41 -67.39 -10.20 30.55
C UNK P 41 -65.94 -10.45 30.20
N UNK P 42 -65.65 -11.38 29.31
CA UNK P 42 -64.36 -11.38 28.64
C UNK P 42 -64.55 -11.96 27.24
N UNK P 43 -63.45 -12.23 26.56
CA UNK P 43 -63.53 -12.85 25.24
C UNK P 43 -62.17 -13.47 24.95
N UNK P 44 -62.11 -14.78 24.87
CA UNK P 44 -60.85 -15.43 24.52
C UNK P 44 -60.77 -15.65 23.02
N UNK P 45 -61.75 -16.32 22.44
CA UNK P 45 -61.81 -16.46 20.99
C UNK P 45 -63.16 -15.93 20.55
N UNK P 46 -63.19 -14.74 19.96
CA UNK P 46 -64.41 -14.21 19.38
C UNK P 46 -64.35 -14.58 17.92
N UNK P 47 -65.02 -15.66 17.56
CA UNK P 47 -65.10 -16.06 16.16
C UNK P 47 -66.27 -15.34 15.51
N UNK P 48 -65.98 -14.49 14.55
CA UNK P 48 -67.02 -13.72 13.88
C UNK P 48 -67.58 -14.62 12.81
N UNK P 49 -68.73 -15.25 13.09
CA UNK P 49 -69.41 -16.04 12.08
C UNK P 49 -70.14 -15.12 11.12
N UNK P 50 -69.88 -15.29 9.84
CA UNK P 50 -70.41 -14.38 8.82
C UNK P 50 -71.71 -14.98 8.32
N UNK P 51 -72.82 -14.51 8.87
CA UNK P 51 -74.11 -15.13 8.58
C UNK P 51 -74.56 -14.84 7.16
N UNK P 52 -74.60 -13.56 6.79
CA UNK P 52 -75.09 -13.20 5.47
C UNK P 52 -74.14 -13.59 4.36
N UNK P 53 -72.92 -14.02 4.67
CA UNK P 53 -72.04 -14.52 3.64
C UNK P 53 -72.55 -15.82 3.09
N UNK P 54 -73.13 -16.65 3.94
CA UNK P 54 -73.55 -17.96 3.49
C UNK P 54 -74.75 -17.87 2.57
N UNK P 55 -75.57 -16.84 2.70
CA UNK P 55 -76.66 -16.67 1.74
C UNK P 55 -76.15 -16.24 0.38
N UNK P 56 -75.12 -15.41 0.35
CA UNK P 56 -74.49 -15.09 -0.93
C UNK P 56 -73.72 -16.26 -1.47
N UNK P 57 -73.39 -17.23 -0.65
CA UNK P 57 -72.90 -18.49 -1.20
C UNK P 57 -74.04 -19.31 -1.75
N UNK P 58 -75.18 -19.28 -1.07
CA UNK P 58 -76.28 -20.17 -1.43
C UNK P 58 -76.94 -19.75 -2.73
N UNK P 59 -77.04 -18.46 -2.98
CA UNK P 59 -77.59 -18.02 -4.26
C UNK P 59 -76.66 -18.39 -5.41
N UNK P 60 -75.36 -18.25 -5.22
CA UNK P 60 -74.44 -18.64 -6.24
C UNK P 60 -74.32 -20.15 -6.38
N UNK P 61 -74.78 -20.90 -5.39
CA UNK P 61 -74.90 -22.34 -5.59
C UNK P 61 -76.19 -22.72 -6.26
N UNK P 62 -77.25 -21.95 -6.04
CA UNK P 62 -78.53 -22.25 -6.66
C UNK P 62 -78.54 -21.92 -8.14
N UNK P 63 -77.97 -20.77 -8.51
CA UNK P 63 -77.93 -20.40 -9.92
C UNK P 63 -76.95 -21.26 -10.70
N UNK P 64 -75.96 -21.85 -10.05
CA UNK P 64 -75.04 -22.73 -10.73
C UNK P 64 -75.44 -24.19 -10.64
N UNK P 65 -76.40 -24.54 -9.79
CA UNK P 65 -76.99 -25.86 -9.86
C UNK P 65 -78.08 -25.93 -10.92
N UNK P 66 -78.66 -24.79 -11.30
CA UNK P 66 -79.57 -24.72 -12.42
C UNK P 66 -78.85 -24.35 -13.71
N UNK P 67 -78.21 -23.19 -13.74
CA UNK P 67 -77.52 -22.74 -14.93
C UNK P 67 -76.02 -22.92 -14.79
N UNK P 68 -40.72 48.23 32.08
CA UNK P 68 -41.81 47.33 32.39
C UNK P 68 -41.52 45.96 31.85
N UNK P 69 -40.48 45.88 31.01
CA UNK P 69 -40.16 44.62 30.35
C UNK P 69 -39.57 43.61 31.32
N UNK P 70 -39.04 44.05 32.43
CA UNK P 70 -38.75 43.16 33.53
C UNK P 70 -39.82 43.22 34.60
N UNK P 71 -40.93 43.88 34.30
CA UNK P 71 -42.06 43.90 35.21
C UNK P 71 -43.26 43.17 34.63
N UNK P 72 -43.71 43.57 33.45
CA UNK P 72 -44.95 43.04 32.91
C UNK P 72 -44.79 41.60 32.50
N UNK P 73 -43.63 41.25 31.97
CA UNK P 73 -43.38 39.86 31.62
C UNK P 73 -43.36 38.99 32.87
N UNK P 74 -42.84 39.51 33.98
CA UNK P 74 -42.81 38.74 35.20
C UNK P 74 -44.21 38.57 35.80
N UNK P 75 -45.01 39.62 35.72
CA UNK P 75 -46.37 39.52 36.22
C UNK P 75 -47.20 38.57 35.36
N UNK P 76 -46.98 38.61 34.05
CA UNK P 76 -47.70 37.70 33.19
C UNK P 76 -47.21 36.29 33.36
N UNK P 77 -45.93 36.11 33.67
CA UNK P 77 -45.40 34.78 33.91
C UNK P 77 -45.99 34.18 35.17
N UNK P 78 -46.05 34.96 36.24
CA UNK P 78 -46.66 34.47 37.47
C UNK P 78 -48.15 34.26 37.29
N UNK P 79 -48.84 35.12 36.52
CA UNK P 79 -50.25 34.90 36.31
C UNK P 79 -50.52 33.73 35.41
N UNK P 80 -49.59 33.45 34.50
CA UNK P 80 -49.72 32.28 33.65
C UNK P 80 -49.56 31.01 34.45
N UNK P 81 -48.49 30.92 35.23
CA UNK P 81 -48.31 29.73 36.06
C UNK P 81 -49.33 29.66 37.18
N UNK P 82 -49.94 30.79 37.53
CA UNK P 82 -50.99 30.80 38.54
C UNK P 82 -52.32 30.34 38.00
N UNK P 83 -52.67 30.72 36.78
CA UNK P 83 -53.86 30.15 36.20
C UNK P 83 -53.61 28.74 35.70
N UNK P 84 -52.36 28.40 35.42
CA UNK P 84 -52.05 27.07 34.94
C UNK P 84 -52.16 26.01 36.02
N UNK P 85 -52.12 26.40 37.28
CA UNK P 85 -52.63 25.54 38.33
C UNK P 85 -54.12 25.78 38.50
N UNK P 86 -54.87 25.38 37.48
CA UNK P 86 -56.31 25.55 37.45
C UNK P 86 -56.95 24.61 38.45
N UNK P 87 -56.86 23.30 38.18
CA UNK P 87 -57.25 22.25 39.12
C UNK P 87 -56.72 20.91 38.64
N UNK P 88 -55.97 20.21 39.49
CA UNK P 88 -55.43 18.87 39.22
C UNK P 88 -54.56 18.88 37.96
N UNK P 89 -53.42 19.54 38.09
CA UNK P 89 -52.48 19.70 36.97
C UNK P 89 -52.03 18.33 36.45
N UNK P 90 -51.65 18.30 35.18
CA UNK P 90 -51.54 17.04 34.46
C UNK P 90 -50.14 16.45 34.58
N UNK P 91 -50.07 15.14 34.80
CA UNK P 91 -48.81 14.40 34.77
C UNK P 91 -48.68 13.65 33.45
N UNK P 92 -47.54 13.78 32.78
CA UNK P 92 -47.36 13.14 31.49
C UNK P 92 -47.13 11.65 31.68
N UNK P 93 -47.92 10.82 31.00
CA UNK P 93 -47.98 9.39 31.27
C UNK P 93 -47.31 8.56 30.17
N UNK P 94 -47.38 7.23 30.32
CA UNK P 94 -46.83 6.27 29.35
C UNK P 94 -47.56 4.95 29.53
N UNK P 95 -48.21 4.45 28.49
CA UNK P 95 -49.32 3.52 28.67
C UNK P 95 -48.87 2.08 28.95
N UNK P 96 -49.80 1.15 28.93
CA UNK P 96 -49.55 -0.28 29.11
C UNK P 96 -50.72 -1.06 28.53
N UNK P 97 -50.42 -2.04 27.68
CA UNK P 97 -51.36 -2.57 26.72
C UNK P 97 -52.40 -3.50 27.33
N UNK P 98 -53.59 -3.52 26.73
CA UNK P 98 -54.42 -4.72 26.65
C UNK P 98 -54.10 -5.35 25.32
N UNK P 99 -54.62 -6.52 25.06
CA UNK P 99 -54.05 -7.29 23.97
C UNK P 99 -55.10 -7.80 23.00
N UNK P 100 -54.71 -8.04 21.74
CA UNK P 100 -55.58 -8.74 20.80
C UNK P 100 -54.79 -9.33 19.63
N UNK P 101 -54.81 -10.63 19.42
CA UNK P 101 -54.27 -11.18 18.18
C UNK P 101 -55.44 -11.27 17.21
N UNK P 102 -55.55 -10.33 16.29
CA UNK P 102 -56.56 -10.46 15.26
C UNK P 102 -56.04 -11.48 14.28
N UNK P 103 -56.58 -12.69 14.31
CA UNK P 103 -55.92 -13.83 13.70
C UNK P 103 -56.79 -14.44 12.64
N UNK P 104 -56.80 -13.82 11.48
CA UNK P 104 -57.25 -14.45 10.27
C UNK P 104 -56.09 -14.95 9.47
N UNK P 105 -55.01 -14.18 9.44
CA UNK P 105 -53.71 -14.72 9.09
C UNK P 105 -52.74 -14.59 10.25
N UNK P 106 -52.34 -13.38 10.62
CA UNK P 106 -51.73 -13.02 11.88
C UNK P 106 -51.66 -11.51 11.92
N UNK P 107 -52.20 -10.84 12.92
CA UNK P 107 -51.83 -9.45 13.16
C UNK P 107 -51.95 -9.23 14.64
N UNK P 108 -50.86 -8.91 15.29
CA UNK P 108 -50.84 -8.87 16.73
C UNK P 108 -50.95 -7.41 17.17
N UNK P 109 -52.16 -6.96 17.46
CA UNK P 109 -52.37 -5.59 17.87
C UNK P 109 -52.52 -5.57 19.38
N UNK P 110 -51.50 -5.13 20.09
CA UNK P 110 -51.67 -4.80 21.49
C UNK P 110 -52.14 -3.36 21.55
N UNK P 111 -53.32 -3.11 22.10
CA UNK P 111 -53.91 -1.76 22.12
C UNK P 111 -53.15 -0.92 23.14
N UNK P 112 -51.89 -0.65 22.81
CA UNK P 112 -50.92 -0.08 23.73
C UNK P 112 -50.82 1.42 23.54
N UNK P 113 -50.62 1.83 22.35
CA UNK P 113 -50.52 3.21 22.05
C UNK P 113 -51.87 3.93 22.07
N UNK P 114 -52.97 3.34 22.57
CA UNK P 114 -54.35 3.72 22.24
C UNK P 114 -54.51 3.87 20.73
N UNK P 115 -53.80 3.01 20.00
CA UNK P 115 -53.70 3.05 18.56
C UNK P 115 -54.95 2.39 17.98
N UNK P 116 -55.04 2.33 16.66
CA UNK P 116 -56.28 1.81 16.18
C UNK P 116 -56.22 0.91 14.96
N UNK P 117 -55.19 0.90 14.13
CA UNK P 117 -55.40 0.50 12.75
C UNK P 117 -54.76 -0.83 12.42
N UNK P 118 -55.36 -1.56 11.48
CA UNK P 118 -54.71 -2.69 10.84
C UNK P 118 -55.29 -2.77 9.44
N UNK P 119 -54.55 -2.26 8.47
CA UNK P 119 -55.07 -2.10 7.13
C UNK P 119 -54.59 -3.26 6.28
N UNK P 120 -55.53 -3.97 5.68
CA UNK P 120 -55.33 -5.04 4.69
C UNK P 120 -54.68 -6.29 5.29
N UNK P 121 -55.13 -6.72 6.46
CA UNK P 121 -54.99 -8.13 6.82
C UNK P 121 -55.84 -8.94 5.86
N UNK P 122 -55.34 -10.08 5.44
CA UNK P 122 -55.95 -10.79 4.32
C UNK P 122 -56.76 -11.97 4.81
N UNK P 123 -58.08 -11.78 4.93
CA UNK P 123 -58.96 -12.84 5.39
C UNK P 123 -59.21 -13.79 4.24
N UNK P 124 -58.31 -14.75 4.06
CA UNK P 124 -58.56 -15.83 3.10
C UNK P 124 -59.69 -16.71 3.59
N UNK P 125 -59.51 -17.32 4.75
CA UNK P 125 -60.61 -17.88 5.51
C UNK P 125 -61.28 -16.74 6.27
N UNK P 126 -62.21 -17.04 7.14
CA UNK P 126 -62.86 -15.94 7.82
C UNK P 126 -62.00 -15.48 8.99
N UNK P 127 -62.26 -14.27 9.44
CA UNK P 127 -61.51 -13.69 10.53
C UNK P 127 -62.11 -14.14 11.84
N UNK P 128 -61.26 -14.52 12.78
CA UNK P 128 -61.66 -14.80 14.13
C UNK P 128 -60.71 -14.01 15.01
N UNK P 129 -61.19 -13.00 15.71
CA UNK P 129 -60.28 -12.23 16.52
C UNK P 129 -60.11 -12.95 17.85
N UNK P 130 -58.89 -13.14 18.31
CA UNK P 130 -58.68 -13.86 19.55
C UNK P 130 -58.00 -12.93 20.52
N UNK P 131 -58.71 -12.44 21.52
CA UNK P 131 -58.06 -11.63 22.53
C UNK P 131 -57.29 -12.53 23.47
N UNK P 132 -56.12 -12.10 23.93
CA UNK P 132 -55.24 -13.07 24.58
C UNK P 132 -55.54 -13.28 26.06
N UNK P 133 -55.27 -12.30 26.92
CA UNK P 133 -55.23 -12.71 28.32
C UNK P 133 -55.91 -11.86 29.37
N UNK P 134 -55.64 -10.55 29.35
CA UNK P 134 -55.95 -9.62 30.44
C UNK P 134 -57.19 -8.80 30.12
N UNK P 135 -58.16 -9.50 29.52
CA UNK P 135 -59.55 -9.14 29.41
C UNK P 135 -59.89 -7.96 28.54
N UNK P 136 -59.68 -8.08 27.24
CA UNK P 136 -60.39 -7.19 26.34
C UNK P 136 -61.82 -7.68 26.13
N UNK P 137 -62.58 -6.94 25.36
CA UNK P 137 -63.83 -7.42 24.80
C UNK P 137 -64.04 -6.66 23.52
N UNK P 138 -63.99 -7.34 22.39
CA UNK P 138 -64.33 -6.70 21.14
C UNK P 138 -65.84 -6.71 21.02
N UNK P 139 -66.45 -5.58 20.70
CA UNK P 139 -67.88 -5.50 20.47
C UNK P 139 -68.05 -4.77 19.16
N UNK P 140 -68.34 -5.50 18.09
CA UNK P 140 -68.29 -4.96 16.74
C UNK P 140 -69.34 -3.88 16.56
N UNK P 141 -69.04 -2.91 15.69
CA UNK P 141 -69.86 -1.72 15.55
C UNK P 141 -71.08 -2.03 14.69
N UNK P 142 -71.78 -0.99 14.24
CA UNK P 142 -73.18 -1.14 13.87
C UNK P 142 -73.39 -1.82 12.53
N UNK P 143 -72.94 -1.21 11.43
CA UNK P 143 -73.34 -1.66 10.10
C UNK P 143 -72.56 -2.90 9.66
N UNK P 144 -72.96 -3.45 8.52
CA UNK P 144 -72.31 -4.56 7.82
C UNK P 144 -72.25 -5.85 8.66
N UNK P 145 -73.44 -6.43 8.86
CA UNK P 145 -73.68 -7.42 9.90
C UNK P 145 -72.97 -8.75 9.70
N UNK P 146 -71.78 -8.87 10.27
CA UNK P 146 -71.26 -10.15 10.74
C UNK P 146 -71.95 -10.49 12.07
N UNK P 147 -71.62 -11.63 12.66
CA UNK P 147 -72.24 -11.94 13.94
C UNK P 147 -71.29 -12.75 14.80
N UNK P 148 -71.02 -12.27 16.01
CA UNK P 148 -69.97 -12.85 16.83
C UNK P 148 -70.42 -14.17 17.44
N UNK P 149 -69.44 -14.95 17.89
CA UNK P 149 -69.66 -16.12 18.72
C UNK P 149 -68.46 -16.21 19.66
N UNK P 150 -68.69 -16.04 20.94
CA UNK P 150 -67.63 -15.65 21.85
C UNK P 150 -67.34 -16.74 22.86
N UNK P 151 -66.12 -17.28 22.86
CA UNK P 151 -65.72 -18.22 23.89
C UNK P 151 -65.35 -17.44 25.14
N UNK P 152 -66.38 -17.08 25.90
CA UNK P 152 -66.18 -16.19 27.03
C UNK P 152 -65.49 -16.89 28.18
N UNK P 153 -64.56 -16.20 28.80
CA UNK P 153 -63.82 -16.75 29.94
C UNK P 153 -63.66 -15.64 30.95
N UNK P 154 -64.63 -15.54 31.87
CA UNK P 154 -64.88 -14.36 32.70
C UNK P 154 -63.64 -13.93 33.46
N UNK P 155 -63.50 -12.61 33.62
CA UNK P 155 -62.30 -12.04 34.19
C UNK P 155 -62.18 -12.44 35.64
N UNK P 156 -61.01 -12.96 36.03
CA UNK P 156 -60.84 -13.57 37.34
C UNK P 156 -60.50 -12.57 38.40
N UNK P 157 -60.93 -11.33 38.23
CA UNK P 157 -61.06 -10.39 39.31
C UNK P 157 -62.30 -10.77 40.13
N UNK P 158 -62.67 -9.91 41.07
CA UNK P 158 -63.57 -10.32 42.13
C UNK P 158 -65.02 -10.35 41.67
N UNK P 159 -65.89 -10.46 42.66
CA UNK P 159 -67.32 -10.71 42.50
C UNK P 159 -68.09 -9.47 42.13
N UNK P 160 -69.40 -9.53 42.38
CA UNK P 160 -70.19 -8.33 42.57
C UNK P 160 -69.45 -7.39 43.50
N UNK P 161 -69.08 -6.23 42.96
CA UNK P 161 -68.31 -5.24 43.69
C UNK P 161 -69.10 -4.73 44.87
N UNK P 162 -68.41 -4.52 45.99
CA UNK P 162 -69.03 -4.56 47.30
C UNK P 162 -70.07 -3.48 47.59
N UNK P 163 -69.64 -2.25 47.84
CA UNK P 163 -70.63 -1.27 48.24
C UNK P 163 -70.40 0.14 47.75
N UNK P 164 -69.28 0.45 47.11
CA UNK P 164 -68.97 1.85 46.82
C UNK P 164 -68.05 1.98 45.63
N UNK P 165 -85.10 -16.48 32.34
CA UNK P 165 -83.71 -16.51 31.88
C UNK P 165 -82.83 -15.80 32.89
N UNK P 166 -82.63 -16.44 34.04
CA UNK P 166 -81.86 -15.85 35.12
C UNK P 166 -80.41 -15.80 34.69
N UNK P 167 -79.97 -14.63 34.25
CA UNK P 167 -78.62 -14.49 33.74
C UNK P 167 -77.57 -14.55 34.84
N UNK P 168 -77.95 -14.34 36.10
CA UNK P 168 -77.11 -14.52 37.29
C UNK P 168 -75.87 -13.63 37.23
N UNK P 169 -76.11 -12.34 37.38
CA UNK P 169 -75.10 -11.29 37.42
C UNK P 169 -74.31 -11.17 36.13
N UNK P 170 -74.87 -11.68 35.05
CA UNK P 170 -74.73 -11.05 33.76
C UNK P 170 -75.85 -10.07 33.53
N UNK P 171 -76.89 -10.13 34.38
CA UNK P 171 -77.93 -9.13 34.37
C UNK P 171 -77.36 -7.76 34.66
N UNK P 172 -76.35 -7.69 35.52
CA UNK P 172 -75.69 -6.42 35.74
C UNK P 172 -74.93 -5.96 34.52
N UNK P 173 -74.38 -6.89 33.73
CA UNK P 173 -73.68 -6.49 32.51
C UNK P 173 -74.66 -5.92 31.51
N UNK P 174 -75.77 -6.62 31.29
CA UNK P 174 -76.80 -6.12 30.40
C UNK P 174 -77.47 -4.87 30.95
N UNK P 175 -77.33 -4.60 32.23
CA UNK P 175 -77.75 -3.30 32.73
C UNK P 175 -76.75 -2.23 32.32
N UNK P 176 -75.51 -2.35 32.79
CA UNK P 176 -74.58 -1.26 32.72
C UNK P 176 -74.10 -0.97 31.32
N UNK P 177 -74.17 -1.94 30.42
CA UNK P 177 -73.98 -1.62 29.02
C UNK P 177 -75.10 -0.74 28.52
N UNK P 178 -76.34 -1.14 28.79
CA UNK P 178 -77.49 -0.38 28.32
C UNK P 178 -77.83 0.77 29.24
N UNK P 179 -76.94 1.14 30.12
CA UNK P 179 -77.07 2.40 30.81
C UNK P 179 -75.96 3.36 30.44
N UNK P 180 -74.77 2.85 30.18
CA UNK P 180 -73.70 3.72 29.71
C UNK P 180 -73.98 4.20 28.30
N UNK P 181 -74.61 3.37 27.49
CA UNK P 181 -74.93 3.77 26.13
C UNK P 181 -76.26 4.47 26.04
N UNK P 182 -76.80 4.94 27.15
CA UNK P 182 -78.04 5.69 27.11
C UNK P 182 -77.80 7.05 26.48
N UNK P 183 -78.78 7.52 25.72
CA UNK P 183 -78.70 8.86 25.15
C UNK P 183 -79.16 9.84 26.21
N UNK P 184 -78.41 10.93 26.37
CA UNK P 184 -78.60 11.95 27.40
C UNK P 184 -78.64 11.31 28.79
N UNK P 185 -77.46 10.83 29.19
CA UNK P 185 -77.26 10.29 30.52
C UNK P 185 -77.65 11.33 31.56
N UNK P 186 -78.16 10.84 32.68
CA UNK P 186 -78.97 11.60 33.64
C UNK P 186 -80.16 12.26 32.92
N UNK P 187 -81.04 11.39 32.45
CA UNK P 187 -82.37 11.77 32.03
C UNK P 187 -83.43 11.38 33.04
N UNK P 188 -83.10 10.51 33.99
CA UNK P 188 -83.87 10.10 35.17
C UNK P 188 -85.14 9.32 34.86
N UNK P 189 -85.51 9.15 33.61
CA UNK P 189 -86.62 8.30 33.25
C UNK P 189 -86.21 7.28 32.23
N UNK P 190 -85.01 7.40 31.67
CA UNK P 190 -84.43 6.31 30.93
C UNK P 190 -83.60 5.41 31.82
N UNK P 191 -83.10 5.96 32.91
CA UNK P 191 -82.41 5.14 33.88
C UNK P 191 -83.35 4.11 34.48
N UNK P 192 -84.59 4.50 34.73
CA UNK P 192 -85.55 3.52 35.19
C UNK P 192 -86.00 2.57 34.11
N UNK P 193 -85.78 2.90 32.85
CA UNK P 193 -85.97 1.92 31.81
C UNK P 193 -84.80 0.97 31.72
N UNK P 194 -83.62 1.41 32.14
CA UNK P 194 -82.45 0.54 32.10
C UNK P 194 -82.45 -0.43 33.26
N UNK P 195 -82.53 0.09 34.47
CA UNK P 195 -82.50 -0.73 35.68
C UNK P 195 -83.86 -1.35 35.96
N UNK P 196 -84.37 -2.08 34.98
CA UNK P 196 -85.76 -2.53 34.97
C UNK P 196 -85.90 -4.01 35.26
N UNK P 197 -84.82 -4.68 35.62
CA UNK P 197 -84.93 -6.03 36.14
C UNK P 197 -83.96 -6.30 37.26
N UNK P 198 -83.19 -5.31 37.69
CA UNK P 198 -82.27 -5.52 38.79
C UNK P 198 -83.04 -5.51 40.10
N UNK P 199 -82.59 -6.34 41.03
CA UNK P 199 -83.15 -6.28 42.37
C UNK P 199 -82.61 -5.06 43.10
N UNK P 200 -83.25 -4.76 44.24
CA UNK P 200 -83.00 -3.51 44.94
C UNK P 200 -81.59 -3.40 45.49
N UNK P 201 -80.94 -4.52 45.78
CA UNK P 201 -79.52 -4.47 46.10
C UNK P 201 -78.71 -4.11 44.88
N UNK P 202 -79.09 -4.65 43.73
CA UNK P 202 -78.30 -4.48 42.53
C UNK P 202 -78.37 -3.05 42.01
N UNK P 203 -79.46 -2.36 42.29
CA UNK P 203 -79.61 -0.98 41.86
C UNK P 203 -78.57 -0.09 42.50
N UNK P 204 -78.11 -0.45 43.69
CA UNK P 204 -77.09 0.33 44.37
C UNK P 204 -75.78 0.30 43.62
N UNK P 205 -75.27 -0.90 43.32
CA UNK P 205 -73.99 -1.01 42.65
C UNK P 205 -74.07 -0.47 41.23
N UNK P 206 -75.21 -0.66 40.56
CA UNK P 206 -75.32 -0.16 39.19
C UNK P 206 -75.37 1.36 39.16
N UNK P 207 -76.22 1.97 40.00
CA UNK P 207 -76.33 3.41 40.02
C UNK P 207 -75.07 4.06 40.56
N UNK P 208 -74.38 3.41 41.49
CA UNK P 208 -73.17 3.98 42.03
C UNK P 208 -72.03 3.91 41.04
N UNK P 209 -71.93 2.80 40.30
CA UNK P 209 -70.93 2.71 39.25
C UNK P 209 -71.21 3.72 38.15
N UNK P 210 -72.48 3.98 37.87
CA UNK P 210 -72.81 5.03 36.92
C UNK P 210 -72.41 6.40 37.45
N UNK P 211 -72.59 6.62 38.74
CA UNK P 211 -72.27 7.93 39.31
C UNK P 211 -70.78 8.18 39.30
N UNK P 212 -70.00 7.22 39.80
CA UNK P 212 -68.56 7.37 39.80
C UNK P 212 -68.00 7.38 38.39
N UNK P 213 -68.65 6.67 37.46
CA UNK P 213 -68.14 6.66 36.10
C UNK P 213 -68.39 7.99 35.41
N UNK P 214 -69.55 8.59 35.62
CA UNK P 214 -69.78 9.87 35.00
C UNK P 214 -68.96 10.96 35.66
N UNK P 215 -68.69 10.83 36.94
CA UNK P 215 -67.79 11.79 37.58
C UNK P 215 -66.36 11.60 37.13
N UNK P 216 -65.97 10.39 36.76
CA UNK P 216 -64.68 10.21 36.13
C UNK P 216 -64.67 10.78 34.73
N UNK P 217 -65.79 10.63 34.02
CA UNK P 217 -65.82 11.06 32.63
C UNK P 217 -65.80 12.57 32.52
N UNK P 218 -66.42 13.28 33.45
CA UNK P 218 -66.36 14.73 33.41
C UNK P 218 -64.95 15.21 33.67
N UNK P 219 -64.24 14.54 34.59
CA UNK P 219 -62.85 14.89 34.83
C UNK P 219 -62.01 14.61 33.62
N UNK P 220 -62.28 13.51 32.92
CA UNK P 220 -61.48 13.17 31.76
C UNK P 220 -61.72 14.15 30.62
N UNK P 221 -62.98 14.46 30.37
CA UNK P 221 -63.26 15.35 29.26
C UNK P 221 -62.89 16.78 29.57
N UNK P 222 -62.81 17.15 30.83
CA UNK P 222 -62.29 18.49 31.06
C UNK P 222 -60.78 18.52 31.00
N UNK P 223 -60.12 17.49 31.53
CA UNK P 223 -58.67 17.49 31.51
C UNK P 223 -58.12 17.22 30.12
N UNK P 224 -58.92 16.67 29.21
CA UNK P 224 -58.46 16.59 27.84
C UNK P 224 -58.47 17.97 27.21
N UNK P 225 -59.62 18.62 27.24
CA UNK P 225 -59.79 19.89 26.57
C UNK P 225 -59.36 21.06 27.42
N UNK P 226 -58.54 20.86 28.44
CA UNK P 226 -58.09 21.99 29.23
C UNK P 226 -57.11 22.83 28.44
N UNK P 227 -56.11 22.21 27.86
CA UNK P 227 -55.11 22.92 27.07
C UNK P 227 -55.52 22.81 25.60
N UNK P 228 -56.56 23.53 25.22
CA UNK P 228 -57.19 23.23 23.93
C UNK P 228 -57.62 24.40 23.07
N UNK P 229 -57.20 25.62 23.36
CA UNK P 229 -57.40 26.82 22.53
C UNK P 229 -58.84 27.20 22.32
N UNK P 230 -59.72 26.60 23.03
CA UNK P 230 -61.06 27.11 23.21
C UNK P 230 -61.41 27.18 24.68
N UNK P 231 -60.98 26.21 25.46
CA UNK P 231 -61.03 26.34 26.90
C UNK P 231 -59.72 26.85 27.45
N UNK P 232 -58.82 27.27 26.59
CA UNK P 232 -57.73 28.13 27.01
C UNK P 232 -57.99 29.55 26.55
N UNK P 233 -59.10 29.80 25.95
CA UNK P 233 -59.41 31.13 25.47
C UNK P 233 -60.64 31.71 26.10
N UNK P 234 -61.68 30.91 26.29
CA UNK P 234 -62.87 31.44 26.94
C UNK P 234 -62.67 31.59 28.43
N UNK P 235 -61.72 30.87 28.99
CA UNK P 235 -61.34 31.00 30.39
C UNK P 235 -60.07 31.81 30.51
N UNK P 236 -60.02 32.90 29.74
CA UNK P 236 -58.83 33.49 29.13
C UNK P 236 -57.60 33.54 30.00
N UNK P 237 -56.56 32.87 29.55
CA UNK P 237 -55.31 32.83 30.30
C UNK P 237 -54.52 34.08 29.99
N UNK P 238 -53.29 34.10 30.43
CA UNK P 238 -52.43 35.21 30.05
C UNK P 238 -52.07 35.11 28.57
N UNK P 239 -51.51 33.98 28.16
CA UNK P 239 -51.23 33.70 26.77
C UNK P 239 -52.40 32.93 26.15
N UNK P 240 -52.42 32.82 24.82
CA UNK P 240 -53.58 32.21 24.19
C UNK P 240 -53.32 31.31 23.00
N UNK P 241 -52.06 30.99 22.67
CA UNK P 241 -51.70 29.89 21.75
C UNK P 241 -52.26 30.11 20.34
N UNK P 242 -51.68 31.08 19.62
CA UNK P 242 -52.34 31.62 18.42
C UNK P 242 -51.48 31.62 17.16
N UNK P 243 -50.49 30.77 17.04
CA UNK P 243 -49.79 30.63 15.76
C UNK P 243 -49.60 29.17 15.44
N UNK P 244 -50.69 28.41 15.57
CA UNK P 244 -50.62 26.96 15.48
C UNK P 244 -50.29 26.49 14.08
N UNK P 245 -50.77 27.18 13.06
CA UNK P 245 -50.90 26.61 11.73
C UNK P 245 -50.08 27.39 10.71
N UNK P 246 -48.91 26.88 10.33
CA UNK P 246 -48.12 27.48 9.25
C UNK P 246 -47.26 26.39 8.60
N UNK P 247 -47.74 25.81 7.50
CA UNK P 247 -47.11 24.60 6.96
C UNK P 247 -47.46 24.44 5.48
N UNK P 248 -47.25 23.23 4.96
CA UNK P 248 -47.20 22.96 3.52
C UNK P 248 -48.44 22.23 3.04
N UNK P 249 -48.95 22.67 1.89
CA UNK P 249 -50.06 21.99 1.22
C UNK P 249 -49.49 21.11 0.12
N UNK P 250 -48.93 19.99 0.51
CA UNK P 250 -48.38 19.06 -0.47
C UNK P 250 -48.86 17.66 -0.14
N UNK P 251 -48.81 16.79 -1.13
CA UNK P 251 -49.51 15.52 -1.07
C UNK P 251 -48.87 14.58 -0.08
N UNK P 252 -49.70 14.01 0.78
CA UNK P 252 -49.28 12.83 1.53
C UNK P 252 -49.18 11.67 0.57
N UNK P 253 -48.12 10.88 0.69
CA UNK P 253 -47.80 9.91 -0.34
C UNK P 253 -48.70 8.69 -0.23
N UNK P 254 -49.50 8.45 -1.25
CA UNK P 254 -50.39 7.30 -1.28
C UNK P 254 -49.60 6.02 -1.43
N UNK P 255 -50.16 4.94 -0.91
CA UNK P 255 -49.57 3.62 -1.05
C UNK P 255 -50.67 2.68 -1.49
N UNK P 256 -50.91 2.60 -2.79
CA UNK P 256 -52.01 1.80 -3.28
C UNK P 256 -51.68 0.32 -3.17
N UNK P 257 -52.60 -0.45 -2.59
CA UNK P 257 -52.22 -1.78 -2.14
C UNK P 257 -52.23 -2.81 -3.26
N UNK P 258 -53.41 -3.19 -3.74
CA UNK P 258 -53.57 -4.35 -4.61
C UNK P 258 -54.97 -4.45 -5.16
N UNK P 259 -55.33 -5.62 -5.70
CA UNK P 259 -56.71 -6.05 -5.75
C UNK P 259 -57.13 -6.82 -4.50
N UNK P 260 -56.41 -6.63 -3.40
CA UNK P 260 -56.81 -7.11 -2.10
C UNK P 260 -57.79 -6.19 -1.41
N UNK P 261 -58.16 -5.08 -2.02
CA UNK P 261 -59.21 -4.24 -1.47
C UNK P 261 -60.51 -4.75 -2.05
N UNK P 262 -61.30 -5.44 -1.23
CA UNK P 262 -62.47 -6.11 -1.75
C UNK P 262 -63.57 -5.14 -2.10
N UNK P 263 -64.37 -5.52 -3.10
CA UNK P 263 -65.44 -4.67 -3.60
C UNK P 263 -66.63 -4.76 -2.65
N UNK P 264 -67.79 -4.29 -3.09
CA UNK P 264 -68.97 -4.30 -2.26
C UNK P 264 -70.10 -5.06 -2.93
N UNK P 265 -69.78 -6.10 -3.69
CA UNK P 265 -70.82 -6.85 -4.40
C UNK P 265 -71.51 -7.81 -3.45
N UNK P 266 -70.79 -8.81 -2.98
CA UNK P 266 -71.29 -9.80 -2.06
C UNK P 266 -70.07 -10.46 -1.41
N UNK P 267 -70.27 -11.64 -0.84
CA UNK P 267 -69.20 -12.26 -0.08
C UNK P 267 -68.45 -13.34 -0.85
N UNK P 268 -69.19 -14.34 -1.37
CA UNK P 268 -68.76 -15.63 -1.92
C UNK P 268 -68.28 -16.59 -0.84
N UNK P 269 -68.18 -16.11 0.40
CA UNK P 269 -68.19 -16.93 1.63
C UNK P 269 -67.10 -18.00 1.68
N UNK P 270 -65.97 -17.77 1.02
CA UNK P 270 -64.73 -18.55 1.15
C UNK P 270 -64.93 -20.03 0.82
N UNK P 271 -65.22 -20.28 -0.45
CA UNK P 271 -65.49 -21.63 -0.92
C UNK P 271 -64.22 -22.46 -0.88
N UNK P 272 -64.21 -23.50 -0.07
CA UNK P 272 -63.11 -24.45 -0.04
C UNK P 272 -63.55 -25.78 -0.63
N UNK P 273 -62.56 -26.64 -0.85
CA UNK P 273 -62.82 -27.97 -1.38
C UNK P 273 -63.59 -28.81 -0.38
N UNK P 274 -64.22 -29.88 -0.88
CA UNK P 274 -65.02 -30.73 -0.02
C UNK P 274 -64.14 -31.64 0.83
N UNK P 275 -64.58 -31.87 2.06
CA UNK P 275 -63.77 -32.61 3.01
C UNK P 275 -63.60 -34.05 2.61
N UNK P 276 -64.59 -34.62 1.93
CA UNK P 276 -64.44 -35.97 1.43
C UNK P 276 -63.38 -36.04 0.35
N UNK P 277 -63.35 -35.02 -0.52
CA UNK P 277 -62.30 -34.93 -1.51
C UNK P 277 -60.95 -34.78 -0.85
N UNK P 278 -60.90 -34.03 0.25
CA UNK P 278 -59.66 -33.84 0.97
C UNK P 278 -59.16 -35.13 1.58
N UNK P 279 -60.06 -35.89 2.21
CA UNK P 279 -59.65 -37.12 2.88
C UNK P 279 -59.24 -38.17 1.87
N UNK P 280 -59.92 -38.21 0.73
CA UNK P 280 -59.52 -39.15 -0.30
C UNK P 280 -58.17 -38.78 -0.87
N UNK P 281 -57.96 -37.49 -1.15
CA UNK P 281 -56.70 -37.06 -1.72
C UNK P 281 -55.56 -37.15 -0.73
N UNK P 282 -55.84 -37.18 0.56
CA UNK P 282 -54.77 -37.33 1.52
C UNK P 282 -54.43 -38.79 1.73
N UNK P 283 -55.46 -39.62 1.93
CA UNK P 283 -55.22 -41.04 2.17
C UNK P 283 -54.61 -41.71 0.97
N UNK P 284 -55.06 -41.34 -0.23
CA UNK P 284 -54.49 -41.90 -1.44
C UNK P 284 -53.05 -41.47 -1.61
N UNK P 285 -52.74 -40.22 -1.29
CA UNK P 285 -51.38 -39.73 -1.49
C UNK P 285 -50.42 -40.39 -0.52
N UNK P 286 -50.79 -40.46 0.75
CA UNK P 286 -49.93 -41.09 1.72
C UNK P 286 -49.79 -42.57 1.46
N UNK P 287 -50.88 -43.23 1.06
CA UNK P 287 -50.82 -44.66 0.81
C UNK P 287 -49.99 -44.97 -0.43
N UNK P 288 -50.09 -44.14 -1.45
CA UNK P 288 -49.32 -44.38 -2.66
C UNK P 288 -47.85 -44.13 -2.41
N UNK P 289 -47.53 -43.14 -1.56
CA UNK P 289 -46.14 -42.93 -1.19
C UNK P 289 -45.61 -44.10 -0.36
N UNK P 290 -46.47 -44.66 0.51
CA UNK P 290 -46.08 -45.81 1.31
C UNK P 290 -45.82 -47.02 0.43
N UNK P 291 -46.77 -47.34 -0.45
CA UNK P 291 -46.64 -48.50 -1.31
C UNK P 291 -45.59 -48.29 -2.37
N UNK P 292 -45.25 -47.05 -2.69
CA UNK P 292 -44.13 -46.80 -3.57
C UNK P 292 -42.79 -47.02 -2.87
N UNK P 293 -42.71 -46.67 -1.59
CA UNK P 293 -41.53 -47.06 -0.82
C UNK P 293 -41.43 -48.57 -0.73
N UNK P 294 -42.56 -49.24 -0.53
CA UNK P 294 -42.58 -50.70 -0.49
C UNK P 294 -42.26 -51.30 -1.85
N UNK P 295 -42.61 -50.63 -2.93
CA UNK P 295 -42.33 -51.14 -4.26
C UNK P 295 -40.87 -50.95 -4.64
N UNK P 296 -40.30 -49.80 -4.29
CA UNK P 296 -38.88 -49.59 -4.47
C UNK P 296 -38.08 -50.57 -3.63
N UNK P 297 -38.61 -50.90 -2.45
CA UNK P 297 -38.02 -51.95 -1.64
C UNK P 297 -38.27 -53.33 -2.21
N UNK P 298 -39.33 -53.51 -3.00
CA UNK P 298 -39.68 -54.82 -3.54
C UNK P 298 -38.71 -55.28 -4.61
N UNK P 299 -37.81 -54.42 -5.07
CA UNK P 299 -36.70 -54.83 -5.91
C UNK P 299 -35.65 -55.53 -5.06
N UNK Q 1 51.16 -8.08 26.45
CA UNK Q 1 51.69 -7.67 27.74
C UNK Q 1 52.24 -8.86 28.48
N UNK Q 2 53.55 -9.10 28.42
CA UNK Q 2 54.47 -8.39 27.55
C UNK Q 2 55.01 -9.39 26.58
N UNK Q 3 54.28 -10.49 26.48
CA UNK Q 3 54.54 -11.53 25.51
C UNK Q 3 53.59 -11.47 24.34
N UNK Q 4 52.51 -10.73 24.44
CA UNK Q 4 51.53 -10.62 23.37
C UNK Q 4 51.77 -9.40 22.52
N UNK Q 5 52.98 -9.23 22.02
CA UNK Q 5 53.18 -8.36 20.88
C UNK Q 5 53.17 -9.23 19.63
N UNK Q 6 53.50 -8.67 18.47
CA UNK Q 6 53.46 -9.51 17.27
C UNK Q 6 54.54 -9.05 16.29
N UNK Q 7 55.70 -9.68 16.38
CA UNK Q 7 56.68 -9.50 15.34
C UNK Q 7 56.18 -10.19 14.08
N UNK Q 8 56.52 -9.63 12.94
CA UNK Q 8 56.23 -10.24 11.66
C UNK Q 8 57.49 -10.95 11.19
N UNK Q 9 57.58 -12.24 11.47
CA UNK Q 9 58.79 -12.99 11.14
C UNK Q 9 58.88 -13.15 9.63
N UNK Q 10 59.91 -12.59 9.02
CA UNK Q 10 60.15 -12.81 7.60
C UNK Q 10 60.88 -14.13 7.45
N UNK Q 11 60.25 -15.08 6.78
CA UNK Q 11 60.57 -16.48 6.99
C UNK Q 11 61.96 -16.82 6.48
N UNK Q 12 62.68 -17.62 7.25
CA UNK Q 12 64.03 -18.07 6.99
C UNK Q 12 64.01 -19.57 6.79
N UNK Q 13 65.19 -20.19 6.74
CA UNK Q 13 65.25 -21.61 6.42
C UNK Q 13 64.86 -22.52 7.56
N UNK Q 14 64.26 -21.99 8.62
CA UNK Q 14 63.47 -22.79 9.54
C UNK Q 14 62.00 -22.73 9.18
N UNK Q 15 61.70 -22.63 7.89
CA UNK Q 15 60.35 -22.74 7.36
C UNK Q 15 60.26 -23.82 6.31
N UNK Q 16 61.07 -24.87 6.41
CA UNK Q 16 61.09 -25.90 5.40
C UNK Q 16 59.85 -26.76 5.51
N UNK Q 17 59.22 -27.04 4.38
CA UNK Q 17 58.02 -27.86 4.49
C UNK Q 17 57.82 -28.65 3.23
N UNK Q 18 57.18 -29.79 3.35
CA UNK Q 18 56.80 -30.54 2.18
C UNK Q 18 55.70 -29.80 1.46
N UNK Q 19 55.69 -29.88 0.14
CA UNK Q 19 54.56 -29.48 -0.66
C UNK Q 19 54.08 -30.74 -1.32
N UNK Q 20 52.83 -31.10 -1.13
CA UNK Q 20 52.29 -32.29 -1.73
C UNK Q 20 51.35 -31.85 -2.83
N UNK Q 21 51.70 -32.13 -4.07
CA UNK Q 21 50.94 -31.69 -5.22
C UNK Q 21 50.45 -32.93 -5.92
N UNK Q 22 49.16 -33.18 -5.85
CA UNK Q 22 48.64 -34.34 -6.56
C UNK Q 22 48.40 -33.94 -8.00
N UNK Q 23 48.73 -34.82 -8.93
CA UNK Q 23 49.08 -34.34 -10.24
C UNK Q 23 48.17 -34.72 -11.37
N UNK Q 24 47.36 -35.75 -11.23
CA UNK Q 24 46.73 -36.55 -12.30
C UNK Q 24 47.73 -37.28 -13.15
N UNK Q 25 48.99 -37.31 -12.79
CA UNK Q 25 49.91 -38.28 -13.34
C UNK Q 25 50.93 -38.75 -12.32
N UNK Q 26 50.85 -38.27 -11.09
CA UNK Q 26 51.75 -38.62 -10.01
C UNK Q 26 51.17 -38.03 -8.73
N UNK Q 27 51.91 -38.18 -7.64
CA UNK Q 27 51.66 -37.43 -6.41
C UNK Q 27 53.01 -36.87 -6.04
N UNK Q 28 53.38 -35.74 -6.61
CA UNK Q 28 54.71 -35.24 -6.41
C UNK Q 28 54.79 -34.65 -5.02
N UNK Q 29 55.88 -34.93 -4.32
CA UNK Q 29 56.11 -34.40 -2.98
C UNK Q 29 57.46 -33.71 -2.99
N UNK Q 30 57.44 -32.38 -2.95
CA UNK Q 30 58.63 -31.56 -3.16
C UNK Q 30 58.91 -30.78 -1.89
N UNK Q 31 60.09 -30.94 -1.32
CA UNK Q 31 60.42 -30.23 -0.10
C UNK Q 31 60.89 -28.84 -0.44
N UNK Q 32 60.13 -27.84 -0.03
CA UNK Q 32 60.50 -26.46 -0.27
C UNK Q 32 61.40 -25.99 0.86
N UNK Q 33 62.57 -25.44 0.50
CA UNK Q 33 63.52 -24.90 1.47
C UNK Q 33 63.99 -23.57 0.95
N UNK Q 34 63.86 -22.51 1.76
CA UNK Q 34 64.32 -21.19 1.37
C UNK Q 34 65.83 -21.14 1.34
N UNK Q 35 66.39 -20.12 0.73
CA UNK Q 35 67.81 -20.18 0.40
C UNK Q 35 68.57 -18.99 0.95
N UNK Q 36 68.39 -18.70 2.23
CA UNK Q 36 68.88 -17.45 2.79
C UNK Q 36 70.30 -17.63 3.29
N UNK Q 37 71.26 -17.47 2.37
CA UNK Q 37 72.70 -17.51 2.66
C UNK Q 37 73.11 -18.77 3.42
N UNK Q 38 72.55 -19.91 3.00
CA UNK Q 38 72.87 -21.18 3.63
C UNK Q 38 74.29 -21.50 3.23
N UNK Q 39 74.46 -21.82 2.02
CA UNK Q 39 75.66 -21.34 1.38
C UNK Q 39 75.33 -20.70 0.05
N UNK Q 40 74.42 -21.31 -0.71
CA UNK Q 40 73.94 -20.80 -2.00
C UNK Q 40 72.85 -21.68 -2.54
N UNK Q 41 71.88 -21.08 -3.24
CA UNK Q 41 71.39 -21.44 -4.58
C UNK Q 41 70.13 -20.62 -4.81
N UNK Q 42 69.50 -20.74 -5.96
CA UNK Q 42 68.11 -20.33 -6.09
C UNK Q 42 67.45 -21.22 -7.13
N UNK Q 43 66.24 -20.86 -7.53
CA UNK Q 43 65.54 -21.60 -8.57
C UNK Q 43 64.47 -20.70 -9.13
N UNK Q 44 64.60 -20.30 -10.39
CA UNK Q 44 63.56 -19.50 -11.00
C UNK Q 44 62.55 -20.38 -11.72
N UNK Q 45 63.00 -21.22 -12.63
CA UNK Q 45 62.13 -22.20 -13.28
C UNK Q 45 62.75 -23.57 -13.04
N UNK Q 46 62.17 -24.34 -12.15
CA UNK Q 46 62.60 -25.72 -11.95
C UNK Q 46 61.67 -26.56 -12.80
N UNK Q 47 62.12 -26.92 -13.98
CA UNK Q 47 61.34 -27.78 -14.85
C UNK Q 47 61.65 -29.22 -14.50
N UNK Q 48 60.66 -29.95 -14.01
CA UNK Q 48 60.85 -31.32 -13.62
C UNK Q 48 60.73 -32.15 -14.88
N UNK Q 49 61.86 -32.53 -15.47
CA UNK Q 49 61.85 -33.43 -16.62
C UNK Q 49 61.60 -34.85 -16.15
N UNK Q 50 60.60 -35.49 -16.72
CA UNK Q 50 60.16 -36.81 -16.28
C UNK Q 50 60.90 -37.83 -17.12
N UNK Q 51 62.00 -38.35 -16.58
CA UNK Q 51 62.87 -39.21 -17.38
C UNK Q 51 62.22 -40.56 -17.63
N UNK Q 52 61.80 -41.25 -16.58
CA UNK Q 52 61.22 -42.58 -16.74
C UNK Q 52 59.87 -42.57 -17.41
N UNK Q 53 59.25 -41.40 -17.59
CA UNK Q 53 58.02 -41.35 -18.34
C UNK Q 53 58.25 -41.66 -19.80
N UNK Q 54 59.39 -41.21 -20.32
CA UNK Q 54 59.64 -41.39 -21.74
C UNK Q 54 59.90 -42.84 -22.08
N UNK Q 55 60.41 -43.63 -21.14
CA UNK Q 55 60.57 -45.06 -21.41
C UNK Q 55 59.22 -45.76 -21.43
N UNK Q 56 58.29 -45.35 -20.58
CA UNK Q 56 56.95 -45.89 -20.67
C UNK Q 56 56.22 -45.38 -21.89
N UNK Q 57 56.68 -44.30 -22.48
CA UNK Q 57 56.18 -43.96 -23.81
C UNK Q 57 56.81 -44.84 -24.87
N UNK Q 58 58.09 -45.15 -24.70
CA UNK Q 58 58.83 -45.85 -25.74
C UNK Q 58 58.39 -47.30 -25.86
N UNK Q 59 58.07 -47.94 -24.74
CA UNK Q 59 57.57 -49.31 -24.82
C UNK Q 59 56.20 -49.34 -25.49
N UNK Q 60 55.35 -48.38 -25.18
CA UNK Q 60 54.05 -48.33 -25.84
C UNK Q 60 54.15 -47.88 -27.26
N UNK Q 61 55.26 -47.29 -27.67
CA UNK Q 61 55.48 -47.04 -29.09
C UNK Q 61 56.06 -48.26 -29.79
N UNK Q 62 56.85 -49.06 -29.08
CA UNK Q 62 57.43 -50.24 -29.70
C UNK Q 62 56.42 -51.34 -29.89
N UNK Q 63 55.57 -51.57 -28.90
CA UNK Q 63 54.54 -52.60 -29.04
C UNK Q 63 53.47 -52.20 -30.03
N UNK Q 64 53.27 -50.92 -30.27
CA UNK Q 64 52.29 -50.49 -31.25
C UNK Q 64 52.90 -50.23 -32.62
N UNK Q 65 54.22 -50.20 -32.73
CA UNK Q 65 54.86 -50.23 -34.04
C UNK Q 65 54.97 -51.66 -34.57
N UNK Q 66 54.96 -52.65 -33.68
CA UNK Q 66 54.89 -54.05 -34.08
C UNK Q 66 53.44 -54.54 -34.12
N UNK Q 67 52.75 -54.50 -32.99
CA UNK Q 67 51.39 -54.98 -32.94
C UNK Q 67 50.40 -53.83 -32.92
N UNK Q 68 42.44 -20.68 52.78
CA UNK Q 68 43.61 -20.93 51.96
C UNK Q 68 43.28 -20.66 50.52
N UNK Q 69 41.98 -20.53 50.23
CA UNK Q 69 41.53 -20.36 48.84
C UNK Q 69 41.91 -19.00 48.29
N UNK Q 70 42.16 -18.02 49.15
CA UNK Q 70 42.82 -16.81 48.71
C UNK Q 70 44.29 -16.83 49.05
N UNK Q 71 44.80 -17.98 49.46
CA UNK Q 71 46.23 -18.13 49.71
C UNK Q 71 46.87 -19.10 48.72
N UNK Q 72 46.35 -20.33 48.65
CA UNK Q 72 47.02 -21.35 47.86
C UNK Q 72 46.88 -21.07 46.38
N UNK Q 73 45.73 -20.53 45.97
CA UNK Q 73 45.57 -20.17 44.57
C UNK Q 73 46.53 -19.06 44.20
N UNK Q 74 46.78 -18.13 45.11
CA UNK Q 74 47.69 -17.03 44.82
C UNK Q 74 49.13 -17.51 44.75
N UNK Q 75 49.50 -18.43 45.64
CA UNK Q 75 50.84 -18.98 45.59
C UNK Q 75 51.05 -19.81 44.35
N UNK Q 76 50.03 -20.58 43.94
CA UNK Q 76 50.16 -21.36 42.74
C UNK Q 76 50.15 -20.46 41.52
N UNK Q 77 49.45 -19.34 41.58
CA UNK Q 77 49.45 -18.41 40.46
C UNK Q 77 50.81 -17.77 40.28
N UNK Q 78 51.42 -17.34 41.38
CA UNK Q 78 52.74 -16.77 41.29
C UNK Q 78 53.78 -17.82 40.92
N UNK Q 79 53.62 -19.06 41.38
CA UNK Q 79 54.58 -20.09 41.00
C UNK Q 79 54.38 -20.51 39.56
N UNK Q 80 53.16 -20.40 39.06
CA UNK Q 80 52.90 -20.71 37.67
C UNK Q 80 53.53 -19.67 36.76
N UNK Q 81 53.27 -18.39 37.03
CA UNK Q 81 53.89 -17.35 36.23
C UNK Q 81 55.38 -17.25 36.48
N UNK Q 82 55.86 -17.78 37.59
CA UNK Q 82 57.29 -17.80 37.87
C UNK Q 82 58.00 -18.91 37.14
N UNK Q 83 57.39 -20.09 37.04
CA UNK Q 83 58.00 -21.10 36.21
C UNK Q 83 57.74 -20.84 34.75
N UNK Q 84 56.69 -20.08 34.43
CA UNK Q 84 56.38 -19.78 33.04
C UNK Q 84 57.34 -18.79 32.43
N UNK Q 85 58.08 -18.04 33.23
CA UNK Q 85 59.29 -17.41 32.74
C UNK Q 85 60.46 -18.36 32.91
N UNK Q 86 60.42 -19.43 32.11
CA UNK Q 86 61.43 -20.47 32.14
C UNK Q 86 62.71 -19.94 31.55
N UNK Q 87 62.71 -19.65 30.26
CA UNK Q 87 63.79 -18.96 29.57
C UNK Q 87 63.33 -18.51 28.19
N UNK Q 88 63.45 -17.21 27.89
CA UNK Q 88 63.11 -16.62 26.59
C UNK Q 88 61.64 -16.89 26.24
N UNK Q 89 60.77 -16.23 26.99
CA UNK Q 89 59.33 -16.41 26.83
C UNK Q 89 58.89 -16.03 25.42
N UNK Q 90 57.80 -16.61 24.98
CA UNK Q 90 57.46 -16.65 23.56
C UNK Q 90 56.60 -15.44 23.15
N UNK Q 91 56.92 -14.83 22.02
CA UNK Q 91 56.11 -13.78 21.42
C UNK Q 91 55.28 -14.36 20.28
N UNK Q 92 53.99 -14.09 20.28
CA UNK Q 92 53.13 -14.64 19.23
C UNK Q 92 53.34 -13.89 17.93
N UNK Q 93 53.63 -14.62 16.85
CA UNK Q 93 54.10 -14.03 15.60
C UNK Q 93 53.03 -14.07 14.50
N UNK Q 94 53.41 -13.59 13.31
CA UNK Q 94 52.55 -13.58 12.12
C UNK Q 94 53.44 -13.53 10.88
N UNK Q 95 53.33 -14.52 9.99
CA UNK Q 95 54.42 -14.86 9.10
C UNK Q 95 54.52 -13.92 7.91
N UNK Q 96 55.37 -14.27 6.93
CA UNK Q 96 55.55 -13.53 5.69
C UNK Q 96 56.16 -14.47 4.66
N UNK Q 97 55.57 -14.53 3.48
CA UNK Q 97 55.73 -15.65 2.57
C UNK Q 97 57.06 -15.65 1.82
N UNK Q 98 57.54 -16.84 1.50
CA UNK Q 98 58.31 -17.08 0.29
C UNK Q 98 57.33 -17.57 -0.74
N UNK Q 99 57.74 -17.72 -1.98
CA UNK Q 99 56.74 -17.83 -3.03
C UNK Q 99 56.98 -19.04 -3.92
N UNK Q 100 55.91 -19.54 -4.56
CA UNK Q 100 56.05 -20.55 -5.60
C UNK Q 100 54.82 -20.62 -6.49
N UNK Q 101 54.92 -20.37 -7.79
CA UNK Q 101 53.81 -20.67 -8.68
C UNK Q 101 54.05 -22.08 -9.20
N UNK Q 102 53.37 -23.07 -8.65
CA UNK Q 102 53.47 -24.41 -9.22
C UNK Q 102 52.63 -24.40 -10.47
N UNK Q 103 53.26 -24.37 -11.63
CA UNK Q 103 52.57 -23.97 -12.85
C UNK Q 103 52.63 -25.08 -13.86
N UNK Q 104 51.77 -26.06 -13.68
CA UNK Q 104 51.42 -26.99 -14.73
C UNK Q 104 50.14 -26.59 -15.38
N UNK Q 105 49.18 -26.12 -14.58
CA UNK Q 105 48.09 -25.33 -15.10
C UNK Q 105 48.12 -23.92 -14.49
N UNK Q 106 47.85 -23.79 -13.20
CA UNK Q 106 48.15 -22.64 -12.37
C UNK Q 106 47.86 -23.03 -10.94
N UNK Q 107 48.80 -22.93 -10.01
CA UNK Q 107 48.44 -22.97 -8.60
C UNK Q 107 49.46 -22.11 -7.90
N UNK Q 108 49.01 -21.04 -7.28
CA UNK Q 108 49.93 -20.07 -6.74
C UNK Q 108 50.04 -20.30 -5.24
N UNK Q 109 51.04 -21.05 -4.82
CA UNK Q 109 51.23 -21.34 -3.40
C UNK Q 109 52.32 -20.43 -2.88
N UNK Q 110 51.96 -19.41 -2.13
CA UNK Q 110 52.94 -18.69 -1.36
C UNK Q 110 53.06 -19.41 -0.03
N UNK Q 111 54.26 -19.91 0.30
CA UNK Q 111 54.46 -20.70 1.51
C UNK Q 111 54.42 -19.77 2.72
N UNK Q 112 53.23 -19.22 2.96
CA UNK Q 112 53.02 -18.14 3.89
C UNK Q 112 52.55 -18.67 5.24
N UNK Q 113 51.55 -19.47 5.22
CA UNK Q 113 51.04 -20.03 6.43
C UNK Q 113 51.92 -21.15 6.98
N UNK Q 114 53.17 -21.36 6.52
CA UNK Q 114 53.90 -22.62 6.64
C UNK Q 114 53.00 -23.79 6.23
N UNK Q 115 52.16 -23.54 5.23
CA UNK Q 115 51.14 -24.45 4.79
C UNK Q 115 51.80 -25.49 3.88
N UNK Q 116 51.02 -26.40 3.34
CA UNK Q 116 51.70 -27.41 2.58
C UNK Q 116 51.02 -27.92 1.32
N UNK Q 117 49.73 -27.77 1.12
CA UNK Q 117 49.06 -28.71 0.25
C UNK Q 117 48.59 -28.10 -1.05
N UNK Q 118 48.56 -28.91 -2.11
CA UNK Q 118 47.86 -28.55 -3.33
C UNK Q 118 47.38 -29.86 -3.95
N UNK Q 119 46.12 -30.17 -3.75
CA UNK Q 119 45.60 -31.48 -4.10
C UNK Q 119 44.88 -31.37 -5.43
N UNK Q 120 45.33 -32.18 -6.39
CA UNK Q 120 44.71 -32.37 -7.72
C UNK Q 120 44.84 -31.15 -8.62
N UNK Q 121 46.02 -30.52 -8.66
CA UNK Q 121 46.39 -29.76 -9.84
C UNK Q 121 46.54 -30.72 -10.99
N UNK Q 122 46.11 -30.32 -12.17
CA UNK Q 122 45.93 -31.26 -13.28
C UNK Q 122 47.07 -31.11 -14.27
N UNK Q 123 48.08 -31.97 -14.17
CA UNK Q 123 49.21 -31.92 -15.07
C UNK Q 123 48.82 -32.56 -16.39
N UNK Q 124 48.20 -31.78 -17.26
CA UNK Q 124 47.96 -32.26 -18.61
C UNK Q 124 49.27 -32.42 -19.36
N UNK Q 125 49.99 -31.33 -19.52
CA UNK Q 125 51.40 -31.38 -19.87
C UNK Q 125 52.19 -31.68 -18.60
N UNK Q 126 53.50 -31.61 -18.66
CA UNK Q 126 54.22 -31.93 -17.45
C UNK Q 126 54.27 -30.72 -16.54
N UNK Q 127 54.55 -30.97 -15.28
CA UNK Q 127 54.60 -29.90 -14.30
C UNK Q 127 55.98 -29.28 -14.31
N UNK Q 128 56.03 -27.96 -14.27
CA UNK Q 128 57.26 -27.23 -14.09
C UNK Q 128 57.00 -26.24 -12.97
N UNK Q 129 57.63 -26.42 -11.82
CA UNK Q 129 57.35 -25.49 -10.75
C UNK Q 129 58.21 -24.26 -10.95
N UNK Q 130 57.64 -23.08 -10.86
CA UNK Q 130 58.43 -21.87 -11.09
C UNK Q 130 58.40 -21.05 -9.81
N UNK Q 131 59.49 -21.01 -9.07
CA UNK Q 131 59.52 -20.14 -7.91
C UNK Q 131 59.74 -18.72 -8.37
N UNK Q 132 59.09 -17.76 -7.70
CA UNK Q 132 59.04 -16.43 -8.30
C UNK Q 132 60.26 -15.57 -8.02
N UNK Q 133 60.45 -15.11 -6.78
CA UNK Q 133 61.40 -14.01 -6.67
C UNK Q 133 62.44 -14.03 -5.57
N UNK Q 134 62.01 -14.26 -4.34
CA UNK Q 134 62.78 -14.03 -3.12
C UNK Q 134 63.33 -15.33 -2.57
N UNK Q 135 63.78 -16.16 -3.50
CA UNK Q 135 64.67 -17.28 -3.32
C UNK Q 135 64.15 -18.47 -2.55
N UNK Q 136 63.17 -19.17 -3.10
CA UNK Q 136 62.96 -20.52 -2.63
C UNK Q 136 63.94 -21.46 -3.29
N UNK Q 137 63.88 -22.74 -2.93
CA UNK Q 137 64.53 -23.79 -3.68
C UNK Q 137 63.71 -25.04 -3.43
N UNK Q 138 63.05 -25.55 -4.45
CA UNK Q 138 62.38 -26.82 -4.32
C UNK Q 138 63.42 -27.91 -4.51
N UNK Q 139 63.46 -28.88 -3.60
CA UNK Q 139 64.35 -30.02 -3.74
C UNK Q 139 63.49 -31.24 -3.51
N UNK Q 140 63.12 -31.93 -4.59
CA UNK Q 140 62.12 -32.98 -4.55
C UNK Q 140 62.58 -34.14 -3.68
N UNK Q 141 61.62 -34.83 -3.07
CA UNK Q 141 61.92 -35.84 -2.07
C UNK Q 141 62.32 -37.14 -2.76
N UNK Q 142 62.35 -38.23 -2.01
CA UNK Q 142 63.17 -39.37 -2.40
C UNK Q 142 62.57 -40.21 -3.51
N UNK Q 143 61.41 -40.84 -3.28
CA UNK Q 143 60.93 -41.86 -4.21
C UNK Q 143 60.28 -41.25 -5.44
N UNK Q 144 59.93 -42.12 -6.39
CA UNK Q 144 59.18 -41.81 -7.62
C UNK Q 144 59.92 -40.80 -8.52
N UNK Q 145 61.02 -41.28 -9.09
CA UNK Q 145 62.06 -40.42 -9.68
C UNK Q 145 61.63 -39.67 -10.93
N UNK Q 146 61.16 -38.46 -10.75
CA UNK Q 146 61.31 -37.40 -11.73
C UNK Q 146 62.73 -36.86 -11.65
N UNK Q 147 63.08 -35.89 -12.48
CA UNK Q 147 64.43 -35.34 -12.37
C UNK Q 147 64.42 -33.87 -12.75
N UNK Q 148 64.94 -33.03 -11.87
CA UNK Q 148 64.80 -31.59 -12.03
C UNK Q 148 65.76 -31.06 -13.08
N UNK Q 149 65.46 -29.87 -13.58
CA UNK Q 149 66.39 -29.09 -14.41
C UNK Q 149 66.13 -27.63 -14.07
N UNK Q 150 67.10 -26.97 -13.48
CA UNK Q 150 66.84 -25.76 -12.71
C UNK Q 150 67.48 -24.55 -13.35
N UNK Q 151 66.68 -23.58 -13.76
CA UNK Q 151 67.22 -22.31 -14.25
C UNK Q 151 67.62 -21.48 -13.05
N UNK Q 152 68.82 -21.76 -12.53
CA UNK Q 152 69.25 -21.14 -11.29
C UNK Q 152 69.61 -19.69 -11.49
N UNK Q 153 69.21 -18.86 -10.55
CA UNK Q 153 69.51 -17.43 -10.61
C UNK Q 153 69.86 -16.98 -9.20
N UNK Q 154 71.15 -17.04 -8.87
CA UNK Q 154 71.66 -17.02 -7.51
C UNK Q 154 71.18 -15.81 -6.73
N UNK Q 155 70.95 -16.02 -5.44
CA UNK Q 155 70.33 -15.00 -4.60
C UNK Q 155 71.26 -13.82 -4.47
N UNK Q 156 70.75 -12.62 -4.72
CA UNK Q 156 71.57 -11.43 -4.82
C UNK Q 156 71.84 -10.80 -3.49
N UNK Q 157 71.82 -11.59 -2.43
CA UNK Q 157 72.47 -11.23 -1.18
C UNK Q 157 73.98 -11.39 -1.35
N UNK Q 158 74.70 -11.29 -0.27
CA UNK Q 158 76.14 -11.04 -0.35
C UNK Q 158 76.92 -12.32 -0.66
N UNK Q 159 78.23 -12.20 -0.49
CA UNK Q 159 79.22 -13.18 -0.90
C UNK Q 159 79.32 -14.35 0.06
N UNK Q 160 80.46 -15.03 -0.01
CA UNK Q 160 80.96 -15.80 1.10
C UNK Q 160 80.86 -14.98 2.37
N UNK Q 161 80.02 -15.44 3.30
CA UNK Q 161 79.76 -14.74 4.54
C UNK Q 161 81.03 -14.65 5.36
N UNK Q 162 81.20 -13.49 6.00
CA UNK Q 162 82.53 -13.01 6.36
C UNK Q 162 83.29 -13.84 7.39
N UNK Q 163 82.92 -13.77 8.65
CA UNK Q 163 83.74 -14.47 9.63
C UNK Q 163 83.00 -15.08 10.80
N UNK Q 164 81.71 -14.87 10.96
CA UNK Q 164 81.05 -15.29 12.19
C UNK Q 164 79.56 -15.52 11.98
N UNK Q 165 86.71 -30.16 -11.32
CA UNK Q 165 85.40 -29.54 -11.38
C UNK Q 165 85.28 -28.48 -10.30
N UNK Q 166 85.99 -27.38 -10.49
CA UNK Q 166 86.03 -26.31 -9.49
C UNK Q 166 84.66 -25.65 -9.47
N UNK Q 167 83.85 -26.02 -8.48
CA UNK Q 167 82.50 -25.49 -8.42
C UNK Q 167 82.45 -24.02 -8.01
N UNK Q 168 83.52 -23.51 -7.40
CA UNK Q 168 83.70 -22.09 -7.10
C UNK Q 168 82.60 -21.56 -6.18
N UNK Q 169 82.65 -22.02 -4.94
CA UNK Q 169 81.74 -21.65 -3.86
C UNK Q 169 80.30 -22.02 -4.13
N UNK Q 170 80.10 -22.97 -5.02
CA UNK Q 170 79.04 -23.94 -4.88
C UNK Q 170 79.54 -25.15 -4.13
N UNK Q 171 80.87 -25.24 -3.98
CA UNK Q 171 81.45 -26.27 -3.13
C UNK Q 171 80.98 -26.11 -1.71
N UNK Q 172 80.79 -24.88 -1.27
CA UNK Q 172 80.23 -24.69 0.05
C UNK Q 172 78.78 -25.14 0.12
N UNK Q 173 78.04 -25.02 -0.98
CA UNK Q 173 76.66 -25.49 -0.96
C UNK Q 173 76.61 -27.00 -0.87
N UNK Q 174 77.42 -27.67 -1.68
CA UNK Q 174 77.50 -29.12 -1.60
C UNK Q 174 78.13 -29.59 -0.31
N UNK Q 175 78.81 -28.71 0.41
CA UNK Q 175 79.22 -29.07 1.75
C UNK Q 175 78.03 -29.00 2.69
N UNK Q 176 77.45 -27.82 2.83
CA UNK Q 176 76.52 -27.58 3.93
C UNK Q 176 75.21 -28.29 3.74
N UNK Q 177 74.85 -28.64 2.52
CA UNK Q 177 73.73 -29.55 2.35
C UNK Q 177 74.09 -30.92 2.91
N UNK Q 178 75.23 -31.45 2.52
CA UNK Q 178 75.64 -32.76 2.96
C UNK Q 178 76.29 -32.74 4.33
N UNK Q 179 76.15 -31.65 5.06
CA UNK Q 179 76.47 -31.67 6.47
C UNK Q 179 75.25 -31.48 7.33
N UNK Q 180 74.29 -30.69 6.86
CA UNK Q 180 73.04 -30.57 7.60
C UNK Q 180 72.25 -31.85 7.54
N UNK Q 181 72.32 -32.57 6.43
CA UNK Q 181 71.61 -33.81 6.30
C UNK Q 181 72.40 -35.00 6.82
N UNK Q 182 73.44 -34.75 7.60
CA UNK Q 182 74.20 -35.85 8.18
C UNK Q 182 73.36 -36.53 9.24
N UNK Q 183 73.51 -37.84 9.34
CA UNK Q 183 72.85 -38.59 10.39
C UNK Q 183 73.70 -38.49 11.65
N UNK Q 184 73.05 -38.20 12.78
CA UNK Q 184 73.70 -37.97 14.08
C UNK Q 184 74.73 -36.85 13.96
N UNK Q 185 74.21 -35.65 13.74
CA UNK Q 185 75.03 -34.44 13.73
C UNK Q 185 75.81 -34.33 15.01
N UNK Q 186 77.01 -33.77 14.90
CA UNK Q 186 78.10 -33.90 15.89
C UNK Q 186 78.39 -35.38 16.15
N UNK Q 187 78.87 -36.03 15.10
CA UNK Q 187 79.53 -37.31 15.20
C UNK Q 187 81.03 -37.23 15.10
N UNK Q 188 81.57 -36.10 14.63
CA UNK Q 188 82.98 -35.70 14.60
C UNK Q 188 83.85 -36.51 13.66
N UNK Q 189 83.33 -37.55 13.04
CA UNK Q 189 84.07 -38.26 12.02
C UNK Q 189 83.27 -38.36 10.75
N UNK Q 190 82.01 -37.97 10.78
CA UNK Q 190 81.29 -37.74 9.54
C UNK Q 190 81.41 -36.31 9.08
N UNK Q 191 81.67 -35.41 10.01
CA UNK Q 191 81.94 -34.03 9.65
C UNK Q 191 83.19 -33.94 8.80
N UNK Q 192 84.20 -34.73 9.15
CA UNK Q 192 85.39 -34.76 8.32
C UNK Q 192 85.17 -35.49 7.02
N UNK Q 193 84.14 -36.30 6.91
CA UNK Q 193 83.77 -36.81 5.62
C UNK Q 193 83.02 -35.80 4.80
N UNK Q 194 82.34 -34.86 5.44
CA UNK Q 194 81.59 -33.83 4.72
C UNK Q 194 82.53 -32.75 4.22
N UNK Q 195 83.29 -32.15 5.12
CA UNK Q 195 84.20 -31.06 4.77
C UNK Q 195 85.50 -31.60 4.18
N UNK Q 196 85.37 -32.36 3.11
CA UNK Q 196 86.46 -33.16 2.57
C UNK Q 196 87.01 -32.60 1.28
N UNK Q 197 86.57 -31.43 0.87
CA UNK Q 197 87.21 -30.74 -0.22
C UNK Q 197 87.30 -29.24 0.00
N UNK Q 198 86.84 -28.75 1.13
CA UNK Q 198 86.91 -27.33 1.40
C UNK Q 198 88.33 -26.96 1.81
N UNK Q 199 88.75 -25.77 1.39
CA UNK Q 199 90.03 -25.27 1.85
C UNK Q 199 89.89 -24.79 3.29
N UNK Q 200 91.05 -24.54 3.91
CA UNK Q 200 91.10 -24.29 5.34
C UNK Q 200 90.40 -23.02 5.76
N UNK Q 201 90.31 -22.03 4.87
CA UNK Q 201 89.47 -20.89 5.15
C UNK Q 201 88.01 -21.27 5.13
N UNK Q 202 87.63 -22.14 4.19
CA UNK Q 202 86.23 -22.46 4.01
C UNK Q 202 85.69 -23.31 5.15
N UNK Q 203 86.57 -24.06 5.81
CA UNK Q 203 86.16 -24.88 6.93
C UNK Q 203 85.65 -24.03 8.08
N UNK Q 204 86.15 -22.81 8.18
CA UNK Q 204 85.70 -21.91 9.24
C UNK Q 204 84.24 -21.53 9.05
N UNK Q 205 83.90 -21.01 7.88
CA UNK Q 205 82.53 -20.58 7.65
C UNK Q 205 81.56 -21.75 7.65
N UNK Q 206 81.99 -22.90 7.15
CA UNK Q 206 81.10 -24.06 7.13
C UNK Q 206 80.85 -24.58 8.54
N UNK Q 207 81.92 -24.79 9.32
CA UNK Q 207 81.76 -25.29 10.68
C UNK Q 207 81.06 -24.28 11.57
N UNK Q 208 81.27 -22.99 11.34
CA UNK Q 208 80.63 -21.99 12.16
C UNK Q 208 79.16 -21.88 11.85
N UNK Q 209 78.81 -21.97 10.57
CA UNK Q 209 77.40 -21.96 10.20
C UNK Q 209 76.70 -23.20 10.74
N UNK Q 210 77.41 -24.33 10.78
CA UNK Q 210 76.85 -25.52 11.41
C UNK Q 210 76.66 -25.31 12.89
N UNK Q 211 77.60 -24.63 13.54
CA UNK Q 211 77.51 -24.44 14.98
C UNK Q 211 76.36 -23.53 15.34
N UNK Q 212 76.27 -22.38 14.68
CA UNK Q 212 75.19 -21.46 14.95
C UNK Q 212 73.86 -22.03 14.51
N UNK Q 213 73.85 -22.88 13.48
CA UNK Q 213 72.59 -23.45 13.04
C UNK Q 213 72.09 -24.48 14.02
N UNK Q 214 72.98 -25.31 14.55
CA UNK Q 214 72.52 -26.29 15.52
C UNK Q 214 72.15 -25.63 16.83
N UNK Q 215 72.81 -24.53 17.18
CA UNK Q 215 72.40 -23.81 18.36
C UNK Q 215 71.08 -23.09 18.15
N UNK Q 216 70.77 -22.71 16.93
CA UNK Q 216 69.43 -22.20 16.66
C UNK Q 216 68.42 -23.32 16.70
N UNK Q 217 68.79 -24.50 16.22
CA UNK Q 217 67.84 -25.59 16.14
C UNK Q 217 67.48 -26.13 17.51
N UNK Q 218 68.43 -26.14 18.44
CA UNK Q 218 68.10 -26.57 19.79
C UNK Q 218 67.15 -25.59 20.44
N UNK Q 219 67.34 -24.30 20.20
CA UNK Q 219 66.42 -23.32 20.73
C UNK Q 219 65.05 -23.48 20.12
N UNK Q 220 64.99 -23.79 18.83
CA UNK Q 220 63.69 -23.92 18.17
C UNK Q 220 62.97 -25.15 18.66
N UNK Q 221 63.66 -26.27 18.76
CA UNK Q 221 62.99 -27.49 19.19
C UNK Q 221 62.67 -27.47 20.65
N UNK Q 222 63.36 -26.68 21.45
CA UNK Q 222 62.91 -26.59 22.83
C UNK Q 222 61.75 -25.64 22.95
N UNK Q 223 61.78 -24.52 22.24
CA UNK Q 223 60.71 -23.55 22.35
C UNK Q 223 59.44 -24.03 21.66
N UNK Q 224 59.53 -25.01 20.77
CA UNK Q 224 58.31 -25.61 20.25
C UNK Q 224 57.68 -26.46 21.33
N UNK Q 225 58.43 -27.41 21.85
CA UNK Q 225 57.89 -28.38 22.78
C UNK Q 225 57.91 -27.88 24.21
N UNK Q 226 58.02 -26.58 24.45
CA UNK Q 226 58.00 -26.10 25.81
C UNK Q 226 56.61 -26.24 26.41
N UNK Q 227 55.60 -25.76 25.71
CA UNK Q 227 54.24 -25.84 26.18
C UNK Q 227 53.59 -27.07 25.54
N UNK Q 228 53.99 -28.26 25.98
CA UNK Q 228 53.67 -29.45 25.21
C UNK Q 228 53.22 -30.68 25.96
N UNK Q 229 52.88 -30.58 27.25
CA UNK Q 229 52.27 -31.65 28.06
C UNK Q 229 53.13 -32.88 28.21
N UNK Q 230 54.34 -32.80 27.83
CA UNK Q 230 55.36 -33.74 28.25
C UNK Q 230 56.56 -33.00 28.81
N UNK Q 231 56.93 -31.89 28.21
CA UNK Q 231 57.88 -30.99 28.83
C UNK Q 231 57.19 -29.91 29.59
N UNK Q 232 55.88 -30.01 29.77
CA UNK Q 232 55.21 -29.26 30.82
C UNK Q 232 54.85 -30.18 31.95
N UNK Q 233 55.23 -31.42 31.88
CA UNK Q 233 54.91 -32.35 32.93
C UNK Q 233 56.14 -32.94 33.59
N UNK Q 234 57.17 -33.26 32.82
CA UNK Q 234 58.37 -33.79 33.44
C UNK Q 234 59.17 -32.70 34.11
N UNK Q 235 58.96 -31.45 33.72
CA UNK Q 235 59.57 -30.29 34.35
C UNK Q 235 58.57 -29.62 35.27
N UNK Q 236 57.84 -30.44 36.02
CA UNK Q 236 56.46 -30.25 36.46
C UNK Q 236 56.11 -28.84 36.91
N UNK Q 237 55.17 -28.23 36.22
CA UNK Q 237 54.75 -26.88 36.54
C UNK Q 237 53.74 -26.95 37.67
N UNK Q 238 53.11 -25.83 37.96
CA UNK Q 238 52.03 -25.86 38.91
C UNK Q 238 50.83 -26.59 38.35
N UNK Q 239 50.34 -26.13 37.20
CA UNK Q 239 49.28 -26.79 36.48
C UNK Q 239 49.88 -27.75 35.44
N UNK Q 240 49.04 -28.63 34.87
CA UNK Q 240 49.59 -29.64 33.99
C UNK Q 240 48.77 -29.99 32.76
N UNK Q 241 47.70 -29.27 32.45
CA UNK Q 241 47.02 -29.31 31.14
C UNK Q 241 46.47 -30.70 30.80
N UNK Q 242 45.41 -31.10 31.51
CA UNK Q 242 45.00 -32.51 31.54
C UNK Q 242 43.56 -32.79 31.18
N UNK Q 243 42.91 -31.94 30.42
CA UNK Q 243 41.59 -32.29 29.91
C UNK Q 243 41.49 -31.92 28.45
N UNK Q 244 42.51 -32.33 27.70
CA UNK Q 244 42.65 -31.90 26.31
C UNK Q 244 41.58 -32.48 25.42
N UNK Q 245 41.14 -33.70 25.67
CA UNK Q 245 40.46 -34.49 24.65
C UNK Q 245 39.06 -34.88 25.10
N UNK Q 246 38.04 -34.20 24.59
CA UNK Q 246 36.65 -34.59 24.84
C UNK Q 246 35.79 -34.11 23.68
N UNK Q 247 35.54 -34.98 22.71
CA UNK Q 247 34.91 -34.55 21.45
C UNK Q 247 34.24 -35.74 20.76
N UNK Q 248 33.95 -35.57 19.46
CA UNK Q 248 33.04 -36.42 18.71
C UNK Q 248 33.76 -37.35 17.76
N UNK Q 249 33.31 -38.60 17.72
CA UNK Q 249 33.80 -39.58 16.77
C UNK Q 249 32.83 -39.68 15.62
N UNK Q 250 32.86 -38.68 14.75
CA UNK Q 250 31.99 -38.68 13.59
C UNK Q 250 32.79 -38.35 12.36
N UNK Q 251 32.27 -38.71 11.20
CA UNK Q 251 33.05 -38.75 9.98
C UNK Q 251 33.39 -37.36 9.49
N UNK Q 252 34.67 -37.15 9.19
CA UNK Q 252 35.05 -36.00 8.39
C UNK Q 252 34.55 -36.22 6.97
N UNK Q 253 33.99 -35.19 6.37
CA UNK Q 253 33.25 -35.37 5.13
C UNK Q 253 34.20 -35.52 3.96
N UNK Q 254 34.16 -36.67 3.31
CA UNK Q 254 35.00 -36.93 2.16
C UNK Q 254 34.55 -36.09 0.97
N UNK Q 255 35.48 -35.78 0.10
CA UNK Q 255 35.20 -35.07 -1.14
C UNK Q 255 35.89 -35.82 -2.26
N UNK Q 256 35.23 -36.82 -2.80
CA UNK Q 256 35.86 -37.66 -3.81
C UNK Q 256 35.95 -36.90 -5.13
N UNK Q 257 37.14 -36.88 -5.73
CA UNK Q 257 37.39 -35.91 -6.79
C UNK Q 257 36.84 -36.36 -8.13
N UNK Q 258 37.48 -37.34 -8.76
CA UNK Q 258 37.22 -37.67 -10.16
C UNK Q 258 37.93 -38.96 -10.56
N UNK Q 259 38.04 -39.20 -11.86
CA UNK Q 259 39.10 -40.03 -12.40
C UNK Q 259 40.36 -39.23 -12.72
N UNK Q 260 40.51 -38.06 -12.10
CA UNK Q 260 41.74 -37.31 -12.15
C UNK Q 260 42.75 -37.78 -11.12
N UNK Q 261 42.42 -38.79 -10.32
CA UNK Q 261 43.41 -39.39 -9.43
C UNK Q 261 44.08 -40.48 -10.22
N UNK Q 262 45.32 -40.25 -10.65
CA UNK Q 262 45.97 -41.17 -11.56
C UNK Q 262 46.37 -42.46 -10.86
N UNK Q 263 46.38 -43.53 -11.63
CA UNK Q 263 46.70 -44.85 -11.09
C UNK Q 263 48.20 -44.99 -10.95
N UNK Q 264 48.68 -46.20 -10.76
CA UNK Q 264 50.11 -46.44 -10.59
C UNK Q 264 50.64 -47.41 -11.64
N UNK Q 265 50.08 -47.38 -12.83
CA UNK Q 265 50.52 -48.33 -13.86
C UNK Q 265 51.82 -47.85 -14.50
N UNK Q 266 51.77 -46.74 -15.21
CA UNK Q 266 52.91 -46.14 -15.85
C UNK Q 266 52.55 -44.69 -16.14
N UNK Q 267 53.28 -44.06 -17.06
CA UNK Q 267 53.10 -42.65 -17.29
C UNK Q 267 52.24 -42.33 -18.50
N UNK Q 268 52.60 -42.87 -19.67
CA UNK Q 268 52.16 -42.55 -21.04
C UNK Q 268 52.69 -41.21 -21.52
N UNK Q 269 53.34 -40.44 -20.64
CA UNK Q 269 54.29 -39.37 -20.97
C UNK Q 269 53.72 -38.27 -21.86
N UNK Q 270 52.40 -38.03 -21.77
CA UNK Q 270 51.71 -36.87 -22.35
C UNK Q 270 51.90 -36.77 -23.87
N UNK Q 271 51.33 -37.74 -24.57
CA UNK Q 271 51.46 -37.82 -26.01
C UNK Q 271 50.69 -36.68 -26.67
N UNK Q 272 51.41 -35.81 -27.36
CA UNK Q 272 50.78 -34.74 -28.14
C UNK Q 272 50.95 -35.03 -29.63
N UNK Q 273 50.23 -34.25 -30.43
CA UNK Q 273 50.31 -34.37 -31.87
C UNK Q 273 51.69 -33.95 -32.38
N UNK Q 274 52.00 -34.36 -33.60
CA UNK Q 274 53.30 -34.07 -34.17
C UNK Q 274 53.37 -32.64 -34.65
N UNK Q 275 54.54 -32.02 -34.47
CA UNK Q 275 54.70 -30.60 -34.76
C UNK Q 275 54.56 -30.31 -36.24
N UNK Q 276 54.95 -31.27 -37.09
CA UNK Q 276 54.75 -31.09 -38.51
C UNK Q 276 53.28 -31.07 -38.85
N UNK Q 277 52.51 -31.95 -38.21
CA UNK Q 277 51.06 -31.94 -38.38
C UNK Q 277 50.47 -30.64 -37.89
N UNK Q 278 51.03 -30.10 -36.80
CA UNK Q 278 50.54 -28.84 -36.27
C UNK Q 278 50.80 -27.70 -37.23
N UNK Q 279 52.01 -27.64 -37.79
CA UNK Q 279 52.36 -26.54 -38.68
C UNK Q 279 51.59 -26.60 -39.96
N UNK Q 280 51.35 -27.82 -40.46
CA UNK Q 280 50.55 -27.96 -41.67
C UNK Q 280 49.11 -27.55 -41.40
N UNK Q 281 48.55 -28.00 -40.28
CA UNK Q 281 47.18 -27.67 -39.97
C UNK Q 281 47.00 -26.21 -39.61
N UNK Q 282 48.05 -25.51 -39.21
CA UNK Q 282 47.91 -24.10 -38.93
C UNK Q 282 48.06 -23.28 -40.20
N UNK Q 283 49.09 -23.57 -40.99
CA UNK Q 283 49.34 -22.82 -42.21
C UNK Q 283 48.21 -23.01 -43.20
N UNK Q 284 47.69 -24.24 -43.31
CA UNK Q 284 46.58 -24.48 -44.21
C UNK Q 284 45.34 -23.77 -43.74
N UNK Q 285 45.09 -23.74 -42.43
CA UNK Q 285 43.88 -23.11 -41.94
C UNK Q 285 43.91 -21.61 -42.13
N UNK Q 286 45.03 -20.99 -41.79
CA UNK Q 286 45.14 -19.55 -41.96
C UNK Q 286 45.13 -19.17 -43.43
N UNK Q 287 45.78 -19.97 -44.28
CA UNK Q 287 45.83 -19.66 -45.69
C UNK Q 287 44.47 -19.84 -46.34
N UNK Q 288 43.72 -20.85 -45.92
CA UNK Q 288 42.41 -21.07 -46.50
C UNK Q 288 41.44 -20.00 -46.06
N UNK Q 289 41.59 -19.52 -44.82
CA UNK Q 289 40.77 -18.40 -44.38
C UNK Q 289 41.13 -17.13 -45.14
N UNK Q 290 42.43 -16.95 -45.43
CA UNK Q 290 42.86 -15.79 -46.20
C UNK Q 290 42.31 -15.84 -47.60
N UNK Q 291 42.50 -16.96 -48.30
CA UNK Q 291 42.05 -17.08 -49.67
C UNK Q 291 40.54 -17.17 -49.75
N UNK Q 292 39.86 -17.54 -48.67
CA UNK Q 292 38.41 -17.45 -48.65
C UNK Q 292 37.94 -16.03 -48.50
N UNK Q 293 38.65 -15.22 -47.72
CA UNK Q 293 38.35 -13.78 -47.71
C UNK Q 293 38.59 -13.18 -49.08
N UNK Q 294 39.68 -13.60 -49.75
CA UNK Q 294 39.97 -13.13 -51.09
C UNK Q 294 38.96 -13.65 -52.10
N UNK Q 295 38.39 -14.82 -51.87
CA UNK Q 295 37.40 -15.37 -52.79
C UNK Q 295 36.06 -14.70 -52.62
N UNK Q 296 35.65 -14.46 -51.37
CA UNK Q 296 34.45 -13.68 -51.13
C UNK Q 296 34.60 -12.28 -51.68
N UNK Q 297 35.81 -11.73 -51.63
CA UNK Q 297 36.08 -10.46 -52.28
C UNK Q 297 36.15 -10.58 -53.79
N UNK Q 298 36.44 -11.77 -54.31
CA UNK Q 298 36.56 -11.96 -55.75
C UNK Q 298 35.23 -11.89 -56.47
N UNK Q 299 34.12 -11.86 -55.74
CA UNK Q 299 32.84 -11.56 -56.34
C UNK Q 299 32.74 -10.07 -56.61
#